data_8W1Y
#
_entry.id   8W1Y
#
_cell.length_a   150.511
_cell.length_b   150.511
_cell.length_c   155.225
_cell.angle_alpha   90.00
_cell.angle_beta   90.00
_cell.angle_gamma   90.00
#
_symmetry.space_group_name_H-M   'P 42'
#
loop_
_entity.id
_entity.type
_entity.pdbx_description
1 polymer Catalase-peroxidase
2 non-polymer 'PROTOPORPHYRIN IX CONTAINING FE'
3 non-polymer 'SODIUM ION'
4 non-polymer GLYCEROL
5 water water
#
_entity_poly.entity_id   1
_entity_poly.type   'polypeptide(L)'
_entity_poly.pdbx_seq_one_letter_code
;GHPEQHPPITETTTGAASNGCPVVGHMKYPVEGGGNQDWWPNRLNLKVLHQNPAVADPMGAAFDYAAEVATIDVDALTRD
IEEVMTTSQPWWPADYGHYGPLFIRMA(TOX)HAAGTYRIHDGRGGAGGGMQRFAPLNSWPDNASLDKARRLLWPVKKKY
GKKLSWADLIVFAGNCALESMGFKTFGFGFGRVDQWEPDEVYWGKEATWLGDERYSGKRDLENPLAAVQMGLIYVNPEGP
NGNPDPMAAAVDIRETFRRMAMNDVETAALIVGGHTFGKTHGAGPADLVGPEPEAAPLEQMGLGWKSSYGTGTGKDAITS
GIEVVWTNTPTKWDNSFLEILYGYEWELTKSPAGAWQYTAKDGAGAGTIPDPFGGPGRSPTMLATDLSLRVDPIYERITR
RWLEHPEELADEFAKAWYKLIHRDMGPVARYLGPLVPKQTLLWQDPVPAVSHDLVGEAEIASLKSQIRASGLTVSQLVST
AWAAASSFRGSDKRGGANGGRIRLQPQVGWEVNDPDGDLRKVIRTLEEIQESFNSAAPGNIKVSFADLVVLGGCAAIEKA
AKAAGHNITVPFTPGRTDASQEQTDVESFAVLEPKADGFRNYLGKGNPLPAEYMLLDKANLLTLSAPEMTVLVGGLRVLG
ANYKRLPLGVFTEASESLTNDFFVNLLDMGITWEPSPADDGTYQGKDGSGKVKWTGSRVDLVFGSNSELRALVEVYGADD
AQPKFVQDFVAAWDKVMNLDRFDVR
;
_entity_poly.pdbx_strand_id   A,B,C,D
#
loop_
_chem_comp.id
_chem_comp.type
_chem_comp.name
_chem_comp.formula
GOL non-polymer GLYCEROL 'C3 H8 O3'
HEM non-polymer 'PROTOPORPHYRIN IX CONTAINING FE' 'C34 H32 Fe N4 O4'
NA non-polymer 'SODIUM ION' 'Na 1'
#
# COMPACT_ATOMS: atom_id res chain seq x y z
N GLY A 25 -10.79 6.85 -29.76
CA GLY A 25 -11.02 5.42 -29.88
C GLY A 25 -10.97 4.63 -28.57
N HIS A 26 -11.43 3.38 -28.62
CA HIS A 26 -11.46 2.51 -27.44
C HIS A 26 -11.07 1.10 -27.81
N MET A 27 -10.18 0.50 -27.02
CA MET A 27 -9.81 -0.89 -27.27
C MET A 27 -10.99 -1.79 -26.96
N LYS A 28 -11.14 -2.87 -27.72
CA LYS A 28 -12.23 -3.83 -27.52
C LYS A 28 -11.69 -5.17 -27.06
N TYR A 29 -12.58 -5.96 -26.46
CA TYR A 29 -12.28 -7.35 -26.15
C TYR A 29 -11.81 -8.08 -27.41
N PRO A 30 -10.87 -9.03 -27.29
CA PRO A 30 -10.51 -9.85 -28.46
C PRO A 30 -11.69 -10.54 -29.13
N VAL A 31 -12.66 -11.07 -28.38
CA VAL A 31 -13.80 -11.74 -29.00
C VAL A 31 -14.62 -10.75 -29.81
N GLU A 32 -14.34 -9.47 -29.64
CA GLU A 32 -14.97 -8.41 -30.40
C GLU A 32 -13.99 -7.78 -31.38
N GLY A 33 -12.85 -8.42 -31.62
CA GLY A 33 -11.92 -8.00 -32.64
C GLY A 33 -10.69 -7.28 -32.14
N GLY A 34 -10.60 -6.97 -30.85
CA GLY A 34 -9.47 -6.20 -30.34
C GLY A 34 -8.20 -7.01 -30.28
N GLY A 35 -7.07 -6.32 -30.42
CA GLY A 35 -5.79 -7.01 -30.45
C GLY A 35 -4.64 -6.04 -30.65
N ASN A 36 -3.47 -6.61 -30.91
CA ASN A 36 -2.22 -5.84 -30.99
C ASN A 36 -2.17 -4.90 -32.17
N GLN A 37 -2.92 -5.17 -33.24
CA GLN A 37 -3.01 -4.24 -34.35
C GLN A 37 -3.49 -2.86 -33.88
N ASP A 38 -4.26 -2.80 -32.79
CA ASP A 38 -4.80 -1.51 -32.36
C ASP A 38 -3.74 -0.62 -31.71
N TRP A 39 -2.76 -1.19 -31.03
CA TRP A 39 -1.72 -0.34 -30.44
C TRP A 39 -0.66 0.05 -31.46
N TRP A 40 -0.40 -0.80 -32.46
CA TRP A 40 0.60 -0.54 -33.50
C TRP A 40 -0.06 -0.89 -34.82
N PRO A 41 -0.70 0.09 -35.47
CA PRO A 41 -1.67 -0.22 -36.54
C PRO A 41 -1.03 -0.64 -37.84
N ASN A 42 0.28 -0.46 -38.02
CA ASN A 42 0.89 -0.85 -39.27
C ASN A 42 1.85 -2.03 -39.09
N ARG A 43 1.72 -2.75 -37.99
CA ARG A 43 2.61 -3.85 -37.69
C ARG A 43 2.46 -5.00 -38.68
N LEU A 44 3.56 -5.71 -38.88
CA LEU A 44 3.57 -6.90 -39.71
C LEU A 44 2.62 -7.95 -39.14
N ASN A 45 1.60 -8.31 -39.93
CA ASN A 45 0.54 -9.21 -39.46
C ASN A 45 0.78 -10.64 -39.93
N LEU A 46 1.33 -11.47 -39.03
CA LEU A 46 1.70 -12.84 -39.37
C LEU A 46 0.48 -13.74 -39.53
N LYS A 47 -0.75 -13.27 -39.28
CA LYS A 47 -1.87 -14.17 -39.46
C LYS A 47 -1.99 -14.63 -40.90
N VAL A 48 -1.44 -13.88 -41.87
CA VAL A 48 -1.60 -14.26 -43.26
C VAL A 48 -0.86 -15.56 -43.57
N LEU A 49 0.06 -15.99 -42.70
CA LEU A 49 0.74 -17.26 -42.86
C LEU A 49 0.09 -18.40 -42.07
N HIS A 50 -1.12 -18.22 -41.54
CA HIS A 50 -1.85 -19.35 -40.99
C HIS A 50 -3.33 -19.22 -41.29
N GLN A 51 -3.65 -18.93 -42.55
CA GLN A 51 -5.03 -18.90 -42.99
C GLN A 51 -5.60 -20.32 -43.10
N ASN A 52 -6.92 -20.40 -43.04
CA ASN A 52 -7.64 -21.67 -42.97
C ASN A 52 -6.93 -22.66 -42.03
N PRO A 53 -6.75 -22.30 -40.77
CA PRO A 53 -6.05 -23.20 -39.84
C PRO A 53 -6.82 -24.51 -39.62
N ALA A 54 -6.05 -25.58 -39.38
CA ALA A 54 -6.64 -26.92 -39.33
C ALA A 54 -7.62 -27.09 -38.16
N VAL A 55 -7.38 -26.42 -37.03
CA VAL A 55 -8.30 -26.61 -35.91
C VAL A 55 -9.69 -26.04 -36.24
N ALA A 56 -9.77 -25.06 -37.16
CA ALA A 56 -11.06 -24.52 -37.57
C ALA A 56 -11.81 -25.40 -38.56
N ASP A 57 -11.18 -26.47 -39.09
CA ASP A 57 -11.76 -27.23 -40.19
C ASP A 57 -12.56 -28.39 -39.61
N PRO A 58 -13.88 -28.44 -39.83
CA PRO A 58 -14.70 -29.47 -39.18
C PRO A 58 -14.46 -30.88 -39.70
N MET A 59 -13.98 -31.03 -40.94
CA MET A 59 -13.71 -32.34 -41.50
C MET A 59 -12.43 -32.91 -40.89
N GLY A 60 -12.26 -34.22 -40.99
CA GLY A 60 -11.04 -34.83 -40.47
C GLY A 60 -9.78 -34.25 -41.12
N ALA A 61 -8.63 -34.54 -40.51
CA ALA A 61 -7.40 -34.35 -41.26
C ALA A 61 -7.32 -35.35 -42.40
N ALA A 62 -7.94 -36.50 -42.23
CA ALA A 62 -7.99 -37.52 -43.28
C ALA A 62 -8.97 -37.20 -44.40
N PHE A 63 -9.76 -36.13 -44.28
CA PHE A 63 -10.79 -35.88 -45.28
C PHE A 63 -10.17 -35.66 -46.65
N ASP A 64 -10.73 -36.35 -47.65
CA ASP A 64 -10.18 -36.48 -49.00
C ASP A 64 -11.31 -36.15 -49.98
N TYR A 65 -11.39 -34.89 -50.40
CA TYR A 65 -12.53 -34.47 -51.22
C TYR A 65 -12.50 -35.14 -52.59
N ALA A 66 -11.33 -35.25 -53.22
CA ALA A 66 -11.23 -35.96 -54.50
C ALA A 66 -11.86 -37.35 -54.42
N ALA A 67 -11.61 -38.07 -53.32
CA ALA A 67 -12.23 -39.38 -53.16
C ALA A 67 -13.74 -39.26 -52.93
N GLU A 68 -14.22 -38.18 -52.30
CA GLU A 68 -15.66 -38.07 -52.06
C GLU A 68 -16.39 -37.72 -53.35
N VAL A 69 -15.93 -36.70 -54.06
CA VAL A 69 -16.65 -36.23 -55.22
C VAL A 69 -16.61 -37.25 -56.35
N ALA A 70 -15.60 -38.12 -56.36
CA ALA A 70 -15.55 -39.21 -57.33
C ALA A 70 -16.78 -40.10 -57.29
N THR A 71 -17.46 -40.14 -56.15
CA THR A 71 -18.58 -41.05 -55.99
C THR A 71 -19.91 -40.40 -56.35
N ILE A 72 -19.90 -39.16 -56.81
CA ILE A 72 -21.14 -38.43 -56.97
C ILE A 72 -21.79 -38.81 -58.28
N ASP A 73 -23.12 -38.94 -58.29
CA ASP A 73 -23.86 -39.12 -59.53
C ASP A 73 -24.12 -37.75 -60.12
N VAL A 74 -23.39 -37.41 -61.19
CA VAL A 74 -23.52 -36.06 -61.71
C VAL A 74 -24.87 -35.87 -62.38
N ASP A 75 -25.41 -36.91 -63.03
CA ASP A 75 -26.75 -36.79 -63.62
C ASP A 75 -27.80 -36.51 -62.55
N ALA A 76 -27.79 -37.30 -61.48
CA ALA A 76 -28.75 -37.05 -60.39
C ALA A 76 -28.60 -35.64 -59.84
N LEU A 77 -27.35 -35.18 -59.68
CA LEU A 77 -27.09 -33.82 -59.19
C LEU A 77 -27.64 -32.77 -60.15
N THR A 78 -27.35 -32.92 -61.44
CA THR A 78 -27.96 -32.03 -62.44
C THR A 78 -29.48 -31.99 -62.28
N ARG A 79 -30.13 -33.16 -62.26
CA ARG A 79 -31.57 -33.21 -62.10
C ARG A 79 -32.03 -32.52 -60.81
N ASP A 80 -31.37 -32.80 -59.68
CA ASP A 80 -31.71 -32.13 -58.42
C ASP A 80 -31.57 -30.60 -58.53
N ILE A 81 -30.55 -30.13 -59.24
CA ILE A 81 -30.38 -28.69 -59.42
C ILE A 81 -31.49 -28.13 -60.32
N GLU A 82 -31.88 -28.88 -61.35
CA GLU A 82 -33.00 -28.45 -62.17
C GLU A 82 -34.32 -28.41 -61.38
N GLU A 83 -34.51 -29.31 -60.42
CA GLU A 83 -35.68 -29.19 -59.55
C GLU A 83 -35.66 -27.85 -58.83
N VAL A 84 -34.51 -27.53 -58.25
CA VAL A 84 -34.38 -26.28 -57.51
C VAL A 84 -34.71 -25.10 -58.42
N MET A 85 -34.22 -25.14 -59.67
CA MET A 85 -34.37 -23.98 -60.56
C MET A 85 -35.82 -23.73 -60.91
N THR A 86 -36.65 -24.77 -60.96
CA THR A 86 -38.04 -24.61 -61.40
C THR A 86 -39.04 -24.74 -60.26
N THR A 87 -38.59 -24.77 -58.99
CA THR A 87 -39.49 -24.79 -57.84
C THR A 87 -39.31 -23.48 -57.08
N SER A 88 -40.30 -22.59 -57.19
CA SER A 88 -40.16 -21.26 -56.63
C SER A 88 -40.43 -21.30 -55.13
N GLN A 89 -39.58 -20.61 -54.36
CA GLN A 89 -39.78 -20.53 -52.92
C GLN A 89 -40.43 -19.21 -52.54
N PRO A 90 -41.35 -19.25 -51.57
CA PRO A 90 -42.12 -18.04 -51.25
C PRO A 90 -41.29 -16.87 -50.80
N TRP A 91 -40.18 -17.10 -50.08
CA TRP A 91 -39.37 -16.02 -49.51
C TRP A 91 -38.45 -15.36 -50.52
N TRP A 92 -38.49 -15.79 -51.78
CA TRP A 92 -37.81 -15.15 -52.90
C TRP A 92 -38.38 -15.78 -54.17
N PRO A 93 -39.59 -15.41 -54.57
CA PRO A 93 -40.23 -16.11 -55.70
C PRO A 93 -39.48 -15.89 -57.00
N ALA A 94 -39.52 -16.91 -57.85
CA ALA A 94 -38.64 -17.01 -59.01
C ALA A 94 -39.17 -16.20 -60.19
N ASP A 95 -38.34 -15.30 -60.71
CA ASP A 95 -38.66 -14.63 -61.96
C ASP A 95 -38.97 -15.65 -63.04
N TYR A 96 -40.10 -15.48 -63.72
CA TYR A 96 -40.50 -16.36 -64.82
C TYR A 96 -40.53 -17.83 -64.39
N GLY A 97 -40.74 -18.07 -63.09
CA GLY A 97 -40.73 -19.41 -62.53
C GLY A 97 -39.44 -20.17 -62.76
N HIS A 98 -38.30 -19.47 -62.87
CA HIS A 98 -37.02 -20.13 -63.15
C HIS A 98 -35.88 -19.36 -62.49
N TYR A 99 -35.20 -20.01 -61.54
CA TYR A 99 -34.06 -19.39 -60.87
C TYR A 99 -32.76 -19.47 -61.66
N GLY A 100 -32.80 -20.07 -62.85
CA GLY A 100 -31.61 -20.28 -63.65
C GLY A 100 -30.81 -19.01 -63.90
N PRO A 101 -31.46 -17.97 -64.41
CA PRO A 101 -30.71 -16.72 -64.65
C PRO A 101 -30.06 -16.16 -63.39
N LEU A 102 -30.79 -16.09 -62.28
CA LEU A 102 -30.20 -15.69 -60.99
C LEU A 102 -28.96 -16.53 -60.65
N PHE A 103 -29.00 -17.85 -60.89
CA PHE A 103 -27.83 -18.69 -60.60
C PHE A 103 -26.66 -18.38 -61.54
N ILE A 104 -26.93 -17.99 -62.79
CA ILE A 104 -25.83 -17.66 -63.69
C ILE A 104 -25.12 -16.41 -63.20
N ARG A 105 -25.89 -15.40 -62.78
CA ARG A 105 -25.28 -14.23 -62.15
C ARG A 105 -24.51 -14.64 -60.91
N MET A 106 -25.10 -15.52 -60.10
CA MET A 106 -24.42 -16.00 -58.90
C MET A 106 -23.07 -16.62 -59.26
N ALA A 107 -23.07 -17.49 -60.27
CA ALA A 107 -21.85 -18.14 -60.72
C ALA A 107 -20.83 -17.12 -61.27
N TOX A 108 -21.32 -16.22 -62.11
CA TOX A 108 -20.49 -15.23 -62.73
CB TOX A 108 -21.31 -14.43 -63.77
CG TOX A 108 -21.03 -12.93 -63.84
CD1 TOX A 108 -21.99 -11.96 -63.63
NE1 TOX A 108 -21.45 -10.70 -63.76
CE2 TOX A 108 -20.10 -10.90 -64.09
CD2 TOX A 108 -19.87 -12.27 -64.15
CE3 TOX A 108 -18.61 -12.76 -64.49
CZ3 TOX A 108 -17.58 -11.88 -64.75
CH2 TOX A 108 -17.76 -10.49 -64.68
CZ2 TOX A 108 -19.04 -10.02 -64.37
C TOX A 108 -19.88 -14.36 -61.61
O TOX A 108 -18.64 -14.13 -61.63
O2 TOX A 108 -23.57 -9.52 -63.13
O2 TOX A 108 -21.46 -8.27 -62.86
O1 TOX A 108 -22.16 -9.37 -63.60
N HIS A 109 -20.65 -13.93 -60.62
CA HIS A 109 -20.04 -13.18 -59.52
C HIS A 109 -19.10 -14.00 -58.64
N ALA A 110 -19.40 -15.29 -58.45
CA ALA A 110 -18.46 -16.16 -57.75
C ALA A 110 -17.09 -16.11 -58.42
N ALA A 111 -17.07 -16.22 -59.75
CA ALA A 111 -15.80 -16.25 -60.48
C ALA A 111 -15.25 -14.87 -60.77
N GLY A 112 -16.12 -13.84 -60.78
CA GLY A 112 -15.85 -12.48 -61.22
C GLY A 112 -15.04 -11.60 -60.29
N THR A 113 -14.56 -12.13 -59.16
CA THR A 113 -13.66 -11.40 -58.29
C THR A 113 -12.20 -11.68 -58.60
N TYR A 114 -11.95 -12.65 -59.49
CA TYR A 114 -10.59 -13.05 -59.82
C TYR A 114 -9.81 -11.87 -60.41
N ARG A 115 -8.52 -11.81 -60.10
CA ARG A 115 -7.69 -10.80 -60.73
C ARG A 115 -6.31 -11.35 -61.01
N ILE A 116 -5.75 -10.94 -62.15
CA ILE A 116 -4.50 -11.52 -62.61
C ILE A 116 -3.28 -11.05 -61.83
N HIS A 117 -3.34 -9.89 -61.18
CA HIS A 117 -2.12 -9.36 -60.59
C HIS A 117 -1.60 -10.26 -59.49
N ASP A 118 -2.48 -10.69 -58.58
CA ASP A 118 -2.10 -11.68 -57.57
C ASP A 118 -2.81 -13.00 -57.76
N GLY A 119 -3.74 -13.11 -58.70
CA GLY A 119 -4.46 -14.36 -58.81
C GLY A 119 -5.47 -14.61 -57.72
N ARG A 120 -5.74 -13.62 -56.87
CA ARG A 120 -6.71 -13.81 -55.81
C ARG A 120 -8.11 -13.57 -56.35
N GLY A 121 -9.09 -13.88 -55.52
CA GLY A 121 -10.45 -13.92 -56.01
C GLY A 121 -10.66 -15.21 -56.78
N GLY A 122 -11.79 -15.26 -57.48
CA GLY A 122 -12.20 -16.46 -58.17
C GLY A 122 -13.19 -17.28 -57.36
N ALA A 123 -13.70 -18.33 -57.99
CA ALA A 123 -14.72 -19.19 -57.42
C ALA A 123 -14.14 -20.38 -56.66
N GLY A 124 -12.82 -20.59 -56.72
CA GLY A 124 -12.21 -21.85 -56.35
C GLY A 124 -12.22 -22.18 -54.86
N GLY A 125 -12.50 -21.18 -54.03
CA GLY A 125 -12.64 -21.42 -52.60
C GLY A 125 -14.03 -21.20 -52.04
N GLY A 126 -15.01 -20.88 -52.89
CA GLY A 126 -16.35 -20.65 -52.39
C GLY A 126 -16.46 -19.44 -51.50
N MET A 127 -15.52 -18.49 -51.66
CA MET A 127 -15.40 -17.35 -50.77
C MET A 127 -16.64 -16.47 -50.79
N GLN A 128 -17.50 -16.58 -51.84
CA GLN A 128 -18.73 -15.79 -51.88
C GLN A 128 -19.61 -16.03 -50.66
N ARG A 129 -19.49 -17.18 -49.98
CA ARG A 129 -20.37 -17.40 -48.85
C ARG A 129 -19.88 -16.74 -47.56
N PHE A 130 -18.65 -16.25 -47.53
CA PHE A 130 -18.07 -15.60 -46.36
C PHE A 130 -17.94 -14.09 -46.55
N ALA A 131 -17.72 -13.40 -45.43
CA ALA A 131 -17.35 -11.99 -45.46
C ALA A 131 -16.01 -11.83 -46.17
N PRO A 132 -15.78 -10.73 -46.90
CA PRO A 132 -16.68 -9.60 -47.14
C PRO A 132 -17.59 -9.86 -48.33
N LEU A 133 -17.21 -10.83 -49.19
CA LEU A 133 -17.88 -11.03 -50.48
C LEU A 133 -19.36 -11.29 -50.32
N ASN A 134 -19.76 -12.04 -49.29
CA ASN A 134 -21.19 -12.34 -49.10
C ASN A 134 -22.01 -11.07 -48.89
N SER A 135 -21.37 -9.92 -48.75
CA SER A 135 -22.06 -8.69 -48.41
C SER A 135 -21.68 -7.51 -49.30
N TRP A 136 -20.86 -7.72 -50.34
CA TRP A 136 -20.63 -6.67 -51.36
C TRP A 136 -21.97 -6.21 -51.93
N PRO A 137 -22.10 -4.92 -52.28
CA PRO A 137 -23.36 -4.46 -52.89
C PRO A 137 -23.66 -5.16 -54.21
N ASP A 138 -22.64 -5.40 -55.00
CA ASP A 138 -22.79 -6.08 -56.25
C ASP A 138 -23.24 -7.55 -56.05
N ASN A 139 -23.06 -8.10 -54.86
CA ASN A 139 -23.49 -9.46 -54.58
C ASN A 139 -24.86 -9.49 -53.89
N ALA A 140 -25.58 -8.37 -53.92
CA ALA A 140 -26.91 -8.30 -53.34
C ALA A 140 -27.85 -9.31 -54.01
N SER A 141 -28.74 -9.89 -53.19
CA SER A 141 -29.70 -10.93 -53.54
C SER A 141 -29.06 -12.29 -53.79
N LEU A 142 -27.71 -12.37 -53.86
CA LEU A 142 -27.10 -13.69 -54.03
C LEU A 142 -27.10 -14.45 -52.71
N ASP A 143 -27.25 -13.76 -51.58
CA ASP A 143 -27.58 -14.45 -50.33
C ASP A 143 -28.80 -15.35 -50.54
N LYS A 144 -29.87 -14.82 -51.17
CA LYS A 144 -31.03 -15.66 -51.50
C LYS A 144 -30.65 -16.74 -52.50
N ALA A 145 -29.83 -16.40 -53.49
CA ALA A 145 -29.42 -17.39 -54.47
C ALA A 145 -28.75 -18.58 -53.78
N ARG A 146 -27.75 -18.31 -52.93
CA ARG A 146 -27.06 -19.42 -52.29
C ARG A 146 -28.00 -20.18 -51.36
N ARG A 147 -28.91 -19.47 -50.71
CA ARG A 147 -29.85 -20.13 -49.81
C ARG A 147 -30.67 -21.19 -50.54
N LEU A 148 -31.07 -20.91 -51.76
CA LEU A 148 -31.93 -21.82 -52.52
C LEU A 148 -31.25 -23.12 -52.85
N LEU A 149 -29.92 -23.14 -52.87
CA LEU A 149 -29.19 -24.36 -53.15
C LEU A 149 -28.97 -25.21 -51.93
N TRP A 150 -29.35 -24.75 -50.74
CA TRP A 150 -29.11 -25.60 -49.57
C TRP A 150 -29.77 -26.97 -49.69
N PRO A 151 -30.99 -27.11 -50.21
CA PRO A 151 -31.56 -28.46 -50.35
C PRO A 151 -30.68 -29.39 -51.14
N VAL A 152 -29.91 -28.86 -52.10
CA VAL A 152 -28.98 -29.70 -52.85
C VAL A 152 -27.79 -30.08 -51.98
N LYS A 153 -27.18 -29.09 -51.33
CA LYS A 153 -26.01 -29.35 -50.48
C LYS A 153 -26.35 -30.30 -49.35
N LYS A 154 -27.55 -30.16 -48.77
CA LYS A 154 -28.05 -31.06 -47.73
C LYS A 154 -28.06 -32.52 -48.22
N LYS A 155 -28.41 -32.74 -49.49
CA LYS A 155 -28.55 -34.09 -50.02
C LYS A 155 -27.20 -34.74 -50.35
N TYR A 156 -26.27 -33.98 -50.92
CA TYR A 156 -24.98 -34.55 -51.32
C TYR A 156 -23.93 -34.48 -50.22
N GLY A 157 -24.08 -33.57 -49.25
CA GLY A 157 -23.23 -33.61 -48.07
C GLY A 157 -21.77 -33.41 -48.42
N LYS A 158 -20.91 -34.21 -47.80
CA LYS A 158 -19.47 -34.05 -48.01
C LYS A 158 -19.00 -34.49 -49.40
N LYS A 159 -19.86 -35.07 -50.23
CA LYS A 159 -19.46 -35.39 -51.60
C LYS A 159 -19.45 -34.18 -52.53
N LEU A 160 -19.93 -33.02 -52.09
CA LEU A 160 -20.04 -31.84 -52.97
C LEU A 160 -19.76 -30.59 -52.15
N SER A 161 -18.73 -29.85 -52.52
CA SER A 161 -18.47 -28.59 -51.85
C SER A 161 -19.42 -27.47 -52.34
N TRP A 162 -19.75 -26.56 -51.42
CA TRP A 162 -20.38 -25.32 -51.82
C TRP A 162 -19.67 -24.69 -52.98
N ALA A 163 -18.33 -24.65 -52.93
CA ALA A 163 -17.56 -24.03 -53.99
C ALA A 163 -17.88 -24.65 -55.36
N ASP A 164 -17.85 -25.98 -55.46
CA ASP A 164 -18.30 -26.63 -56.69
C ASP A 164 -19.76 -26.34 -56.97
N LEU A 165 -20.62 -26.42 -55.94
CA LEU A 165 -22.07 -26.33 -56.16
C LEU A 165 -22.46 -24.97 -56.75
N ILE A 166 -21.80 -23.89 -56.32
CA ILE A 166 -22.20 -22.56 -56.77
C ILE A 166 -21.96 -22.39 -58.27
N VAL A 167 -20.75 -22.71 -58.76
CA VAL A 167 -20.55 -22.55 -60.19
C VAL A 167 -21.28 -23.65 -60.97
N PHE A 168 -21.34 -24.87 -60.44
CA PHE A 168 -22.07 -25.93 -61.15
C PHE A 168 -23.55 -25.60 -61.28
N ALA A 169 -24.09 -24.80 -60.36
CA ALA A 169 -25.47 -24.38 -60.53
C ALA A 169 -25.60 -23.43 -61.72
N GLY A 170 -24.63 -22.52 -61.87
CA GLY A 170 -24.69 -21.63 -63.00
C GLY A 170 -24.54 -22.39 -64.29
N ASN A 171 -23.65 -23.38 -64.31
CA ASN A 171 -23.44 -24.18 -65.50
C ASN A 171 -24.68 -24.96 -65.86
N CYS A 172 -25.27 -25.64 -64.86
CA CYS A 172 -26.53 -26.35 -65.06
C CYS A 172 -27.64 -25.43 -65.55
N ALA A 173 -27.70 -24.21 -65.00
CA ALA A 173 -28.68 -23.23 -65.44
C ALA A 173 -28.55 -22.96 -66.94
N LEU A 174 -27.32 -22.76 -67.42
CA LEU A 174 -27.12 -22.55 -68.84
C LEU A 174 -27.66 -23.70 -69.65
N GLU A 175 -27.23 -24.93 -69.32
CA GLU A 175 -27.69 -26.11 -70.04
C GLU A 175 -29.20 -26.24 -69.94
N SER A 176 -29.75 -26.04 -68.75
CA SER A 176 -31.19 -26.05 -68.53
C SER A 176 -31.95 -25.22 -69.56
N MET A 177 -31.41 -24.08 -69.94
CA MET A 177 -32.16 -23.14 -70.77
C MET A 177 -31.69 -23.15 -72.20
N GLY A 178 -30.98 -24.20 -72.62
CA GLY A 178 -30.69 -24.46 -74.01
C GLY A 178 -29.33 -24.08 -74.52
N PHE A 179 -28.37 -23.78 -73.64
CA PHE A 179 -27.00 -23.49 -74.05
C PHE A 179 -26.12 -24.68 -73.69
N LYS A 180 -25.43 -25.23 -74.67
CA LYS A 180 -24.54 -26.37 -74.40
C LYS A 180 -23.20 -25.82 -73.94
N THR A 181 -22.78 -26.21 -72.74
CA THR A 181 -21.50 -25.73 -72.24
C THR A 181 -20.39 -26.65 -72.72
N PHE A 182 -19.18 -26.14 -72.62
CA PHE A 182 -18.01 -26.89 -73.06
C PHE A 182 -17.69 -28.02 -72.10
N GLY A 183 -18.01 -27.86 -70.83
CA GLY A 183 -17.72 -28.86 -69.82
C GLY A 183 -17.72 -28.26 -68.44
N PHE A 184 -17.22 -29.06 -67.50
CA PHE A 184 -17.13 -28.64 -66.11
C PHE A 184 -16.17 -29.60 -65.40
N GLY A 185 -15.33 -29.04 -64.52
CA GLY A 185 -14.50 -29.84 -63.61
C GLY A 185 -14.89 -29.58 -62.16
N PHE A 186 -14.99 -30.65 -61.40
CA PHE A 186 -15.17 -30.54 -59.96
C PHE A 186 -13.82 -30.51 -59.26
N GLY A 187 -13.83 -30.29 -57.94
CA GLY A 187 -12.60 -30.37 -57.18
C GLY A 187 -12.28 -29.19 -56.29
N ARG A 188 -13.12 -28.16 -56.24
CA ARG A 188 -12.86 -27.04 -55.36
C ARG A 188 -13.21 -27.43 -53.94
N VAL A 189 -12.20 -27.46 -53.08
CA VAL A 189 -12.38 -27.80 -51.66
C VAL A 189 -12.92 -26.60 -50.88
N ASP A 190 -14.00 -26.82 -50.13
CA ASP A 190 -14.55 -25.77 -49.29
C ASP A 190 -13.57 -25.38 -48.20
N GLN A 191 -13.54 -24.10 -47.87
CA GLN A 191 -12.78 -23.60 -46.74
C GLN A 191 -13.73 -23.06 -45.68
N TRP A 192 -13.17 -22.76 -44.54
CA TRP A 192 -13.91 -22.40 -43.34
C TRP A 192 -13.80 -20.99 -42.78
N GLU A 193 -12.90 -20.20 -43.31
CA GLU A 193 -12.77 -18.79 -42.95
C GLU A 193 -12.52 -18.01 -44.22
N PRO A 194 -12.94 -16.74 -44.25
CA PRO A 194 -12.65 -15.91 -45.42
C PRO A 194 -11.17 -15.88 -45.73
N ASP A 195 -10.90 -15.83 -47.00
CA ASP A 195 -9.60 -15.62 -47.45
C ASP A 195 -9.56 -14.10 -47.35
N GLU A 196 -8.59 -13.55 -46.65
CA GLU A 196 -8.53 -12.11 -46.46
C GLU A 196 -7.61 -11.53 -47.51
N VAL A 197 -8.17 -10.61 -48.30
CA VAL A 197 -7.59 -10.13 -49.54
C VAL A 197 -7.73 -8.62 -49.54
N TYR A 198 -6.76 -7.93 -50.11
CA TYR A 198 -6.83 -6.48 -50.23
C TYR A 198 -7.72 -6.13 -51.42
N TRP A 199 -8.91 -5.61 -51.16
CA TRP A 199 -9.86 -5.25 -52.21
C TRP A 199 -9.85 -3.76 -52.57
N GLY A 200 -8.92 -2.99 -52.01
CA GLY A 200 -8.92 -1.54 -52.14
C GLY A 200 -8.87 -0.88 -50.77
N LYS A 201 -8.57 0.44 -50.79
CA LYS A 201 -8.42 1.17 -49.54
C LYS A 201 -9.68 1.94 -49.12
N GLU A 202 -10.67 2.08 -50.00
CA GLU A 202 -11.83 2.88 -49.64
C GLU A 202 -12.60 2.24 -48.50
N ALA A 203 -12.86 3.04 -47.46
CA ALA A 203 -13.63 2.60 -46.30
C ALA A 203 -15.11 2.85 -46.45
N THR A 204 -15.55 3.19 -47.66
CA THR A 204 -16.94 3.41 -47.98
C THR A 204 -17.34 2.41 -49.04
N TRP A 205 -18.50 1.79 -48.89
CA TRP A 205 -18.99 0.93 -49.97
C TRP A 205 -19.27 1.76 -51.21
N LEU A 206 -18.88 1.24 -52.38
CA LEU A 206 -18.93 1.86 -53.69
C LEU A 206 -17.95 3.02 -53.83
N GLY A 207 -17.24 3.39 -52.77
CA GLY A 207 -16.30 4.50 -52.86
C GLY A 207 -15.21 4.25 -53.90
N ASP A 208 -14.59 5.35 -54.33
CA ASP A 208 -13.63 5.36 -55.44
C ASP A 208 -12.40 6.17 -55.05
N GLU A 209 -11.31 5.49 -54.69
CA GLU A 209 -10.03 6.12 -54.44
C GLU A 209 -8.90 5.37 -55.14
N ARG A 210 -9.21 4.80 -56.30
CA ARG A 210 -8.29 3.86 -56.94
C ARG A 210 -7.80 4.30 -58.31
N TYR A 211 -8.16 5.50 -58.78
CA TYR A 211 -7.77 5.98 -60.10
C TYR A 211 -6.80 7.16 -60.01
N SER A 212 -5.88 7.21 -60.97
CA SER A 212 -4.99 8.35 -61.12
C SER A 212 -4.68 8.57 -62.60
N GLY A 213 -4.34 9.81 -62.95
CA GLY A 213 -4.09 10.10 -64.34
C GLY A 213 -5.40 10.13 -65.10
N LYS A 214 -5.34 9.70 -66.36
CA LYS A 214 -6.55 9.43 -67.15
C LYS A 214 -6.86 7.93 -67.00
N ARG A 215 -7.78 7.63 -66.08
CA ARG A 215 -8.29 6.26 -65.81
C ARG A 215 -7.19 5.19 -65.75
N ASP A 216 -6.11 5.48 -65.04
CA ASP A 216 -5.18 4.42 -64.66
C ASP A 216 -5.63 3.85 -63.32
N LEU A 217 -5.92 2.54 -63.32
CA LEU A 217 -6.56 1.87 -62.19
C LEU A 217 -5.49 1.26 -61.28
N GLU A 218 -5.63 1.53 -59.99
CA GLU A 218 -4.68 1.07 -58.98
C GLU A 218 -4.46 -0.44 -59.08
N ASN A 219 -3.21 -0.87 -59.17
CA ASN A 219 -2.88 -2.27 -58.98
C ASN A 219 -3.02 -2.61 -57.50
N PRO A 220 -3.53 -3.80 -57.16
CA PRO A 220 -3.82 -4.94 -58.02
C PRO A 220 -5.32 -5.10 -58.25
N LEU A 221 -6.08 -4.03 -58.13
CA LEU A 221 -7.52 -4.15 -58.23
C LEU A 221 -7.99 -4.33 -59.66
N ALA A 222 -9.12 -5.02 -59.82
CA ALA A 222 -9.72 -5.28 -61.12
C ALA A 222 -11.16 -4.77 -61.17
N ALA A 223 -11.55 -3.92 -60.23
CA ALA A 223 -12.89 -3.34 -60.19
C ALA A 223 -12.75 -1.83 -60.04
N VAL A 224 -13.80 -1.10 -60.43
CA VAL A 224 -13.74 0.36 -60.54
C VAL A 224 -14.18 1.08 -59.28
N GLN A 225 -14.81 0.37 -58.34
CA GLN A 225 -15.31 0.91 -57.10
C GLN A 225 -15.26 -0.22 -56.08
N MET A 226 -15.31 0.14 -54.80
CA MET A 226 -15.16 -0.83 -53.73
C MET A 226 -16.46 -1.61 -53.59
N GLY A 227 -16.39 -2.93 -53.81
CA GLY A 227 -17.58 -3.77 -53.73
C GLY A 227 -18.28 -4.00 -55.04
N LEU A 228 -17.65 -3.64 -56.16
CA LEU A 228 -18.17 -3.95 -57.46
C LEU A 228 -17.41 -5.16 -57.99
N ILE A 229 -18.08 -5.94 -58.83
CA ILE A 229 -17.41 -7.09 -59.42
C ILE A 229 -16.43 -6.61 -60.50
N TYR A 230 -16.91 -5.87 -61.51
CA TYR A 230 -16.01 -5.26 -62.48
C TYR A 230 -16.19 -3.75 -62.62
N VAL A 231 -17.34 -3.31 -63.17
CA VAL A 231 -17.58 -1.91 -63.53
C VAL A 231 -18.98 -1.49 -63.09
N ASN A 232 -19.24 -0.19 -63.23
CA ASN A 232 -20.45 0.40 -62.73
C ASN A 232 -21.51 0.33 -63.82
N PRO A 233 -22.61 -0.41 -63.61
CA PRO A 233 -23.59 -0.60 -64.69
C PRO A 233 -24.22 0.68 -65.19
N GLU A 234 -23.95 1.81 -64.55
CA GLU A 234 -24.44 3.11 -64.97
C GLU A 234 -23.33 3.93 -65.62
N GLY A 235 -22.23 3.29 -66.01
CA GLY A 235 -21.09 3.98 -66.55
C GLY A 235 -20.18 4.44 -65.43
N PRO A 236 -18.95 4.83 -65.76
CA PRO A 236 -17.99 5.25 -64.73
C PRO A 236 -18.58 6.33 -63.83
N ASN A 237 -18.51 6.07 -62.51
CA ASN A 237 -18.90 7.04 -61.49
C ASN A 237 -20.31 7.56 -61.73
N GLY A 238 -21.18 6.68 -62.25
CA GLY A 238 -22.56 7.02 -62.56
C GLY A 238 -22.78 7.82 -63.82
N ASN A 239 -21.74 8.08 -64.62
CA ASN A 239 -21.83 8.81 -65.89
C ASN A 239 -22.16 7.83 -67.00
N PRO A 240 -23.42 7.76 -67.47
CA PRO A 240 -23.85 6.73 -68.42
C PRO A 240 -23.37 6.99 -69.85
N ASP A 241 -22.06 7.18 -70.01
CA ASP A 241 -21.41 7.32 -71.30
C ASP A 241 -21.00 5.93 -71.76
N PRO A 242 -21.74 5.29 -72.68
CA PRO A 242 -21.33 3.95 -73.12
C PRO A 242 -19.93 3.91 -73.68
N MET A 243 -19.53 4.96 -74.40
CA MET A 243 -18.17 4.99 -74.94
C MET A 243 -17.15 4.92 -73.81
N ALA A 244 -17.37 5.68 -72.74
CA ALA A 244 -16.45 5.70 -71.62
C ALA A 244 -16.57 4.45 -70.78
N ALA A 245 -17.77 3.88 -70.69
CA ALA A 245 -17.92 2.61 -69.98
C ALA A 245 -17.06 1.52 -70.59
N ALA A 246 -17.06 1.42 -71.92
CA ALA A 246 -16.28 0.37 -72.57
C ALA A 246 -14.82 0.43 -72.18
N VAL A 247 -14.32 1.62 -71.88
CA VAL A 247 -12.94 1.77 -71.42
C VAL A 247 -12.72 0.96 -70.14
N ASP A 248 -13.65 1.06 -69.20
CA ASP A 248 -13.47 0.38 -67.92
C ASP A 248 -13.72 -1.12 -68.05
N ILE A 249 -14.74 -1.51 -68.83
CA ILE A 249 -15.00 -2.93 -69.11
C ILE A 249 -13.75 -3.58 -69.68
N ARG A 250 -13.15 -2.94 -70.68
CA ARG A 250 -11.99 -3.55 -71.31
C ARG A 250 -10.87 -3.70 -70.30
N GLU A 251 -10.68 -2.70 -69.44
CA GLU A 251 -9.57 -2.78 -68.51
C GLU A 251 -9.88 -3.73 -67.36
N THR A 252 -11.10 -3.68 -66.81
CA THR A 252 -11.42 -4.59 -65.71
C THR A 252 -11.44 -6.05 -66.19
N PHE A 253 -12.09 -6.31 -67.33
CA PHE A 253 -12.12 -7.68 -67.82
C PHE A 253 -10.72 -8.18 -68.18
N ARG A 254 -9.86 -7.30 -68.70
CA ARG A 254 -8.50 -7.75 -68.98
C ARG A 254 -7.74 -8.11 -67.71
N ARG A 255 -8.02 -7.42 -66.60
CA ARG A 255 -7.36 -7.74 -65.34
C ARG A 255 -7.90 -9.01 -64.72
N MET A 256 -9.01 -9.52 -65.26
CA MET A 256 -9.51 -10.85 -64.99
C MET A 256 -9.35 -11.78 -66.19
N ALA A 257 -8.32 -11.55 -67.00
CA ALA A 257 -7.80 -12.50 -67.99
C ALA A 257 -8.71 -12.69 -69.20
N MET A 258 -9.59 -11.73 -69.50
CA MET A 258 -10.52 -11.83 -70.61
C MET A 258 -10.13 -10.80 -71.66
N ASN A 259 -10.02 -11.22 -72.94
CA ASN A 259 -9.71 -10.31 -74.03
C ASN A 259 -11.01 -9.73 -74.58
N ASP A 260 -10.94 -9.02 -75.73
CA ASP A 260 -12.14 -8.38 -76.27
C ASP A 260 -13.20 -9.39 -76.70
N VAL A 261 -12.79 -10.52 -77.28
CA VAL A 261 -13.76 -11.47 -77.79
C VAL A 261 -14.43 -12.22 -76.64
N GLU A 262 -13.61 -12.74 -75.72
CA GLU A 262 -14.12 -13.33 -74.49
C GLU A 262 -15.03 -12.36 -73.72
N THR A 263 -14.65 -11.08 -73.65
CA THR A 263 -15.44 -10.12 -72.89
C THR A 263 -16.80 -9.86 -73.53
N ALA A 264 -16.82 -9.57 -74.83
CA ALA A 264 -18.11 -9.38 -75.50
C ALA A 264 -18.96 -10.64 -75.39
N ALA A 265 -18.33 -11.80 -75.56
CA ALA A 265 -19.07 -13.06 -75.51
C ALA A 265 -19.68 -13.29 -74.13
N LEU A 266 -18.93 -12.97 -73.07
CA LEU A 266 -19.44 -13.13 -71.71
C LEU A 266 -20.65 -12.23 -71.45
N ILE A 267 -20.58 -10.97 -71.87
CA ILE A 267 -21.68 -10.06 -71.55
C ILE A 267 -22.93 -10.43 -72.33
N VAL A 268 -22.78 -10.62 -73.65
CA VAL A 268 -23.91 -11.03 -74.48
C VAL A 268 -24.47 -12.35 -73.96
N GLY A 269 -23.58 -13.32 -73.69
CA GLY A 269 -24.04 -14.60 -73.19
C GLY A 269 -24.76 -14.50 -71.87
N GLY A 270 -24.25 -13.68 -70.96
CA GLY A 270 -24.93 -13.48 -69.68
C GLY A 270 -26.28 -12.80 -69.83
N HIS A 271 -26.32 -11.68 -70.55
CA HIS A 271 -27.54 -10.88 -70.53
C HIS A 271 -28.59 -11.37 -71.51
N THR A 272 -28.34 -12.52 -72.13
CA THR A 272 -29.38 -13.28 -72.82
C THR A 272 -30.46 -13.77 -71.84
N PHE A 273 -30.16 -13.77 -70.55
CA PHE A 273 -31.01 -14.37 -69.53
C PHE A 273 -31.34 -13.37 -68.45
N GLY A 274 -32.54 -13.53 -67.90
CA GLY A 274 -32.89 -12.88 -66.65
C GLY A 274 -33.19 -11.41 -66.80
N LYS A 275 -33.12 -10.72 -65.66
CA LYS A 275 -33.41 -9.29 -65.56
C LYS A 275 -32.67 -8.72 -64.36
N THR A 276 -32.68 -7.40 -64.28
CA THR A 276 -32.24 -6.67 -63.10
C THR A 276 -33.45 -6.32 -62.23
N HIS A 277 -33.19 -5.86 -61.02
CA HIS A 277 -34.24 -5.51 -60.08
C HIS A 277 -34.09 -4.16 -59.39
N GLY A 278 -35.02 -3.27 -59.68
CA GLY A 278 -35.02 -1.95 -59.12
C GLY A 278 -36.42 -1.41 -59.19
N ALA A 279 -37.32 -2.05 -58.49
CA ALA A 279 -38.72 -1.75 -58.48
C ALA A 279 -39.15 -0.59 -57.57
N GLY A 280 -38.32 -0.19 -56.64
CA GLY A 280 -38.62 0.92 -55.76
C GLY A 280 -37.37 1.57 -55.20
N PRO A 281 -37.55 2.47 -54.21
CA PRO A 281 -36.38 3.21 -53.66
C PRO A 281 -35.44 2.31 -52.88
N ALA A 282 -34.13 2.50 -53.08
CA ALA A 282 -33.14 1.65 -52.42
C ALA A 282 -32.96 1.97 -50.94
N ASP A 283 -33.37 3.16 -50.48
CA ASP A 283 -33.36 3.48 -49.05
C ASP A 283 -34.34 2.62 -48.27
N LEU A 284 -35.19 1.84 -48.96
CA LEU A 284 -36.07 0.90 -48.30
C LEU A 284 -35.44 -0.47 -48.19
N VAL A 285 -34.20 -0.63 -48.61
CA VAL A 285 -33.50 -1.90 -48.56
C VAL A 285 -32.61 -1.91 -47.32
N GLY A 286 -32.79 -2.91 -46.46
CA GLY A 286 -32.06 -3.00 -45.21
C GLY A 286 -30.59 -3.35 -45.31
N PRO A 287 -29.99 -3.61 -44.15
CA PRO A 287 -28.54 -3.81 -44.08
C PRO A 287 -28.09 -5.07 -44.79
N GLU A 288 -26.83 -5.03 -45.25
CA GLU A 288 -26.19 -6.17 -45.89
C GLU A 288 -26.00 -7.31 -44.89
N PRO A 289 -25.86 -8.56 -45.37
CA PRO A 289 -26.03 -9.72 -44.47
C PRO A 289 -25.07 -9.74 -43.27
N GLU A 290 -23.81 -9.28 -43.41
CA GLU A 290 -22.93 -9.27 -42.23
C GLU A 290 -23.38 -8.26 -41.19
N ALA A 291 -24.20 -7.27 -41.58
CA ALA A 291 -24.75 -6.29 -40.66
C ALA A 291 -26.16 -6.60 -40.19
N ALA A 292 -26.89 -7.50 -40.85
CA ALA A 292 -28.31 -7.70 -40.57
C ALA A 292 -28.52 -8.46 -39.27
N PRO A 293 -29.71 -8.33 -38.65
CA PRO A 293 -29.92 -8.95 -37.33
C PRO A 293 -30.05 -10.47 -37.39
N LEU A 294 -29.69 -11.10 -36.26
CA LEU A 294 -29.72 -12.55 -36.07
C LEU A 294 -30.94 -13.22 -36.70
N GLU A 295 -32.12 -12.65 -36.55
CA GLU A 295 -33.29 -13.41 -36.98
C GLU A 295 -33.39 -13.54 -38.49
N GLN A 296 -32.54 -12.87 -39.25
CA GLN A 296 -32.57 -13.04 -40.70
C GLN A 296 -31.74 -14.24 -41.16
N MET A 297 -31.04 -14.90 -40.24
CA MET A 297 -30.44 -16.21 -40.46
C MET A 297 -29.54 -16.21 -41.70
N GLY A 298 -28.70 -15.19 -41.78
CA GLY A 298 -27.69 -15.11 -42.79
C GLY A 298 -28.07 -14.32 -44.02
N LEU A 299 -29.35 -13.98 -44.19
CA LEU A 299 -29.78 -13.18 -45.32
C LEU A 299 -29.73 -11.70 -44.99
N GLY A 300 -29.72 -10.89 -46.05
CA GLY A 300 -29.61 -9.46 -45.88
C GLY A 300 -30.40 -8.67 -46.91
N TRP A 301 -30.16 -7.35 -46.93
CA TRP A 301 -30.90 -6.41 -47.76
C TRP A 301 -32.40 -6.67 -47.68
N LYS A 302 -32.88 -6.97 -46.49
CA LYS A 302 -34.32 -7.08 -46.24
C LYS A 302 -34.99 -5.78 -46.62
N SER A 303 -36.14 -5.86 -47.28
CA SER A 303 -36.70 -4.70 -47.98
C SER A 303 -38.18 -4.52 -47.68
N SER A 304 -38.57 -3.29 -47.35
CA SER A 304 -39.96 -2.96 -47.07
C SER A 304 -40.69 -2.33 -48.26
N TYR A 305 -40.08 -2.32 -49.45
CA TYR A 305 -40.84 -1.90 -50.62
C TYR A 305 -41.79 -3.03 -50.99
N GLY A 306 -43.09 -2.75 -50.95
CA GLY A 306 -44.05 -3.79 -51.34
C GLY A 306 -43.85 -5.06 -50.53
N THR A 307 -43.79 -6.21 -51.23
CA THR A 307 -43.49 -7.46 -50.54
C THR A 307 -42.00 -7.66 -50.29
N GLY A 308 -41.15 -6.76 -50.78
CA GLY A 308 -39.70 -6.87 -50.65
C GLY A 308 -39.07 -7.98 -51.49
N THR A 309 -39.87 -8.70 -52.28
CA THR A 309 -39.41 -9.83 -53.08
C THR A 309 -40.15 -9.81 -54.43
N GLY A 310 -39.83 -10.79 -55.28
CA GLY A 310 -40.58 -11.02 -56.51
C GLY A 310 -40.87 -9.82 -57.37
N LYS A 311 -42.17 -9.54 -57.59
CA LYS A 311 -42.67 -8.33 -58.23
C LYS A 311 -42.00 -7.05 -57.74
N ASP A 312 -41.66 -7.01 -56.45
CA ASP A 312 -41.16 -5.83 -55.78
C ASP A 312 -39.66 -5.90 -55.51
N ALA A 313 -38.96 -6.86 -56.11
CA ALA A 313 -37.54 -7.03 -55.85
C ALA A 313 -36.76 -5.78 -56.23
N ILE A 314 -35.80 -5.45 -55.39
CA ILE A 314 -34.81 -4.41 -55.62
C ILE A 314 -33.47 -5.04 -55.35
N THR A 315 -32.63 -5.13 -56.37
CA THR A 315 -31.29 -5.69 -56.23
C THR A 315 -30.24 -4.62 -56.50
N SER A 316 -30.15 -4.12 -57.74
CA SER A 316 -29.14 -3.13 -58.10
C SER A 316 -29.69 -1.70 -58.18
N GLY A 317 -31.01 -1.53 -58.28
CA GLY A 317 -31.61 -0.25 -58.56
C GLY A 317 -32.02 -0.05 -60.00
N ILE A 318 -31.46 -0.86 -60.93
CA ILE A 318 -31.82 -0.85 -62.34
C ILE A 318 -33.02 -1.76 -62.54
N GLU A 319 -33.82 -1.51 -63.57
CA GLU A 319 -34.92 -2.39 -63.94
C GLU A 319 -34.89 -2.56 -65.46
N VAL A 320 -34.08 -3.54 -65.91
CA VAL A 320 -33.92 -3.86 -67.33
C VAL A 320 -34.18 -5.37 -67.52
N VAL A 321 -35.01 -5.71 -68.50
CA VAL A 321 -35.19 -7.09 -68.99
C VAL A 321 -34.75 -7.11 -70.44
N TRP A 322 -33.59 -7.72 -70.73
CA TRP A 322 -32.89 -7.47 -72.00
C TRP A 322 -33.59 -8.08 -73.21
N THR A 323 -34.18 -9.27 -73.07
CA THR A 323 -34.70 -10.02 -74.22
C THR A 323 -36.14 -10.41 -73.99
N ASN A 324 -36.80 -10.81 -75.07
CA ASN A 324 -38.19 -11.23 -74.94
C ASN A 324 -38.31 -12.67 -74.45
N THR A 325 -37.20 -13.40 -74.34
CA THR A 325 -37.21 -14.79 -73.88
C THR A 325 -36.18 -14.96 -72.77
N PRO A 326 -36.46 -14.43 -71.58
CA PRO A 326 -35.43 -14.39 -70.54
C PRO A 326 -34.99 -15.76 -70.00
N THR A 327 -35.67 -16.86 -70.34
CA THR A 327 -35.26 -18.18 -69.85
C THR A 327 -34.86 -19.11 -71.00
N LYS A 328 -34.39 -18.55 -72.10
CA LYS A 328 -34.10 -19.32 -73.29
C LYS A 328 -32.86 -18.76 -73.97
N TRP A 329 -31.96 -19.64 -74.39
CA TRP A 329 -30.79 -19.26 -75.20
C TRP A 329 -31.21 -19.02 -76.64
N ASP A 330 -30.91 -17.84 -77.16
CA ASP A 330 -31.15 -17.50 -78.56
C ASP A 330 -30.28 -16.29 -78.89
N ASN A 331 -30.65 -15.55 -79.92
CA ASN A 331 -29.83 -14.40 -80.30
C ASN A 331 -30.55 -13.07 -80.03
N SER A 332 -31.59 -13.07 -79.18
CA SER A 332 -32.40 -11.86 -79.03
C SER A 332 -31.62 -10.67 -78.47
N PHE A 333 -30.60 -10.90 -77.62
CA PHE A 333 -29.85 -9.78 -77.07
C PHE A 333 -29.35 -8.85 -78.17
N LEU A 334 -28.52 -9.39 -79.06
CA LEU A 334 -27.94 -8.58 -80.13
C LEU A 334 -28.98 -8.12 -81.15
N GLU A 335 -30.07 -8.89 -81.34
CA GLU A 335 -31.09 -8.44 -82.27
C GLU A 335 -31.85 -7.25 -81.72
N ILE A 336 -32.06 -7.22 -80.40
CA ILE A 336 -32.64 -6.03 -79.79
C ILE A 336 -31.60 -4.91 -79.73
N LEU A 337 -30.40 -5.21 -79.24
CA LEU A 337 -29.35 -4.21 -79.15
C LEU A 337 -29.17 -3.46 -80.46
N TYR A 338 -29.18 -4.16 -81.58
CA TYR A 338 -28.96 -3.55 -82.88
C TYR A 338 -30.27 -3.17 -83.57
N GLY A 339 -31.37 -3.83 -83.24
CA GLY A 339 -32.58 -3.49 -83.93
C GLY A 339 -33.37 -2.36 -83.34
N TYR A 340 -32.80 -1.61 -82.39
CA TYR A 340 -33.47 -0.44 -81.84
C TYR A 340 -32.48 0.70 -81.66
N GLU A 341 -33.05 1.87 -81.42
CA GLU A 341 -32.30 3.07 -81.07
C GLU A 341 -32.59 3.44 -79.62
N TRP A 342 -31.55 3.81 -78.90
CA TRP A 342 -31.56 3.81 -77.45
C TRP A 342 -31.47 5.22 -76.90
N GLU A 343 -32.34 5.55 -75.95
CA GLU A 343 -32.25 6.82 -75.26
C GLU A 343 -32.21 6.63 -73.75
N LEU A 344 -31.59 7.60 -73.09
CA LEU A 344 -31.44 7.62 -71.63
C LEU A 344 -32.79 7.70 -70.92
N THR A 345 -32.86 7.11 -69.74
CA THR A 345 -34.08 7.06 -68.94
C THR A 345 -33.70 6.66 -67.50
N LYS A 346 -34.71 6.63 -66.61
CA LYS A 346 -34.49 6.36 -65.19
C LYS A 346 -35.38 5.20 -64.72
N SER A 347 -34.77 4.19 -64.07
CA SER A 347 -35.53 3.12 -63.42
C SER A 347 -36.35 3.68 -62.28
N PRO A 348 -37.37 2.92 -61.80
CA PRO A 348 -38.19 3.38 -60.66
C PRO A 348 -37.38 3.80 -59.44
N ALA A 349 -36.10 3.42 -59.39
CA ALA A 349 -35.22 3.74 -58.29
C ALA A 349 -34.14 4.74 -58.67
N GLY A 350 -34.41 5.55 -59.69
CA GLY A 350 -33.51 6.64 -60.02
C GLY A 350 -32.22 6.25 -60.67
N ALA A 351 -32.14 5.03 -61.23
CA ALA A 351 -30.92 4.58 -61.88
C ALA A 351 -30.93 4.88 -63.36
N TRP A 352 -29.76 5.22 -63.88
CA TRP A 352 -29.55 5.40 -65.32
C TRP A 352 -29.70 4.08 -66.06
N GLN A 353 -30.52 4.09 -67.11
CA GLN A 353 -30.58 2.96 -68.02
C GLN A 353 -31.12 3.47 -69.36
N TYR A 354 -31.08 2.60 -70.36
CA TYR A 354 -31.51 2.95 -71.71
C TYR A 354 -32.80 2.24 -72.08
N THR A 355 -33.57 2.90 -72.94
CA THR A 355 -34.76 2.29 -73.50
C THR A 355 -34.87 2.67 -74.97
N ALA A 356 -35.76 1.94 -75.65
CA ALA A 356 -35.98 2.12 -77.07
C ALA A 356 -36.52 3.52 -77.36
N LYS A 357 -35.91 4.20 -78.33
CA LYS A 357 -36.49 5.42 -78.88
C LYS A 357 -37.79 5.10 -79.61
N ASP A 358 -38.59 6.13 -79.84
CA ASP A 358 -39.78 6.12 -80.71
C ASP A 358 -40.92 5.28 -80.17
N GLY A 359 -40.83 4.82 -78.92
CA GLY A 359 -41.80 3.86 -78.43
C GLY A 359 -41.79 2.55 -79.18
N ALA A 360 -40.70 2.26 -79.89
CA ALA A 360 -40.58 0.99 -80.59
C ALA A 360 -40.67 -0.17 -79.61
N GLY A 361 -41.13 -1.32 -80.10
CA GLY A 361 -41.20 -2.50 -79.27
C GLY A 361 -42.06 -2.36 -78.04
N ALA A 362 -43.13 -1.58 -78.11
CA ALA A 362 -44.05 -1.46 -76.99
C ALA A 362 -44.58 -2.83 -76.60
N GLY A 363 -44.69 -3.08 -75.29
CA GLY A 363 -45.31 -4.28 -74.74
C GLY A 363 -44.69 -5.60 -75.17
N THR A 364 -43.54 -5.60 -75.83
CA THR A 364 -43.00 -6.85 -76.37
C THR A 364 -42.16 -7.71 -75.51
N ILE A 365 -41.81 -7.24 -74.35
CA ILE A 365 -40.86 -7.96 -73.51
C ILE A 365 -41.56 -8.39 -72.24
N PRO A 366 -41.52 -9.68 -71.90
CA PRO A 366 -42.49 -10.24 -70.96
C PRO A 366 -42.11 -9.98 -69.51
N ASP A 367 -43.14 -9.96 -68.67
CA ASP A 367 -43.07 -9.66 -67.25
C ASP A 367 -42.77 -10.91 -66.44
N PRO A 368 -41.90 -10.81 -65.43
CA PRO A 368 -41.51 -12.00 -64.66
C PRO A 368 -42.63 -12.57 -63.78
N PHE A 369 -43.78 -11.89 -63.67
CA PHE A 369 -44.84 -12.43 -62.82
C PHE A 369 -46.22 -12.24 -63.42
N GLY A 370 -46.32 -12.08 -64.74
CA GLY A 370 -47.60 -12.02 -65.42
C GLY A 370 -48.13 -10.63 -65.67
N GLY A 371 -47.38 -9.58 -65.33
CA GLY A 371 -47.73 -8.23 -65.68
C GLY A 371 -47.83 -8.00 -67.19
N PRO A 372 -48.00 -6.74 -67.60
CA PRO A 372 -48.45 -6.47 -68.97
C PRO A 372 -47.42 -6.75 -70.03
N GLY A 373 -46.16 -6.47 -69.77
CA GLY A 373 -45.22 -6.61 -70.86
C GLY A 373 -44.72 -5.23 -71.23
N ARG A 374 -43.43 -5.10 -71.43
CA ARG A 374 -42.77 -3.81 -71.36
C ARG A 374 -41.91 -3.55 -72.60
N SER A 375 -41.25 -2.42 -72.60
CA SER A 375 -40.44 -1.98 -73.73
C SER A 375 -39.03 -2.51 -73.60
N PRO A 376 -38.26 -2.51 -74.69
CA PRO A 376 -36.86 -2.91 -74.59
C PRO A 376 -36.08 -1.95 -73.71
N THR A 377 -35.10 -2.50 -73.00
CA THR A 377 -34.19 -1.70 -72.19
C THR A 377 -32.79 -2.31 -72.27
N MET A 378 -31.80 -1.49 -71.98
CA MET A 378 -30.43 -1.95 -71.96
C MET A 378 -29.72 -1.22 -70.82
N LEU A 379 -28.64 -1.80 -70.32
CA LEU A 379 -27.77 -1.03 -69.42
C LEU A 379 -26.86 -0.13 -70.25
N ALA A 380 -26.39 0.94 -69.63
CA ALA A 380 -25.36 1.77 -70.26
C ALA A 380 -24.21 0.91 -70.72
N THR A 381 -23.78 0.00 -69.86
CA THR A 381 -22.67 -0.89 -70.19
C THR A 381 -23.02 -1.91 -71.28
N ASP A 382 -24.30 -2.22 -71.48
CA ASP A 382 -24.68 -3.01 -72.67
C ASP A 382 -24.46 -2.21 -73.95
N LEU A 383 -24.94 -0.96 -73.98
CA LEU A 383 -24.77 -0.06 -75.13
C LEU A 383 -23.31 0.04 -75.56
N SER A 384 -22.37 -0.13 -74.62
CA SER A 384 -20.95 -0.09 -74.97
C SER A 384 -20.58 -1.12 -76.01
N LEU A 385 -21.32 -2.24 -76.08
CA LEU A 385 -21.03 -3.29 -77.03
C LEU A 385 -21.27 -2.84 -78.46
N ARG A 386 -22.15 -1.84 -78.64
CA ARG A 386 -22.48 -1.27 -79.93
C ARG A 386 -21.79 0.05 -80.21
N VAL A 387 -21.37 0.80 -79.17
CA VAL A 387 -20.76 2.12 -79.32
C VAL A 387 -19.25 2.01 -79.48
N ASP A 388 -18.61 1.19 -78.68
CA ASP A 388 -17.16 1.06 -78.79
C ASP A 388 -16.80 0.44 -80.14
N PRO A 389 -15.90 1.08 -80.90
CA PRO A 389 -15.45 0.53 -82.19
C PRO A 389 -15.15 -0.96 -82.15
N ILE A 390 -14.33 -1.38 -81.19
CA ILE A 390 -13.84 -2.76 -81.19
C ILE A 390 -14.96 -3.73 -80.86
N TYR A 391 -15.76 -3.42 -79.83
CA TYR A 391 -16.83 -4.35 -79.48
C TYR A 391 -17.86 -4.42 -80.59
N GLU A 392 -18.13 -3.29 -81.26
CA GLU A 392 -19.16 -3.22 -82.29
C GLU A 392 -18.84 -4.14 -83.45
N ARG A 393 -17.57 -4.19 -83.86
CA ARG A 393 -17.15 -5.12 -84.91
C ARG A 393 -17.46 -6.57 -84.52
N ILE A 394 -17.04 -6.96 -83.31
CA ILE A 394 -17.22 -8.33 -82.84
C ILE A 394 -18.70 -8.69 -82.73
N THR A 395 -19.50 -7.79 -82.18
CA THR A 395 -20.91 -8.13 -81.94
C THR A 395 -21.75 -8.01 -83.20
N ARG A 396 -21.39 -7.07 -84.09
CA ARG A 396 -22.02 -6.98 -85.41
C ARG A 396 -21.94 -8.31 -86.15
N ARG A 397 -20.75 -8.91 -86.12
CA ARG A 397 -20.57 -10.25 -86.67
C ARG A 397 -21.54 -11.24 -86.03
N TRP A 398 -21.56 -11.31 -84.69
CA TRP A 398 -22.41 -12.28 -84.02
C TRP A 398 -23.89 -12.04 -84.28
N LEU A 399 -24.27 -10.83 -84.70
CA LEU A 399 -25.66 -10.58 -85.08
C LEU A 399 -26.08 -11.48 -86.23
N GLU A 400 -25.17 -11.83 -87.12
CA GLU A 400 -25.49 -12.70 -88.25
C GLU A 400 -24.90 -14.10 -88.08
N HIS A 401 -24.13 -14.32 -87.02
CA HIS A 401 -23.40 -15.57 -86.85
C HIS A 401 -23.49 -16.05 -85.40
N PRO A 402 -24.71 -16.30 -84.92
CA PRO A 402 -24.87 -16.71 -83.52
C PRO A 402 -24.14 -18.00 -83.19
N GLU A 403 -23.80 -18.79 -84.21
CA GLU A 403 -23.02 -19.99 -83.94
C GLU A 403 -21.62 -19.64 -83.45
N GLU A 404 -21.14 -18.46 -83.79
CA GLU A 404 -19.81 -18.02 -83.37
C GLU A 404 -19.86 -17.45 -81.96
N LEU A 405 -20.91 -16.69 -81.65
CA LEU A 405 -21.14 -16.29 -80.27
C LEU A 405 -21.16 -17.52 -79.37
N ALA A 406 -22.14 -18.41 -79.61
CA ALA A 406 -22.26 -19.67 -78.86
C ALA A 406 -20.92 -20.36 -78.65
N ASP A 407 -20.09 -20.41 -79.69
CA ASP A 407 -18.77 -21.01 -79.53
C ASP A 407 -17.89 -20.18 -78.61
N GLU A 408 -17.81 -18.87 -78.84
CA GLU A 408 -16.90 -18.09 -78.00
C GLU A 408 -17.38 -18.06 -76.56
N PHE A 409 -18.70 -17.94 -76.36
CA PHE A 409 -19.26 -17.91 -75.01
C PHE A 409 -18.90 -19.16 -74.21
N ALA A 410 -19.15 -20.34 -74.77
CA ALA A 410 -18.81 -21.57 -74.06
C ALA A 410 -17.33 -21.58 -73.67
N LYS A 411 -16.44 -21.20 -74.60
CA LYS A 411 -15.01 -21.17 -74.31
C LYS A 411 -14.70 -20.21 -73.16
N ALA A 412 -15.28 -19.00 -73.21
CA ALA A 412 -15.04 -17.94 -72.23
C ALA A 412 -15.69 -18.27 -70.88
N TRP A 413 -16.94 -18.74 -70.91
CA TRP A 413 -17.60 -19.13 -69.67
C TRP A 413 -16.82 -20.23 -68.96
N TYR A 414 -16.40 -21.24 -69.71
CA TYR A 414 -15.64 -22.34 -69.13
C TYR A 414 -14.37 -21.83 -68.47
N LYS A 415 -13.75 -20.83 -69.07
CA LYS A 415 -12.49 -20.32 -68.58
C LYS A 415 -12.69 -19.44 -67.35
N LEU A 416 -13.66 -18.54 -67.41
CA LEU A 416 -14.09 -17.78 -66.23
C LEU A 416 -14.23 -18.67 -64.99
N ILE A 417 -15.05 -19.73 -65.06
CA ILE A 417 -15.35 -20.49 -63.85
C ILE A 417 -14.32 -21.56 -63.54
N HIS A 418 -13.24 -21.65 -64.31
CA HIS A 418 -12.15 -22.55 -63.98
C HIS A 418 -10.79 -21.84 -63.87
N ARG A 419 -10.76 -20.51 -64.03
CA ARG A 419 -9.50 -19.79 -64.12
C ARG A 419 -8.56 -20.10 -62.97
N ASP A 420 -9.09 -20.34 -61.76
CA ASP A 420 -8.26 -20.55 -60.59
C ASP A 420 -8.12 -22.00 -60.20
N MET A 421 -8.42 -22.94 -61.11
CA MET A 421 -8.36 -24.36 -60.76
C MET A 421 -6.94 -24.93 -60.68
N GLY A 422 -5.94 -24.23 -61.18
CA GLY A 422 -4.60 -24.78 -61.15
C GLY A 422 -4.36 -25.70 -62.34
N PRO A 423 -3.39 -26.59 -62.21
CA PRO A 423 -3.13 -27.57 -63.26
C PRO A 423 -4.33 -28.46 -63.56
N VAL A 424 -4.44 -28.81 -64.82
CA VAL A 424 -5.48 -29.66 -65.33
C VAL A 424 -5.64 -30.95 -64.56
N ALA A 425 -4.58 -31.47 -63.97
CA ALA A 425 -4.69 -32.72 -63.23
C ALA A 425 -5.74 -32.64 -62.14
N ARG A 426 -6.10 -31.42 -61.72
CA ARG A 426 -7.02 -31.20 -60.61
C ARG A 426 -8.50 -31.23 -61.02
N TYR A 427 -8.81 -30.99 -62.30
CA TYR A 427 -10.19 -31.05 -62.76
C TYR A 427 -10.73 -32.45 -62.58
N LEU A 428 -11.84 -32.57 -61.84
CA LEU A 428 -12.40 -33.84 -61.43
C LEU A 428 -13.76 -34.09 -62.09
N GLY A 429 -14.02 -35.37 -62.37
CA GLY A 429 -15.35 -35.78 -62.71
C GLY A 429 -15.52 -36.13 -64.17
N PRO A 430 -16.73 -36.52 -64.54
CA PRO A 430 -17.01 -36.96 -65.93
C PRO A 430 -17.25 -35.86 -66.96
N LEU A 431 -17.20 -34.57 -66.62
CA LEU A 431 -17.53 -33.53 -67.59
C LEU A 431 -16.33 -32.72 -68.07
N VAL A 432 -15.11 -33.25 -67.93
CA VAL A 432 -13.90 -32.53 -68.30
C VAL A 432 -13.52 -32.95 -69.73
N PRO A 433 -13.61 -32.06 -70.72
CA PRO A 433 -13.14 -32.42 -72.05
C PRO A 433 -11.62 -32.51 -72.05
N LYS A 434 -11.08 -33.43 -72.85
CA LYS A 434 -9.64 -33.63 -72.83
C LYS A 434 -8.85 -32.55 -73.56
N GLN A 435 -9.52 -31.69 -74.33
CA GLN A 435 -8.79 -30.78 -75.20
C GLN A 435 -7.86 -29.86 -74.41
N THR A 436 -6.60 -29.77 -74.83
CA THR A 436 -5.69 -28.84 -74.18
C THR A 436 -6.10 -27.41 -74.51
N LEU A 437 -5.92 -26.51 -73.55
CA LEU A 437 -6.18 -25.10 -73.74
C LEU A 437 -4.93 -24.34 -73.30
N LEU A 438 -4.60 -23.29 -74.06
CA LEU A 438 -3.37 -22.55 -73.82
C LEU A 438 -3.44 -21.78 -72.51
N TRP A 439 -4.60 -21.21 -72.20
CA TRP A 439 -4.75 -20.45 -70.96
C TRP A 439 -4.45 -21.32 -69.74
N GLN A 440 -4.56 -22.65 -69.86
CA GLN A 440 -4.23 -23.53 -68.76
C GLN A 440 -2.74 -23.77 -68.62
N ASP A 441 -1.88 -23.04 -69.32
CA ASP A 441 -0.44 -23.17 -69.23
C ASP A 441 -0.03 -24.65 -69.27
N PRO A 442 -0.45 -25.40 -70.30
CA PRO A 442 -0.36 -26.86 -70.26
C PRO A 442 1.07 -27.37 -70.29
N VAL A 443 1.22 -28.58 -69.77
CA VAL A 443 2.51 -29.26 -69.87
C VAL A 443 2.25 -30.61 -70.55
N PRO A 444 3.24 -31.15 -71.26
CA PRO A 444 3.05 -32.42 -71.96
C PRO A 444 2.80 -33.59 -71.02
N ALA A 445 2.11 -34.59 -71.55
CA ALA A 445 2.02 -35.86 -70.86
C ALA A 445 3.40 -36.44 -70.65
N VAL A 446 3.51 -37.31 -69.66
CA VAL A 446 4.78 -38.00 -69.44
C VAL A 446 5.00 -38.94 -70.62
N SER A 447 5.98 -38.60 -71.46
CA SER A 447 6.20 -39.33 -72.71
C SER A 447 6.82 -40.70 -72.50
N HIS A 448 7.70 -40.85 -71.52
CA HIS A 448 8.51 -42.06 -71.40
C HIS A 448 8.46 -42.58 -69.96
N ASP A 449 9.24 -43.60 -69.64
CA ASP A 449 9.34 -43.98 -68.24
C ASP A 449 10.13 -42.93 -67.47
N LEU A 450 10.03 -42.99 -66.16
CA LEU A 450 10.59 -41.96 -65.30
C LEU A 450 11.85 -42.47 -64.63
N VAL A 451 12.83 -41.57 -64.50
CA VAL A 451 14.08 -41.92 -63.83
C VAL A 451 13.77 -42.55 -62.48
N GLY A 452 14.30 -43.75 -62.27
CA GLY A 452 14.18 -44.42 -60.98
C GLY A 452 15.27 -43.97 -60.05
N GLU A 453 15.38 -44.67 -58.91
CA GLU A 453 16.36 -44.30 -57.90
C GLU A 453 17.76 -44.31 -58.53
N ALA A 454 18.30 -45.49 -58.84
CA ALA A 454 19.62 -45.58 -59.44
C ALA A 454 19.86 -44.47 -60.45
N GLU A 455 18.89 -44.25 -61.33
CA GLU A 455 19.00 -43.15 -62.29
C GLU A 455 19.11 -41.81 -61.56
N ILE A 456 18.15 -41.49 -60.70
CA ILE A 456 18.17 -40.26 -59.88
C ILE A 456 19.54 -40.07 -59.25
N ALA A 457 20.02 -41.09 -58.57
CA ALA A 457 21.35 -41.01 -57.95
C ALA A 457 22.41 -40.52 -58.94
N SER A 458 22.60 -41.26 -60.03
CA SER A 458 23.71 -40.96 -60.94
C SER A 458 23.65 -39.53 -61.43
N LEU A 459 22.45 -38.99 -61.67
CA LEU A 459 22.35 -37.64 -62.24
C LEU A 459 22.61 -36.53 -61.24
N LYS A 460 22.44 -36.79 -59.94
CA LYS A 460 22.96 -35.82 -58.98
C LYS A 460 24.46 -35.62 -59.22
N SER A 461 25.19 -36.72 -59.43
CA SER A 461 26.63 -36.68 -59.57
C SER A 461 27.05 -35.87 -60.79
N GLN A 462 26.51 -36.20 -61.96
CA GLN A 462 26.84 -35.46 -63.17
C GLN A 462 26.59 -33.98 -62.99
N ILE A 463 25.60 -33.63 -62.16
CA ILE A 463 25.29 -32.22 -61.93
C ILE A 463 26.27 -31.61 -60.93
N ARG A 464 26.63 -32.35 -59.87
CA ARG A 464 27.72 -31.91 -59.00
C ARG A 464 29.03 -31.82 -59.77
N ALA A 465 29.25 -32.74 -60.72
CA ALA A 465 30.44 -32.75 -61.57
C ALA A 465 30.40 -31.70 -62.67
N SER A 466 29.33 -30.92 -62.75
CA SER A 466 29.38 -29.73 -63.58
C SER A 466 29.98 -28.56 -62.80
N GLY A 467 30.31 -27.50 -63.53
CA GLY A 467 30.88 -26.31 -62.94
C GLY A 467 29.81 -25.43 -62.38
N LEU A 468 28.66 -26.05 -62.13
CA LEU A 468 27.56 -25.35 -61.49
C LEU A 468 27.80 -25.36 -59.99
N THR A 469 27.72 -24.17 -59.40
CA THR A 469 27.91 -24.01 -57.97
C THR A 469 26.57 -24.16 -57.25
N VAL A 470 26.66 -24.54 -55.97
CA VAL A 470 25.52 -24.56 -55.06
C VAL A 470 24.72 -23.28 -55.26
N SER A 471 25.40 -22.14 -55.26
CA SER A 471 24.74 -20.85 -55.48
C SER A 471 23.89 -20.86 -56.75
N GLN A 472 24.41 -21.26 -57.90
CA GLN A 472 23.58 -21.24 -59.09
C GLN A 472 22.61 -22.42 -59.17
N LEU A 473 23.02 -23.57 -58.68
CA LEU A 473 22.09 -24.69 -58.66
C LEU A 473 20.86 -24.36 -57.83
N VAL A 474 21.06 -24.17 -56.51
CA VAL A 474 19.97 -23.86 -55.59
C VAL A 474 19.15 -22.70 -56.10
N SER A 475 19.81 -21.62 -56.56
CA SER A 475 19.09 -20.44 -56.98
C SER A 475 18.25 -20.68 -58.23
N THR A 476 18.71 -21.55 -59.13
CA THR A 476 17.91 -21.78 -60.32
C THR A 476 16.69 -22.66 -60.00
N ALA A 477 16.87 -23.71 -59.22
CA ALA A 477 15.73 -24.48 -58.71
C ALA A 477 14.70 -23.55 -58.07
N TRP A 478 15.13 -22.74 -57.09
CA TRP A 478 14.20 -21.85 -56.40
C TRP A 478 13.51 -20.91 -57.37
N ALA A 479 14.27 -20.35 -58.31
CA ALA A 479 13.69 -19.45 -59.31
C ALA A 479 12.53 -20.11 -60.05
N ALA A 480 12.66 -21.39 -60.39
CA ALA A 480 11.59 -22.11 -61.09
C ALA A 480 10.44 -22.46 -60.15
N ALA A 481 10.72 -23.15 -59.05
CA ALA A 481 9.65 -23.59 -58.17
C ALA A 481 8.90 -22.39 -57.59
N SER A 482 9.63 -21.38 -57.12
CA SER A 482 8.99 -20.25 -56.46
C SER A 482 8.17 -19.41 -57.39
N SER A 483 7.94 -19.78 -58.65
CA SER A 483 7.03 -19.01 -59.49
C SER A 483 5.57 -19.38 -59.25
N PHE A 484 5.31 -20.40 -58.43
CA PHE A 484 3.95 -20.82 -58.07
C PHE A 484 3.33 -19.83 -57.10
N ARG A 485 2.11 -19.39 -57.37
CA ARG A 485 1.31 -18.71 -56.36
C ARG A 485 0.09 -19.56 -56.04
N GLY A 486 -0.17 -19.77 -54.75
CA GLY A 486 -1.28 -20.59 -54.31
C GLY A 486 -2.63 -19.93 -54.45
N SER A 487 -2.67 -18.67 -54.88
CA SER A 487 -3.95 -18.03 -55.08
C SER A 487 -4.71 -18.76 -56.18
N ASP A 488 -4.30 -18.61 -57.44
CA ASP A 488 -4.92 -19.31 -58.55
C ASP A 488 -4.15 -20.55 -58.99
N LYS A 489 -3.13 -20.96 -58.21
CA LYS A 489 -2.37 -22.19 -58.43
C LYS A 489 -1.66 -22.23 -59.79
N ARG A 490 -1.44 -21.07 -60.40
CA ARG A 490 -0.58 -20.99 -61.57
C ARG A 490 0.90 -21.02 -61.17
N GLY A 491 1.77 -21.30 -62.15
CA GLY A 491 3.19 -21.18 -61.97
C GLY A 491 3.83 -22.41 -61.35
N GLY A 492 5.12 -22.28 -61.09
CA GLY A 492 5.87 -23.40 -60.54
C GLY A 492 6.85 -23.96 -61.55
N ALA A 493 7.48 -25.07 -61.16
CA ALA A 493 8.63 -25.61 -61.87
C ALA A 493 8.26 -26.60 -62.97
N ASN A 494 7.10 -27.23 -62.90
CA ASN A 494 6.65 -28.07 -64.01
C ASN A 494 6.51 -27.23 -65.28
N GLY A 495 6.89 -27.82 -66.40
CA GLY A 495 6.93 -27.12 -67.66
C GLY A 495 8.32 -26.67 -68.08
N GLY A 496 9.29 -26.68 -67.18
CA GLY A 496 10.61 -26.15 -67.47
C GLY A 496 10.58 -24.77 -68.08
N ARG A 497 9.59 -23.95 -67.71
CA ARG A 497 9.43 -22.69 -68.39
C ARG A 497 10.45 -21.64 -67.96
N ILE A 498 11.42 -22.00 -67.12
CA ILE A 498 12.49 -21.06 -66.79
C ILE A 498 13.36 -20.74 -68.00
N ARG A 499 13.55 -21.71 -68.91
CA ARG A 499 14.31 -21.49 -70.13
C ARG A 499 13.50 -20.82 -71.22
N LEU A 500 12.22 -20.58 -71.01
CA LEU A 500 11.36 -19.97 -72.02
C LEU A 500 11.10 -18.50 -71.69
N GLN A 501 10.54 -17.79 -72.63
CA GLN A 501 10.14 -16.42 -72.42
C GLN A 501 8.76 -16.51 -71.76
N PRO A 502 8.38 -15.63 -70.83
CA PRO A 502 9.20 -14.51 -70.29
C PRO A 502 10.11 -14.86 -69.11
N GLN A 503 10.00 -16.03 -68.49
CA GLN A 503 10.70 -16.25 -67.23
C GLN A 503 12.20 -16.05 -67.36
N VAL A 504 12.76 -16.36 -68.53
CA VAL A 504 14.21 -16.48 -68.68
C VAL A 504 14.91 -15.13 -68.66
N GLY A 505 14.17 -14.03 -68.76
CA GLY A 505 14.75 -12.71 -68.67
C GLY A 505 14.10 -11.84 -67.60
N TRP A 506 13.48 -12.50 -66.63
CA TRP A 506 12.91 -11.81 -65.48
C TRP A 506 14.04 -11.27 -64.63
N GLU A 507 14.02 -9.95 -64.36
CA GLU A 507 15.10 -9.26 -63.68
C GLU A 507 15.57 -10.07 -62.47
N VAL A 508 14.66 -10.69 -61.79
CA VAL A 508 15.02 -11.46 -60.67
C VAL A 508 15.72 -12.73 -60.99
N ASN A 509 15.47 -13.28 -62.15
CA ASN A 509 15.97 -14.62 -62.46
C ASN A 509 17.39 -14.62 -62.97
N ASP A 510 17.70 -13.69 -63.83
CA ASP A 510 19.01 -13.58 -64.48
C ASP A 510 19.30 -12.13 -64.66
N PRO A 511 19.99 -11.56 -63.61
CA PRO A 511 20.30 -10.14 -63.79
C PRO A 511 21.39 -10.00 -64.85
N ASP A 512 21.16 -10.57 -66.02
CA ASP A 512 22.11 -10.46 -67.08
C ASP A 512 23.31 -11.34 -66.76
N GLY A 513 23.12 -12.64 -66.70
CA GLY A 513 24.22 -13.44 -66.32
C GLY A 513 24.16 -14.92 -66.15
N ASP A 514 24.55 -15.49 -65.03
CA ASP A 514 24.66 -16.89 -64.94
C ASP A 514 23.52 -17.91 -65.47
N LEU A 515 22.26 -17.50 -65.65
CA LEU A 515 21.14 -18.37 -65.99
C LEU A 515 21.28 -19.23 -67.16
N ARG A 516 21.45 -18.60 -68.30
CA ARG A 516 21.74 -19.25 -69.55
C ARG A 516 22.86 -20.26 -69.44
N LYS A 517 23.90 -20.02 -68.69
CA LYS A 517 24.93 -21.04 -68.54
C LYS A 517 24.38 -22.26 -67.81
N VAL A 518 23.64 -22.05 -66.72
CA VAL A 518 23.06 -23.18 -65.99
C VAL A 518 22.07 -23.92 -66.86
N ILE A 519 21.24 -23.16 -67.59
CA ILE A 519 20.33 -23.76 -68.57
C ILE A 519 21.12 -24.57 -69.60
N ARG A 520 22.02 -23.90 -70.33
CA ARG A 520 22.85 -24.60 -71.32
C ARG A 520 23.48 -25.86 -70.74
N THR A 521 24.08 -25.74 -69.54
CA THR A 521 24.75 -26.89 -68.93
C THR A 521 23.76 -28.01 -68.61
N LEU A 522 22.56 -27.66 -68.15
CA LEU A 522 21.65 -28.72 -67.71
C LEU A 522 21.06 -29.46 -68.90
N GLU A 523 20.81 -28.73 -70.00
CA GLU A 523 20.40 -29.32 -71.27
C GLU A 523 21.42 -30.32 -71.78
N GLU A 524 22.72 -29.99 -71.69
CA GLU A 524 23.77 -30.93 -72.06
C GLU A 524 23.64 -32.23 -71.28
N ILE A 525 23.49 -32.13 -69.96
CA ILE A 525 23.31 -33.33 -69.15
C ILE A 525 22.00 -34.05 -69.49
N GLN A 526 21.00 -33.33 -70.01
CA GLN A 526 19.80 -34.00 -70.49
C GLN A 526 20.16 -35.00 -71.58
N GLU A 527 20.86 -34.54 -72.63
CA GLU A 527 21.31 -35.43 -73.70
C GLU A 527 22.17 -36.56 -73.15
N SER A 528 23.25 -36.20 -72.45
CA SER A 528 24.20 -37.21 -71.97
C SER A 528 23.49 -38.34 -71.27
N PHE A 529 22.39 -38.05 -70.58
CA PHE A 529 21.64 -39.12 -69.96
C PHE A 529 20.64 -39.75 -70.93
N ASN A 530 20.00 -38.92 -71.77
CA ASN A 530 18.95 -39.38 -72.67
C ASN A 530 19.53 -40.12 -73.87
N SER A 531 20.47 -39.47 -74.56
CA SER A 531 21.16 -40.02 -75.73
C SER A 531 21.87 -41.34 -75.43
N ALA A 532 21.78 -41.82 -74.18
CA ALA A 532 22.46 -43.05 -73.81
C ALA A 532 21.67 -43.89 -72.80
N ALA A 533 20.38 -43.59 -72.60
CA ALA A 533 19.68 -43.94 -71.36
C ALA A 533 19.29 -45.43 -71.29
N PRO A 534 18.99 -45.92 -70.06
CA PRO A 534 18.52 -47.32 -69.88
C PRO A 534 17.09 -47.59 -70.34
N GLY A 535 16.93 -47.94 -71.62
CA GLY A 535 15.65 -48.40 -72.15
C GLY A 535 14.75 -47.24 -72.57
N ASN A 536 13.56 -47.19 -71.97
CA ASN A 536 12.57 -46.14 -72.23
C ASN A 536 12.70 -44.95 -71.29
N ILE A 537 13.68 -44.93 -70.39
CA ILE A 537 13.79 -43.84 -69.44
C ILE A 537 14.29 -42.58 -70.16
N LYS A 538 13.62 -41.46 -69.89
CA LYS A 538 14.13 -40.16 -70.29
C LYS A 538 13.93 -39.22 -69.11
N VAL A 539 14.40 -37.99 -69.27
CA VAL A 539 14.35 -36.99 -68.21
C VAL A 539 14.16 -35.63 -68.86
N SER A 540 13.34 -34.80 -68.23
CA SER A 540 13.04 -33.49 -68.76
C SER A 540 13.99 -32.44 -68.20
N PHE A 541 14.17 -31.38 -68.96
CA PHE A 541 14.87 -30.20 -68.46
C PHE A 541 14.26 -29.76 -67.14
N ALA A 542 12.94 -29.54 -67.13
CA ALA A 542 12.18 -29.20 -65.93
C ALA A 542 12.51 -30.05 -64.71
N ASP A 543 12.61 -31.38 -64.87
CA ASP A 543 12.93 -32.25 -63.72
C ASP A 543 14.38 -32.07 -63.25
N LEU A 544 15.29 -31.66 -64.15
CA LEU A 544 16.69 -31.48 -63.75
C LEU A 544 16.91 -30.16 -63.02
N VAL A 545 16.30 -29.08 -63.53
CA VAL A 545 16.29 -27.77 -62.89
C VAL A 545 16.01 -27.92 -61.41
N VAL A 546 15.05 -28.79 -61.06
CA VAL A 546 14.75 -29.05 -59.67
C VAL A 546 15.80 -29.94 -59.05
N LEU A 547 16.11 -31.07 -59.69
CA LEU A 547 17.06 -32.01 -59.08
C LEU A 547 18.44 -31.38 -58.90
N GLY A 548 18.81 -30.47 -59.79
CA GLY A 548 20.02 -29.68 -59.59
C GLY A 548 20.04 -29.07 -58.20
N GLY A 549 19.13 -28.13 -57.95
CA GLY A 549 18.96 -27.53 -56.64
C GLY A 549 18.99 -28.55 -55.50
N CYS A 550 18.35 -29.70 -55.71
CA CYS A 550 18.29 -30.74 -54.68
C CYS A 550 19.66 -31.27 -54.33
N ALA A 551 20.41 -31.77 -55.32
CA ALA A 551 21.70 -32.37 -55.04
C ALA A 551 22.67 -31.36 -54.44
N ALA A 552 22.60 -30.11 -54.90
CA ALA A 552 23.36 -29.04 -54.29
C ALA A 552 23.14 -29.00 -52.78
N ILE A 553 21.88 -29.10 -52.36
CA ILE A 553 21.59 -29.04 -50.94
C ILE A 553 22.19 -30.25 -50.23
N GLU A 554 22.30 -31.39 -50.94
CA GLU A 554 23.00 -32.54 -50.35
C GLU A 554 24.48 -32.24 -50.20
N LYS A 555 25.02 -31.45 -51.13
CA LYS A 555 26.43 -31.06 -51.09
C LYS A 555 26.69 -30.07 -49.96
N ALA A 556 25.90 -28.99 -49.92
CA ALA A 556 26.06 -27.95 -48.90
C ALA A 556 25.86 -28.51 -47.50
N ALA A 557 25.06 -29.57 -47.37
CA ALA A 557 24.86 -30.27 -46.11
C ALA A 557 26.06 -31.13 -45.73
N LYS A 558 26.72 -31.70 -46.74
CA LYS A 558 27.93 -32.47 -46.48
C LYS A 558 29.04 -31.57 -45.99
N ALA A 559 29.29 -30.47 -46.71
CA ALA A 559 30.26 -29.46 -46.28
C ALA A 559 30.02 -29.00 -44.84
N ALA A 560 28.77 -29.12 -44.34
CA ALA A 560 28.44 -28.82 -42.97
C ALA A 560 28.38 -30.08 -42.11
N GLY A 561 28.96 -31.17 -42.58
CA GLY A 561 29.11 -32.38 -41.78
C GLY A 561 27.86 -33.17 -41.48
N HIS A 562 26.83 -33.06 -42.30
CA HIS A 562 25.66 -33.88 -42.12
C HIS A 562 25.40 -34.55 -43.46
N ASN A 563 25.31 -35.88 -43.42
CA ASN A 563 25.03 -36.72 -44.59
C ASN A 563 23.52 -36.97 -44.65
N ILE A 564 22.86 -36.36 -45.65
CA ILE A 564 21.40 -36.39 -45.76
C ILE A 564 21.00 -36.47 -47.24
N THR A 565 19.74 -36.84 -47.46
CA THR A 565 19.21 -36.93 -48.82
C THR A 565 17.96 -36.09 -48.94
N VAL A 566 17.91 -35.28 -49.98
CA VAL A 566 16.79 -34.40 -50.27
C VAL A 566 15.80 -35.15 -51.16
N PRO A 567 14.55 -35.33 -50.76
CA PRO A 567 13.58 -36.01 -51.63
C PRO A 567 13.42 -35.32 -52.98
N PHE A 568 13.13 -36.13 -53.99
CA PHE A 568 12.87 -35.58 -55.31
C PHE A 568 11.85 -36.48 -55.97
N THR A 569 10.87 -35.86 -56.62
CA THR A 569 9.76 -36.60 -57.22
C THR A 569 9.75 -36.36 -58.73
N PRO A 570 10.11 -37.34 -59.54
CA PRO A 570 10.17 -37.12 -60.99
C PRO A 570 8.77 -36.99 -61.55
N GLY A 571 8.69 -36.56 -62.82
CA GLY A 571 7.39 -36.46 -63.45
C GLY A 571 7.16 -35.18 -64.22
N ARG A 572 7.97 -34.17 -63.95
CA ARG A 572 7.79 -32.92 -64.68
C ARG A 572 8.16 -33.16 -66.14
N THR A 573 7.63 -32.30 -67.01
CA THR A 573 7.78 -32.42 -68.46
C THR A 573 7.97 -31.02 -69.01
N ASP A 574 8.62 -30.92 -70.18
CA ASP A 574 8.96 -29.63 -70.77
C ASP A 574 7.86 -29.15 -71.71
N ALA A 575 7.41 -27.91 -71.52
CA ALA A 575 6.52 -27.29 -72.49
C ALA A 575 7.31 -26.50 -73.53
N SER A 576 6.67 -26.23 -74.66
CA SER A 576 7.29 -25.43 -75.70
C SER A 576 6.97 -23.97 -75.48
N GLN A 577 7.74 -23.11 -76.16
CA GLN A 577 7.39 -21.69 -76.16
C GLN A 577 5.99 -21.47 -76.71
N GLU A 578 5.56 -22.32 -77.66
CA GLU A 578 4.27 -22.20 -78.32
C GLU A 578 3.12 -22.50 -77.36
N GLN A 579 3.41 -23.30 -76.33
CA GLN A 579 2.51 -23.57 -75.22
C GLN A 579 2.69 -22.60 -74.05
N THR A 580 3.17 -21.38 -74.29
CA THR A 580 3.46 -20.45 -73.20
C THR A 580 2.95 -19.06 -73.58
N ASP A 581 1.72 -18.76 -73.16
CA ASP A 581 1.13 -17.44 -73.42
C ASP A 581 2.00 -16.41 -72.71
N VAL A 582 2.84 -15.72 -73.50
CA VAL A 582 3.88 -14.87 -72.93
C VAL A 582 3.28 -13.78 -72.05
N GLU A 583 2.18 -13.18 -72.50
CA GLU A 583 1.51 -12.14 -71.71
C GLU A 583 0.92 -12.69 -70.43
N SER A 584 0.29 -13.87 -70.50
CA SER A 584 -0.29 -14.48 -69.30
C SER A 584 0.77 -14.66 -68.23
N PHE A 585 1.98 -15.01 -68.64
CA PHE A 585 3.02 -15.24 -67.65
C PHE A 585 3.62 -13.95 -67.11
N ALA A 586 3.23 -12.79 -67.66
CA ALA A 586 3.77 -11.53 -67.18
C ALA A 586 3.35 -11.24 -65.74
N VAL A 587 2.10 -11.58 -65.38
CA VAL A 587 1.62 -11.27 -64.04
C VAL A 587 2.31 -12.12 -62.98
N LEU A 588 3.03 -13.13 -63.40
CA LEU A 588 3.74 -13.98 -62.49
C LEU A 588 5.16 -13.52 -62.23
N GLU A 589 5.53 -12.36 -62.70
CA GLU A 589 6.88 -11.90 -62.45
C GLU A 589 6.96 -11.27 -61.05
N PRO A 590 7.83 -11.77 -60.18
CA PRO A 590 8.09 -11.11 -58.90
C PRO A 590 8.64 -9.70 -59.08
N LYS A 591 7.86 -8.70 -58.65
CA LYS A 591 8.43 -7.40 -58.32
C LYS A 591 9.15 -7.43 -56.99
N ALA A 592 9.19 -8.59 -56.32
CA ALA A 592 9.71 -8.74 -54.97
C ALA A 592 9.81 -10.22 -54.60
N ASP A 593 10.95 -10.61 -54.03
CA ASP A 593 11.13 -11.95 -53.47
C ASP A 593 12.14 -11.86 -52.33
N GLY A 594 11.65 -11.75 -51.10
CA GLY A 594 12.53 -11.69 -49.95
C GLY A 594 13.45 -12.89 -49.83
N PHE A 595 13.03 -14.05 -50.36
CA PHE A 595 13.88 -15.22 -50.22
C PHE A 595 15.14 -15.15 -51.06
N ARG A 596 15.23 -14.20 -51.99
CA ARG A 596 16.43 -13.96 -52.79
C ARG A 596 16.94 -12.54 -52.57
N ASN A 597 16.46 -11.92 -51.51
CA ASN A 597 16.76 -10.55 -51.20
C ASN A 597 16.61 -9.63 -52.38
N TYR A 598 15.58 -9.82 -53.19
CA TYR A 598 15.34 -8.99 -54.37
C TYR A 598 14.18 -8.07 -54.09
N LEU A 599 14.33 -6.80 -54.47
CA LEU A 599 13.31 -5.80 -54.17
C LEU A 599 13.22 -4.78 -55.32
N GLY A 600 12.48 -5.16 -56.36
CA GLY A 600 12.23 -4.27 -57.46
C GLY A 600 11.40 -3.07 -57.04
N LYS A 601 11.08 -2.28 -58.04
CA LYS A 601 10.28 -1.09 -57.81
C LYS A 601 8.80 -1.43 -58.00
N GLY A 602 7.96 -0.50 -57.57
CA GLY A 602 6.53 -0.62 -57.76
C GLY A 602 5.78 -1.31 -56.64
N ASN A 603 6.48 -1.84 -55.63
CA ASN A 603 5.82 -2.64 -54.61
C ASN A 603 4.99 -1.75 -53.70
N PRO A 604 3.79 -2.19 -53.32
CA PRO A 604 2.90 -1.32 -52.54
C PRO A 604 3.28 -1.18 -51.07
N LEU A 605 4.25 -1.92 -50.55
CA LEU A 605 4.52 -1.95 -49.11
C LEU A 605 6.00 -2.17 -48.90
N PRO A 606 6.54 -1.78 -47.75
CA PRO A 606 7.96 -2.01 -47.48
C PRO A 606 8.33 -3.48 -47.55
N ALA A 607 9.63 -3.72 -47.67
CA ALA A 607 10.16 -5.02 -48.04
C ALA A 607 9.60 -6.15 -47.19
N GLU A 608 9.59 -5.95 -45.86
CA GLU A 608 9.20 -7.05 -44.97
C GLU A 608 7.74 -7.48 -45.18
N TYR A 609 6.88 -6.57 -45.61
CA TYR A 609 5.51 -6.96 -45.92
C TYR A 609 5.46 -7.73 -47.22
N MET A 610 6.28 -7.33 -48.19
CA MET A 610 6.38 -8.08 -49.43
C MET A 610 6.91 -9.48 -49.16
N LEU A 611 7.75 -9.63 -48.13
CA LEU A 611 8.25 -10.95 -47.76
C LEU A 611 7.13 -11.85 -47.27
N LEU A 612 6.28 -11.36 -46.37
CA LEU A 612 5.20 -12.21 -45.86
C LEU A 612 4.22 -12.55 -46.96
N ASP A 613 3.88 -11.55 -47.79
CA ASP A 613 2.93 -11.77 -48.88
C ASP A 613 3.43 -12.83 -49.86
N LYS A 614 4.74 -12.82 -50.16
CA LYS A 614 5.31 -13.85 -51.01
C LYS A 614 5.30 -15.21 -50.32
N ALA A 615 5.51 -15.24 -49.01
CA ALA A 615 5.46 -16.54 -48.33
C ALA A 615 4.04 -17.08 -48.30
N ASN A 616 3.04 -16.19 -48.27
CA ASN A 616 1.65 -16.63 -48.32
C ASN A 616 1.32 -17.19 -49.70
N LEU A 617 1.80 -16.52 -50.75
CA LEU A 617 1.61 -17.04 -52.10
C LEU A 617 2.29 -18.39 -52.29
N LEU A 618 3.34 -18.69 -51.52
CA LEU A 618 3.95 -20.02 -51.59
C LEU A 618 3.36 -21.02 -50.60
N THR A 619 2.28 -20.66 -49.90
CA THR A 619 1.59 -21.52 -48.93
C THR A 619 2.48 -21.87 -47.73
N LEU A 620 3.46 -21.03 -47.40
CA LEU A 620 4.38 -21.38 -46.33
C LEU A 620 3.90 -20.84 -44.99
N SER A 621 4.10 -21.64 -43.96
CA SER A 621 3.90 -21.16 -42.60
C SER A 621 5.01 -20.18 -42.24
N ALA A 622 4.87 -19.56 -41.07
CA ALA A 622 5.94 -18.69 -40.57
C ALA A 622 7.20 -19.51 -40.26
N PRO A 623 7.08 -20.69 -39.64
CA PRO A 623 8.30 -21.49 -39.44
C PRO A 623 8.95 -21.93 -40.74
N GLU A 624 8.17 -22.13 -41.80
CA GLU A 624 8.72 -22.53 -43.08
C GLU A 624 9.44 -21.37 -43.76
N MET A 625 8.82 -20.20 -43.79
CA MET A 625 9.48 -19.00 -44.30
C MET A 625 10.80 -18.77 -43.58
N THR A 626 10.81 -18.95 -42.26
CA THR A 626 11.99 -18.64 -41.48
C THR A 626 13.16 -19.55 -41.84
N VAL A 627 12.96 -20.87 -41.81
CA VAL A 627 14.04 -21.80 -42.18
C VAL A 627 14.48 -21.58 -43.61
N LEU A 628 13.55 -21.26 -44.50
CA LEU A 628 13.90 -21.08 -45.89
C LEU A 628 14.79 -19.86 -46.06
N VAL A 629 14.43 -18.74 -45.43
CA VAL A 629 15.26 -17.55 -45.58
C VAL A 629 16.66 -17.82 -45.02
N GLY A 630 16.73 -18.41 -43.84
CA GLY A 630 18.03 -18.67 -43.24
C GLY A 630 18.89 -19.55 -44.10
N GLY A 631 18.28 -20.56 -44.73
CA GLY A 631 18.99 -21.57 -45.48
C GLY A 631 19.47 -21.07 -46.82
N LEU A 632 18.60 -20.35 -47.54
CA LEU A 632 18.97 -19.88 -48.88
C LEU A 632 20.04 -18.80 -48.80
N ARG A 633 19.94 -17.93 -47.79
CA ARG A 633 20.96 -16.93 -47.51
C ARG A 633 22.35 -17.55 -47.57
N VAL A 634 22.56 -18.63 -46.83
CA VAL A 634 23.87 -19.25 -46.67
C VAL A 634 24.19 -20.19 -47.81
N LEU A 635 23.35 -20.21 -48.85
CA LEU A 635 23.65 -20.97 -50.04
C LEU A 635 23.90 -20.08 -51.25
N GLY A 636 23.87 -18.77 -51.07
CA GLY A 636 24.06 -17.88 -52.20
C GLY A 636 22.84 -17.75 -53.08
N ALA A 637 21.65 -17.99 -52.53
CA ALA A 637 20.43 -17.84 -53.31
C ALA A 637 20.18 -16.39 -53.71
N ASN A 638 20.97 -15.48 -53.20
CA ASN A 638 20.62 -14.07 -53.27
C ASN A 638 20.73 -13.51 -54.69
N TYR A 639 19.78 -12.65 -55.03
CA TYR A 639 19.84 -11.88 -56.26
C TYR A 639 21.18 -11.16 -56.35
N LYS A 640 21.86 -11.36 -57.49
CA LYS A 640 23.20 -10.82 -57.77
C LYS A 640 24.24 -11.27 -56.74
N ARG A 641 24.01 -12.42 -56.12
CA ARG A 641 24.91 -13.00 -55.12
C ARG A 641 25.28 -12.01 -54.03
N LEU A 642 24.40 -11.04 -53.76
CA LEU A 642 24.64 -9.94 -52.82
C LEU A 642 24.98 -10.44 -51.42
N PRO A 643 25.76 -9.66 -50.64
CA PRO A 643 26.18 -10.13 -49.30
C PRO A 643 25.18 -9.85 -48.19
N LEU A 644 24.04 -9.23 -48.50
CA LEU A 644 23.04 -8.90 -47.49
C LEU A 644 22.49 -10.16 -46.84
N GLY A 645 22.64 -10.24 -45.52
CA GLY A 645 22.08 -11.34 -44.76
C GLY A 645 22.89 -12.62 -44.79
N VAL A 646 24.02 -12.65 -45.49
CA VAL A 646 24.76 -13.89 -45.64
C VAL A 646 25.67 -14.08 -44.41
N PHE A 647 25.05 -14.27 -43.26
CA PHE A 647 25.73 -14.22 -41.97
C PHE A 647 26.47 -15.52 -41.67
N THR A 648 27.46 -15.79 -42.49
CA THR A 648 28.24 -16.97 -42.33
C THR A 648 29.62 -16.75 -42.87
N GLU A 649 30.54 -17.52 -42.35
CA GLU A 649 31.89 -17.42 -42.76
C GLU A 649 32.10 -18.46 -43.81
N ALA A 650 31.16 -19.38 -43.92
CA ALA A 650 31.34 -20.55 -44.75
C ALA A 650 30.84 -20.31 -46.18
N SER A 651 31.55 -20.96 -47.11
CA SER A 651 31.18 -21.00 -48.51
C SER A 651 30.32 -22.24 -48.74
N GLU A 652 29.09 -22.02 -49.22
CA GLU A 652 28.16 -23.10 -49.61
C GLU A 652 28.12 -24.23 -48.58
N SER A 653 28.00 -23.86 -47.32
CA SER A 653 27.75 -24.80 -46.25
C SER A 653 26.35 -24.52 -45.73
N LEU A 654 25.66 -25.58 -45.31
CA LEU A 654 24.26 -25.42 -44.89
C LEU A 654 24.23 -25.56 -43.37
N THR A 655 24.46 -24.45 -42.70
CA THR A 655 24.43 -24.32 -41.26
C THR A 655 23.29 -23.39 -40.87
N ASN A 656 23.11 -23.22 -39.57
CA ASN A 656 22.18 -22.24 -39.04
C ASN A 656 22.85 -20.90 -38.73
N ASP A 657 24.02 -20.62 -39.32
CA ASP A 657 24.77 -19.40 -38.98
C ASP A 657 23.90 -18.16 -39.06
N PHE A 658 23.00 -18.10 -40.05
CA PHE A 658 22.10 -16.96 -40.18
C PHE A 658 21.35 -16.69 -38.89
N PHE A 659 20.99 -17.75 -38.16
CA PHE A 659 20.19 -17.54 -36.98
C PHE A 659 21.07 -17.18 -35.79
N VAL A 660 22.14 -17.96 -35.59
CA VAL A 660 23.11 -17.67 -34.54
C VAL A 660 23.59 -16.22 -34.65
N ASN A 661 24.05 -15.82 -35.83
CA ASN A 661 24.59 -14.48 -35.94
C ASN A 661 23.51 -13.42 -35.78
N LEU A 662 22.29 -13.70 -36.25
CA LEU A 662 21.21 -12.74 -36.08
C LEU A 662 21.02 -12.37 -34.61
N LEU A 663 21.12 -13.34 -33.71
CA LEU A 663 20.91 -13.17 -32.28
C LEU A 663 22.18 -12.77 -31.53
N ASP A 664 23.24 -12.37 -32.23
CA ASP A 664 24.53 -12.05 -31.61
C ASP A 664 24.47 -10.63 -31.08
N MET A 665 24.34 -10.50 -29.75
CA MET A 665 24.34 -9.17 -29.15
C MET A 665 25.66 -8.43 -29.34
N GLY A 666 26.75 -9.13 -29.65
CA GLY A 666 28.02 -8.48 -29.94
C GLY A 666 28.01 -7.59 -31.17
N ILE A 667 26.97 -7.68 -31.99
CA ILE A 667 26.86 -6.92 -33.23
C ILE A 667 25.90 -5.76 -33.04
N THR A 668 26.24 -4.61 -33.61
CA THR A 668 25.44 -3.40 -33.49
C THR A 668 24.99 -2.96 -34.88
N TRP A 669 23.70 -2.75 -35.05
CA TRP A 669 23.12 -2.47 -36.36
C TRP A 669 22.72 -1.00 -36.45
N GLU A 670 22.99 -0.37 -37.58
CA GLU A 670 22.44 0.93 -37.94
C GLU A 670 22.26 0.99 -39.44
N PRO A 671 21.40 1.88 -39.94
CA PRO A 671 21.23 2.00 -41.40
C PRO A 671 22.51 2.48 -42.06
N SER A 672 22.83 1.88 -43.22
CA SER A 672 23.97 2.35 -44.00
C SER A 672 23.85 3.85 -44.21
N PRO A 673 24.94 4.61 -44.03
CA PRO A 673 24.90 6.04 -44.39
C PRO A 673 24.27 6.27 -45.74
N ALA A 674 24.53 5.42 -46.67
CA ALA A 674 24.03 5.56 -47.96
C ALA A 674 22.60 5.77 -48.20
N ASP A 675 21.76 5.59 -47.25
CA ASP A 675 20.34 5.47 -47.45
C ASP A 675 20.00 4.45 -48.48
N ASP A 676 20.58 3.33 -48.40
CA ASP A 676 20.41 2.31 -49.31
C ASP A 676 19.20 1.46 -49.12
N GLY A 677 18.70 1.38 -47.93
CA GLY A 677 17.76 0.42 -47.59
C GLY A 677 18.53 -0.74 -47.09
N THR A 678 19.78 -0.59 -46.69
CA THR A 678 20.62 -1.57 -46.10
C THR A 678 21.13 -1.16 -44.78
N TYR A 679 21.67 -2.06 -44.04
CA TYR A 679 22.17 -1.82 -42.70
C TYR A 679 23.56 -2.43 -42.57
N GLN A 680 24.42 -1.79 -41.77
CA GLN A 680 25.70 -2.40 -41.38
C GLN A 680 25.62 -2.91 -39.94
N GLY A 681 26.25 -4.06 -39.69
CA GLY A 681 26.37 -4.57 -38.35
C GLY A 681 27.81 -4.66 -37.89
N LYS A 682 28.19 -3.84 -36.89
CA LYS A 682 29.58 -3.65 -36.49
C LYS A 682 29.89 -4.48 -35.25
N ASP A 683 31.09 -5.09 -35.25
CA ASP A 683 31.59 -5.80 -34.06
C ASP A 683 32.09 -4.77 -33.04
N GLY A 684 32.70 -5.25 -31.95
CA GLY A 684 33.21 -4.32 -30.95
C GLY A 684 34.16 -3.30 -31.55
N SER A 685 35.11 -3.78 -32.37
CA SER A 685 36.14 -2.94 -32.96
C SER A 685 35.61 -1.95 -33.99
N GLY A 686 34.30 -1.67 -33.96
CA GLY A 686 33.70 -0.75 -34.90
C GLY A 686 33.77 -1.15 -36.36
N LYS A 687 34.25 -2.36 -36.65
CA LYS A 687 34.36 -2.82 -38.02
C LYS A 687 33.00 -3.37 -38.49
N VAL A 688 32.57 -2.96 -39.69
CA VAL A 688 31.43 -3.64 -40.31
C VAL A 688 31.78 -5.11 -40.48
N LYS A 689 31.03 -5.99 -39.81
CA LYS A 689 31.17 -7.43 -40.02
C LYS A 689 30.02 -8.04 -40.81
N TRP A 690 28.83 -7.45 -40.77
CA TRP A 690 27.74 -7.92 -41.61
C TRP A 690 27.04 -6.74 -42.24
N THR A 691 26.30 -7.04 -43.31
CA THR A 691 25.35 -6.10 -43.89
C THR A 691 24.02 -6.83 -44.09
N GLY A 692 22.94 -6.07 -44.21
CA GLY A 692 21.64 -6.69 -44.36
C GLY A 692 20.60 -5.73 -44.87
N SER A 693 19.49 -6.29 -45.33
CA SER A 693 18.35 -5.50 -45.75
C SER A 693 17.28 -5.52 -44.65
N ARG A 694 16.20 -4.77 -44.89
CA ARG A 694 15.03 -4.85 -44.03
C ARG A 694 14.54 -6.29 -43.87
N VAL A 695 14.55 -7.06 -44.96
CA VAL A 695 14.03 -8.42 -44.90
C VAL A 695 14.88 -9.27 -43.96
N ASP A 696 16.20 -9.07 -43.94
CA ASP A 696 17.06 -9.85 -43.04
C ASP A 696 16.87 -9.44 -41.57
N LEU A 697 16.80 -8.13 -41.31
CA LEU A 697 16.75 -7.67 -39.92
C LEU A 697 15.37 -7.87 -39.30
N VAL A 698 14.30 -7.95 -40.12
CA VAL A 698 12.97 -8.16 -39.56
C VAL A 698 12.92 -9.47 -38.78
N PHE A 699 13.78 -10.43 -39.12
CA PHE A 699 13.79 -11.69 -38.38
C PHE A 699 14.39 -11.54 -36.98
N GLY A 700 15.20 -10.51 -36.76
CA GLY A 700 15.73 -10.19 -35.46
C GLY A 700 15.01 -9.07 -34.72
N SER A 701 14.00 -8.45 -35.33
CA SER A 701 13.34 -7.28 -34.78
C SER A 701 11.89 -7.52 -34.41
N ASN A 702 11.19 -8.32 -35.20
CA ASN A 702 9.79 -8.65 -34.99
C ASN A 702 9.70 -9.67 -33.87
N SER A 703 8.83 -9.41 -32.89
CA SER A 703 8.87 -10.23 -31.67
C SER A 703 8.51 -11.68 -31.95
N GLU A 704 7.67 -11.93 -32.96
CA GLU A 704 7.27 -13.29 -33.25
C GLU A 704 8.27 -13.99 -34.16
N LEU A 705 8.85 -13.26 -35.13
CA LEU A 705 9.87 -13.87 -35.98
C LEU A 705 11.10 -14.24 -35.17
N ARG A 706 11.52 -13.35 -34.26
CA ARG A 706 12.69 -13.60 -33.44
C ARG A 706 12.50 -14.82 -32.56
N ALA A 707 11.27 -15.05 -32.09
CA ALA A 707 10.99 -16.29 -31.35
C ALA A 707 11.36 -17.52 -32.19
N LEU A 708 11.04 -17.49 -33.49
CA LEU A 708 11.38 -18.62 -34.34
C LEU A 708 12.88 -18.72 -34.52
N VAL A 709 13.54 -17.57 -34.72
CA VAL A 709 14.99 -17.54 -34.90
C VAL A 709 15.69 -18.19 -33.70
N GLU A 710 15.21 -17.89 -32.50
CA GLU A 710 15.81 -18.45 -31.28
C GLU A 710 15.61 -19.94 -31.16
N VAL A 711 14.57 -20.51 -31.78
CA VAL A 711 14.48 -21.97 -31.90
C VAL A 711 15.67 -22.50 -32.70
N TYR A 712 15.91 -21.91 -33.86
CA TYR A 712 16.87 -22.42 -34.83
C TYR A 712 18.29 -21.96 -34.59
N GLY A 713 18.48 -20.87 -33.82
CA GLY A 713 19.81 -20.40 -33.45
C GLY A 713 20.42 -21.05 -32.25
N ALA A 714 19.71 -22.00 -31.63
CA ALA A 714 20.18 -22.55 -30.37
C ALA A 714 21.22 -23.64 -30.63
N ASP A 715 21.89 -24.04 -29.55
CA ASP A 715 23.03 -24.94 -29.66
C ASP A 715 22.61 -26.30 -30.22
N ASP A 716 21.46 -26.81 -29.77
CA ASP A 716 21.02 -28.16 -30.06
C ASP A 716 20.15 -28.24 -31.32
N ALA A 717 20.13 -27.19 -32.14
CA ALA A 717 19.14 -27.04 -33.20
C ALA A 717 19.67 -27.37 -34.59
N GLN A 718 20.95 -27.71 -34.75
CA GLN A 718 21.46 -27.88 -36.11
C GLN A 718 20.80 -29.03 -36.85
N PRO A 719 20.73 -30.25 -36.32
CA PRO A 719 20.00 -31.29 -37.06
C PRO A 719 18.58 -30.86 -37.41
N LYS A 720 17.82 -30.38 -36.43
CA LYS A 720 16.42 -30.03 -36.69
C LYS A 720 16.30 -28.97 -37.79
N PHE A 721 17.19 -27.97 -37.79
CA PHE A 721 17.13 -26.94 -38.83
C PHE A 721 17.32 -27.54 -40.21
N VAL A 722 18.32 -28.39 -40.38
CA VAL A 722 18.54 -29.00 -41.69
C VAL A 722 17.30 -29.75 -42.11
N GLN A 723 16.77 -30.58 -41.22
CA GLN A 723 15.55 -31.35 -41.48
C GLN A 723 14.42 -30.45 -41.95
N ASP A 724 14.06 -29.43 -41.14
CA ASP A 724 12.97 -28.55 -41.54
C ASP A 724 13.30 -27.79 -42.80
N PHE A 725 14.57 -27.45 -43.02
CA PHE A 725 14.92 -26.77 -44.27
C PHE A 725 14.60 -27.67 -45.46
N VAL A 726 15.07 -28.92 -45.42
CA VAL A 726 14.81 -29.86 -46.51
C VAL A 726 13.30 -30.05 -46.70
N ALA A 727 12.56 -30.34 -45.61
CA ALA A 727 11.11 -30.55 -45.70
C ALA A 727 10.41 -29.34 -46.32
N ALA A 728 10.83 -28.13 -45.92
CA ALA A 728 10.26 -26.91 -46.54
C ALA A 728 10.73 -26.73 -47.96
N TRP A 729 11.97 -27.16 -48.25
CA TRP A 729 12.49 -27.09 -49.62
C TRP A 729 11.69 -28.01 -50.53
N ASP A 730 11.56 -29.28 -50.12
CA ASP A 730 10.69 -30.25 -50.78
C ASP A 730 9.33 -29.64 -51.08
N LYS A 731 8.75 -28.97 -50.09
CA LYS A 731 7.41 -28.42 -50.26
C LYS A 731 7.37 -27.41 -51.39
N VAL A 732 8.36 -26.51 -51.46
CA VAL A 732 8.28 -25.51 -52.50
C VAL A 732 8.55 -26.15 -53.85
N MET A 733 9.41 -27.17 -53.87
CA MET A 733 9.69 -27.90 -55.11
C MET A 733 8.42 -28.52 -55.68
N ASN A 734 7.50 -28.92 -54.81
CA ASN A 734 6.36 -29.75 -55.20
C ASN A 734 5.06 -28.97 -55.28
N LEU A 735 5.11 -27.63 -55.31
CA LEU A 735 3.89 -26.87 -55.12
C LEU A 735 2.87 -27.12 -56.23
N ASP A 736 3.33 -27.27 -57.47
CA ASP A 736 2.43 -27.43 -58.61
C ASP A 736 2.15 -28.89 -58.95
N ARG A 737 2.74 -29.84 -58.21
CA ARG A 737 2.75 -31.26 -58.55
C ARG A 737 1.43 -31.95 -58.17
N PHE A 738 0.34 -31.41 -58.70
CA PHE A 738 -0.94 -32.00 -58.40
C PHE A 738 -1.10 -33.34 -59.11
N ASP A 739 -0.31 -33.56 -60.17
CA ASP A 739 -0.32 -34.77 -61.00
C ASP A 739 0.15 -36.01 -60.24
N VAL A 740 0.81 -35.84 -59.09
CA VAL A 740 1.27 -36.96 -58.29
C VAL A 740 0.56 -37.09 -56.94
N ARG A 741 -0.25 -36.12 -56.55
CA ARG A 741 -0.98 -36.27 -55.28
C ARG A 741 -2.51 -36.15 -55.42
N GLY B 25 -10.89 7.06 -42.43
CA GLY B 25 -9.99 5.92 -42.30
C GLY B 25 -9.77 5.26 -43.65
N HIS B 26 -8.92 4.22 -43.68
CA HIS B 26 -8.56 3.58 -44.94
C HIS B 26 -8.31 2.09 -44.74
N MET B 27 -8.87 1.28 -45.61
CA MET B 27 -8.68 -0.15 -45.51
C MET B 27 -7.26 -0.50 -45.92
N LYS B 28 -6.64 -1.43 -45.20
CA LYS B 28 -5.26 -1.81 -45.35
C LYS B 28 -5.11 -3.22 -45.92
N TYR B 29 -3.90 -3.49 -46.42
CA TYR B 29 -3.55 -4.83 -46.89
C TYR B 29 -3.65 -5.83 -45.74
N PRO B 30 -4.15 -7.04 -45.99
CA PRO B 30 -4.18 -8.04 -44.90
C PRO B 30 -2.84 -8.23 -44.21
N VAL B 31 -1.73 -8.14 -44.96
CA VAL B 31 -0.41 -8.28 -44.36
C VAL B 31 -0.10 -7.10 -43.43
N GLU B 32 -0.87 -6.01 -43.53
CA GLU B 32 -0.75 -4.87 -42.64
C GLU B 32 -2.02 -4.71 -41.80
N GLY B 33 -2.73 -5.81 -41.58
CA GLY B 33 -3.82 -5.85 -40.64
C GLY B 33 -5.21 -5.63 -41.19
N GLY B 34 -5.38 -5.55 -42.50
CA GLY B 34 -6.70 -5.42 -43.04
C GLY B 34 -7.53 -6.67 -42.84
N GLY B 35 -8.83 -6.50 -42.77
CA GLY B 35 -9.70 -7.64 -42.53
C GLY B 35 -11.15 -7.23 -42.38
N ASN B 36 -11.99 -8.24 -42.21
CA ASN B 36 -13.44 -8.00 -42.14
C ASN B 36 -13.85 -7.20 -40.89
N GLN B 37 -13.04 -7.20 -39.83
CA GLN B 37 -13.34 -6.38 -38.67
C GLN B 37 -13.47 -4.90 -39.03
N ASP B 38 -12.74 -4.44 -40.05
CA ASP B 38 -12.80 -3.02 -40.39
C ASP B 38 -14.15 -2.63 -40.98
N TRP B 39 -14.81 -3.55 -41.70
CA TRP B 39 -16.15 -3.25 -42.22
C TRP B 39 -17.25 -3.53 -41.21
N TRP B 40 -17.00 -4.38 -40.22
CA TRP B 40 -18.01 -4.76 -39.23
C TRP B 40 -17.34 -4.75 -37.86
N PRO B 41 -17.23 -3.56 -37.24
CA PRO B 41 -16.31 -3.39 -36.11
C PRO B 41 -16.61 -4.22 -34.88
N ASN B 42 -17.86 -4.52 -34.62
CA ASN B 42 -18.22 -5.30 -33.44
C ASN B 42 -18.41 -6.77 -33.76
N ARG B 43 -17.94 -7.19 -34.93
CA ARG B 43 -18.03 -8.58 -35.39
C ARG B 43 -17.50 -9.57 -34.37
N LEU B 44 -18.33 -10.56 -34.03
CA LEU B 44 -17.85 -11.77 -33.38
C LEU B 44 -16.58 -12.23 -34.07
N ASN B 45 -15.52 -12.43 -33.30
CA ASN B 45 -14.21 -12.75 -33.87
C ASN B 45 -13.85 -14.17 -33.47
N LEU B 46 -14.07 -15.13 -34.38
CA LEU B 46 -13.78 -16.52 -34.09
C LEU B 46 -12.30 -16.81 -34.00
N LYS B 47 -11.43 -15.86 -34.30
CA LYS B 47 -10.02 -16.24 -34.18
C LYS B 47 -9.60 -16.48 -32.74
N VAL B 48 -10.45 -16.16 -31.76
CA VAL B 48 -10.14 -16.57 -30.40
C VAL B 48 -10.29 -18.06 -30.19
N LEU B 49 -10.90 -18.79 -31.14
CA LEU B 49 -11.02 -20.24 -31.02
C LEU B 49 -9.90 -20.99 -31.74
N HIS B 50 -8.90 -20.30 -32.30
CA HIS B 50 -7.71 -20.99 -32.81
C HIS B 50 -6.46 -20.18 -32.47
N GLN B 51 -6.26 -19.91 -31.19
CA GLN B 51 -5.01 -19.27 -30.81
C GLN B 51 -3.86 -20.25 -30.85
N ASN B 52 -2.71 -19.74 -31.21
CA ASN B 52 -1.51 -20.55 -31.18
C ASN B 52 -1.72 -21.75 -32.08
N PRO B 53 -2.07 -21.55 -33.34
CA PRO B 53 -2.43 -22.69 -34.19
C PRO B 53 -1.20 -23.51 -34.52
N ALA B 54 -1.41 -24.83 -34.63
CA ALA B 54 -0.29 -25.75 -34.84
C ALA B 54 0.61 -25.33 -36.00
N VAL B 55 0.05 -24.76 -37.06
CA VAL B 55 0.89 -24.40 -38.20
C VAL B 55 1.90 -23.32 -37.83
N ALA B 56 1.63 -22.51 -36.81
CA ALA B 56 2.58 -21.46 -36.43
C ALA B 56 3.65 -21.96 -35.45
N ASP B 57 3.52 -23.19 -34.96
CA ASP B 57 4.43 -23.72 -33.95
C ASP B 57 5.60 -24.44 -34.63
N PRO B 58 6.84 -24.04 -34.34
CA PRO B 58 7.98 -24.58 -35.07
C PRO B 58 8.41 -25.98 -34.66
N MET B 59 7.92 -26.54 -33.56
CA MET B 59 8.37 -27.86 -33.16
C MET B 59 7.47 -28.92 -33.83
N GLY B 60 8.00 -30.15 -33.87
CA GLY B 60 7.21 -31.25 -34.43
C GLY B 60 5.95 -31.51 -33.63
N ALA B 61 5.07 -32.32 -34.23
CA ALA B 61 3.87 -32.74 -33.52
C ALA B 61 4.19 -33.65 -32.35
N ALA B 62 5.32 -34.35 -32.40
CA ALA B 62 5.70 -35.22 -31.29
C ALA B 62 6.33 -34.48 -30.13
N PHE B 63 6.40 -33.15 -30.16
CA PHE B 63 7.25 -32.44 -29.23
C PHE B 63 6.54 -32.32 -27.89
N ASP B 64 7.20 -32.76 -26.83
CA ASP B 64 6.60 -32.82 -25.51
C ASP B 64 7.56 -32.06 -24.58
N TYR B 65 7.26 -30.78 -24.34
CA TYR B 65 8.16 -29.96 -23.53
C TYR B 65 8.42 -30.62 -22.18
N ALA B 66 7.36 -31.07 -21.52
CA ALA B 66 7.51 -31.71 -20.22
C ALA B 66 8.58 -32.81 -20.27
N ALA B 67 8.64 -33.54 -21.39
CA ALA B 67 9.64 -34.59 -21.50
C ALA B 67 11.04 -34.00 -21.62
N GLU B 68 11.18 -32.88 -22.32
CA GLU B 68 12.51 -32.31 -22.49
C GLU B 68 13.00 -31.71 -21.18
N VAL B 69 12.17 -30.88 -20.55
CA VAL B 69 12.60 -30.22 -19.32
C VAL B 69 12.78 -31.24 -18.21
N ALA B 70 12.07 -32.38 -18.26
CA ALA B 70 12.28 -33.42 -17.25
C ALA B 70 13.72 -33.94 -17.22
N THR B 71 14.51 -33.73 -18.27
CA THR B 71 15.87 -34.22 -18.33
C THR B 71 16.91 -33.10 -18.24
N ILE B 72 16.53 -31.93 -17.71
CA ILE B 72 17.44 -30.81 -17.65
C ILE B 72 18.33 -30.95 -16.41
N ASP B 73 19.56 -30.45 -16.51
CA ASP B 73 20.49 -30.43 -15.38
C ASP B 73 20.21 -29.13 -14.64
N VAL B 74 19.45 -29.22 -13.54
CA VAL B 74 19.03 -28.00 -12.85
C VAL B 74 20.23 -27.27 -12.26
N ASP B 75 21.16 -28.01 -11.63
CA ASP B 75 22.37 -27.40 -11.08
C ASP B 75 23.20 -26.72 -12.15
N ALA B 76 23.41 -27.38 -13.29
CA ALA B 76 24.13 -26.71 -14.37
C ALA B 76 23.42 -25.43 -14.80
N LEU B 77 22.09 -25.48 -14.90
CA LEU B 77 21.31 -24.30 -15.30
C LEU B 77 21.43 -23.19 -14.25
N THR B 78 21.48 -23.55 -12.97
CA THR B 78 21.63 -22.54 -11.94
C THR B 78 22.97 -21.82 -12.06
N ARG B 79 24.06 -22.57 -12.28
CA ARG B 79 25.37 -21.95 -12.43
C ARG B 79 25.44 -21.06 -13.65
N ASP B 80 24.87 -21.48 -14.77
CA ASP B 80 24.91 -20.63 -15.95
C ASP B 80 24.13 -19.33 -15.75
N ILE B 81 22.98 -19.40 -15.07
CA ILE B 81 22.25 -18.18 -14.76
C ILE B 81 23.04 -17.32 -13.77
N GLU B 82 23.60 -17.95 -12.74
CA GLU B 82 24.52 -17.25 -11.85
C GLU B 82 25.62 -16.55 -12.64
N GLU B 83 26.23 -17.25 -13.59
CA GLU B 83 27.26 -16.62 -14.40
C GLU B 83 26.72 -15.42 -15.17
N VAL B 84 25.53 -15.56 -15.79
CA VAL B 84 24.95 -14.41 -16.48
C VAL B 84 24.75 -13.25 -15.52
N MET B 85 24.28 -13.56 -14.29
CA MET B 85 23.83 -12.51 -13.38
C MET B 85 24.97 -11.63 -12.95
N THR B 86 26.21 -12.11 -13.09
CA THR B 86 27.37 -11.36 -12.64
C THR B 86 28.37 -11.14 -13.77
N THR B 87 27.90 -11.07 -15.02
CA THR B 87 28.75 -10.68 -16.14
C THR B 87 28.07 -9.52 -16.85
N SER B 88 28.43 -8.31 -16.46
CA SER B 88 27.80 -7.12 -17.01
C SER B 88 28.02 -7.03 -18.51
N GLN B 89 26.98 -6.68 -19.24
CA GLN B 89 27.15 -6.50 -20.66
C GLN B 89 27.20 -5.01 -21.02
N PRO B 90 27.97 -4.65 -22.03
CA PRO B 90 28.16 -3.21 -22.33
C PRO B 90 26.91 -2.51 -22.83
N TRP B 91 25.98 -3.24 -23.42
CA TRP B 91 24.78 -2.59 -23.93
C TRP B 91 23.74 -2.36 -22.85
N TRP B 92 24.02 -2.78 -21.61
CA TRP B 92 23.16 -2.54 -20.46
C TRP B 92 23.89 -2.89 -19.18
N PRO B 93 24.88 -2.09 -18.76
CA PRO B 93 25.73 -2.48 -17.63
C PRO B 93 24.93 -2.73 -16.37
N ALA B 94 25.47 -3.57 -15.49
CA ALA B 94 24.74 -4.15 -14.36
C ALA B 94 24.98 -3.36 -13.08
N ASP B 95 23.92 -2.72 -12.57
CA ASP B 95 23.91 -2.13 -11.22
C ASP B 95 24.64 -3.04 -10.24
N TYR B 96 25.61 -2.48 -9.55
CA TYR B 96 26.35 -3.20 -8.50
C TYR B 96 26.92 -4.53 -9.03
N GLY B 97 27.26 -4.57 -10.32
CA GLY B 97 27.74 -5.77 -10.97
C GLY B 97 26.91 -7.03 -10.74
N HIS B 98 25.60 -6.87 -10.56
CA HIS B 98 24.72 -8.00 -10.30
C HIS B 98 23.40 -7.72 -10.99
N TYR B 99 22.99 -8.62 -11.90
CA TYR B 99 21.72 -8.48 -12.62
C TYR B 99 20.53 -9.04 -11.85
N GLY B 100 20.77 -9.68 -10.69
CA GLY B 100 19.77 -10.35 -9.89
C GLY B 100 18.50 -9.55 -9.63
N PRO B 101 18.63 -8.34 -9.06
CA PRO B 101 17.43 -7.51 -8.83
C PRO B 101 16.63 -7.21 -10.10
N LEU B 102 17.30 -6.89 -11.21
CA LEU B 102 16.62 -6.76 -12.48
C LEU B 102 15.80 -8.01 -12.80
N PHE B 103 16.37 -9.20 -12.55
CA PHE B 103 15.68 -10.42 -12.90
C PHE B 103 14.55 -10.72 -11.94
N ILE B 104 14.67 -10.30 -10.67
CA ILE B 104 13.54 -10.43 -9.75
C ILE B 104 12.37 -9.59 -10.26
N ARG B 105 12.65 -8.33 -10.57
CA ARG B 105 11.63 -7.47 -11.17
C ARG B 105 11.02 -8.11 -12.43
N MET B 106 11.85 -8.77 -13.24
CA MET B 106 11.40 -9.38 -14.49
C MET B 106 10.38 -10.49 -14.23
N ALA B 107 10.73 -11.44 -13.38
CA ALA B 107 9.81 -12.51 -13.01
C ALA B 107 8.55 -11.99 -12.33
N TOX B 108 8.71 -10.97 -11.47
CA TOX B 108 7.60 -10.43 -10.74
CB TOX B 108 8.06 -9.43 -9.65
CG TOX B 108 7.14 -8.19 -9.51
CD1 TOX B 108 7.60 -6.90 -9.67
NE1 TOX B 108 6.56 -6.02 -9.51
CE2 TOX B 108 5.42 -6.79 -9.21
CD2 TOX B 108 5.80 -8.13 -9.21
CE3 TOX B 108 4.84 -9.12 -8.93
CZ3 TOX B 108 3.52 -8.79 -8.68
CH2 TOX B 108 3.10 -7.46 -8.68
CZ2 TOX B 108 4.07 -6.47 -8.95
C TOX B 108 6.62 -9.82 -11.74
O TOX B 108 5.39 -10.02 -11.61
O2 TOX B 108 8.00 -4.03 -10.01
O2 TOX B 108 5.45 -3.81 -10.22
O1 TOX B 108 6.63 -4.51 -9.62
N HIS B 109 7.12 -9.14 -12.77
CA HIS B 109 6.24 -8.51 -13.75
C HIS B 109 5.64 -9.53 -14.68
N ALA B 110 6.42 -10.57 -15.01
CA ALA B 110 5.91 -11.67 -15.82
C ALA B 110 4.70 -12.34 -15.15
N ALA B 111 4.82 -12.70 -13.87
CA ALA B 111 3.71 -13.33 -13.14
C ALA B 111 2.63 -12.33 -12.74
N GLY B 112 2.96 -11.04 -12.69
CA GLY B 112 2.12 -10.00 -12.14
C GLY B 112 1.07 -9.44 -13.06
N THR B 113 0.95 -9.97 -14.29
CA THR B 113 -0.22 -9.66 -15.10
C THR B 113 -1.41 -10.57 -14.76
N TYR B 114 -1.21 -11.54 -13.88
CA TYR B 114 -2.25 -12.49 -13.54
C TYR B 114 -3.43 -11.76 -12.89
N ARG B 115 -4.64 -12.15 -13.27
CA ARG B 115 -5.81 -11.61 -12.61
C ARG B 115 -6.80 -12.73 -12.37
N ILE B 116 -7.47 -12.68 -11.22
CA ILE B 116 -8.32 -13.77 -10.81
C ILE B 116 -9.66 -13.82 -11.56
N HIS B 117 -10.13 -12.70 -12.13
CA HIS B 117 -11.49 -12.74 -12.64
C HIS B 117 -11.65 -13.74 -13.78
N ASP B 118 -10.68 -13.79 -14.71
CA ASP B 118 -10.73 -14.73 -15.81
C ASP B 118 -9.54 -15.67 -15.84
N GLY B 119 -8.63 -15.57 -14.88
CA GLY B 119 -7.46 -16.44 -14.78
C GLY B 119 -6.37 -16.18 -15.80
N ARG B 120 -6.50 -15.12 -16.60
CA ARG B 120 -5.58 -14.79 -17.67
C ARG B 120 -4.38 -13.97 -17.13
N GLY B 121 -3.45 -13.61 -18.02
CA GLY B 121 -2.21 -13.05 -17.56
C GLY B 121 -1.42 -14.10 -16.80
N GLY B 122 -0.31 -13.67 -16.18
CA GLY B 122 0.56 -14.58 -15.44
C GLY B 122 1.78 -15.00 -16.25
N ALA B 123 2.63 -15.80 -15.61
CA ALA B 123 3.90 -16.19 -16.23
C ALA B 123 3.84 -17.47 -17.06
N GLY B 124 2.70 -18.18 -17.04
CA GLY B 124 2.64 -19.55 -17.54
C GLY B 124 2.92 -19.71 -19.03
N GLY B 125 2.76 -18.64 -19.82
CA GLY B 125 2.88 -18.71 -21.25
C GLY B 125 4.10 -18.00 -21.81
N GLY B 126 4.92 -17.44 -20.92
CA GLY B 126 6.00 -16.57 -21.36
C GLY B 126 5.55 -15.38 -22.19
N MET B 127 4.33 -14.89 -21.94
CA MET B 127 3.72 -13.85 -22.77
C MET B 127 4.45 -12.52 -22.71
N GLN B 128 5.31 -12.29 -21.70
CA GLN B 128 6.07 -11.05 -21.63
C GLN B 128 7.03 -10.87 -22.82
N ARG B 129 7.37 -11.93 -23.55
CA ARG B 129 8.26 -11.73 -24.70
C ARG B 129 7.53 -11.22 -25.93
N PHE B 130 6.22 -11.11 -25.89
CA PHE B 130 5.41 -10.79 -27.06
C PHE B 130 4.60 -9.53 -26.80
N ALA B 131 4.04 -8.97 -27.88
CA ALA B 131 3.13 -7.83 -27.76
C ALA B 131 1.81 -8.24 -27.09
N PRO B 132 1.16 -7.33 -26.39
CA PRO B 132 1.56 -5.96 -26.04
C PRO B 132 2.48 -5.93 -24.83
N LEU B 133 2.52 -7.00 -24.03
CA LEU B 133 3.19 -6.95 -22.74
C LEU B 133 4.66 -6.56 -22.87
N ASN B 134 5.30 -6.88 -24.00
CA ASN B 134 6.73 -6.54 -24.07
C ASN B 134 6.96 -5.05 -24.27
N SER B 135 5.90 -4.28 -24.42
CA SER B 135 5.97 -2.86 -24.68
C SER B 135 5.10 -2.05 -23.72
N TRP B 136 4.61 -2.69 -22.65
CA TRP B 136 3.96 -1.96 -21.58
C TRP B 136 4.95 -0.98 -20.92
N PRO B 137 4.51 0.24 -20.59
CA PRO B 137 5.40 1.13 -19.81
C PRO B 137 5.98 0.50 -18.56
N ASP B 138 5.18 -0.27 -17.81
CA ASP B 138 5.71 -0.93 -16.62
C ASP B 138 6.77 -1.99 -16.93
N ASN B 139 6.93 -2.38 -18.19
CA ASN B 139 7.94 -3.39 -18.51
C ASN B 139 9.12 -2.77 -19.22
N ALA B 140 9.23 -1.46 -19.19
CA ALA B 140 10.40 -0.81 -19.73
C ALA B 140 11.62 -1.39 -19.08
N SER B 141 12.64 -1.61 -19.89
CA SER B 141 13.91 -2.18 -19.48
C SER B 141 13.89 -3.66 -19.23
N LEU B 142 12.74 -4.30 -19.28
CA LEU B 142 12.74 -5.76 -19.14
C LEU B 142 13.08 -6.39 -20.50
N ASP B 143 13.02 -5.62 -21.59
CA ASP B 143 13.50 -6.08 -22.89
C ASP B 143 14.99 -6.36 -22.85
N LYS B 144 15.76 -5.47 -22.22
CA LYS B 144 17.18 -5.75 -22.04
C LYS B 144 17.36 -6.95 -21.13
N ALA B 145 16.53 -7.05 -20.08
CA ALA B 145 16.72 -8.11 -19.11
C ALA B 145 16.47 -9.47 -19.74
N ARG B 146 15.42 -9.61 -20.55
CA ARG B 146 15.20 -10.86 -21.27
C ARG B 146 16.37 -11.14 -22.20
N ARG B 147 16.85 -10.10 -22.89
CA ARG B 147 17.94 -10.30 -23.85
C ARG B 147 19.19 -10.83 -23.17
N LEU B 148 19.46 -10.40 -21.95
CA LEU B 148 20.62 -10.91 -21.23
C LEU B 148 20.57 -12.40 -21.01
N LEU B 149 19.39 -13.02 -21.07
CA LEU B 149 19.26 -14.45 -20.77
C LEU B 149 19.33 -15.35 -22.00
N TRP B 150 19.40 -14.78 -23.21
CA TRP B 150 19.59 -15.57 -24.42
C TRP B 150 20.80 -16.50 -24.37
N PRO B 151 21.97 -16.12 -23.79
CA PRO B 151 23.01 -17.13 -23.54
C PRO B 151 22.51 -18.38 -22.84
N VAL B 152 21.57 -18.25 -21.91
CA VAL B 152 21.11 -19.43 -21.18
C VAL B 152 20.13 -20.24 -22.03
N LYS B 153 19.20 -19.56 -22.71
CA LYS B 153 18.28 -20.23 -23.61
C LYS B 153 19.03 -20.91 -24.74
N LYS B 154 20.10 -20.31 -25.14
CA LYS B 154 20.93 -20.83 -26.15
C LYS B 154 21.55 -22.18 -25.80
N LYS B 155 22.05 -22.33 -24.59
CA LYS B 155 22.79 -23.52 -24.21
C LYS B 155 21.86 -24.70 -23.89
N TYR B 156 20.62 -24.43 -23.46
CA TYR B 156 19.70 -25.49 -23.08
C TYR B 156 18.64 -25.76 -24.14
N GLY B 157 18.36 -24.79 -25.00
CA GLY B 157 17.59 -25.05 -26.20
C GLY B 157 16.19 -25.50 -25.88
N LYS B 158 15.79 -26.59 -26.53
CA LYS B 158 14.43 -27.09 -26.41
C LYS B 158 14.16 -27.70 -25.04
N LYS B 159 15.16 -27.85 -24.18
CA LYS B 159 14.94 -28.38 -22.84
C LYS B 159 14.43 -27.34 -21.86
N LEU B 160 14.33 -26.08 -22.29
CA LEU B 160 14.06 -24.99 -21.37
C LEU B 160 13.25 -23.92 -22.09
N SER B 161 12.00 -23.72 -21.68
CA SER B 161 11.20 -22.67 -22.31
C SER B 161 11.63 -21.27 -21.84
N TRP B 162 11.38 -20.29 -22.67
CA TRP B 162 11.45 -18.90 -22.21
C TRP B 162 10.56 -18.69 -20.98
N ALA B 163 9.34 -19.25 -21.01
CA ALA B 163 8.45 -19.11 -19.87
C ALA B 163 9.12 -19.60 -18.59
N ASP B 164 9.60 -20.84 -18.59
CA ASP B 164 10.33 -21.37 -17.42
C ASP B 164 11.56 -20.55 -17.09
N LEU B 165 12.32 -20.11 -18.10
CA LEU B 165 13.58 -19.43 -17.82
C LEU B 165 13.35 -18.06 -17.18
N ILE B 166 12.32 -17.35 -17.62
CA ILE B 166 12.09 -15.98 -17.15
C ILE B 166 11.87 -15.97 -15.64
N VAL B 167 10.99 -16.85 -15.13
CA VAL B 167 10.75 -16.85 -13.69
C VAL B 167 11.80 -17.66 -12.94
N PHE B 168 12.47 -18.60 -13.60
CA PHE B 168 13.55 -19.28 -12.89
C PHE B 168 14.71 -18.31 -12.65
N ALA B 169 14.93 -17.38 -13.59
CA ALA B 169 16.00 -16.39 -13.40
C ALA B 169 15.74 -15.55 -12.16
N GLY B 170 14.49 -15.12 -11.95
CA GLY B 170 14.17 -14.41 -10.73
C GLY B 170 14.35 -15.26 -9.48
N ASN B 171 13.86 -16.50 -9.53
CA ASN B 171 14.05 -17.42 -8.40
C ASN B 171 15.53 -17.63 -8.10
N CYS B 172 16.35 -17.87 -9.14
CA CYS B 172 17.78 -18.00 -8.93
C CYS B 172 18.39 -16.72 -8.40
N ALA B 173 17.87 -15.57 -8.86
CA ALA B 173 18.35 -14.29 -8.35
C ALA B 173 18.21 -14.25 -6.83
N LEU B 174 17.01 -14.55 -6.34
CA LEU B 174 16.76 -14.54 -4.90
C LEU B 174 17.78 -15.37 -4.16
N GLU B 175 18.03 -16.59 -4.63
CA GLU B 175 18.90 -17.49 -3.88
C GLU B 175 20.35 -17.06 -3.99
N SER B 176 20.76 -16.62 -5.17
CA SER B 176 22.07 -16.01 -5.36
C SER B 176 22.39 -14.99 -4.28
N MET B 177 21.39 -14.22 -3.84
CA MET B 177 21.60 -13.05 -3.00
C MET B 177 21.22 -13.31 -1.54
N GLY B 178 21.11 -14.57 -1.14
CA GLY B 178 20.96 -14.91 0.26
C GLY B 178 19.59 -15.36 0.70
N PHE B 179 18.60 -15.44 -0.21
CA PHE B 179 17.23 -15.78 0.16
C PHE B 179 16.88 -17.18 -0.33
N LYS B 180 16.53 -18.06 0.60
CA LYS B 180 16.19 -19.44 0.28
C LYS B 180 14.71 -19.51 -0.09
N THR B 181 14.42 -19.97 -1.30
CA THR B 181 13.05 -20.04 -1.78
C THR B 181 12.37 -21.31 -1.28
N PHE B 182 11.06 -21.36 -1.49
CA PHE B 182 10.29 -22.53 -1.10
C PHE B 182 10.52 -23.72 -2.04
N GLY B 183 10.93 -23.45 -3.27
CA GLY B 183 10.99 -24.47 -4.30
C GLY B 183 10.68 -23.85 -5.66
N PHE B 184 10.63 -24.72 -6.68
CA PHE B 184 10.38 -24.29 -8.04
C PHE B 184 9.84 -25.45 -8.87
N GLY B 185 8.88 -25.15 -9.73
CA GLY B 185 8.38 -26.14 -10.67
C GLY B 185 8.61 -25.71 -12.10
N PHE B 186 9.19 -26.61 -12.90
CA PHE B 186 9.29 -26.37 -14.34
C PHE B 186 8.05 -26.93 -15.03
N GLY B 187 7.87 -26.51 -16.28
CA GLY B 187 6.82 -27.09 -17.11
C GLY B 187 5.99 -26.11 -17.91
N ARG B 188 6.33 -24.84 -17.86
CA ARG B 188 5.57 -23.84 -18.61
C ARG B 188 5.92 -23.98 -20.08
N VAL B 189 4.89 -24.11 -20.93
CA VAL B 189 5.11 -24.44 -22.34
C VAL B 189 5.16 -23.16 -23.15
N ASP B 190 6.24 -23.01 -23.92
CA ASP B 190 6.41 -21.83 -24.76
C ASP B 190 5.38 -21.84 -25.87
N GLN B 191 4.98 -20.63 -26.27
CA GLN B 191 4.01 -20.45 -27.33
C GLN B 191 4.61 -19.49 -28.35
N TRP B 192 3.91 -19.31 -29.46
CA TRP B 192 4.51 -18.70 -30.65
C TRP B 192 3.72 -17.51 -31.13
N GLU B 193 2.63 -17.18 -30.45
CA GLU B 193 1.74 -16.17 -30.82
C GLU B 193 1.12 -15.65 -29.54
N PRO B 194 1.15 -14.35 -29.31
CA PRO B 194 0.60 -13.80 -28.05
C PRO B 194 -0.86 -14.17 -27.85
N ASP B 195 -1.20 -14.62 -26.62
CA ASP B 195 -2.61 -14.63 -26.22
C ASP B 195 -3.14 -13.20 -26.24
N GLU B 196 -4.23 -13.00 -26.97
CA GLU B 196 -4.82 -11.68 -27.05
C GLU B 196 -5.83 -11.63 -25.92
N VAL B 197 -5.66 -10.62 -25.05
CA VAL B 197 -6.34 -10.50 -23.77
C VAL B 197 -6.93 -9.10 -23.73
N TYR B 198 -8.06 -8.97 -23.04
CA TYR B 198 -8.63 -7.65 -22.83
C TYR B 198 -7.93 -7.02 -21.64
N TRP B 199 -7.18 -5.94 -21.87
CA TRP B 199 -6.43 -5.25 -20.83
C TRP B 199 -7.08 -3.94 -20.43
N GLY B 200 -8.28 -3.66 -20.95
CA GLY B 200 -8.98 -2.41 -20.70
C GLY B 200 -9.32 -1.66 -21.98
N LYS B 201 -10.28 -0.74 -21.90
CA LYS B 201 -10.74 0.01 -23.06
C LYS B 201 -9.82 1.18 -23.41
N GLU B 202 -8.92 1.58 -22.53
CA GLU B 202 -8.15 2.81 -22.74
C GLU B 202 -7.26 2.67 -23.97
N ALA B 203 -7.40 3.60 -24.91
CA ALA B 203 -6.59 3.64 -26.13
C ALA B 203 -5.33 4.51 -26.00
N THR B 204 -5.01 4.97 -24.78
CA THR B 204 -3.82 5.75 -24.48
C THR B 204 -3.01 5.00 -23.43
N TRP B 205 -1.72 4.84 -23.66
CA TRP B 205 -0.92 4.21 -22.63
C TRP B 205 -1.05 5.00 -21.33
N LEU B 206 -1.10 4.28 -20.20
CA LEU B 206 -1.31 4.83 -18.86
C LEU B 206 -2.65 5.54 -18.69
N GLY B 207 -3.55 5.44 -19.67
CA GLY B 207 -4.89 5.95 -19.47
C GLY B 207 -5.66 5.19 -18.41
N ASP B 208 -6.69 5.85 -17.89
CA ASP B 208 -7.53 5.28 -16.84
C ASP B 208 -8.97 5.69 -17.19
N GLU B 209 -9.72 4.75 -17.72
CA GLU B 209 -11.17 4.87 -17.81
C GLU B 209 -11.82 3.68 -17.17
N ARG B 210 -11.32 3.24 -16.01
CA ARG B 210 -11.66 1.93 -15.49
C ARG B 210 -12.24 1.96 -14.07
N TYR B 211 -12.70 3.10 -13.57
CA TYR B 211 -13.31 3.18 -12.26
C TYR B 211 -14.71 3.76 -12.32
N SER B 212 -15.59 3.25 -11.48
CA SER B 212 -16.90 3.85 -11.31
C SER B 212 -17.28 3.77 -9.83
N GLY B 213 -18.45 4.34 -9.51
CA GLY B 213 -18.87 4.40 -8.12
C GLY B 213 -17.84 5.14 -7.30
N LYS B 214 -17.65 4.71 -6.06
CA LYS B 214 -16.51 5.10 -5.23
C LYS B 214 -15.37 4.13 -5.52
N ARG B 215 -14.45 4.52 -6.39
CA ARG B 215 -13.24 3.73 -6.66
C ARG B 215 -13.52 2.22 -6.88
N ASP B 216 -14.44 1.90 -7.79
CA ASP B 216 -14.69 0.50 -8.17
C ASP B 216 -13.99 0.20 -9.48
N LEU B 217 -12.98 -0.67 -9.42
CA LEU B 217 -12.22 -1.05 -10.61
C LEU B 217 -13.04 -1.98 -11.50
N GLU B 218 -13.12 -1.65 -12.79
CA GLU B 218 -13.75 -2.48 -13.81
C GLU B 218 -13.29 -3.94 -13.76
N ASN B 219 -14.24 -4.87 -13.62
CA ASN B 219 -13.91 -6.27 -13.84
C ASN B 219 -13.73 -6.52 -15.34
N PRO B 220 -12.75 -7.32 -15.75
CA PRO B 220 -11.88 -8.23 -15.00
C PRO B 220 -10.52 -7.65 -14.68
N LEU B 221 -10.31 -6.35 -14.91
CA LEU B 221 -8.98 -5.77 -14.81
C LEU B 221 -8.45 -5.83 -13.38
N ALA B 222 -7.14 -5.96 -13.26
CA ALA B 222 -6.51 -6.03 -11.95
C ALA B 222 -5.35 -5.05 -11.82
N ALA B 223 -5.37 -3.97 -12.61
CA ALA B 223 -4.37 -2.90 -12.53
C ALA B 223 -5.10 -1.57 -12.68
N VAL B 224 -4.49 -0.50 -12.13
CA VAL B 224 -5.16 0.80 -12.00
C VAL B 224 -5.06 1.67 -13.24
N GLN B 225 -4.15 1.40 -14.17
CA GLN B 225 -4.07 2.13 -15.43
C GLN B 225 -3.58 1.17 -16.50
N MET B 226 -3.66 1.63 -17.76
CA MET B 226 -3.41 0.80 -18.94
C MET B 226 -1.90 0.64 -19.16
N GLY B 227 -1.39 -0.57 -18.99
CA GLY B 227 0.03 -0.82 -19.10
C GLY B 227 0.79 -0.83 -17.78
N LEU B 228 0.10 -0.70 -16.65
CA LEU B 228 0.70 -0.94 -15.34
C LEU B 228 0.44 -2.37 -14.91
N ILE B 229 1.38 -2.89 -14.11
CA ILE B 229 1.22 -4.21 -13.52
C ILE B 229 0.12 -4.20 -12.45
N TYR B 230 0.23 -3.30 -11.47
CA TYR B 230 -0.76 -3.18 -10.41
C TYR B 230 -1.13 -1.71 -10.20
N VAL B 231 -0.29 -0.95 -9.47
CA VAL B 231 -0.64 0.41 -9.07
C VAL B 231 0.36 1.42 -9.64
N ASN B 232 -0.01 2.69 -9.54
CA ASN B 232 0.88 3.78 -9.92
C ASN B 232 1.89 3.99 -8.82
N PRO B 233 3.19 3.88 -9.10
CA PRO B 233 4.20 4.04 -8.03
C PRO B 233 4.29 5.46 -7.49
N GLU B 234 3.73 6.46 -8.19
CA GLU B 234 3.64 7.81 -7.66
C GLU B 234 2.32 8.06 -6.94
N GLY B 235 1.53 7.02 -6.67
CA GLY B 235 0.27 7.15 -6.01
C GLY B 235 -0.88 7.30 -6.98
N PRO B 236 -2.13 7.22 -6.48
CA PRO B 236 -3.30 7.26 -7.36
C PRO B 236 -3.30 8.48 -8.27
N ASN B 237 -3.29 8.25 -9.59
CA ASN B 237 -3.33 9.31 -10.59
C ASN B 237 -2.10 10.24 -10.51
N GLY B 238 -1.00 9.76 -9.94
CA GLY B 238 0.19 10.58 -9.72
C GLY B 238 0.17 11.43 -8.47
N ASN B 239 -0.78 11.19 -7.55
CA ASN B 239 -0.84 11.92 -6.29
C ASN B 239 -0.17 11.07 -5.23
N PRO B 240 1.01 11.48 -4.70
CA PRO B 240 1.83 10.61 -3.86
C PRO B 240 1.34 10.51 -2.41
N ASP B 241 0.06 10.16 -2.25
CA ASP B 241 -0.53 10.01 -0.93
C ASP B 241 -0.42 8.55 -0.50
N PRO B 242 0.48 8.20 0.43
CA PRO B 242 0.62 6.78 0.80
C PRO B 242 -0.68 6.14 1.28
N MET B 243 -1.52 6.86 2.02
CA MET B 243 -2.74 6.23 2.52
C MET B 243 -3.64 5.82 1.37
N ALA B 244 -3.86 6.73 0.41
CA ALA B 244 -4.72 6.43 -0.73
C ALA B 244 -4.14 5.32 -1.60
N ALA B 245 -2.84 5.39 -1.90
CA ALA B 245 -2.19 4.35 -2.68
C ALA B 245 -2.48 2.97 -2.13
N ALA B 246 -2.39 2.82 -0.80
CA ALA B 246 -2.59 1.51 -0.18
C ALA B 246 -3.95 0.89 -0.56
N VAL B 247 -4.95 1.73 -0.79
CA VAL B 247 -6.25 1.19 -1.18
C VAL B 247 -6.13 0.53 -2.55
N ASP B 248 -5.36 1.14 -3.46
CA ASP B 248 -5.14 0.52 -4.76
C ASP B 248 -4.25 -0.71 -4.65
N ILE B 249 -3.16 -0.63 -3.86
CA ILE B 249 -2.31 -1.79 -3.61
C ILE B 249 -3.15 -2.98 -3.14
N ARG B 250 -3.96 -2.77 -2.10
CA ARG B 250 -4.76 -3.86 -1.53
C ARG B 250 -5.72 -4.47 -2.55
N GLU B 251 -6.35 -3.64 -3.39
CA GLU B 251 -7.40 -4.17 -4.28
C GLU B 251 -6.80 -4.86 -5.50
N THR B 252 -5.80 -4.24 -6.13
CA THR B 252 -5.18 -4.92 -7.26
C THR B 252 -4.50 -6.21 -6.81
N PHE B 253 -3.80 -6.17 -5.68
CA PHE B 253 -3.16 -7.40 -5.23
C PHE B 253 -4.18 -8.45 -4.84
N ARG B 254 -5.37 -8.06 -4.43
CA ARG B 254 -6.41 -9.00 -4.12
C ARG B 254 -6.84 -9.70 -5.41
N ARG B 255 -6.97 -8.99 -6.44
CA ARG B 255 -7.32 -9.39 -7.74
C ARG B 255 -6.25 -10.18 -8.38
N MET B 256 -5.17 -10.38 -7.71
CA MET B 256 -4.07 -11.20 -8.19
C MET B 256 -3.75 -12.26 -7.16
N ALA B 257 -4.74 -12.59 -6.34
CA ALA B 257 -4.73 -13.71 -5.39
C ALA B 257 -3.91 -13.45 -4.12
N MET B 258 -3.56 -12.21 -3.83
CA MET B 258 -2.69 -11.89 -2.71
C MET B 258 -3.46 -11.14 -1.63
N ASN B 259 -3.42 -11.65 -0.41
CA ASN B 259 -4.08 -11.00 0.72
C ASN B 259 -3.12 -9.99 1.37
N ASP B 260 -3.51 -9.46 2.53
CA ASP B 260 -2.72 -8.39 3.14
C ASP B 260 -1.32 -8.87 3.47
N VAL B 261 -1.20 -10.06 4.06
CA VAL B 261 0.11 -10.53 4.53
C VAL B 261 1.01 -10.87 3.35
N GLU B 262 0.42 -11.47 2.31
CA GLU B 262 1.18 -11.82 1.12
C GLU B 262 1.65 -10.56 0.38
N THR B 263 0.77 -9.57 0.24
CA THR B 263 1.13 -8.33 -0.45
C THR B 263 2.29 -7.64 0.24
N ALA B 264 2.20 -7.49 1.56
CA ALA B 264 3.28 -6.88 2.34
C ALA B 264 4.57 -7.69 2.21
N ALA B 265 4.49 -9.00 2.39
CA ALA B 265 5.63 -9.89 2.12
C ALA B 265 6.24 -9.60 0.75
N LEU B 266 5.41 -9.54 -0.30
CA LEU B 266 5.92 -9.38 -1.65
C LEU B 266 6.59 -8.02 -1.84
N ILE B 267 5.97 -6.93 -1.41
CA ILE B 267 6.59 -5.64 -1.66
C ILE B 267 7.89 -5.51 -0.88
N VAL B 268 7.89 -5.91 0.39
CA VAL B 268 9.08 -5.70 1.21
C VAL B 268 10.22 -6.56 0.69
N GLY B 269 9.92 -7.83 0.41
CA GLY B 269 10.96 -8.73 -0.07
C GLY B 269 11.47 -8.34 -1.44
N GLY B 270 10.57 -7.82 -2.29
CA GLY B 270 11.01 -7.37 -3.61
C GLY B 270 11.96 -6.19 -3.53
N HIS B 271 11.64 -5.21 -2.68
CA HIS B 271 12.37 -3.95 -2.64
C HIS B 271 13.51 -3.99 -1.66
N THR B 272 13.74 -5.17 -1.07
CA THR B 272 15.01 -5.45 -0.45
C THR B 272 16.15 -5.42 -1.46
N PHE B 273 15.82 -5.43 -2.75
CA PHE B 273 16.83 -5.63 -3.80
C PHE B 273 16.79 -4.50 -4.80
N GLY B 274 17.98 -4.12 -5.27
CA GLY B 274 18.11 -3.31 -6.47
C GLY B 274 17.78 -1.84 -6.28
N LYS B 275 17.33 -1.24 -7.37
CA LYS B 275 17.13 0.20 -7.40
C LYS B 275 16.21 0.54 -8.56
N THR B 276 15.68 1.75 -8.53
CA THR B 276 14.85 2.27 -9.58
C THR B 276 15.71 3.06 -10.57
N HIS B 277 15.19 3.49 -11.68
CA HIS B 277 16.03 4.14 -12.70
C HIS B 277 15.32 5.36 -13.27
N GLY B 278 15.85 6.55 -12.98
CA GLY B 278 15.35 7.83 -13.45
C GLY B 278 16.44 8.89 -13.44
N ALA B 279 17.51 8.65 -14.15
CA ALA B 279 18.69 9.51 -14.11
C ALA B 279 18.49 10.84 -14.84
N GLY B 280 17.56 10.90 -15.79
CA GLY B 280 17.38 12.10 -16.56
C GLY B 280 15.97 12.22 -17.08
N PRO B 281 15.76 13.19 -17.97
CA PRO B 281 14.40 13.46 -18.48
C PRO B 281 13.81 12.25 -19.21
N ALA B 282 12.50 12.04 -19.01
CA ALA B 282 11.79 10.93 -19.65
C ALA B 282 11.65 11.15 -21.15
N ASP B 283 11.44 12.41 -21.56
CA ASP B 283 11.20 12.72 -22.97
C ASP B 283 12.41 12.43 -23.84
N LEU B 284 13.48 11.91 -23.26
CA LEU B 284 14.66 11.48 -24.01
C LEU B 284 14.73 9.98 -24.20
N VAL B 285 13.65 9.26 -23.86
CA VAL B 285 13.58 7.81 -24.02
C VAL B 285 12.74 7.51 -25.27
N GLY B 286 13.25 6.66 -26.13
CA GLY B 286 12.66 6.44 -27.43
C GLY B 286 11.38 5.63 -27.41
N PRO B 287 10.95 5.18 -28.60
CA PRO B 287 9.76 4.32 -28.69
C PRO B 287 9.92 2.97 -27.98
N GLU B 288 8.79 2.48 -27.45
CA GLU B 288 8.73 1.15 -26.84
C GLU B 288 9.04 0.08 -27.89
N PRO B 289 9.39 -1.15 -27.47
CA PRO B 289 10.00 -2.12 -28.41
C PRO B 289 9.21 -2.39 -29.68
N GLU B 290 7.89 -2.57 -29.59
CA GLU B 290 7.07 -2.85 -30.76
C GLU B 290 7.03 -1.68 -31.74
N ALA B 291 7.44 -0.48 -31.33
CA ALA B 291 7.41 0.69 -32.18
C ALA B 291 8.79 1.14 -32.60
N ALA B 292 9.84 0.44 -32.17
CA ALA B 292 11.22 0.85 -32.42
C ALA B 292 11.69 0.40 -33.81
N PRO B 293 12.67 1.09 -34.39
CA PRO B 293 13.16 0.71 -35.73
C PRO B 293 13.79 -0.67 -35.73
N LEU B 294 14.04 -1.16 -36.94
CA LEU B 294 14.54 -2.53 -37.14
C LEU B 294 15.91 -2.71 -36.51
N GLU B 295 16.77 -1.69 -36.58
CA GLU B 295 18.15 -1.85 -36.16
C GLU B 295 18.27 -2.18 -34.68
N GLN B 296 17.24 -1.90 -33.89
CA GLN B 296 17.33 -2.12 -32.46
C GLN B 296 16.98 -3.54 -32.07
N MET B 297 16.75 -4.42 -33.04
CA MET B 297 16.67 -5.87 -32.83
C MET B 297 15.75 -6.22 -31.65
N GLY B 298 14.57 -5.63 -31.67
CA GLY B 298 13.56 -5.90 -30.68
C GLY B 298 13.73 -5.17 -29.36
N LEU B 299 14.86 -4.52 -29.11
CA LEU B 299 14.95 -3.66 -27.94
C LEU B 299 14.20 -2.36 -28.21
N GLY B 300 13.72 -1.74 -27.12
CA GLY B 300 13.03 -0.47 -27.18
C GLY B 300 13.54 0.44 -26.09
N TRP B 301 12.87 1.58 -25.96
CA TRP B 301 13.18 2.62 -24.95
C TRP B 301 14.62 3.12 -25.05
N LYS B 302 15.09 3.33 -26.27
CA LYS B 302 16.45 3.81 -26.49
C LYS B 302 16.54 5.26 -26.02
N SER B 303 17.49 5.52 -25.12
CA SER B 303 17.62 6.82 -24.46
C SER B 303 18.84 7.57 -25.00
N SER B 304 18.67 8.88 -25.23
CA SER B 304 19.77 9.78 -25.60
C SER B 304 20.35 10.53 -24.40
N TYR B 305 19.82 10.29 -23.20
CA TYR B 305 20.36 10.89 -21.98
C TYR B 305 21.69 10.25 -21.61
N GLY B 306 22.78 10.99 -21.76
CA GLY B 306 24.08 10.42 -21.41
C GLY B 306 24.42 9.21 -22.26
N THR B 307 24.93 8.17 -21.60
CA THR B 307 25.15 6.88 -22.26
C THR B 307 23.86 6.15 -22.58
N GLY B 308 22.71 6.66 -22.11
CA GLY B 308 21.45 5.95 -22.27
C GLY B 308 21.32 4.66 -21.49
N THR B 309 22.33 4.26 -20.71
CA THR B 309 22.25 3.04 -19.93
C THR B 309 22.93 3.29 -18.59
N GLY B 310 23.05 2.23 -17.79
CA GLY B 310 23.91 2.19 -16.61
C GLY B 310 23.74 3.32 -15.63
N LYS B 311 24.83 4.08 -15.41
CA LYS B 311 24.75 5.27 -14.57
C LYS B 311 23.66 6.23 -15.07
N ASP B 312 23.30 6.15 -16.35
CA ASP B 312 22.34 7.08 -16.93
C ASP B 312 20.97 6.45 -17.17
N ALA B 313 20.70 5.30 -16.57
CA ALA B 313 19.50 4.54 -16.93
C ALA B 313 18.24 5.31 -16.62
N ILE B 314 17.24 5.16 -17.50
CA ILE B 314 15.90 5.66 -17.25
C ILE B 314 14.92 4.54 -17.54
N THR B 315 14.33 4.00 -16.48
CA THR B 315 13.25 3.03 -16.65
C THR B 315 11.93 3.70 -16.24
N SER B 316 11.60 3.73 -14.94
CA SER B 316 10.37 4.38 -14.51
C SER B 316 10.47 5.88 -14.47
N GLY B 317 11.69 6.41 -14.33
CA GLY B 317 11.88 7.82 -14.10
C GLY B 317 11.85 8.24 -12.64
N ILE B 318 11.68 7.28 -11.73
CA ILE B 318 11.92 7.49 -10.32
C ILE B 318 13.36 7.09 -10.04
N GLU B 319 13.95 7.62 -8.95
CA GLU B 319 15.36 7.31 -8.69
C GLU B 319 15.50 7.03 -7.20
N VAL B 320 15.17 5.79 -6.84
CA VAL B 320 15.16 5.30 -5.48
C VAL B 320 16.12 4.12 -5.40
N VAL B 321 16.87 4.02 -4.29
CA VAL B 321 17.62 2.82 -3.92
C VAL B 321 17.21 2.50 -2.49
N TRP B 322 16.41 1.44 -2.31
CA TRP B 322 15.73 1.23 -1.03
C TRP B 322 16.70 0.93 0.11
N THR B 323 17.72 0.11 -0.13
CA THR B 323 18.51 -0.42 0.98
C THR B 323 20.00 -0.15 0.78
N ASN B 324 20.76 -0.29 1.86
CA ASN B 324 22.20 -0.07 1.76
C ASN B 324 22.93 -1.29 1.23
N THR B 325 22.24 -2.41 1.08
CA THR B 325 22.80 -3.63 0.52
C THR B 325 21.90 -4.13 -0.61
N PRO B 326 21.85 -3.41 -1.74
CA PRO B 326 20.85 -3.76 -2.77
C PRO B 326 21.03 -5.16 -3.40
N THR B 327 22.15 -5.87 -3.16
CA THR B 327 22.29 -7.24 -3.68
C THR B 327 22.41 -8.26 -2.55
N LYS B 328 21.85 -7.97 -1.38
CA LYS B 328 21.88 -8.94 -0.31
C LYS B 328 20.53 -8.97 0.39
N TRP B 329 20.12 -10.17 0.78
CA TRP B 329 18.91 -10.33 1.57
C TRP B 329 19.25 -10.04 3.02
N ASP B 330 18.46 -9.18 3.65
CA ASP B 330 18.58 -8.79 5.05
C ASP B 330 17.30 -8.03 5.42
N ASN B 331 17.28 -7.47 6.63
CA ASN B 331 16.10 -6.76 7.11
C ASN B 331 16.20 -5.25 6.89
N SER B 332 17.14 -4.82 6.04
CA SER B 332 17.40 -3.40 5.89
C SER B 332 16.17 -2.63 5.41
N PHE B 333 15.37 -3.21 4.52
CA PHE B 333 14.27 -2.43 3.93
C PHE B 333 13.35 -1.89 5.01
N LEU B 334 12.99 -2.73 5.99
CA LEU B 334 12.09 -2.28 7.05
C LEU B 334 12.82 -1.47 8.11
N GLU B 335 14.10 -1.77 8.35
CA GLU B 335 14.86 -0.94 9.27
C GLU B 335 14.90 0.51 8.80
N ILE B 336 15.00 0.70 7.48
CA ILE B 336 15.11 2.02 6.88
C ILE B 336 13.75 2.71 6.86
N LEU B 337 12.73 2.02 6.36
CA LEU B 337 11.37 2.57 6.35
C LEU B 337 11.01 3.15 7.71
N TYR B 338 11.26 2.40 8.79
CA TYR B 338 10.86 2.83 10.12
C TYR B 338 11.90 3.67 10.87
N GLY B 339 13.16 3.65 10.43
CA GLY B 339 14.21 4.38 11.10
C GLY B 339 14.54 5.76 10.57
N TYR B 340 13.78 6.26 9.61
CA TYR B 340 13.84 7.64 9.17
C TYR B 340 12.42 8.19 9.13
N GLU B 341 12.31 9.51 9.08
CA GLU B 341 11.06 10.16 8.70
C GLU B 341 11.18 10.67 7.27
N TRP B 342 10.05 10.76 6.58
CA TRP B 342 10.07 10.90 5.14
C TRP B 342 9.33 12.16 4.70
N GLU B 343 9.96 12.90 3.78
CA GLU B 343 9.36 14.05 3.13
C GLU B 343 9.36 13.85 1.63
N LEU B 344 8.41 14.51 0.96
CA LEU B 344 8.21 14.34 -0.46
C LEU B 344 9.27 15.10 -1.26
N THR B 345 9.73 14.49 -2.36
CA THR B 345 10.73 15.14 -3.19
C THR B 345 10.56 14.69 -4.64
N LYS B 346 11.46 15.17 -5.52
CA LYS B 346 11.41 14.99 -6.96
C LYS B 346 12.72 14.34 -7.42
N SER B 347 12.62 13.32 -8.26
CA SER B 347 13.77 12.67 -8.86
C SER B 347 14.27 13.49 -10.05
N PRO B 348 15.46 13.17 -10.59
CA PRO B 348 15.96 13.91 -11.77
C PRO B 348 15.01 13.95 -12.95
N ALA B 349 14.14 12.95 -13.09
CA ALA B 349 13.13 12.99 -14.13
C ALA B 349 11.87 13.74 -13.70
N GLY B 350 11.82 14.23 -12.48
CA GLY B 350 10.69 14.98 -12.00
C GLY B 350 9.60 14.15 -11.37
N ALA B 351 9.89 12.91 -11.01
CA ALA B 351 8.85 12.06 -10.44
C ALA B 351 8.83 12.16 -8.92
N TRP B 352 7.63 11.97 -8.35
CA TRP B 352 7.47 11.95 -6.91
C TRP B 352 8.19 10.77 -6.30
N GLN B 353 8.90 11.03 -5.21
CA GLN B 353 9.46 10.00 -4.34
C GLN B 353 9.62 10.63 -2.97
N TYR B 354 10.10 9.82 -2.01
CA TYR B 354 10.36 10.29 -0.66
C TYR B 354 11.83 10.11 -0.33
N THR B 355 12.35 11.05 0.46
CA THR B 355 13.70 10.98 0.98
C THR B 355 13.65 11.28 2.48
N ALA B 356 14.72 10.91 3.19
CA ALA B 356 14.74 11.09 4.63
C ALA B 356 14.89 12.57 5.00
N LYS B 357 14.13 12.99 6.02
CA LYS B 357 14.11 14.38 6.49
C LYS B 357 15.43 14.75 7.18
N ASP B 358 15.73 16.05 7.15
CA ASP B 358 16.85 16.59 7.94
C ASP B 358 18.21 16.07 7.48
N GLY B 359 18.35 15.73 6.20
CA GLY B 359 19.63 15.23 5.73
C GLY B 359 20.14 14.01 6.48
N ALA B 360 19.25 13.30 7.18
CA ALA B 360 19.63 12.07 7.86
C ALA B 360 20.00 10.98 6.85
N GLY B 361 20.89 10.08 7.28
CA GLY B 361 21.36 9.03 6.43
C GLY B 361 22.15 9.49 5.23
N ALA B 362 22.56 10.76 5.19
CA ALA B 362 23.29 11.24 4.03
C ALA B 362 24.48 10.33 3.74
N GLY B 363 24.62 9.99 2.46
CA GLY B 363 25.71 9.13 2.01
C GLY B 363 25.74 7.70 2.53
N THR B 364 24.64 7.19 3.07
CA THR B 364 24.68 5.84 3.58
C THR B 364 24.33 4.77 2.54
N ILE B 365 23.93 5.14 1.33
CA ILE B 365 23.34 4.18 0.40
C ILE B 365 24.15 4.14 -0.88
N PRO B 366 24.65 2.96 -1.27
CA PRO B 366 25.67 2.87 -2.30
C PRO B 366 25.11 3.11 -3.68
N ASP B 367 26.00 3.52 -4.57
CA ASP B 367 25.77 3.89 -5.95
C ASP B 367 25.99 2.68 -6.86
N PRO B 368 25.18 2.53 -7.93
CA PRO B 368 25.29 1.33 -8.77
C PRO B 368 26.59 1.20 -9.52
N PHE B 369 27.32 2.29 -9.73
CA PHE B 369 28.54 2.29 -10.54
C PHE B 369 29.64 3.11 -9.86
N GLY B 370 29.82 2.87 -8.56
CA GLY B 370 30.95 3.40 -7.82
C GLY B 370 30.85 4.83 -7.34
N GLY B 371 29.81 5.57 -7.74
CA GLY B 371 29.68 6.97 -7.42
C GLY B 371 29.58 7.29 -5.95
N PRO B 372 29.28 8.56 -5.65
CA PRO B 372 29.61 9.13 -4.33
C PRO B 372 28.75 8.67 -3.17
N GLY B 373 27.61 8.01 -3.38
CA GLY B 373 26.83 7.62 -2.21
C GLY B 373 25.70 8.60 -1.97
N ARG B 374 24.54 8.09 -1.56
CA ARG B 374 23.32 8.89 -1.54
C ARG B 374 22.54 8.57 -0.27
N SER B 375 21.43 9.26 -0.10
CA SER B 375 20.65 9.18 1.12
C SER B 375 19.32 8.45 0.90
N PRO B 376 18.67 8.02 2.00
CA PRO B 376 17.57 7.06 1.87
C PRO B 376 16.36 7.61 1.12
N THR B 377 15.84 6.77 0.23
CA THR B 377 14.64 7.09 -0.52
C THR B 377 13.70 5.89 -0.51
N MET B 378 12.41 6.19 -0.62
CA MET B 378 11.36 5.19 -0.70
C MET B 378 10.35 5.69 -1.73
N LEU B 379 9.60 4.76 -2.33
CA LEU B 379 8.48 5.20 -3.15
C LEU B 379 7.27 5.53 -2.29
N ALA B 380 6.35 6.33 -2.86
CA ALA B 380 5.08 6.59 -2.21
C ALA B 380 4.36 5.30 -1.83
N THR B 381 4.38 4.30 -2.72
CA THR B 381 3.74 3.03 -2.40
C THR B 381 4.47 2.28 -1.29
N ASP B 382 5.76 2.54 -1.10
CA ASP B 382 6.47 1.93 0.02
C ASP B 382 6.01 2.52 1.35
N LEU B 383 5.83 3.84 1.41
CA LEU B 383 5.37 4.42 2.67
C LEU B 383 4.01 3.87 3.05
N SER B 384 3.18 3.48 2.06
CA SER B 384 1.89 2.84 2.33
C SER B 384 2.03 1.71 3.34
N LEU B 385 3.16 0.99 3.32
CA LEU B 385 3.36 -0.16 4.20
C LEU B 385 3.42 0.24 5.67
N ARG B 386 3.76 1.49 5.96
CA ARG B 386 3.78 1.93 7.35
C ARG B 386 2.70 2.97 7.66
N VAL B 387 2.11 3.59 6.64
CA VAL B 387 1.04 4.57 6.85
C VAL B 387 -0.34 3.90 6.90
N ASP B 388 -0.61 2.90 6.05
CA ASP B 388 -1.86 2.15 6.16
C ASP B 388 -1.85 1.29 7.43
N PRO B 389 -2.92 1.35 8.25
CA PRO B 389 -2.85 0.69 9.57
C PRO B 389 -2.77 -0.82 9.52
N ILE B 390 -3.43 -1.47 8.55
CA ILE B 390 -3.24 -2.91 8.38
C ILE B 390 -1.81 -3.22 7.99
N TYR B 391 -1.28 -2.50 7.00
CA TYR B 391 0.10 -2.75 6.60
C TYR B 391 1.09 -2.43 7.71
N GLU B 392 0.91 -1.29 8.39
CA GLU B 392 1.74 -0.97 9.55
C GLU B 392 1.81 -2.14 10.52
N ARG B 393 0.65 -2.69 10.85
CA ARG B 393 0.58 -3.76 11.85
C ARG B 393 1.40 -4.97 11.42
N ILE B 394 1.41 -5.28 10.12
CA ILE B 394 2.13 -6.44 9.62
C ILE B 394 3.62 -6.17 9.53
N THR B 395 3.99 -5.01 9.02
CA THR B 395 5.40 -4.79 8.77
C THR B 395 6.15 -4.46 10.04
N ARG B 396 5.46 -3.86 11.03
CA ARG B 396 6.10 -3.55 12.31
C ARG B 396 6.43 -4.82 13.05
N ARG B 397 5.55 -5.81 12.97
CA ARG B 397 5.86 -7.10 13.58
C ARG B 397 7.07 -7.75 12.91
N TRP B 398 7.29 -7.50 11.61
CA TRP B 398 8.46 -8.04 10.94
C TRP B 398 9.70 -7.21 11.20
N LEU B 399 9.56 -5.90 11.42
CA LEU B 399 10.68 -5.14 11.98
C LEU B 399 11.23 -5.80 13.23
N GLU B 400 10.33 -6.18 14.14
CA GLU B 400 10.70 -6.77 15.41
C GLU B 400 11.09 -8.24 15.28
N HIS B 401 10.55 -8.94 14.28
CA HIS B 401 10.73 -10.39 14.13
C HIS B 401 10.93 -10.72 12.67
N PRO B 402 12.13 -10.46 12.14
CA PRO B 402 12.35 -10.55 10.69
C PRO B 402 12.17 -11.94 10.14
N GLU B 403 12.41 -12.96 10.96
CA GLU B 403 12.28 -14.31 10.45
C GLU B 403 10.88 -14.58 9.92
N GLU B 404 9.86 -13.90 10.47
CA GLU B 404 8.51 -14.10 9.96
C GLU B 404 8.34 -13.52 8.56
N LEU B 405 9.06 -12.44 8.24
CA LEU B 405 9.01 -11.93 6.88
C LEU B 405 9.58 -12.92 5.87
N ALA B 406 10.70 -13.55 6.21
CA ALA B 406 11.31 -14.51 5.30
C ALA B 406 10.33 -15.62 4.95
N ASP B 407 9.59 -16.11 5.95
CA ASP B 407 8.67 -17.21 5.72
C ASP B 407 7.52 -16.76 4.82
N GLU B 408 6.95 -15.60 5.09
CA GLU B 408 5.79 -15.18 4.31
C GLU B 408 6.20 -14.82 2.89
N PHE B 409 7.32 -14.13 2.72
CA PHE B 409 7.82 -13.84 1.39
C PHE B 409 8.04 -15.13 0.59
N ALA B 410 8.61 -16.14 1.22
CA ALA B 410 8.87 -17.40 0.51
C ALA B 410 7.59 -18.04 0.00
N LYS B 411 6.60 -18.19 0.87
CA LYS B 411 5.31 -18.70 0.46
C LYS B 411 4.66 -17.81 -0.60
N ALA B 412 4.77 -16.49 -0.46
CA ALA B 412 4.07 -15.59 -1.37
C ALA B 412 4.69 -15.63 -2.76
N TRP B 413 6.02 -15.56 -2.83
CA TRP B 413 6.69 -15.60 -4.11
C TRP B 413 6.41 -16.91 -4.83
N TYR B 414 6.40 -18.02 -4.07
CA TYR B 414 6.12 -19.33 -4.65
C TYR B 414 4.75 -19.37 -5.29
N LYS B 415 3.75 -18.86 -4.56
CA LYS B 415 2.41 -18.79 -5.11
C LYS B 415 2.37 -17.84 -6.31
N LEU B 416 3.01 -16.69 -6.17
CA LEU B 416 3.04 -15.68 -7.23
C LEU B 416 3.47 -16.27 -8.57
N ILE B 417 4.68 -16.84 -8.63
CA ILE B 417 5.20 -17.29 -9.92
C ILE B 417 4.71 -18.69 -10.31
N HIS B 418 3.83 -19.32 -9.53
CA HIS B 418 3.21 -20.58 -9.90
C HIS B 418 1.69 -20.52 -9.97
N ARG B 419 1.08 -19.34 -9.75
CA ARG B 419 -0.37 -19.28 -9.54
C ARG B 419 -1.14 -19.89 -10.70
N ASP B 420 -0.66 -19.68 -11.93
CA ASP B 420 -1.40 -20.10 -13.12
C ASP B 420 -0.89 -21.42 -13.70
N MET B 421 -0.30 -22.28 -12.86
CA MET B 421 0.32 -23.52 -13.34
C MET B 421 -0.66 -24.66 -13.50
N GLY B 422 -1.84 -24.58 -12.86
CA GLY B 422 -2.83 -25.63 -12.89
C GLY B 422 -2.49 -26.72 -11.90
N PRO B 423 -3.12 -27.89 -12.04
CA PRO B 423 -2.91 -28.97 -11.07
C PRO B 423 -1.43 -29.29 -10.85
N VAL B 424 -1.14 -29.83 -9.66
CA VAL B 424 0.24 -30.02 -9.21
C VAL B 424 0.95 -31.03 -10.09
N ALA B 425 0.21 -31.96 -10.70
CA ALA B 425 0.80 -32.92 -11.63
C ALA B 425 1.66 -32.22 -12.67
N ARG B 426 1.42 -30.94 -12.93
CA ARG B 426 2.16 -30.22 -13.97
C ARG B 426 3.52 -29.71 -13.48
N TYR B 427 3.81 -29.76 -12.18
CA TYR B 427 5.07 -29.19 -11.69
C TYR B 427 6.17 -30.24 -11.86
N LEU B 428 7.21 -29.92 -12.62
CA LEU B 428 8.29 -30.86 -12.89
C LEU B 428 9.59 -30.46 -12.22
N GLY B 429 10.40 -31.47 -11.90
CA GLY B 429 11.81 -31.25 -11.65
C GLY B 429 12.17 -31.51 -10.20
N PRO B 430 13.46 -31.41 -9.86
CA PRO B 430 13.92 -31.81 -8.52
C PRO B 430 13.74 -30.75 -7.46
N LEU B 431 13.16 -29.58 -7.80
CA LEU B 431 12.94 -28.48 -6.87
C LEU B 431 11.49 -28.33 -6.45
N VAL B 432 10.62 -29.27 -6.81
CA VAL B 432 9.21 -29.15 -6.45
C VAL B 432 9.04 -29.65 -5.03
N PRO B 433 8.63 -28.79 -4.10
CA PRO B 433 8.35 -29.23 -2.74
C PRO B 433 7.17 -30.20 -2.75
N LYS B 434 7.13 -31.06 -1.73
CA LYS B 434 6.08 -32.05 -1.65
C LYS B 434 4.83 -31.57 -0.92
N GLN B 435 4.89 -30.48 -0.16
CA GLN B 435 3.79 -30.06 0.70
C GLN B 435 2.55 -29.67 -0.10
N THR B 436 1.38 -29.93 0.48
CA THR B 436 0.11 -29.54 -0.13
C THR B 436 -0.24 -28.09 0.24
N LEU B 437 -0.74 -27.34 -0.73
CA LEU B 437 -1.08 -25.94 -0.56
C LEU B 437 -2.55 -25.73 -0.90
N LEU B 438 -3.28 -25.14 0.05
CA LEU B 438 -4.70 -24.90 -0.16
C LEU B 438 -4.97 -24.17 -1.48
N TRP B 439 -4.15 -23.18 -1.80
CA TRP B 439 -4.45 -22.35 -2.96
C TRP B 439 -4.33 -23.12 -4.26
N GLN B 440 -3.59 -24.23 -4.25
CA GLN B 440 -3.47 -25.14 -5.39
C GLN B 440 -4.73 -25.96 -5.66
N ASP B 441 -5.78 -25.83 -4.86
CA ASP B 441 -6.97 -26.66 -4.98
C ASP B 441 -6.62 -28.16 -5.01
N PRO B 442 -5.90 -28.66 -4.01
CA PRO B 442 -5.37 -30.03 -4.09
C PRO B 442 -6.47 -31.09 -4.14
N VAL B 443 -6.17 -32.18 -4.83
CA VAL B 443 -6.99 -33.39 -4.77
C VAL B 443 -6.17 -34.51 -4.14
N PRO B 444 -6.80 -35.44 -3.45
CA PRO B 444 -6.05 -36.54 -2.84
C PRO B 444 -5.33 -37.39 -3.88
N ALA B 445 -4.24 -38.02 -3.45
CA ALA B 445 -3.60 -39.01 -4.31
C ALA B 445 -4.53 -40.20 -4.48
N VAL B 446 -4.34 -40.95 -5.57
CA VAL B 446 -5.03 -42.23 -5.71
C VAL B 446 -4.50 -43.19 -4.66
N SER B 447 -5.41 -43.81 -3.93
CA SER B 447 -5.08 -44.66 -2.79
C SER B 447 -5.56 -46.10 -2.94
N HIS B 448 -6.07 -46.48 -4.11
CA HIS B 448 -6.64 -47.79 -4.35
C HIS B 448 -6.50 -48.08 -5.84
N ASP B 449 -6.80 -49.31 -6.24
CA ASP B 449 -6.77 -49.64 -7.66
C ASP B 449 -7.93 -48.99 -8.40
N LEU B 450 -7.65 -48.52 -9.61
CA LEU B 450 -8.68 -47.88 -10.42
C LEU B 450 -9.53 -48.92 -11.15
N VAL B 451 -10.73 -48.48 -11.56
CA VAL B 451 -11.68 -49.35 -12.25
C VAL B 451 -11.16 -49.69 -13.64
N GLY B 452 -11.22 -50.97 -13.99
CA GLY B 452 -10.91 -51.42 -15.33
C GLY B 452 -12.12 -51.40 -16.25
N GLU B 453 -11.96 -52.01 -17.42
CA GLU B 453 -13.05 -52.02 -18.39
C GLU B 453 -14.32 -52.64 -17.82
N ALA B 454 -14.19 -53.75 -17.10
CA ALA B 454 -15.39 -54.48 -16.67
C ALA B 454 -16.16 -53.71 -15.61
N GLU B 455 -15.45 -53.12 -14.65
CA GLU B 455 -16.12 -52.31 -13.65
C GLU B 455 -16.73 -51.05 -14.25
N ILE B 456 -16.04 -50.46 -15.23
CA ILE B 456 -16.59 -49.30 -15.94
C ILE B 456 -17.87 -49.68 -16.66
N ALA B 457 -17.89 -50.84 -17.32
CA ALA B 457 -19.10 -51.30 -18.00
C ALA B 457 -20.23 -51.51 -17.00
N SER B 458 -19.92 -52.20 -15.91
CA SER B 458 -20.94 -52.51 -14.91
C SER B 458 -21.50 -51.22 -14.31
N LEU B 459 -20.61 -50.28 -13.98
CA LEU B 459 -21.00 -49.03 -13.33
C LEU B 459 -21.85 -48.17 -14.27
N LYS B 460 -21.53 -48.17 -15.56
CA LYS B 460 -22.38 -47.48 -16.51
C LYS B 460 -23.80 -48.05 -16.49
N SER B 461 -23.94 -49.38 -16.48
CA SER B 461 -25.28 -49.98 -16.43
C SER B 461 -25.97 -49.66 -15.11
N GLN B 462 -25.22 -49.64 -14.01
CA GLN B 462 -25.84 -49.31 -12.75
C GLN B 462 -26.34 -47.87 -12.75
N ILE B 463 -25.56 -46.95 -13.32
CA ILE B 463 -26.04 -45.57 -13.40
C ILE B 463 -27.30 -45.50 -14.25
N ARG B 464 -27.35 -46.25 -15.36
CA ARG B 464 -28.53 -46.17 -16.22
C ARG B 464 -29.76 -46.79 -15.55
N ALA B 465 -29.58 -47.65 -14.56
CA ALA B 465 -30.71 -48.23 -13.85
C ALA B 465 -31.14 -47.40 -12.64
N SER B 466 -30.43 -46.31 -12.32
CA SER B 466 -30.60 -45.63 -11.05
C SER B 466 -31.85 -44.80 -10.99
N GLY B 467 -32.43 -44.44 -12.13
CA GLY B 467 -33.53 -43.53 -12.16
C GLY B 467 -33.16 -42.14 -12.61
N LEU B 468 -31.88 -41.77 -12.53
CA LEU B 468 -31.47 -40.48 -13.05
C LEU B 468 -31.74 -40.42 -14.55
N THR B 469 -32.32 -39.31 -14.99
CA THR B 469 -32.59 -39.08 -16.40
C THR B 469 -31.31 -38.78 -17.18
N VAL B 470 -31.38 -38.97 -18.51
CA VAL B 470 -30.29 -38.55 -19.41
C VAL B 470 -29.95 -37.08 -19.16
N SER B 471 -30.97 -36.24 -19.00
CA SER B 471 -30.75 -34.82 -18.85
C SER B 471 -30.02 -34.50 -17.54
N GLN B 472 -30.43 -35.12 -16.44
CA GLN B 472 -29.76 -34.86 -15.17
C GLN B 472 -28.30 -35.30 -15.23
N LEU B 473 -28.04 -36.45 -15.86
CA LEU B 473 -26.69 -37.02 -15.90
C LEU B 473 -25.76 -36.17 -16.74
N VAL B 474 -26.24 -35.76 -17.92
CA VAL B 474 -25.40 -34.98 -18.84
C VAL B 474 -25.14 -33.59 -18.27
N SER B 475 -26.19 -32.95 -17.75
CA SER B 475 -25.99 -31.62 -17.20
C SER B 475 -25.12 -31.63 -15.93
N THR B 476 -25.22 -32.67 -15.09
CA THR B 476 -24.35 -32.72 -13.91
C THR B 476 -22.89 -32.86 -14.33
N ALA B 477 -22.63 -33.78 -15.25
CA ALA B 477 -21.26 -34.00 -15.70
C ALA B 477 -20.72 -32.76 -16.38
N TRP B 478 -21.56 -32.09 -17.19
CA TRP B 478 -21.11 -30.85 -17.82
C TRP B 478 -20.83 -29.79 -16.78
N ALA B 479 -21.72 -29.66 -15.80
CA ALA B 479 -21.50 -28.63 -14.78
C ALA B 479 -20.17 -28.84 -14.09
N ALA B 480 -19.85 -30.08 -13.74
CA ALA B 480 -18.62 -30.32 -12.99
C ALA B 480 -17.39 -30.10 -13.86
N ALA B 481 -17.45 -30.55 -15.11
CA ALA B 481 -16.25 -30.53 -15.93
C ALA B 481 -16.04 -29.16 -16.55
N SER B 482 -17.11 -28.49 -16.97
CA SER B 482 -16.92 -27.21 -17.63
C SER B 482 -16.52 -26.10 -16.65
N SER B 483 -16.33 -26.42 -15.37
CA SER B 483 -15.82 -25.39 -14.48
C SER B 483 -14.33 -25.12 -14.70
N PHE B 484 -13.65 -25.92 -15.51
CA PHE B 484 -12.24 -25.68 -15.84
C PHE B 484 -12.13 -24.51 -16.81
N ARG B 485 -11.10 -23.67 -16.62
CA ARG B 485 -10.78 -22.61 -17.56
C ARG B 485 -9.32 -22.75 -17.94
N GLY B 486 -9.04 -22.60 -19.24
CA GLY B 486 -7.72 -22.90 -19.74
C GLY B 486 -6.69 -21.83 -19.52
N SER B 487 -7.12 -20.67 -19.04
CA SER B 487 -6.20 -19.57 -18.76
C SER B 487 -5.23 -19.97 -17.65
N ASP B 488 -5.71 -20.07 -16.42
CA ASP B 488 -4.88 -20.50 -15.32
C ASP B 488 -5.05 -22.01 -15.03
N LYS B 489 -5.86 -22.71 -15.82
CA LYS B 489 -6.04 -24.16 -15.69
C LYS B 489 -6.54 -24.56 -14.29
N ARG B 490 -7.42 -23.73 -13.72
CA ARG B 490 -8.14 -24.06 -12.49
C ARG B 490 -9.49 -24.65 -12.86
N GLY B 491 -10.11 -25.34 -11.90
CA GLY B 491 -11.43 -25.92 -12.09
C GLY B 491 -11.41 -27.29 -12.76
N GLY B 492 -12.59 -27.87 -12.91
CA GLY B 492 -12.74 -29.11 -13.64
C GLY B 492 -13.42 -30.18 -12.82
N ALA B 493 -13.57 -31.36 -13.45
CA ALA B 493 -14.31 -32.44 -12.79
C ALA B 493 -13.47 -33.15 -11.73
N ASN B 494 -12.15 -33.11 -11.81
CA ASN B 494 -11.36 -33.80 -10.80
C ASN B 494 -11.46 -33.06 -9.46
N GLY B 495 -11.62 -33.82 -8.38
CA GLY B 495 -11.86 -33.24 -7.07
C GLY B 495 -13.26 -33.48 -6.54
N GLY B 496 -14.22 -33.76 -7.42
CA GLY B 496 -15.58 -33.99 -6.96
C GLY B 496 -16.18 -32.77 -6.29
N ARG B 497 -15.72 -31.59 -6.66
CA ARG B 497 -16.09 -30.37 -5.96
C ARG B 497 -17.49 -29.90 -6.28
N ILE B 498 -18.16 -30.47 -7.28
CA ILE B 498 -19.52 -30.03 -7.57
C ILE B 498 -20.45 -30.26 -6.37
N ARG B 499 -20.12 -31.21 -5.48
CA ARG B 499 -20.90 -31.48 -4.28
C ARG B 499 -20.47 -30.64 -3.08
N LEU B 500 -19.38 -29.90 -3.18
CA LEU B 500 -18.96 -29.01 -2.11
C LEU B 500 -19.43 -27.59 -2.37
N GLN B 501 -19.29 -26.76 -1.35
CA GLN B 501 -19.42 -25.32 -1.55
C GLN B 501 -18.16 -24.79 -2.22
N PRO B 502 -18.28 -23.78 -3.09
CA PRO B 502 -19.50 -23.08 -3.51
C PRO B 502 -20.20 -23.68 -4.72
N GLN B 503 -19.62 -24.66 -5.42
CA GLN B 503 -20.17 -25.11 -6.69
C GLN B 503 -21.58 -25.67 -6.54
N VAL B 504 -21.83 -26.38 -5.43
CA VAL B 504 -23.13 -26.99 -5.23
C VAL B 504 -24.24 -25.95 -5.20
N GLY B 505 -23.92 -24.69 -4.90
CA GLY B 505 -24.91 -23.62 -4.87
C GLY B 505 -24.84 -22.56 -5.95
N TRP B 506 -23.98 -22.72 -6.96
CA TRP B 506 -23.97 -21.80 -8.10
C TRP B 506 -25.30 -21.83 -8.85
N GLU B 507 -25.76 -20.66 -9.28
CA GLU B 507 -27.08 -20.57 -9.89
C GLU B 507 -27.19 -21.46 -11.13
N VAL B 508 -26.18 -21.45 -11.99
CA VAL B 508 -26.24 -22.25 -13.20
C VAL B 508 -26.23 -23.74 -12.88
N ASN B 509 -25.60 -24.16 -11.79
CA ASN B 509 -25.50 -25.58 -11.48
C ASN B 509 -26.74 -26.10 -10.78
N ASP B 510 -27.51 -25.22 -10.17
CA ASP B 510 -28.49 -25.74 -9.21
C ASP B 510 -29.65 -24.78 -9.16
N PRO B 511 -30.32 -24.55 -10.30
CA PRO B 511 -31.48 -23.64 -10.28
C PRO B 511 -32.55 -24.05 -9.30
N ASP B 512 -32.78 -25.37 -9.17
CA ASP B 512 -34.01 -25.89 -8.59
C ASP B 512 -33.78 -27.02 -7.58
N GLY B 513 -32.57 -27.17 -7.05
CA GLY B 513 -32.30 -28.26 -6.13
C GLY B 513 -32.13 -29.63 -6.76
N ASP B 514 -32.38 -29.77 -8.08
CA ASP B 514 -32.26 -31.07 -8.74
C ASP B 514 -30.86 -31.68 -8.58
N LEU B 515 -29.82 -30.86 -8.45
CA LEU B 515 -28.45 -31.36 -8.37
C LEU B 515 -28.22 -32.26 -7.15
N ARG B 516 -28.83 -31.94 -6.01
CA ARG B 516 -28.61 -32.73 -4.81
C ARG B 516 -29.18 -34.15 -4.93
N LYS B 517 -30.28 -34.29 -5.67
CA LYS B 517 -30.83 -35.62 -5.92
C LYS B 517 -29.82 -36.46 -6.71
N VAL B 518 -29.21 -35.86 -7.74
CA VAL B 518 -28.18 -36.54 -8.53
C VAL B 518 -27.01 -36.94 -7.64
N ILE B 519 -26.52 -36.00 -6.83
CA ILE B 519 -25.33 -36.26 -6.02
C ILE B 519 -25.59 -37.44 -5.09
N ARG B 520 -26.74 -37.41 -4.42
CA ARG B 520 -27.14 -38.47 -3.51
C ARG B 520 -27.10 -39.84 -4.19
N THR B 521 -27.81 -39.97 -5.32
CA THR B 521 -27.83 -41.25 -6.03
C THR B 521 -26.43 -41.69 -6.42
N LEU B 522 -25.60 -40.77 -6.94
CA LEU B 522 -24.26 -41.20 -7.33
C LEU B 522 -23.45 -41.62 -6.11
N GLU B 523 -23.70 -41.01 -4.96
CA GLU B 523 -22.98 -41.40 -3.75
C GLU B 523 -23.38 -42.81 -3.30
N GLU B 524 -24.68 -43.11 -3.39
CA GLU B 524 -25.15 -44.45 -3.07
C GLU B 524 -24.53 -45.49 -3.98
N ILE B 525 -24.48 -45.21 -5.29
CA ILE B 525 -23.83 -46.14 -6.21
C ILE B 525 -22.36 -46.32 -5.84
N GLN B 526 -21.67 -45.22 -5.50
CA GLN B 526 -20.29 -45.30 -5.03
C GLN B 526 -20.16 -46.21 -3.82
N GLU B 527 -20.99 -45.98 -2.80
CA GLU B 527 -20.86 -46.76 -1.57
C GLU B 527 -21.08 -48.24 -1.85
N SER B 528 -22.20 -48.57 -2.53
CA SER B 528 -22.50 -49.98 -2.76
C SER B 528 -21.46 -50.64 -3.65
N PHE B 529 -20.99 -49.93 -4.68
CA PHE B 529 -19.91 -50.50 -5.48
C PHE B 529 -18.69 -50.76 -4.61
N ASN B 530 -18.31 -49.78 -3.78
CA ASN B 530 -17.06 -49.90 -3.05
C ASN B 530 -17.12 -51.00 -1.99
N SER B 531 -18.28 -51.18 -1.35
CA SER B 531 -18.36 -52.25 -0.36
C SER B 531 -18.48 -53.62 -1.01
N ALA B 532 -18.79 -53.70 -2.28
CA ALA B 532 -18.88 -55.00 -2.92
C ALA B 532 -17.68 -55.30 -3.80
N ALA B 533 -16.84 -54.30 -4.06
CA ALA B 533 -15.88 -54.39 -5.14
C ALA B 533 -14.91 -55.55 -4.91
N PRO B 534 -14.28 -56.03 -6.00
CA PRO B 534 -13.35 -57.16 -5.86
C PRO B 534 -11.94 -56.71 -5.51
N GLY B 535 -11.53 -56.98 -4.28
CA GLY B 535 -10.17 -56.72 -3.81
C GLY B 535 -9.55 -55.38 -4.13
N ASN B 536 -10.00 -54.33 -3.43
CA ASN B 536 -9.26 -53.06 -3.35
C ASN B 536 -9.30 -52.26 -4.67
N ILE B 537 -10.24 -52.55 -5.56
CA ILE B 537 -10.67 -51.55 -6.54
C ILE B 537 -11.68 -50.66 -5.83
N LYS B 538 -11.45 -49.33 -5.89
CA LYS B 538 -12.42 -48.37 -5.38
C LYS B 538 -12.66 -47.31 -6.45
N VAL B 539 -13.82 -46.66 -6.40
CA VAL B 539 -14.16 -45.61 -7.33
C VAL B 539 -14.57 -44.35 -6.57
N SER B 540 -14.14 -43.20 -7.08
CA SER B 540 -14.40 -41.92 -6.46
C SER B 540 -15.73 -41.35 -6.90
N PHE B 541 -16.27 -40.48 -6.05
CA PHE B 541 -17.43 -39.72 -6.46
C PHE B 541 -17.11 -38.90 -7.71
N ALA B 542 -15.92 -38.31 -7.75
CA ALA B 542 -15.55 -37.45 -8.88
C ALA B 542 -15.64 -38.23 -10.19
N ASP B 543 -15.19 -39.48 -10.20
CA ASP B 543 -15.24 -40.27 -11.43
C ASP B 543 -16.67 -40.62 -11.79
N LEU B 544 -17.55 -40.85 -10.80
CA LEU B 544 -18.90 -41.30 -11.14
C LEU B 544 -19.74 -40.16 -11.69
N VAL B 545 -19.42 -38.93 -11.29
CA VAL B 545 -20.07 -37.76 -11.89
C VAL B 545 -19.86 -37.76 -13.38
N VAL B 546 -18.60 -37.89 -13.80
CA VAL B 546 -18.26 -37.89 -15.22
C VAL B 546 -18.76 -39.16 -15.87
N LEU B 547 -18.52 -40.30 -15.22
CA LEU B 547 -18.97 -41.56 -15.77
C LEU B 547 -20.46 -41.53 -16.05
N GLY B 548 -21.23 -40.90 -15.14
CA GLY B 548 -22.66 -40.86 -15.31
C GLY B 548 -23.08 -40.19 -16.60
N GLY B 549 -22.39 -39.11 -16.97
CA GLY B 549 -22.74 -38.41 -18.20
C GLY B 549 -22.36 -39.20 -19.43
N CYS B 550 -21.23 -39.88 -19.37
CA CYS B 550 -20.81 -40.75 -20.45
C CYS B 550 -21.85 -41.85 -20.67
N ALA B 551 -22.38 -42.41 -19.58
CA ALA B 551 -23.41 -43.43 -19.71
C ALA B 551 -24.69 -42.85 -20.29
N ALA B 552 -25.04 -41.61 -19.95
CA ALA B 552 -26.28 -41.08 -20.48
C ALA B 552 -26.14 -40.83 -21.97
N ILE B 553 -24.93 -40.47 -22.41
CA ILE B 553 -24.74 -40.19 -23.81
C ILE B 553 -24.77 -41.48 -24.61
N GLU B 554 -24.29 -42.58 -24.03
CA GLU B 554 -24.42 -43.88 -24.70
C GLU B 554 -25.90 -44.25 -24.88
N LYS B 555 -26.71 -44.05 -23.84
CA LYS B 555 -28.13 -44.36 -23.93
C LYS B 555 -28.82 -43.46 -24.95
N ALA B 556 -28.52 -42.17 -24.94
CA ALA B 556 -29.20 -41.29 -25.88
C ALA B 556 -28.77 -41.57 -27.31
N ALA B 557 -27.54 -42.03 -27.50
CA ALA B 557 -27.10 -42.42 -28.84
C ALA B 557 -27.79 -43.71 -29.29
N LYS B 558 -28.03 -44.64 -28.36
CA LYS B 558 -28.81 -45.82 -28.67
C LYS B 558 -30.26 -45.46 -28.97
N ALA B 559 -30.83 -44.49 -28.25
CA ALA B 559 -32.18 -44.05 -28.58
C ALA B 559 -32.26 -43.49 -30.00
N ALA B 560 -31.12 -43.09 -30.58
CA ALA B 560 -31.09 -42.48 -31.89
C ALA B 560 -30.59 -43.44 -32.95
N GLY B 561 -30.45 -44.71 -32.61
CA GLY B 561 -29.97 -45.70 -33.56
C GLY B 561 -28.50 -45.63 -33.85
N HIS B 562 -27.69 -45.40 -32.81
CA HIS B 562 -26.24 -45.54 -32.89
C HIS B 562 -25.77 -46.30 -31.64
N ASN B 563 -24.88 -47.24 -31.85
CA ASN B 563 -24.25 -47.97 -30.74
C ASN B 563 -22.83 -47.45 -30.68
N ILE B 564 -22.55 -46.60 -29.70
CA ILE B 564 -21.22 -46.07 -29.51
C ILE B 564 -20.82 -46.19 -28.05
N THR B 565 -19.53 -46.21 -27.84
CA THR B 565 -18.96 -46.23 -26.51
C THR B 565 -18.31 -44.88 -26.28
N VAL B 566 -18.73 -44.20 -25.22
CA VAL B 566 -18.11 -42.95 -24.80
C VAL B 566 -16.85 -43.24 -24.01
N PRO B 567 -15.69 -42.74 -24.42
CA PRO B 567 -14.45 -42.97 -23.64
C PRO B 567 -14.56 -42.48 -22.20
N PHE B 568 -13.73 -43.04 -21.34
CA PHE B 568 -13.73 -42.59 -19.96
C PHE B 568 -12.40 -42.91 -19.30
N THR B 569 -11.81 -41.91 -18.64
CA THR B 569 -10.52 -42.07 -17.98
C THR B 569 -10.71 -41.97 -16.48
N PRO B 570 -10.57 -43.05 -15.72
CA PRO B 570 -10.72 -42.99 -14.27
C PRO B 570 -9.49 -42.36 -13.62
N GLY B 571 -9.61 -42.10 -12.32
CA GLY B 571 -8.50 -41.55 -11.55
C GLY B 571 -8.77 -40.19 -10.95
N ARG B 572 -9.95 -39.63 -11.12
CA ARG B 572 -10.30 -38.47 -10.35
C ARG B 572 -10.42 -38.87 -8.87
N THR B 573 -10.08 -37.96 -7.97
CA THR B 573 -10.23 -38.20 -6.53
C THR B 573 -11.14 -37.13 -5.94
N ASP B 574 -11.61 -37.36 -4.70
CA ASP B 574 -12.60 -36.48 -4.07
C ASP B 574 -11.92 -35.59 -3.05
N ALA B 575 -11.94 -34.27 -3.30
CA ALA B 575 -11.47 -33.34 -2.29
C ALA B 575 -12.51 -33.20 -1.19
N SER B 576 -12.07 -32.79 -0.01
CA SER B 576 -13.00 -32.45 1.06
C SER B 576 -13.25 -30.96 1.06
N GLN B 577 -14.29 -30.54 1.79
CA GLN B 577 -14.56 -29.10 1.90
C GLN B 577 -13.36 -28.34 2.46
N GLU B 578 -12.66 -28.95 3.43
CA GLU B 578 -11.53 -28.28 4.06
C GLU B 578 -10.39 -28.06 3.08
N GLN B 579 -10.28 -28.88 2.04
CA GLN B 579 -9.29 -28.67 0.99
C GLN B 579 -9.83 -27.87 -0.19
N THR B 580 -10.87 -27.08 0.02
CA THR B 580 -11.53 -26.32 -1.04
C THR B 580 -11.75 -24.88 -0.56
N ASP B 581 -10.89 -23.96 -0.99
CA ASP B 581 -10.99 -22.55 -0.58
C ASP B 581 -12.24 -21.98 -1.23
N VAL B 582 -13.28 -21.77 -0.42
CA VAL B 582 -14.57 -21.34 -0.98
C VAL B 582 -14.43 -20.00 -1.68
N GLU B 583 -13.73 -19.04 -1.07
CA GLU B 583 -13.68 -17.72 -1.69
C GLU B 583 -12.84 -17.74 -2.95
N SER B 584 -11.73 -18.50 -2.94
CA SER B 584 -10.94 -18.62 -4.15
C SER B 584 -11.77 -19.21 -5.30
N PHE B 585 -12.62 -20.19 -5.01
CA PHE B 585 -13.45 -20.74 -6.06
C PHE B 585 -14.54 -19.79 -6.56
N ALA B 586 -14.75 -18.64 -5.91
CA ALA B 586 -15.82 -17.75 -6.35
C ALA B 586 -15.63 -17.32 -7.80
N VAL B 587 -14.39 -17.05 -8.21
CA VAL B 587 -14.14 -16.48 -9.53
C VAL B 587 -14.45 -17.46 -10.65
N LEU B 588 -14.49 -18.77 -10.36
CA LEU B 588 -14.82 -19.78 -11.36
C LEU B 588 -16.33 -19.92 -11.60
N GLU B 589 -17.18 -19.26 -10.83
CA GLU B 589 -18.60 -19.36 -11.10
C GLU B 589 -18.92 -18.78 -12.48
N PRO B 590 -19.55 -19.54 -13.35
CA PRO B 590 -19.97 -18.98 -14.64
C PRO B 590 -21.04 -17.91 -14.44
N LYS B 591 -20.83 -16.74 -15.07
CA LYS B 591 -21.89 -15.77 -15.26
C LYS B 591 -22.61 -15.97 -16.59
N ALA B 592 -22.02 -16.75 -17.48
CA ALA B 592 -22.62 -17.08 -18.76
C ALA B 592 -22.12 -18.47 -19.12
N ASP B 593 -23.01 -19.30 -19.67
CA ASP B 593 -22.59 -20.59 -20.21
C ASP B 593 -23.55 -20.94 -21.35
N GLY B 594 -23.17 -20.52 -22.57
CA GLY B 594 -24.03 -20.74 -23.73
C GLY B 594 -24.32 -22.19 -24.00
N PHE B 595 -23.46 -23.09 -23.52
CA PHE B 595 -23.68 -24.51 -23.68
C PHE B 595 -24.86 -25.00 -22.87
N ARG B 596 -25.26 -24.25 -21.84
CA ARG B 596 -26.44 -24.56 -21.07
C ARG B 596 -27.52 -23.51 -21.26
N ASN B 597 -27.32 -22.60 -22.22
CA ASN B 597 -28.21 -21.47 -22.45
C ASN B 597 -28.44 -20.68 -21.17
N TYR B 598 -27.39 -20.52 -20.39
CA TYR B 598 -27.44 -19.76 -19.15
C TYR B 598 -26.86 -18.38 -19.38
N LEU B 599 -27.58 -17.34 -18.99
CA LEU B 599 -27.03 -15.99 -19.12
C LEU B 599 -27.45 -15.23 -17.88
N GLY B 600 -26.54 -15.11 -16.91
CA GLY B 600 -26.79 -14.32 -15.73
C GLY B 600 -26.61 -12.82 -15.98
N LYS B 601 -26.81 -12.05 -14.92
CA LYS B 601 -26.62 -10.61 -15.02
C LYS B 601 -25.14 -10.28 -14.93
N GLY B 602 -24.77 -9.16 -15.55
CA GLY B 602 -23.45 -8.60 -15.34
C GLY B 602 -22.39 -8.92 -16.35
N ASN B 603 -22.75 -9.52 -17.52
CA ASN B 603 -21.68 -9.88 -18.44
C ASN B 603 -21.27 -8.68 -19.29
N PRO B 604 -20.01 -8.61 -19.72
CA PRO B 604 -19.55 -7.41 -20.45
C PRO B 604 -20.08 -7.32 -21.87
N LEU B 605 -20.50 -8.40 -22.48
CA LEU B 605 -20.88 -8.31 -23.89
C LEU B 605 -22.16 -9.10 -24.11
N PRO B 606 -22.82 -8.98 -25.27
CA PRO B 606 -23.97 -9.85 -25.57
C PRO B 606 -23.63 -11.35 -25.52
N ALA B 607 -24.70 -12.14 -25.46
CA ALA B 607 -24.58 -13.55 -25.11
C ALA B 607 -23.65 -14.33 -26.06
N GLU B 608 -23.69 -14.03 -27.38
CA GLU B 608 -22.88 -14.81 -28.31
C GLU B 608 -21.40 -14.54 -28.13
N TYR B 609 -21.04 -13.34 -27.65
CA TYR B 609 -19.64 -13.06 -27.33
C TYR B 609 -19.20 -13.85 -26.12
N MET B 610 -20.06 -14.01 -25.18
CA MET B 610 -19.82 -14.72 -24.04
C MET B 610 -19.66 -16.20 -24.32
N LEU B 611 -20.34 -16.74 -25.28
CA LEU B 611 -20.18 -18.07 -25.64
C LEU B 611 -18.83 -18.40 -26.24
N LEU B 612 -18.38 -17.53 -27.10
CA LEU B 612 -17.14 -17.62 -27.67
C LEU B 612 -16.09 -17.57 -26.60
N ASP B 613 -16.26 -16.73 -25.64
CA ASP B 613 -15.28 -16.61 -24.58
C ASP B 613 -15.28 -17.84 -23.70
N LYS B 614 -16.48 -18.40 -23.44
CA LYS B 614 -16.58 -19.65 -22.70
C LYS B 614 -15.94 -20.81 -23.48
N ALA B 615 -16.19 -20.88 -24.79
CA ALA B 615 -15.50 -21.87 -25.61
C ALA B 615 -14.00 -21.68 -25.53
N ASN B 616 -13.54 -20.43 -25.62
CA ASN B 616 -12.11 -20.17 -25.55
C ASN B 616 -11.54 -20.67 -24.23
N LEU B 617 -12.26 -20.41 -23.13
CA LEU B 617 -11.78 -20.84 -21.83
C LEU B 617 -11.78 -22.36 -21.70
N LEU B 618 -12.65 -23.04 -22.43
CA LEU B 618 -12.66 -24.48 -22.40
C LEU B 618 -11.64 -25.09 -23.37
N THR B 619 -10.91 -24.24 -24.09
CA THR B 619 -9.91 -24.62 -25.11
C THR B 619 -10.56 -25.27 -26.33
N LEU B 620 -11.79 -24.89 -26.65
CA LEU B 620 -12.52 -25.54 -27.73
C LEU B 620 -12.33 -24.85 -29.07
N SER B 621 -12.26 -25.64 -30.13
CA SER B 621 -12.32 -25.11 -31.49
C SER B 621 -13.74 -24.70 -31.85
N ALA B 622 -13.88 -23.89 -32.89
CA ALA B 622 -15.22 -23.60 -33.41
C ALA B 622 -16.01 -24.86 -33.76
N PRO B 623 -15.46 -25.86 -34.48
CA PRO B 623 -16.24 -27.10 -34.68
C PRO B 623 -16.61 -27.80 -33.38
N GLU B 624 -15.66 -27.93 -32.44
CA GLU B 624 -15.95 -28.56 -31.15
C GLU B 624 -17.08 -27.82 -30.41
N MET B 625 -16.97 -26.50 -30.30
CA MET B 625 -18.02 -25.69 -29.69
C MET B 625 -19.35 -25.92 -30.39
N THR B 626 -19.33 -26.02 -31.72
CA THR B 626 -20.57 -26.15 -32.46
C THR B 626 -21.26 -27.49 -32.18
N VAL B 627 -20.50 -28.58 -32.11
CA VAL B 627 -21.18 -29.86 -31.94
C VAL B 627 -21.69 -29.99 -30.52
N LEU B 628 -20.98 -29.41 -29.56
CA LEU B 628 -21.41 -29.53 -28.17
C LEU B 628 -22.73 -28.80 -27.95
N VAL B 629 -22.87 -27.59 -28.51
CA VAL B 629 -24.13 -26.85 -28.37
C VAL B 629 -25.29 -27.67 -28.91
N GLY B 630 -25.16 -28.18 -30.14
CA GLY B 630 -26.26 -28.93 -30.74
C GLY B 630 -26.58 -30.21 -30.00
N GLY B 631 -25.55 -30.93 -29.54
CA GLY B 631 -25.79 -32.14 -28.76
C GLY B 631 -26.42 -31.82 -27.40
N LEU B 632 -25.82 -30.86 -26.69
CA LEU B 632 -26.31 -30.55 -25.35
C LEU B 632 -27.77 -30.13 -25.40
N ARG B 633 -28.14 -29.34 -26.42
CA ARG B 633 -29.53 -28.89 -26.56
C ARG B 633 -30.48 -30.09 -26.64
N VAL B 634 -30.27 -30.99 -27.59
CA VAL B 634 -31.19 -32.12 -27.69
C VAL B 634 -31.03 -33.12 -26.54
N LEU B 635 -29.94 -33.04 -25.77
CA LEU B 635 -29.84 -33.94 -24.62
C LEU B 635 -30.55 -33.38 -23.38
N GLY B 636 -31.00 -32.13 -23.39
CA GLY B 636 -31.69 -31.58 -22.25
C GLY B 636 -30.79 -31.00 -21.19
N ALA B 637 -29.55 -30.62 -21.56
CA ALA B 637 -28.60 -30.00 -20.66
C ALA B 637 -28.94 -28.56 -20.31
N ASN B 638 -29.99 -28.00 -20.91
CA ASN B 638 -30.30 -26.58 -20.74
C ASN B 638 -30.53 -26.24 -19.28
N TYR B 639 -29.91 -25.15 -18.84
CA TYR B 639 -30.26 -24.53 -17.57
C TYR B 639 -31.79 -24.43 -17.40
N LYS B 640 -32.28 -24.94 -16.28
CA LYS B 640 -33.71 -24.99 -15.99
C LYS B 640 -34.50 -25.78 -17.04
N ARG B 641 -33.82 -26.59 -17.88
CA ARG B 641 -34.47 -27.45 -18.88
C ARG B 641 -35.49 -26.69 -19.75
N LEU B 642 -35.25 -25.43 -20.04
CA LEU B 642 -36.27 -24.75 -20.82
C LEU B 642 -36.03 -24.99 -22.33
N PRO B 643 -37.02 -24.72 -23.18
CA PRO B 643 -36.99 -25.23 -24.56
C PRO B 643 -36.20 -24.39 -25.55
N LEU B 644 -35.47 -23.36 -25.12
CA LEU B 644 -34.75 -22.53 -26.08
C LEU B 644 -33.66 -23.35 -26.75
N GLY B 645 -33.70 -23.40 -28.08
CA GLY B 645 -32.73 -24.14 -28.84
C GLY B 645 -32.95 -25.65 -28.87
N VAL B 646 -34.03 -26.16 -28.27
CA VAL B 646 -34.26 -27.60 -28.19
C VAL B 646 -35.07 -27.96 -29.42
N PHE B 647 -34.44 -27.85 -30.59
CA PHE B 647 -35.14 -28.02 -31.87
C PHE B 647 -35.21 -29.50 -32.23
N THR B 648 -36.01 -30.24 -31.45
CA THR B 648 -36.21 -31.64 -31.75
C THR B 648 -37.56 -32.10 -31.24
N GLU B 649 -38.17 -33.08 -31.94
CA GLU B 649 -39.34 -33.77 -31.40
C GLU B 649 -38.95 -34.92 -30.48
N ALA B 650 -37.70 -35.36 -30.51
CA ALA B 650 -37.28 -36.53 -29.77
C ALA B 650 -36.83 -36.13 -28.37
N SER B 651 -36.94 -37.06 -27.42
CA SER B 651 -36.46 -36.84 -26.05
C SER B 651 -35.28 -37.74 -25.75
N GLU B 652 -34.31 -37.18 -25.04
CA GLU B 652 -33.03 -37.84 -24.73
C GLU B 652 -32.56 -38.71 -25.90
N SER B 653 -32.56 -38.12 -27.09
CA SER B 653 -32.02 -38.78 -28.27
C SER B 653 -30.89 -37.93 -28.83
N LEU B 654 -29.75 -38.57 -29.10
CA LEU B 654 -28.58 -37.87 -29.61
C LEU B 654 -28.66 -37.85 -31.13
N THR B 655 -29.37 -36.86 -31.65
CA THR B 655 -29.53 -36.62 -33.06
C THR B 655 -28.88 -35.28 -33.41
N ASN B 656 -28.73 -35.03 -34.72
CA ASN B 656 -28.29 -33.73 -35.21
C ASN B 656 -29.46 -32.79 -35.49
N ASP B 657 -30.61 -33.02 -34.84
CA ASP B 657 -31.83 -32.25 -35.11
C ASP B 657 -31.59 -30.75 -35.02
N PHE B 658 -30.74 -30.34 -34.07
CA PHE B 658 -30.51 -28.90 -33.83
C PHE B 658 -30.01 -28.21 -35.10
N PHE B 659 -29.14 -28.89 -35.86
CA PHE B 659 -28.55 -28.27 -37.06
C PHE B 659 -29.48 -28.33 -38.26
N VAL B 660 -30.21 -29.44 -38.42
CA VAL B 660 -31.19 -29.57 -39.49
C VAL B 660 -32.26 -28.48 -39.38
N ASN B 661 -32.80 -28.30 -38.18
CA ASN B 661 -33.91 -27.37 -38.01
C ASN B 661 -33.45 -25.94 -38.07
N LEU B 662 -32.22 -25.68 -37.66
CA LEU B 662 -31.71 -24.33 -37.72
C LEU B 662 -31.56 -23.85 -39.16
N LEU B 663 -31.42 -24.78 -40.11
CA LEU B 663 -31.28 -24.48 -41.52
C LEU B 663 -32.59 -24.61 -42.31
N ASP B 664 -33.71 -24.83 -41.61
CA ASP B 664 -35.04 -24.97 -42.20
C ASP B 664 -35.61 -23.60 -42.59
N MET B 665 -35.66 -23.31 -43.90
CA MET B 665 -36.25 -22.05 -44.37
C MET B 665 -37.77 -22.02 -44.23
N GLY B 666 -38.41 -23.11 -43.79
CA GLY B 666 -39.81 -23.08 -43.43
C GLY B 666 -40.10 -22.42 -42.10
N ILE B 667 -39.08 -22.04 -41.34
CA ILE B 667 -39.24 -21.35 -40.07
C ILE B 667 -38.89 -19.89 -40.28
N THR B 668 -39.76 -19.00 -39.84
CA THR B 668 -39.49 -17.57 -39.78
C THR B 668 -39.20 -17.15 -38.35
N TRP B 669 -38.14 -16.37 -38.16
CA TRP B 669 -37.66 -15.98 -36.84
C TRP B 669 -37.88 -14.49 -36.61
N GLU B 670 -38.39 -14.16 -35.43
CA GLU B 670 -38.56 -12.78 -34.99
C GLU B 670 -38.27 -12.69 -33.50
N PRO B 671 -37.69 -11.59 -33.05
CA PRO B 671 -37.57 -11.38 -31.60
C PRO B 671 -38.92 -11.55 -30.91
N SER B 672 -38.94 -12.31 -29.82
CA SER B 672 -40.17 -12.47 -29.09
C SER B 672 -40.74 -11.11 -28.71
N PRO B 673 -42.06 -10.93 -28.76
CA PRO B 673 -42.60 -9.60 -28.41
C PRO B 673 -42.32 -9.19 -26.96
N ALA B 674 -42.09 -10.15 -26.08
CA ALA B 674 -41.85 -9.85 -24.67
C ALA B 674 -40.52 -9.11 -24.45
N ASP B 675 -39.75 -8.89 -25.50
CA ASP B 675 -38.40 -8.31 -25.40
C ASP B 675 -37.62 -8.92 -24.24
N ASP B 676 -37.34 -10.22 -24.34
CA ASP B 676 -36.76 -10.98 -23.24
C ASP B 676 -35.52 -11.75 -23.66
N GLY B 677 -34.82 -11.26 -24.69
CA GLY B 677 -33.66 -11.97 -25.21
C GLY B 677 -33.95 -13.30 -25.89
N THR B 678 -35.19 -13.55 -26.29
CA THR B 678 -35.55 -14.78 -26.96
C THR B 678 -36.19 -14.50 -28.31
N TYR B 679 -36.34 -15.57 -29.08
CA TYR B 679 -36.80 -15.47 -30.46
C TYR B 679 -37.91 -16.49 -30.68
N GLN B 680 -38.82 -16.14 -31.57
CA GLN B 680 -39.95 -16.98 -31.94
C GLN B 680 -39.77 -17.44 -33.36
N GLY B 681 -39.89 -18.76 -33.58
CA GLY B 681 -39.77 -19.35 -34.90
C GLY B 681 -41.07 -20.00 -35.34
N LYS B 682 -41.66 -19.45 -36.40
CA LYS B 682 -42.99 -19.82 -36.86
C LYS B 682 -42.90 -20.61 -38.14
N ASP B 683 -43.76 -21.61 -38.30
CA ASP B 683 -43.81 -22.38 -39.54
C ASP B 683 -44.79 -21.70 -40.50
N GLY B 684 -45.27 -22.44 -41.51
CA GLY B 684 -46.05 -21.81 -42.57
C GLY B 684 -47.41 -21.36 -42.10
N SER B 685 -48.02 -22.11 -41.19
CA SER B 685 -49.33 -21.79 -40.63
C SER B 685 -49.28 -20.61 -39.67
N GLY B 686 -48.08 -20.11 -39.35
CA GLY B 686 -47.94 -19.01 -38.42
C GLY B 686 -47.86 -19.42 -36.96
N LYS B 687 -47.99 -20.71 -36.67
CA LYS B 687 -47.90 -21.24 -35.32
C LYS B 687 -46.43 -21.26 -34.88
N VAL B 688 -46.18 -20.83 -33.63
CA VAL B 688 -44.84 -20.81 -33.06
C VAL B 688 -44.38 -22.26 -32.85
N LYS B 689 -43.37 -22.67 -33.61
CA LYS B 689 -42.85 -24.03 -33.59
C LYS B 689 -41.62 -24.21 -32.70
N TRP B 690 -40.73 -23.21 -32.66
CA TRP B 690 -39.51 -23.26 -31.86
C TRP B 690 -39.28 -21.90 -31.21
N THR B 691 -38.54 -21.92 -30.10
CA THR B 691 -38.01 -20.70 -29.49
C THR B 691 -36.51 -20.84 -29.26
N GLY B 692 -35.82 -19.69 -29.20
CA GLY B 692 -34.38 -19.72 -29.04
C GLY B 692 -33.82 -18.40 -28.57
N SER B 693 -32.60 -18.48 -28.02
CA SER B 693 -31.84 -17.34 -27.54
C SER B 693 -30.94 -16.77 -28.63
N ARG B 694 -30.29 -15.65 -28.30
CA ARG B 694 -29.22 -15.16 -29.17
C ARG B 694 -28.15 -16.22 -29.39
N VAL B 695 -27.90 -17.07 -28.40
CA VAL B 695 -26.84 -18.05 -28.56
C VAL B 695 -27.26 -19.13 -29.54
N ASP B 696 -28.54 -19.50 -29.54
CA ASP B 696 -29.01 -20.51 -30.49
C ASP B 696 -28.98 -19.98 -31.91
N LEU B 697 -29.46 -18.75 -32.11
CA LEU B 697 -29.63 -18.23 -33.46
C LEU B 697 -28.33 -17.77 -34.10
N VAL B 698 -27.31 -17.45 -33.30
CA VAL B 698 -26.04 -17.00 -33.86
C VAL B 698 -25.43 -18.10 -34.73
N PHE B 699 -25.81 -19.36 -34.50
CA PHE B 699 -25.32 -20.45 -35.34
C PHE B 699 -26.00 -20.45 -36.71
N GLY B 700 -27.21 -19.91 -36.81
CA GLY B 700 -27.93 -19.80 -38.06
C GLY B 700 -27.65 -18.50 -38.77
N SER B 701 -27.17 -17.51 -38.02
CA SER B 701 -26.96 -16.17 -38.53
C SER B 701 -25.51 -15.89 -38.94
N ASN B 702 -24.52 -16.31 -38.14
CA ASN B 702 -23.12 -15.96 -38.42
C ASN B 702 -22.62 -16.80 -39.59
N SER B 703 -21.94 -16.16 -40.55
CA SER B 703 -21.65 -16.87 -41.79
C SER B 703 -20.59 -17.94 -41.60
N GLU B 704 -19.68 -17.76 -40.65
CA GLU B 704 -18.74 -18.85 -40.40
C GLU B 704 -19.38 -19.98 -39.59
N LEU B 705 -20.24 -19.65 -38.62
CA LEU B 705 -20.84 -20.72 -37.82
C LEU B 705 -21.87 -21.50 -38.64
N ARG B 706 -22.64 -20.79 -39.49
CA ARG B 706 -23.65 -21.47 -40.30
C ARG B 706 -22.99 -22.44 -41.27
N ALA B 707 -21.81 -22.07 -41.77
CA ALA B 707 -21.00 -23.00 -42.55
C ALA B 707 -20.80 -24.31 -41.79
N LEU B 708 -20.45 -24.21 -40.50
CA LEU B 708 -20.28 -25.42 -39.68
C LEU B 708 -21.60 -26.13 -39.45
N VAL B 709 -22.70 -25.38 -39.32
CA VAL B 709 -23.98 -26.02 -39.10
C VAL B 709 -24.40 -26.80 -40.33
N GLU B 710 -24.01 -26.31 -41.50
CA GLU B 710 -24.33 -26.96 -42.76
C GLU B 710 -23.59 -28.28 -42.91
N VAL B 711 -22.41 -28.42 -42.29
CA VAL B 711 -21.74 -29.70 -42.26
C VAL B 711 -22.54 -30.72 -41.44
N TYR B 712 -22.97 -30.32 -40.24
CA TYR B 712 -23.60 -31.22 -39.29
C TYR B 712 -25.10 -31.35 -39.50
N GLY B 713 -25.68 -30.58 -40.41
CA GLY B 713 -27.07 -30.73 -40.77
C GLY B 713 -27.32 -31.44 -42.09
N ALA B 714 -26.28 -31.93 -42.74
CA ALA B 714 -26.49 -32.62 -44.01
C ALA B 714 -27.17 -33.97 -43.78
N ASP B 715 -27.77 -34.50 -44.85
CA ASP B 715 -28.37 -35.83 -44.77
C ASP B 715 -27.37 -36.90 -44.36
N ASP B 716 -26.11 -36.79 -44.81
CA ASP B 716 -25.10 -37.80 -44.53
C ASP B 716 -24.37 -37.58 -43.19
N ALA B 717 -24.78 -36.59 -42.39
CA ALA B 717 -23.93 -36.11 -41.32
C ALA B 717 -24.15 -36.76 -39.96
N GLN B 718 -25.21 -37.56 -39.78
CA GLN B 718 -25.48 -37.92 -38.39
C GLN B 718 -24.39 -38.78 -37.75
N PRO B 719 -23.82 -39.79 -38.42
CA PRO B 719 -22.75 -40.54 -37.75
C PRO B 719 -21.54 -39.68 -37.40
N LYS B 720 -21.16 -38.74 -38.28
CA LYS B 720 -20.05 -37.83 -37.96
C LYS B 720 -20.41 -36.91 -36.82
N PHE B 721 -21.69 -36.59 -36.66
CA PHE B 721 -22.07 -35.67 -35.60
C PHE B 721 -21.94 -36.36 -34.26
N VAL B 722 -22.48 -37.57 -34.15
CA VAL B 722 -22.33 -38.35 -32.91
C VAL B 722 -20.86 -38.55 -32.60
N GLN B 723 -20.11 -38.95 -33.58
CA GLN B 723 -18.71 -39.15 -33.40
C GLN B 723 -17.98 -37.88 -32.92
N ASP B 724 -18.16 -36.78 -33.57
CA ASP B 724 -17.45 -35.57 -33.15
C ASP B 724 -17.98 -35.02 -31.83
N PHE B 725 -19.26 -35.23 -31.53
CA PHE B 725 -19.77 -34.80 -30.25
C PHE B 725 -19.14 -35.59 -29.13
N VAL B 726 -18.94 -36.90 -29.33
CA VAL B 726 -18.38 -37.70 -28.27
C VAL B 726 -16.92 -37.32 -28.03
N ALA B 727 -16.19 -37.03 -29.10
CA ALA B 727 -14.80 -36.58 -28.98
C ALA B 727 -14.69 -35.25 -28.21
N ALA B 728 -15.60 -34.30 -28.47
CA ALA B 728 -15.55 -33.02 -27.78
C ALA B 728 -16.03 -33.14 -26.33
N TRP B 729 -17.02 -33.99 -26.10
CA TRP B 729 -17.44 -34.25 -24.74
C TRP B 729 -16.29 -34.86 -23.94
N ASP B 730 -15.60 -35.83 -24.56
CA ASP B 730 -14.46 -36.49 -23.93
C ASP B 730 -13.37 -35.48 -23.59
N LYS B 731 -13.06 -34.60 -24.55
CA LYS B 731 -12.10 -33.53 -24.33
C LYS B 731 -12.48 -32.67 -23.12
N VAL B 732 -13.75 -32.28 -23.01
CA VAL B 732 -14.13 -31.40 -21.92
C VAL B 732 -14.06 -32.15 -20.58
N MET B 733 -14.52 -33.40 -20.54
CA MET B 733 -14.38 -34.20 -19.33
C MET B 733 -12.91 -34.34 -18.90
N ASN B 734 -11.96 -34.24 -19.84
CA ASN B 734 -10.58 -34.56 -19.55
C ASN B 734 -9.69 -33.33 -19.35
N LEU B 735 -10.28 -32.12 -19.37
CA LEU B 735 -9.51 -30.87 -19.42
C LEU B 735 -8.47 -30.75 -18.29
N ASP B 736 -8.86 -31.06 -17.05
CA ASP B 736 -7.95 -30.90 -15.91
C ASP B 736 -7.06 -32.12 -15.65
N ARG B 737 -7.11 -33.13 -16.51
CA ARG B 737 -6.49 -34.43 -16.22
C ARG B 737 -5.00 -34.45 -16.62
N PHE B 738 -4.24 -33.53 -16.02
CA PHE B 738 -2.80 -33.57 -16.25
C PHE B 738 -2.12 -34.72 -15.52
N ASP B 739 -2.83 -35.40 -14.61
CA ASP B 739 -2.25 -36.56 -13.97
C ASP B 739 -2.04 -37.74 -14.93
N VAL B 740 -2.69 -37.75 -16.09
CA VAL B 740 -2.49 -38.80 -17.07
C VAL B 740 -1.82 -38.28 -18.33
N ARG B 741 -1.37 -37.03 -18.34
CA ARG B 741 -0.67 -36.53 -19.54
C ARG B 741 0.78 -36.13 -19.25
N GLY C 25 9.58 24.30 60.42
CA GLY C 25 10.10 24.27 59.07
C GLY C 25 9.91 25.56 58.26
N HIS C 26 10.40 25.55 57.03
CA HIS C 26 10.34 26.72 56.14
C HIS C 26 9.97 26.29 54.72
N MET C 27 9.11 27.06 54.05
CA MET C 27 8.85 26.76 52.66
C MET C 27 10.04 27.18 51.79
N LYS C 28 10.29 26.39 50.74
CA LYS C 28 11.41 26.60 49.84
C LYS C 28 10.93 27.04 48.47
N TYR C 29 11.87 27.55 47.69
CA TYR C 29 11.61 27.88 46.29
C TYR C 29 11.22 26.62 45.52
N PRO C 30 10.24 26.71 44.60
CA PRO C 30 9.93 25.55 43.74
C PRO C 30 11.15 24.88 43.10
N VAL C 31 12.13 25.66 42.60
CA VAL C 31 13.30 25.06 41.99
C VAL C 31 14.09 24.25 43.00
N GLU C 32 13.73 24.37 44.28
CA GLU C 32 14.38 23.66 45.36
C GLU C 32 13.43 22.68 46.04
N GLY C 33 12.29 22.39 45.43
CA GLY C 33 11.38 21.36 45.93
C GLY C 33 10.10 21.89 46.53
N GLY C 34 9.97 23.20 46.74
CA GLY C 34 8.79 23.72 47.39
C GLY C 34 7.55 23.59 46.53
N GLY C 35 6.42 23.36 47.19
CA GLY C 35 5.17 23.26 46.48
C GLY C 35 3.99 23.10 47.42
N ASN C 36 2.85 22.80 46.81
CA ASN C 36 1.58 22.72 47.53
C ASN C 36 1.55 21.58 48.55
N GLN C 37 2.31 20.51 48.31
CA GLN C 37 2.43 19.41 49.26
C GLN C 37 2.82 19.90 50.65
N ASP C 38 3.56 21.01 50.73
CA ASP C 38 4.03 21.49 52.03
C ASP C 38 2.91 22.13 52.87
N TRP C 39 1.92 22.75 52.24
CA TRP C 39 0.82 23.31 53.04
C TRP C 39 -0.24 22.27 53.39
N TRP C 40 -0.42 21.25 52.56
CA TRP C 40 -1.41 20.19 52.79
C TRP C 40 -0.68 18.87 52.52
N PRO C 41 -0.06 18.30 53.56
CA PRO C 41 0.97 17.27 53.33
C PRO C 41 0.45 15.92 52.89
N ASN C 42 -0.84 15.63 53.02
CA ASN C 42 -1.35 14.35 52.58
C ASN C 42 -2.28 14.47 51.38
N ARG C 43 -2.12 15.54 50.61
CA ARG C 43 -2.99 15.81 49.47
C ARG C 43 -2.75 14.83 48.34
N LEU C 44 -3.78 14.61 47.56
CA LEU C 44 -3.72 13.73 46.41
C LEU C 44 -2.74 14.30 45.38
N ASN C 45 -1.74 13.53 44.99
CA ASN C 45 -0.66 14.06 44.15
C ASN C 45 -0.84 13.57 42.73
N LEU C 46 -1.40 14.43 41.88
CA LEU C 46 -1.68 14.05 40.50
C LEU C 46 -0.42 13.91 39.65
N LYS C 47 0.76 14.27 40.17
CA LYS C 47 1.94 14.14 39.33
C LYS C 47 2.15 12.71 38.87
N VAL C 48 1.65 11.74 39.63
CA VAL C 48 1.84 10.33 39.27
C VAL C 48 1.12 9.96 37.99
N LEU C 49 0.22 10.80 37.50
CA LEU C 49 -0.45 10.56 36.23
C LEU C 49 0.19 11.30 35.07
N HIS C 50 1.33 11.96 35.29
CA HIS C 50 2.10 12.47 34.16
C HIS C 50 3.58 12.21 34.38
N GLN C 51 3.92 10.96 34.65
CA GLN C 51 5.31 10.57 34.79
C GLN C 51 5.95 10.46 33.42
N ASN C 52 7.27 10.62 33.40
CA ASN C 52 8.03 10.71 32.17
C ASN C 52 7.33 11.63 31.15
N PRO C 53 7.12 12.91 31.48
CA PRO C 53 6.43 13.80 30.54
C PRO C 53 7.18 13.93 29.22
N ALA C 54 6.42 14.15 28.15
CA ALA C 54 7.02 14.16 26.81
C ALA C 54 8.00 15.32 26.64
N VAL C 55 7.78 16.43 27.34
CA VAL C 55 8.66 17.58 27.17
C VAL C 55 10.04 17.31 27.78
N ALA C 56 10.13 16.44 28.78
CA ALA C 56 11.42 16.12 29.38
C ALA C 56 12.19 15.06 28.60
N ASP C 57 11.62 14.53 27.52
CA ASP C 57 12.26 13.48 26.76
C ASP C 57 13.06 14.10 25.63
N PRO C 58 14.38 13.89 25.57
CA PRO C 58 15.19 14.56 24.54
C PRO C 58 15.04 13.95 23.15
N MET C 59 14.62 12.69 23.05
CA MET C 59 14.42 12.08 21.75
C MET C 59 13.13 12.62 21.14
N GLY C 60 13.08 12.72 19.83
CA GLY C 60 11.84 13.19 19.22
C GLY C 60 10.55 12.48 19.63
N ALA C 61 9.39 13.05 19.28
CA ALA C 61 8.16 12.27 19.39
C ALA C 61 8.18 11.09 18.44
N ALA C 62 8.97 11.20 17.36
CA ALA C 62 9.07 10.17 16.33
C ALA C 62 10.04 9.05 16.69
N PHE C 63 10.78 9.20 17.78
CA PHE C 63 11.84 8.25 18.07
C PHE C 63 11.27 6.87 18.31
N ASP C 64 11.89 5.88 17.65
CA ASP C 64 11.41 4.50 17.55
C ASP C 64 12.56 3.56 17.95
N TYR C 65 12.65 3.22 19.24
CA TYR C 65 13.79 2.43 19.72
C TYR C 65 13.81 1.05 19.08
N ALA C 66 12.66 0.40 18.94
CA ALA C 66 12.64 -0.91 18.30
C ALA C 66 13.26 -0.85 16.92
N ALA C 67 13.02 0.23 16.18
CA ALA C 67 13.67 0.39 14.89
C ALA C 67 15.16 0.66 15.05
N GLU C 68 15.57 1.26 16.16
CA GLU C 68 16.99 1.56 16.31
C GLU C 68 17.77 0.31 16.71
N VAL C 69 17.27 -0.44 17.69
CA VAL C 69 18.00 -1.58 18.21
C VAL C 69 18.03 -2.71 17.18
N ALA C 70 17.02 -2.78 16.31
CA ALA C 70 17.04 -3.75 15.22
C ALA C 70 18.33 -3.70 14.40
N THR C 71 18.98 -2.54 14.35
CA THR C 71 20.12 -2.37 13.46
C THR C 71 21.45 -2.66 14.14
N ILE C 72 21.45 -3.02 15.41
CA ILE C 72 22.69 -3.13 16.17
C ILE C 72 23.43 -4.40 15.76
N ASP C 73 24.76 -4.33 15.74
CA ASP C 73 25.58 -5.53 15.53
C ASP C 73 25.81 -6.13 16.90
N VAL C 74 25.09 -7.21 17.23
CA VAL C 74 25.12 -7.70 18.60
C VAL C 74 26.47 -8.33 18.93
N ASP C 75 27.08 -9.03 17.96
CA ASP C 75 28.42 -9.58 18.19
C ASP C 75 29.43 -8.47 18.48
N ALA C 76 29.37 -7.38 17.72
CA ALA C 76 30.31 -6.28 17.95
C ALA C 76 30.09 -5.69 19.34
N LEU C 77 28.82 -5.52 19.73
CA LEU C 77 28.46 -5.04 21.07
C LEU C 77 29.08 -5.91 22.14
N THR C 78 28.84 -7.21 22.06
CA THR C 78 29.46 -8.17 22.95
C THR C 78 30.97 -7.97 23.04
N ARG C 79 31.65 -7.94 21.89
CA ARG C 79 33.10 -7.73 21.89
C ARG C 79 33.47 -6.42 22.60
N ASP C 80 32.78 -5.33 22.27
CA ASP C 80 33.04 -4.05 22.93
C ASP C 80 32.85 -4.14 24.45
N ILE C 81 31.85 -4.91 24.91
CA ILE C 81 31.64 -5.02 26.35
C ILE C 81 32.71 -5.93 26.95
N GLU C 82 33.10 -7.00 26.24
CA GLU C 82 34.22 -7.81 26.69
C GLU C 82 35.50 -6.98 26.77
N GLU C 83 35.68 -6.02 25.87
CA GLU C 83 36.86 -5.18 25.95
C GLU C 83 36.83 -4.34 27.21
N VAL C 84 35.66 -3.78 27.54
CA VAL C 84 35.53 -3.01 28.78
C VAL C 84 35.88 -3.87 29.99
N MET C 85 35.29 -5.08 30.06
CA MET C 85 35.44 -5.91 31.25
C MET C 85 36.90 -6.25 31.53
N THR C 86 37.76 -6.26 30.50
CA THR C 86 39.14 -6.65 30.71
C THR C 86 40.14 -5.49 30.52
N THR C 87 39.68 -4.23 30.49
CA THR C 87 40.55 -3.06 30.49
C THR C 87 40.31 -2.28 31.78
N SER C 88 41.32 -2.26 32.65
CA SER C 88 41.17 -1.68 33.98
C SER C 88 41.27 -0.16 33.96
N GLN C 89 40.30 0.52 34.62
CA GLN C 89 40.44 1.96 34.67
C GLN C 89 41.06 2.39 35.99
N PRO C 90 41.96 3.37 35.93
CA PRO C 90 42.70 3.77 37.14
C PRO C 90 41.82 4.24 38.28
N TRP C 91 40.63 4.81 37.99
CA TRP C 91 39.80 5.36 39.05
C TRP C 91 38.94 4.32 39.75
N TRP C 92 38.95 3.09 39.26
CA TRP C 92 38.31 1.96 39.93
C TRP C 92 38.94 0.68 39.39
N PRO C 93 40.18 0.37 39.77
CA PRO C 93 40.88 -0.77 39.17
C PRO C 93 40.14 -2.08 39.36
N ALA C 94 40.27 -2.96 38.37
CA ALA C 94 39.45 -4.15 38.25
C ALA C 94 39.98 -5.29 39.11
N ASP C 95 39.14 -5.81 40.01
CA ASP C 95 39.44 -7.05 40.71
C ASP C 95 39.85 -8.14 39.72
N TYR C 96 41.00 -8.75 39.96
CA TYR C 96 41.49 -9.85 39.13
C TYR C 96 41.55 -9.45 37.65
N GLY C 97 41.66 -8.14 37.39
CA GLY C 97 41.72 -7.63 36.03
C GLY C 97 40.45 -7.85 35.22
N HIS C 98 39.30 -7.98 35.88
CA HIS C 98 38.07 -8.36 35.18
C HIS C 98 36.87 -7.76 35.91
N TYR C 99 36.18 -6.81 35.26
CA TYR C 99 34.94 -6.22 35.80
C TYR C 99 33.71 -7.09 35.60
N GLY C 100 33.85 -8.31 35.08
CA GLY C 100 32.71 -9.18 34.86
C GLY C 100 31.84 -9.40 36.11
N PRO C 101 32.45 -9.83 37.21
CA PRO C 101 31.61 -10.07 38.41
C PRO C 101 30.90 -8.81 38.92
N LEU C 102 31.61 -7.68 39.01
CA LEU C 102 30.97 -6.39 39.32
C LEU C 102 29.76 -6.11 38.44
N PHE C 103 29.89 -6.38 37.13
CA PHE C 103 28.76 -6.15 36.21
C PHE C 103 27.60 -7.10 36.46
N ILE C 104 27.89 -8.35 36.88
CA ILE C 104 26.83 -9.28 37.22
C ILE C 104 26.07 -8.79 38.45
N ARG C 105 26.79 -8.29 39.45
CA ARG C 105 26.12 -7.73 40.61
C ARG C 105 25.31 -6.50 40.21
N MET C 106 25.91 -5.63 39.37
CA MET C 106 25.17 -4.50 38.81
C MET C 106 23.87 -4.96 38.13
N ALA C 107 23.96 -5.96 37.23
CA ALA C 107 22.77 -6.41 36.50
C ALA C 107 21.74 -7.06 37.44
N TOX C 108 22.21 -7.83 38.42
CA TOX C 108 21.36 -8.46 39.38
CB TOX C 108 22.18 -9.43 40.24
CG TOX C 108 21.84 -9.53 41.73
CD1 TOX C 108 22.77 -9.33 42.73
NE1 TOX C 108 22.18 -9.50 43.95
CE2 TOX C 108 20.85 -9.84 43.71
CD2 TOX C 108 20.66 -9.87 42.34
CE3 TOX C 108 19.42 -10.20 41.81
CZ3 TOX C 108 18.36 -10.48 42.67
CH2 TOX C 108 18.50 -10.43 44.05
CZ2 TOX C 108 19.76 -10.13 44.57
C TOX C 108 20.65 -7.40 40.24
O TOX C 108 19.42 -7.51 40.46
O2 TOX C 108 24.22 -8.86 45.22
O2 TOX C 108 22.04 -8.54 46.29
O1 TOX C 108 22.82 -9.37 45.31
N HIS C 109 21.37 -6.39 40.71
CA HIS C 109 20.73 -5.30 41.46
C HIS C 109 19.79 -4.46 40.62
N ALA C 110 20.11 -4.28 39.33
CA ALA C 110 19.19 -3.58 38.43
C ALA C 110 17.86 -4.32 38.34
N ALA C 111 17.90 -5.64 38.24
CA ALA C 111 16.66 -6.40 38.18
C ALA C 111 16.09 -6.65 39.56
N GLY C 112 16.95 -6.68 40.59
CA GLY C 112 16.61 -7.14 41.93
C GLY C 112 15.70 -6.26 42.78
N THR C 113 15.17 -5.18 42.20
CA THR C 113 14.23 -4.32 42.91
C THR C 113 12.79 -4.64 42.55
N TYR C 114 12.57 -5.51 41.57
CA TYR C 114 11.24 -5.94 41.21
C TYR C 114 10.49 -6.48 42.42
N ARG C 115 9.20 -6.24 42.47
CA ARG C 115 8.39 -6.91 43.46
C ARG C 115 7.02 -7.23 42.88
N ILE C 116 6.50 -8.39 43.26
CA ILE C 116 5.30 -8.90 42.60
C ILE C 116 4.02 -8.23 43.07
N HIS C 117 4.05 -7.45 44.16
CA HIS C 117 2.78 -6.91 44.65
C HIS C 117 2.22 -5.84 43.73
N ASP C 118 3.07 -4.95 43.22
CA ASP C 118 2.63 -4.00 42.20
C ASP C 118 3.37 -4.11 40.88
N GLY C 119 4.32 -5.04 40.75
CA GLY C 119 5.10 -5.13 39.53
C GLY C 119 6.09 -3.98 39.32
N ARG C 120 6.24 -3.08 40.29
CA ARG C 120 7.20 -1.99 40.15
C ARG C 120 8.61 -2.52 40.43
N GLY C 121 9.61 -1.67 40.18
CA GLY C 121 10.99 -2.10 40.27
C GLY C 121 11.38 -2.93 39.05
N GLY C 122 12.55 -3.54 39.14
CA GLY C 122 13.11 -4.28 38.03
C GLY C 122 13.94 -3.40 37.12
N ALA C 123 14.54 -4.04 36.11
CA ALA C 123 15.54 -3.42 35.24
C ALA C 123 14.95 -2.71 34.03
N GLY C 124 13.63 -2.79 33.79
CA GLY C 124 13.06 -2.48 32.49
C GLY C 124 13.08 -1.01 32.11
N GLY C 125 13.33 -0.11 33.06
CA GLY C 125 13.43 1.31 32.79
C GLY C 125 14.82 1.87 33.07
N GLY C 126 15.74 1.01 33.51
CA GLY C 126 17.07 1.53 33.77
C GLY C 126 17.10 2.48 34.94
N MET C 127 16.11 2.37 35.81
CA MET C 127 15.94 3.28 36.94
C MET C 127 17.15 3.28 37.88
N GLN C 128 18.04 2.29 37.77
CA GLN C 128 19.24 2.29 38.59
C GLN C 128 20.11 3.52 38.37
N ARG C 129 19.96 4.21 37.25
CA ARG C 129 20.79 5.38 37.04
C ARG C 129 20.20 6.66 37.61
N PHE C 130 18.98 6.61 38.14
CA PHE C 130 18.31 7.77 38.70
C PHE C 130 18.11 7.62 40.21
N ALA C 131 17.77 8.75 40.84
CA ALA C 131 17.39 8.74 42.24
C ALA C 131 16.09 7.95 42.42
N PRO C 132 15.95 7.19 43.52
CA PRO C 132 16.86 7.05 44.65
C PRO C 132 17.80 5.87 44.49
N LEU C 133 17.45 4.95 43.57
CA LEU C 133 18.17 3.69 43.39
C LEU C 133 19.66 3.90 43.18
N ASN C 134 20.04 4.96 42.47
CA ASN C 134 21.45 5.20 42.18
C ASN C 134 22.24 5.47 43.44
N SER C 135 21.55 5.65 44.57
CA SER C 135 22.20 5.97 45.82
C SER C 135 21.75 5.09 46.98
N TRP C 136 20.97 4.02 46.72
CA TRP C 136 20.70 3.05 47.77
C TRP C 136 22.03 2.53 48.31
N PRO C 137 22.11 2.25 49.61
CA PRO C 137 23.38 1.69 50.15
C PRO C 137 23.76 0.35 49.52
N ASP C 138 22.79 -0.52 49.26
CA ASP C 138 23.04 -1.80 48.58
C ASP C 138 23.60 -1.61 47.18
N ASN C 139 23.34 -0.46 46.54
CA ASN C 139 23.85 -0.18 45.21
C ASN C 139 25.17 0.57 45.24
N ALA C 140 25.83 0.59 46.39
CA ALA C 140 27.12 1.27 46.51
C ALA C 140 28.14 0.70 45.53
N SER C 141 28.94 1.61 44.98
CA SER C 141 30.01 1.39 44.02
C SER C 141 29.51 0.91 42.66
N LEU C 142 28.19 0.64 42.49
CA LEU C 142 27.65 0.46 41.16
C LEU C 142 27.59 1.77 40.37
N ASP C 143 27.74 2.93 41.03
CA ASP C 143 27.99 4.15 40.28
C ASP C 143 29.21 3.99 39.39
N LYS C 144 30.31 3.44 39.95
CA LYS C 144 31.49 3.16 39.14
C LYS C 144 31.20 2.11 38.08
N ALA C 145 30.43 1.07 38.46
CA ALA C 145 30.10 0.03 37.49
C ALA C 145 29.42 0.64 36.26
N ARG C 146 28.40 1.46 36.47
CA ARG C 146 27.71 2.05 35.33
C ARG C 146 28.64 2.99 34.56
N ARG C 147 29.49 3.75 35.26
CA ARG C 147 30.37 4.70 34.59
C ARG C 147 31.30 3.98 33.61
N LEU C 148 31.75 2.79 33.97
CA LEU C 148 32.69 2.03 33.15
C LEU C 148 32.10 1.67 31.79
N LEU C 149 30.78 1.66 31.68
CA LEU C 149 30.09 1.30 30.44
C LEU C 149 29.82 2.47 29.53
N TRP C 150 30.11 3.69 29.97
CA TRP C 150 29.90 4.84 29.09
C TRP C 150 30.61 4.68 27.75
N PRO C 151 31.85 4.19 27.68
CA PRO C 151 32.47 4.02 26.36
C PRO C 151 31.63 3.19 25.42
N VAL C 152 30.87 2.22 25.95
CA VAL C 152 29.98 1.43 25.11
C VAL C 152 28.77 2.26 24.67
N LYS C 153 28.07 2.87 25.63
CA LYS C 153 26.92 3.72 25.33
C LYS C 153 27.28 4.83 24.35
N LYS C 154 28.44 5.47 24.55
CA LYS C 154 28.94 6.49 23.63
C LYS C 154 29.02 5.96 22.20
N LYS C 155 29.44 4.70 22.02
CA LYS C 155 29.67 4.16 20.68
C LYS C 155 28.37 3.79 19.97
N TYR C 156 27.40 3.20 20.69
CA TYR C 156 26.17 2.76 20.04
C TYR C 156 25.07 3.81 20.10
N GLY C 157 25.17 4.76 21.02
CA GLY C 157 24.26 5.90 21.02
C GLY C 157 22.81 5.48 21.12
N LYS C 158 21.99 6.06 20.25
CA LYS C 158 20.56 5.83 20.34
C LYS C 158 20.14 4.43 19.89
N LYS C 159 21.05 3.62 19.38
CA LYS C 159 20.70 2.24 19.08
C LYS C 159 20.74 1.34 20.31
N LEU C 160 21.13 1.85 21.46
CA LEU C 160 21.23 0.97 22.62
C LEU C 160 20.88 1.76 23.87
N SER C 161 19.82 1.37 24.54
CA SER C 161 19.46 2.05 25.77
C SER C 161 20.36 1.62 26.93
N TRP C 162 20.61 2.56 27.85
CA TRP C 162 21.22 2.21 29.14
C TRP C 162 20.53 1.03 29.78
N ALA C 163 19.19 1.03 29.76
CA ALA C 163 18.43 -0.06 30.36
C ALA C 163 18.83 -1.42 29.78
N ASP C 164 18.88 -1.52 28.44
CA ASP C 164 19.38 -2.75 27.81
C ASP C 164 20.85 -2.99 28.18
N LEU C 165 21.67 -1.93 28.11
CA LEU C 165 23.12 -2.10 28.24
C LEU C 165 23.48 -2.65 29.62
N ILE C 166 22.77 -2.22 30.66
CA ILE C 166 23.15 -2.61 32.02
C ILE C 166 22.93 -4.10 32.25
N VAL C 167 21.75 -4.62 31.93
CA VAL C 167 21.59 -6.07 32.07
C VAL C 167 22.39 -6.82 31.00
N PHE C 168 22.48 -6.29 29.78
CA PHE C 168 23.23 -7.03 28.76
C PHE C 168 24.70 -7.14 29.13
N ALA C 169 25.22 -6.17 29.90
CA ALA C 169 26.59 -6.28 30.39
C ALA C 169 26.73 -7.44 31.38
N GLY C 170 25.74 -7.62 32.25
CA GLY C 170 25.80 -8.74 33.16
C GLY C 170 25.69 -10.05 32.42
N ASN C 171 24.76 -10.11 31.46
CA ASN C 171 24.65 -11.29 30.61
C ASN C 171 25.99 -11.58 29.94
N CYS C 172 26.63 -10.54 29.38
CA CYS C 172 27.90 -10.74 28.70
C CYS C 172 28.99 -11.15 29.68
N ALA C 173 28.97 -10.59 30.88
CA ALA C 173 29.93 -11.00 31.91
C ALA C 173 29.86 -12.49 32.16
N LEU C 174 28.64 -13.02 32.31
CA LEU C 174 28.45 -14.44 32.50
C LEU C 174 29.08 -15.24 31.36
N GLU C 175 28.67 -14.96 30.12
CA GLU C 175 29.18 -15.71 28.97
C GLU C 175 30.68 -15.54 28.84
N SER C 176 31.19 -14.35 29.14
CA SER C 176 32.62 -14.11 29.16
C SER C 176 33.37 -15.09 30.08
N MET C 177 32.76 -15.49 31.18
CA MET C 177 33.50 -16.20 32.20
C MET C 177 33.14 -17.68 32.26
N GLY C 178 32.58 -18.22 31.17
CA GLY C 178 32.39 -19.64 31.00
C GLY C 178 30.98 -20.17 31.22
N PHE C 179 30.00 -19.30 31.46
CA PHE C 179 28.62 -19.71 31.67
C PHE C 179 27.78 -19.37 30.44
N LYS C 180 27.17 -20.39 29.83
CA LYS C 180 26.30 -20.19 28.69
C LYS C 180 24.92 -19.77 29.18
N THR C 181 24.48 -18.57 28.83
CA THR C 181 23.14 -18.16 29.23
C THR C 181 22.10 -18.67 28.24
N PHE C 182 20.85 -18.67 28.69
CA PHE C 182 19.72 -19.13 27.91
C PHE C 182 19.45 -18.24 26.70
N GLY C 183 19.79 -16.96 26.79
CA GLY C 183 19.43 -15.99 25.78
C GLY C 183 19.30 -14.60 26.38
N PHE C 184 18.80 -13.68 25.56
CA PHE C 184 18.64 -12.28 25.97
C PHE C 184 17.70 -11.60 25.00
N GLY C 185 16.81 -10.76 25.54
CA GLY C 185 16.00 -9.91 24.68
C GLY C 185 16.28 -8.43 24.86
N PHE C 186 16.42 -7.69 23.77
CA PHE C 186 16.56 -6.24 23.84
C PHE C 186 15.18 -5.58 23.81
N GLY C 187 15.15 -4.27 24.05
CA GLY C 187 13.92 -3.52 23.88
C GLY C 187 13.48 -2.68 25.06
N ARG C 188 14.32 -2.53 26.09
CA ARG C 188 13.98 -1.64 27.21
C ARG C 188 14.25 -0.21 26.80
N VAL C 189 13.20 0.59 26.70
CA VAL C 189 13.33 2.01 26.36
C VAL C 189 13.79 2.82 27.57
N ASP C 190 14.85 3.62 27.38
CA ASP C 190 15.33 4.51 28.43
C ASP C 190 14.30 5.58 28.78
N GLN C 191 14.22 5.91 30.05
CA GLN C 191 13.34 6.97 30.51
C GLN C 191 14.19 8.14 30.98
N TRP C 192 13.54 9.25 31.20
CA TRP C 192 14.21 10.50 31.51
C TRP C 192 14.11 11.12 32.91
N GLU C 193 13.21 10.62 33.72
CA GLU C 193 13.16 11.01 35.12
C GLU C 193 12.80 9.77 35.93
N PRO C 194 13.13 9.76 37.22
CA PRO C 194 12.91 8.57 38.03
C PRO C 194 11.44 8.17 38.08
N ASP C 195 11.20 6.90 37.87
CA ASP C 195 9.91 6.34 38.24
C ASP C 195 9.82 6.42 39.77
N GLU C 196 8.80 7.07 40.31
CA GLU C 196 8.74 7.30 41.74
C GLU C 196 7.83 6.29 42.41
N VAL C 197 8.39 5.57 43.38
CA VAL C 197 7.87 4.32 43.89
C VAL C 197 7.95 4.37 45.40
N TYR C 198 6.93 3.85 46.07
CA TYR C 198 6.98 3.70 47.52
C TYR C 198 7.91 2.54 47.87
N TRP C 199 9.11 2.83 48.36
CA TRP C 199 10.04 1.79 48.79
C TRP C 199 9.94 1.48 50.28
N GLY C 200 8.92 2.00 50.95
CA GLY C 200 8.83 1.92 52.40
C GLY C 200 8.82 3.30 53.04
N LYS C 201 8.53 3.30 54.34
CA LYS C 201 8.26 4.53 55.07
C LYS C 201 9.43 5.01 55.94
N GLU C 202 10.48 4.20 56.08
CA GLU C 202 11.58 4.57 56.96
C GLU C 202 12.35 5.76 56.38
N ALA C 203 12.46 6.83 57.16
CA ALA C 203 13.19 8.02 56.74
C ALA C 203 14.67 7.93 57.04
N THR C 204 15.16 6.75 57.39
CA THR C 204 16.57 6.49 57.67
C THR C 204 17.03 5.41 56.71
N TRP C 205 18.27 5.54 56.20
CA TRP C 205 18.80 4.48 55.36
C TRP C 205 19.14 3.26 56.22
N LEU C 206 18.87 2.08 55.68
CA LEU C 206 18.91 0.79 56.35
C LEU C 206 17.86 0.66 57.45
N GLY C 207 17.04 1.68 57.67
CA GLY C 207 16.00 1.60 58.67
C GLY C 207 15.03 0.45 58.45
N ASP C 208 14.35 0.03 59.52
CA ASP C 208 13.44 -1.12 59.48
C ASP C 208 12.19 -0.78 60.27
N GLU C 209 11.12 -0.41 59.57
CA GLU C 209 9.80 -0.21 60.19
C GLU C 209 8.72 -1.00 59.46
N ARG C 210 9.07 -2.18 58.94
CA ARG C 210 8.23 -2.88 57.97
C ARG C 210 7.79 -4.28 58.42
N TYR C 211 8.12 -4.69 59.65
CA TYR C 211 7.84 -6.02 60.16
C TYR C 211 6.83 -5.99 61.30
N SER C 212 5.89 -6.94 61.31
CA SER C 212 4.96 -7.10 62.42
C SER C 212 4.58 -8.56 62.60
N GLY C 213 4.32 -8.94 63.85
CA GLY C 213 4.03 -10.33 64.17
C GLY C 213 5.32 -11.09 64.36
N LYS C 214 5.39 -12.30 63.82
CA LYS C 214 6.68 -12.99 63.66
C LYS C 214 7.05 -12.86 62.18
N ARG C 215 8.01 -11.98 61.92
CA ARG C 215 8.57 -11.74 60.58
C ARG C 215 7.55 -11.66 59.44
N ASP C 216 6.43 -10.97 59.64
CA ASP C 216 5.54 -10.66 58.53
C ASP C 216 5.93 -9.31 57.94
N LEU C 217 6.27 -9.33 56.65
CA LEU C 217 6.84 -8.19 55.96
C LEU C 217 5.72 -7.35 55.33
N GLU C 218 5.71 -6.05 55.64
CA GLU C 218 4.69 -5.13 55.13
C GLU C 218 4.58 -5.20 53.61
N ASN C 219 3.37 -5.42 53.12
CA ASN C 219 3.14 -5.23 51.69
C ASN C 219 3.23 -3.75 51.33
N PRO C 220 3.74 -3.41 50.14
CA PRO C 220 4.08 -4.26 49.01
C PRO C 220 5.57 -4.45 48.89
N LEU C 221 6.31 -4.31 49.99
CA LEU C 221 7.75 -4.32 49.89
C LEU C 221 8.27 -5.74 49.64
N ALA C 222 9.49 -5.81 49.13
CA ALA C 222 10.12 -7.11 48.95
C ALA C 222 11.56 -7.09 49.46
N ALA C 223 11.89 -6.18 50.38
CA ALA C 223 13.21 -6.11 50.97
C ALA C 223 13.05 -5.82 52.45
N VAL C 224 14.08 -6.15 53.24
CA VAL C 224 13.94 -6.22 54.69
C VAL C 224 14.30 -4.92 55.40
N GLN C 225 14.95 -3.98 54.72
CA GLN C 225 15.34 -2.69 55.25
C GLN C 225 15.33 -1.71 54.09
N MET C 226 15.34 -0.42 54.42
CA MET C 226 15.17 0.60 53.40
C MET C 226 16.50 0.80 52.69
N GLY C 227 16.51 0.59 51.37
CA GLY C 227 17.74 0.67 50.58
C GLY C 227 18.44 -0.65 50.36
N LEU C 228 17.82 -1.76 50.72
CA LEU C 228 18.37 -3.08 50.46
C LEU C 228 17.63 -3.70 49.28
N ILE C 229 18.36 -4.54 48.54
CA ILE C 229 17.76 -5.22 47.40
C ILE C 229 16.81 -6.32 47.89
N TYR C 230 17.34 -7.33 48.59
CA TYR C 230 16.49 -8.35 49.20
C TYR C 230 16.69 -8.41 50.71
N VAL C 231 17.81 -8.94 51.20
CA VAL C 231 17.99 -9.21 52.61
C VAL C 231 19.33 -8.66 53.08
N ASN C 232 19.56 -8.81 54.37
CA ASN C 232 20.74 -8.26 55.01
C ASN C 232 21.84 -9.31 54.98
N PRO C 233 22.96 -9.07 54.29
CA PRO C 233 23.97 -10.13 54.15
C PRO C 233 24.50 -10.63 55.48
N GLU C 234 24.35 -9.85 56.55
CA GLU C 234 24.78 -10.23 57.88
C GLU C 234 23.66 -10.90 58.68
N GLY C 235 22.59 -11.32 58.02
CA GLY C 235 21.45 -11.89 58.71
C GLY C 235 20.48 -10.81 59.12
N PRO C 236 19.24 -11.20 59.46
CA PRO C 236 18.22 -10.21 59.83
C PRO C 236 18.71 -9.28 60.93
N ASN C 237 18.62 -7.97 60.66
CA ASN C 237 18.92 -6.93 61.64
C ASN C 237 20.33 -7.08 62.19
N GLY C 238 21.23 -7.61 61.37
CA GLY C 238 22.61 -7.86 61.74
C GLY C 238 22.87 -9.12 62.55
N ASN C 239 21.87 -9.98 62.73
CA ASN C 239 21.98 -11.19 63.53
C ASN C 239 22.40 -12.32 62.60
N PRO C 240 23.69 -12.72 62.61
CA PRO C 240 24.18 -13.68 61.61
C PRO C 240 23.73 -15.11 61.87
N ASP C 241 22.43 -15.30 62.06
CA ASP C 241 21.87 -16.63 62.24
C ASP C 241 21.47 -17.12 60.85
N PRO C 242 22.26 -18.01 60.23
CA PRO C 242 21.97 -18.44 58.84
C PRO C 242 20.58 -19.04 58.70
N MET C 243 20.11 -19.71 59.75
CA MET C 243 18.80 -20.37 59.69
C MET C 243 17.69 -19.33 59.62
N ALA C 244 17.85 -18.22 60.34
CA ALA C 244 16.88 -17.13 60.32
C ALA C 244 16.98 -16.32 59.04
N ALA C 245 18.21 -16.02 58.61
CA ALA C 245 18.41 -15.36 57.33
C ALA C 245 17.67 -16.08 56.22
N ALA C 246 17.69 -17.41 56.23
CA ALA C 246 17.00 -18.17 55.20
C ALA C 246 15.53 -17.83 55.15
N VAL C 247 14.94 -17.53 56.31
CA VAL C 247 13.52 -17.13 56.34
C VAL C 247 13.30 -15.89 55.50
N ASP C 248 14.22 -14.93 55.59
CA ASP C 248 14.02 -13.69 54.86
C ASP C 248 14.29 -13.87 53.37
N ILE C 249 15.39 -14.55 53.04
CA ILE C 249 15.70 -14.89 51.65
C ILE C 249 14.49 -15.49 50.96
N ARG C 250 13.90 -16.53 51.56
CA ARG C 250 12.80 -17.19 50.90
C ARG C 250 11.64 -16.22 50.72
N GLU C 251 11.37 -15.39 51.73
CA GLU C 251 10.23 -14.49 51.60
C GLU C 251 10.53 -13.35 50.62
N THR C 252 11.74 -12.78 50.67
CA THR C 252 12.02 -11.66 49.77
C THR C 252 12.13 -12.12 48.33
N PHE C 253 12.83 -13.22 48.09
CA PHE C 253 12.92 -13.77 46.73
C PHE C 253 11.56 -14.21 46.23
N ARG C 254 10.72 -14.75 47.12
CA ARG C 254 9.39 -15.14 46.67
C ARG C 254 8.61 -13.92 46.21
N ARG C 255 8.84 -12.79 46.88
CA ARG C 255 8.15 -11.55 46.54
C ARG C 255 8.72 -10.91 45.29
N MET C 256 9.87 -11.41 44.83
CA MET C 256 10.42 -11.11 43.52
C MET C 256 10.32 -12.33 42.59
N ALA C 257 9.27 -13.13 42.76
CA ALA C 257 8.81 -14.14 41.80
C ALA C 257 9.70 -15.37 41.69
N MET C 258 10.63 -15.57 42.61
CA MET C 258 11.58 -16.69 42.57
C MET C 258 11.17 -17.73 43.62
N ASN C 259 11.10 -19.00 43.20
CA ASN C 259 10.78 -20.08 44.14
C ASN C 259 12.09 -20.57 44.78
N ASP C 260 12.04 -21.66 45.55
CA ASP C 260 13.23 -22.09 46.29
C ASP C 260 14.37 -22.48 45.36
N VAL C 261 14.04 -23.21 44.28
CA VAL C 261 15.05 -23.70 43.37
C VAL C 261 15.69 -22.54 42.61
N GLU C 262 14.86 -21.64 42.10
CA GLU C 262 15.35 -20.44 41.44
C GLU C 262 16.22 -19.61 42.38
N THR C 263 15.75 -19.40 43.61
CA THR C 263 16.48 -18.61 44.58
C THR C 263 17.84 -19.21 44.88
N ALA C 264 17.89 -20.50 45.20
CA ALA C 264 19.18 -21.13 45.48
C ALA C 264 20.10 -21.04 44.27
N ALA C 265 19.55 -21.23 43.07
CA ALA C 265 20.36 -21.20 41.86
C ALA C 265 20.96 -19.81 41.64
N LEU C 266 20.14 -18.77 41.80
CA LEU C 266 20.64 -17.40 41.63
C LEU C 266 21.75 -17.07 42.63
N ILE C 267 21.60 -17.47 43.89
CA ILE C 267 22.61 -17.12 44.87
C ILE C 267 23.91 -17.85 44.56
N VAL C 268 23.82 -19.17 44.34
CA VAL C 268 25.00 -19.96 43.97
C VAL C 268 25.60 -19.45 42.67
N GLY C 269 24.74 -19.25 41.66
CA GLY C 269 25.25 -18.76 40.38
C GLY C 269 25.97 -17.43 40.53
N GLY C 270 25.34 -16.49 41.25
CA GLY C 270 25.95 -15.24 41.59
C GLY C 270 27.31 -15.37 42.27
N HIS C 271 27.35 -16.01 43.44
CA HIS C 271 28.56 -15.95 44.27
C HIS C 271 29.64 -16.90 43.80
N THR C 272 29.43 -17.55 42.67
CA THR C 272 30.50 -18.18 41.92
C THR C 272 31.55 -17.16 41.48
N PHE C 273 31.19 -15.88 41.38
CA PHE C 273 32.05 -14.87 40.81
C PHE C 273 32.37 -13.76 41.80
N GLY C 274 33.59 -13.25 41.69
CA GLY C 274 33.93 -11.98 42.32
C GLY C 274 34.14 -12.08 43.82
N LYS C 275 33.82 -10.97 44.48
CA LYS C 275 34.15 -10.77 45.89
C LYS C 275 33.39 -9.55 46.37
N THR C 276 33.28 -9.46 47.70
CA THR C 276 32.76 -8.31 48.41
C THR C 276 33.91 -7.37 48.76
N HIS C 277 33.58 -6.20 49.28
CA HIS C 277 34.58 -5.19 49.63
C HIS C 277 34.41 -4.50 50.97
N GLY C 278 35.34 -4.77 51.88
CA GLY C 278 35.34 -4.20 53.20
C GLY C 278 36.74 -4.25 53.76
N ALA C 279 37.63 -3.46 53.17
CA ALA C 279 39.03 -3.43 53.59
C ALA C 279 39.30 -2.47 54.75
N GLY C 280 38.46 -1.46 54.92
CA GLY C 280 38.68 -0.52 55.99
C GLY C 280 37.39 -0.07 56.64
N PRO C 281 37.47 0.96 57.50
CA PRO C 281 36.28 1.42 58.24
C PRO C 281 35.31 2.17 57.34
N ALA C 282 34.01 1.90 57.51
CA ALA C 282 33.00 2.52 56.67
C ALA C 282 32.84 4.02 56.92
N ASP C 283 33.20 4.53 58.10
CA ASP C 283 33.05 5.95 58.37
C ASP C 283 33.97 6.80 57.50
N LEU C 284 34.92 6.19 56.80
CA LEU C 284 35.78 6.87 55.85
C LEU C 284 35.20 6.88 54.45
N VAL C 285 33.98 6.44 54.30
CA VAL C 285 33.35 6.41 53.01
C VAL C 285 32.46 7.64 52.86
N GLY C 286 32.63 8.40 51.80
CA GLY C 286 31.85 9.59 51.53
C GLY C 286 30.37 9.48 51.29
N PRO C 287 29.73 10.69 51.07
CA PRO C 287 28.28 10.58 50.85
C PRO C 287 27.88 9.90 49.58
N GLU C 288 26.68 9.35 49.58
CA GLU C 288 26.11 8.67 48.43
C GLU C 288 25.91 9.68 47.28
N PRO C 289 25.86 9.17 46.04
CA PRO C 289 25.98 10.08 44.87
C PRO C 289 25.01 11.26 44.81
N GLU C 290 23.72 11.11 45.16
CA GLU C 290 22.83 12.27 45.11
C GLU C 290 23.21 13.34 46.12
N ALA C 291 23.95 12.99 47.17
CA ALA C 291 24.43 13.97 48.14
C ALA C 291 25.87 14.40 47.93
N ALA C 292 26.60 13.77 46.99
CA ALA C 292 28.01 14.07 46.77
C ALA C 292 28.19 15.41 46.05
N PRO C 293 29.34 16.06 46.24
CA PRO C 293 29.56 17.38 45.63
C PRO C 293 29.77 17.31 44.12
N LEU C 294 29.61 18.47 43.49
CA LEU C 294 29.55 18.53 42.02
C LEU C 294 30.78 17.93 41.37
N GLU C 295 31.96 18.10 41.97
CA GLU C 295 33.16 17.72 41.25
C GLU C 295 33.31 16.22 41.10
N GLN C 296 32.46 15.44 41.77
CA GLN C 296 32.55 13.99 41.64
C GLN C 296 31.79 13.48 40.43
N MET C 297 31.15 14.37 39.69
CA MET C 297 30.59 14.08 38.37
C MET C 297 29.69 12.84 38.40
N GLY C 298 28.81 12.82 39.41
CA GLY C 298 27.82 11.79 39.53
C GLY C 298 28.21 10.59 40.36
N LEU C 299 29.47 10.44 40.70
CA LEU C 299 29.88 9.33 41.54
C LEU C 299 29.78 9.70 43.02
N GLY C 300 29.72 8.67 43.85
CA GLY C 300 29.56 8.84 45.28
C GLY C 300 30.41 7.87 46.08
N TRP C 301 30.15 7.77 47.38
CA TRP C 301 30.93 6.94 48.31
C TRP C 301 32.43 7.09 48.08
N LYS C 302 32.86 8.32 47.83
CA LYS C 302 34.28 8.63 47.80
C LYS C 302 34.92 8.27 49.14
N SER C 303 36.07 7.61 49.11
CA SER C 303 36.61 7.02 50.32
C SER C 303 38.05 7.43 50.54
N SER C 304 38.39 7.73 51.79
CA SER C 304 39.74 8.12 52.18
C SER C 304 40.50 6.99 52.86
N TYR C 305 40.00 5.76 52.80
CA TYR C 305 40.76 4.60 53.26
C TYR C 305 41.77 4.24 52.18
N GLY C 306 43.04 4.46 52.45
CA GLY C 306 44.08 4.05 51.51
C GLY C 306 43.95 4.79 50.20
N THR C 307 43.88 4.03 49.09
CA THR C 307 43.61 4.64 47.79
C THR C 307 42.12 4.86 47.52
N GLY C 308 41.24 4.41 48.43
CA GLY C 308 39.79 4.51 48.24
C GLY C 308 39.21 3.60 47.17
N THR C 309 40.04 2.80 46.49
CA THR C 309 39.65 1.91 45.40
C THR C 309 40.52 0.65 45.48
N GLY C 310 40.26 -0.32 44.58
CA GLY C 310 41.20 -1.42 44.34
C GLY C 310 41.44 -2.29 45.56
N LYS C 311 42.73 -2.45 45.93
CA LYS C 311 43.14 -3.10 47.18
C LYS C 311 42.34 -2.63 48.38
N ASP C 312 41.97 -1.35 48.39
CA ASP C 312 41.41 -0.65 49.53
C ASP C 312 39.91 -0.45 49.44
N ALA C 313 39.23 -1.11 48.50
CA ALA C 313 37.83 -0.81 48.24
C ALA C 313 36.92 -1.21 49.40
N ILE C 314 35.88 -0.41 49.61
CA ILE C 314 34.88 -0.62 50.64
C ILE C 314 33.53 -0.43 49.96
N THR C 315 32.75 -1.51 49.88
CA THR C 315 31.42 -1.42 49.29
C THR C 315 30.38 -1.76 50.36
N SER C 316 30.20 -3.04 50.66
CA SER C 316 29.28 -3.45 51.71
C SER C 316 29.89 -3.39 53.11
N GLY C 317 31.23 -3.43 53.21
CA GLY C 317 31.87 -3.62 54.49
C GLY C 317 32.23 -5.06 54.81
N ILE C 318 31.65 -6.04 54.10
CA ILE C 318 32.07 -7.43 54.23
C ILE C 318 33.31 -7.64 53.38
N GLU C 319 34.19 -8.59 53.77
CA GLU C 319 35.38 -8.97 52.99
C GLU C 319 35.36 -10.50 52.74
N VAL C 320 34.63 -10.91 51.70
CA VAL C 320 34.49 -12.34 51.37
C VAL C 320 34.85 -12.55 49.89
N VAL C 321 35.65 -13.58 49.61
CA VAL C 321 35.96 -14.03 48.26
C VAL C 321 35.55 -15.51 48.17
N TRP C 322 34.40 -15.80 47.58
CA TRP C 322 33.72 -17.08 47.82
C TRP C 322 34.50 -18.29 47.29
N THR C 323 35.10 -18.20 46.10
CA THR C 323 35.74 -19.34 45.43
C THR C 323 37.21 -19.05 45.14
N ASN C 324 37.93 -20.11 44.77
CA ASN C 324 39.31 -19.99 44.37
C ASN C 324 39.47 -19.54 42.91
N THR C 325 38.39 -19.46 42.15
CA THR C 325 38.44 -18.99 40.76
C THR C 325 37.38 -17.94 40.55
N PRO C 326 37.61 -16.71 41.02
CA PRO C 326 36.51 -15.72 41.01
C PRO C 326 36.07 -15.28 39.62
N THR C 327 36.80 -15.62 38.55
CA THR C 327 36.44 -15.17 37.20
C THR C 327 36.20 -16.32 36.22
N LYS C 328 35.83 -17.49 36.74
CA LYS C 328 35.43 -18.64 35.93
C LYS C 328 34.21 -19.30 36.57
N TRP C 329 33.29 -19.74 35.71
CA TRP C 329 32.20 -20.64 36.09
C TRP C 329 32.74 -22.02 36.47
N ASP C 330 32.42 -22.49 37.67
CA ASP C 330 32.61 -23.89 37.99
C ASP C 330 31.72 -24.19 39.19
N ASN C 331 32.07 -25.24 39.92
CA ASN C 331 31.25 -25.67 41.05
C ASN C 331 31.95 -25.38 42.38
N SER C 332 32.99 -24.53 42.38
CA SER C 332 33.76 -24.32 43.60
C SER C 332 32.91 -23.79 44.74
N PHE C 333 31.87 -22.99 44.44
CA PHE C 333 31.04 -22.42 45.51
C PHE C 333 30.54 -23.53 46.43
N LEU C 334 29.72 -24.42 45.89
CA LEU C 334 29.17 -25.50 46.71
C LEU C 334 30.26 -26.44 47.20
N GLU C 335 31.32 -26.64 46.40
CA GLU C 335 32.40 -27.52 46.86
C GLU C 335 33.13 -26.92 48.06
N ILE C 336 33.12 -25.60 48.18
CA ILE C 336 33.71 -24.96 49.35
C ILE C 336 32.69 -24.91 50.48
N LEU C 337 31.49 -24.41 50.18
CA LEU C 337 30.43 -24.35 51.17
C LEU C 337 30.29 -25.68 51.92
N TYR C 338 30.33 -26.79 51.20
CA TYR C 338 30.17 -28.09 51.85
C TYR C 338 31.48 -28.74 52.27
N GLY C 339 32.61 -28.33 51.73
CA GLY C 339 33.86 -28.97 52.05
C GLY C 339 34.59 -28.38 53.23
N TYR C 340 34.01 -27.39 53.90
CA TYR C 340 34.61 -26.80 55.08
C TYR C 340 33.54 -26.66 56.16
N GLU C 341 34.01 -26.39 57.37
CA GLU C 341 33.16 -26.06 58.49
C GLU C 341 33.32 -24.58 58.78
N TRP C 342 32.25 -23.93 59.18
CA TRP C 342 32.18 -22.48 59.18
C TRP C 342 32.00 -21.92 60.60
N GLU C 343 32.86 -20.98 60.97
CA GLU C 343 32.75 -20.26 62.23
C GLU C 343 32.70 -18.75 62.00
N LEU C 344 32.03 -18.06 62.93
CA LEU C 344 31.83 -16.61 62.88
C LEU C 344 33.15 -15.85 62.94
N THR C 345 33.12 -14.61 62.43
CA THR C 345 34.29 -13.73 62.41
C THR C 345 33.86 -12.34 61.93
N LYS C 346 34.83 -11.41 61.85
CA LYS C 346 34.57 -10.01 61.57
C LYS C 346 35.49 -9.52 60.44
N SER C 347 34.92 -8.82 59.46
CA SER C 347 35.70 -8.18 58.41
C SER C 347 36.52 -7.04 59.01
N PRO C 348 37.52 -6.54 58.27
CA PRO C 348 38.26 -5.35 58.74
C PRO C 348 37.37 -4.14 59.02
N ALA C 349 36.09 -4.21 58.64
CA ALA C 349 35.13 -3.15 58.87
C ALA C 349 34.04 -3.58 59.84
N GLY C 350 34.34 -4.61 60.65
CA GLY C 350 33.44 -4.99 61.72
C GLY C 350 32.19 -5.70 61.29
N ALA C 351 32.17 -6.23 60.07
CA ALA C 351 31.01 -6.95 59.58
C ALA C 351 31.11 -8.43 59.95
N TRP C 352 29.98 -8.97 60.38
CA TRP C 352 29.82 -10.41 60.54
C TRP C 352 30.00 -11.11 59.20
N GLN C 353 30.80 -12.17 59.20
CA GLN C 353 30.92 -13.07 58.06
C GLN C 353 31.45 -14.39 58.60
N TYR C 354 31.61 -15.37 57.72
CA TYR C 354 32.08 -16.68 58.14
C TYR C 354 33.41 -17.02 57.50
N THR C 355 34.13 -17.93 58.14
CA THR C 355 35.36 -18.45 57.56
C THR C 355 35.57 -19.87 58.07
N ALA C 356 36.55 -20.53 57.45
CA ALA C 356 36.76 -21.96 57.67
C ALA C 356 37.24 -22.21 59.10
N LYS C 357 36.68 -23.25 59.72
CA LYS C 357 37.19 -23.71 61.00
C LYS C 357 38.57 -24.34 60.80
N ASP C 358 39.30 -24.50 61.90
CA ASP C 358 40.57 -25.23 61.96
C ASP C 358 41.64 -24.64 61.06
N GLY C 359 41.44 -23.42 60.55
CA GLY C 359 42.39 -22.87 59.60
C GLY C 359 42.48 -23.65 58.31
N ALA C 360 41.47 -24.46 58.01
CA ALA C 360 41.47 -25.22 56.77
C ALA C 360 41.58 -24.29 55.57
N GLY C 361 42.13 -24.82 54.48
CA GLY C 361 42.23 -24.06 53.25
C GLY C 361 42.99 -22.74 53.38
N ALA C 362 44.04 -22.72 54.17
CA ALA C 362 44.85 -21.52 54.28
C ALA C 362 45.45 -21.18 52.91
N GLY C 363 45.49 -19.89 52.59
CA GLY C 363 46.12 -19.38 51.38
C GLY C 363 45.52 -19.93 50.09
N THR C 364 44.36 -20.56 50.20
CA THR C 364 43.79 -21.32 49.11
C THR C 364 43.02 -20.47 48.11
N ILE C 365 42.73 -19.21 48.44
CA ILE C 365 41.83 -18.37 47.67
C ILE C 365 42.56 -17.13 47.23
N PRO C 366 42.50 -16.76 45.94
CA PRO C 366 43.45 -15.80 45.37
C PRO C 366 43.04 -14.37 45.63
N ASP C 367 44.04 -13.48 45.51
CA ASP C 367 43.81 -12.09 45.87
C ASP C 367 43.64 -11.21 44.64
N PRO C 368 42.71 -10.24 44.70
CA PRO C 368 42.36 -9.47 43.47
C PRO C 368 43.49 -8.61 42.93
N PHE C 369 44.56 -8.36 43.70
CA PHE C 369 45.66 -7.53 43.20
C PHE C 369 47.02 -8.12 43.58
N GLY C 370 47.14 -9.45 43.53
CA GLY C 370 48.40 -10.11 43.69
C GLY C 370 48.83 -10.38 45.11
N GLY C 371 48.03 -10.00 46.11
CA GLY C 371 48.32 -10.26 47.50
C GLY C 371 48.55 -11.73 47.86
N PRO C 372 48.69 -12.01 49.16
CA PRO C 372 49.18 -13.33 49.59
C PRO C 372 48.29 -14.48 49.14
N GLY C 373 47.00 -14.39 49.43
CA GLY C 373 46.13 -15.53 49.29
C GLY C 373 45.53 -15.81 50.63
N ARG C 374 44.24 -16.07 50.70
CA ARG C 374 43.52 -16.02 51.95
C ARG C 374 42.75 -17.33 52.18
N SER C 375 41.99 -17.36 53.27
CA SER C 375 41.21 -18.52 53.67
C SER C 375 39.79 -18.43 53.12
N PRO C 376 39.07 -19.55 53.09
CA PRO C 376 37.70 -19.49 52.56
C PRO C 376 36.76 -18.75 53.50
N THR C 377 35.84 -17.99 52.91
CA THR C 377 34.89 -17.17 53.63
C THR C 377 33.52 -17.30 52.98
N MET C 378 32.47 -17.05 53.75
CA MET C 378 31.11 -17.06 53.25
C MET C 378 30.32 -15.95 53.93
N LEU C 379 29.26 -15.49 53.28
CA LEU C 379 28.34 -14.64 54.01
C LEU C 379 27.46 -15.50 54.90
N ALA C 380 26.85 -14.87 55.90
CA ALA C 380 25.79 -15.55 56.63
C ALA C 380 24.67 -15.98 55.68
N THR C 381 24.40 -15.20 54.67
CA THR C 381 23.39 -15.56 53.71
C THR C 381 23.82 -16.77 52.87
N ASP C 382 25.10 -16.97 52.69
CA ASP C 382 25.55 -18.14 51.97
C ASP C 382 25.31 -19.41 52.77
N LEU C 383 25.80 -19.44 54.04
CA LEU C 383 25.57 -20.61 54.91
C LEU C 383 24.10 -20.95 55.07
N SER C 384 23.19 -20.02 54.80
CA SER C 384 21.76 -20.35 54.82
C SER C 384 21.44 -21.43 53.80
N LEU C 385 22.24 -21.55 52.73
CA LEU C 385 21.96 -22.53 51.69
C LEU C 385 22.31 -23.94 52.14
N ARG C 386 23.16 -24.07 53.16
CA ARG C 386 23.51 -25.34 53.78
C ARG C 386 22.76 -25.61 55.08
N VAL C 387 22.36 -24.56 55.81
CA VAL C 387 21.71 -24.70 57.11
C VAL C 387 20.21 -24.90 56.97
N ASP C 388 19.58 -24.24 56.02
CA ASP C 388 18.14 -24.36 55.88
C ASP C 388 17.83 -25.73 55.29
N PRO C 389 16.91 -26.50 55.88
CA PRO C 389 16.62 -27.83 55.35
C PRO C 389 16.22 -27.84 53.89
N ILE C 390 15.40 -26.89 53.44
CA ILE C 390 14.96 -26.92 52.04
C ILE C 390 16.11 -26.58 51.10
N TYR C 391 16.89 -25.54 51.42
CA TYR C 391 18.00 -25.20 50.54
C TYR C 391 19.06 -26.30 50.56
N GLU C 392 19.36 -26.84 51.75
CA GLU C 392 20.40 -27.88 51.88
C GLU C 392 20.15 -29.05 50.94
N ARG C 393 18.91 -29.52 50.88
CA ARG C 393 18.54 -30.57 49.94
C ARG C 393 18.87 -30.17 48.51
N ILE C 394 18.37 -29.01 48.07
CA ILE C 394 18.59 -28.56 46.70
C ILE C 394 20.08 -28.44 46.40
N THR C 395 20.83 -27.83 47.32
CA THR C 395 22.23 -27.56 46.98
C THR C 395 23.11 -28.80 47.17
N ARG C 396 22.72 -29.74 48.03
CA ARG C 396 23.51 -30.98 48.14
C ARG C 396 23.47 -31.77 46.83
N ARG C 397 22.30 -31.80 46.19
CA ARG C 397 22.19 -32.39 44.87
C ARG C 397 23.16 -31.73 43.89
N TRP C 398 23.13 -30.39 43.80
CA TRP C 398 24.01 -29.69 42.87
C TRP C 398 25.48 -29.88 43.20
N LEU C 399 25.82 -30.21 44.44
CA LEU C 399 27.20 -30.55 44.75
C LEU C 399 27.69 -31.71 43.90
N GLU C 400 26.78 -32.60 43.52
CA GLU C 400 27.16 -33.74 42.69
C GLU C 400 26.63 -33.64 41.29
N HIS C 401 25.78 -32.66 41.01
CA HIS C 401 25.19 -32.52 39.68
C HIS C 401 25.25 -31.06 39.25
N PRO C 402 26.47 -30.55 39.02
CA PRO C 402 26.60 -29.18 38.54
C PRO C 402 25.87 -28.92 37.24
N GLU C 403 25.62 -29.95 36.43
CA GLU C 403 24.89 -29.70 35.18
C GLU C 403 23.49 -29.22 35.46
N GLU C 404 22.89 -29.63 36.59
CA GLU C 404 21.55 -29.16 36.95
C GLU C 404 21.59 -27.74 37.50
N LEU C 405 22.61 -27.40 38.30
CA LEU C 405 22.77 -26.02 38.74
C LEU C 405 22.80 -25.09 37.53
N ALA C 406 23.79 -25.29 36.65
CA ALA C 406 23.90 -24.58 35.37
C ALA C 406 22.55 -24.39 34.68
N ASP C 407 21.75 -25.45 34.60
CA ASP C 407 20.47 -25.37 33.91
C ASP C 407 19.48 -24.53 34.71
N GLU C 408 19.36 -24.77 36.02
CA GLU C 408 18.42 -23.98 36.79
C GLU C 408 18.85 -22.51 36.87
N PHE C 409 20.16 -22.25 36.94
CA PHE C 409 20.64 -20.87 37.01
C PHE C 409 20.37 -20.11 35.71
N ALA C 410 20.68 -20.71 34.56
CA ALA C 410 20.35 -20.07 33.30
C ALA C 410 18.87 -19.76 33.21
N LYS C 411 18.01 -20.65 33.69
CA LYS C 411 16.59 -20.40 33.57
C LYS C 411 16.15 -19.28 34.49
N ALA C 412 16.74 -19.22 35.69
CA ALA C 412 16.33 -18.22 36.69
C ALA C 412 16.93 -16.86 36.38
N TRP C 413 18.18 -16.82 35.96
CA TRP C 413 18.80 -15.55 35.62
C TRP C 413 18.11 -14.93 34.43
N TYR C 414 17.71 -15.76 33.45
CA TYR C 414 16.97 -15.24 32.31
C TYR C 414 15.66 -14.62 32.76
N LYS C 415 14.98 -15.29 33.69
CA LYS C 415 13.71 -14.79 34.18
C LYS C 415 13.90 -13.52 35.00
N LEU C 416 14.93 -13.50 35.86
CA LEU C 416 15.24 -12.31 36.67
C LEU C 416 15.34 -11.05 35.81
N ILE C 417 16.16 -11.08 34.75
CA ILE C 417 16.47 -9.86 34.00
C ILE C 417 15.48 -9.64 32.87
N HIS C 418 14.43 -10.45 32.82
CA HIS C 418 13.36 -10.19 31.88
C HIS C 418 11.99 -10.10 32.53
N ARG C 419 11.88 -10.21 33.86
CA ARG C 419 10.60 -10.34 34.53
C ARG C 419 9.62 -9.25 34.13
N ASP C 420 10.11 -8.03 33.92
CA ASP C 420 9.23 -6.90 33.66
C ASP C 420 9.13 -6.54 32.19
N MET C 421 9.42 -7.47 31.27
CA MET C 421 9.43 -7.13 29.85
C MET C 421 8.05 -7.13 29.20
N GLY C 422 7.05 -7.74 29.80
CA GLY C 422 5.74 -7.76 29.19
C GLY C 422 5.56 -8.95 28.26
N PRO C 423 4.58 -8.84 27.36
CA PRO C 423 4.36 -9.91 26.38
C PRO C 423 5.60 -10.23 25.56
N VAL C 424 5.77 -11.53 25.26
CA VAL C 424 6.96 -12.00 24.57
C VAL C 424 7.20 -11.26 23.27
N ALA C 425 6.16 -10.66 22.69
CA ALA C 425 6.32 -9.90 21.45
C ALA C 425 7.29 -8.75 21.60
N ARG C 426 7.57 -8.32 22.84
CA ARG C 426 8.41 -7.16 23.07
C ARG C 426 9.90 -7.49 23.06
N TYR C 427 10.28 -8.79 23.19
CA TYR C 427 11.69 -9.16 23.22
C TYR C 427 12.29 -9.01 21.83
N LEU C 428 13.31 -8.15 21.71
CA LEU C 428 13.91 -7.79 20.45
C LEU C 428 15.27 -8.46 20.27
N GLY C 429 15.66 -8.63 19.01
CA GLY C 429 17.02 -8.96 18.67
C GLY C 429 17.25 -10.42 18.35
N PRO C 430 18.50 -10.77 18.03
CA PRO C 430 18.81 -12.16 17.61
C PRO C 430 19.03 -13.15 18.74
N LEU C 431 18.94 -12.78 20.02
CA LEU C 431 19.28 -13.71 21.09
C LEU C 431 18.07 -14.23 21.88
N VAL C 432 16.87 -14.14 21.33
CA VAL C 432 15.65 -14.58 22.01
C VAL C 432 15.38 -16.03 21.64
N PRO C 433 15.40 -16.96 22.59
CA PRO C 433 14.99 -18.34 22.28
C PRO C 433 13.48 -18.41 22.17
N LYS C 434 13.03 -19.28 21.28
CA LYS C 434 11.61 -19.36 20.96
C LYS C 434 10.81 -20.10 22.01
N GLN C 435 11.45 -20.88 22.87
CA GLN C 435 10.73 -21.70 23.83
C GLN C 435 9.73 -20.88 24.64
N THR C 436 8.47 -21.33 24.62
CA THR C 436 7.46 -20.76 25.51
C THR C 436 7.83 -21.04 26.96
N LEU C 437 7.60 -20.05 27.82
CA LEU C 437 7.86 -20.18 29.25
C LEU C 437 6.61 -19.77 30.00
N LEU C 438 6.26 -20.55 31.04
CA LEU C 438 4.99 -20.35 31.72
C LEU C 438 4.97 -19.05 32.51
N TRP C 439 6.11 -18.63 33.05
CA TRP C 439 6.13 -17.37 33.80
C TRP C 439 5.81 -16.19 32.90
N GLN C 440 5.97 -16.32 31.58
CA GLN C 440 5.66 -15.22 30.68
C GLN C 440 4.18 -15.10 30.38
N ASP C 441 3.31 -15.83 31.08
CA ASP C 441 1.86 -15.77 30.86
C ASP C 441 1.55 -15.88 29.37
N PRO C 442 2.03 -16.94 28.70
CA PRO C 442 2.03 -16.95 27.23
C PRO C 442 0.64 -17.11 26.66
N VAL C 443 0.45 -16.56 25.47
CA VAL C 443 -0.81 -16.71 24.76
C VAL C 443 -0.49 -17.43 23.46
N PRO C 444 -1.44 -18.19 22.92
CA PRO C 444 -1.23 -18.90 21.65
C PRO C 444 -0.97 -17.95 20.50
N ALA C 445 -0.30 -18.47 19.49
CA ALA C 445 -0.12 -17.75 18.24
C ALA C 445 -1.44 -17.61 17.52
N VAL C 446 -1.53 -16.59 16.68
CA VAL C 446 -2.71 -16.44 15.83
C VAL C 446 -2.66 -17.58 14.82
N SER C 447 -3.58 -18.54 14.96
CA SER C 447 -3.61 -19.69 14.06
C SER C 447 -4.32 -19.36 12.74
N HIS C 448 -5.59 -18.97 12.82
CA HIS C 448 -6.42 -18.76 11.65
C HIS C 448 -6.39 -17.30 11.23
N ASP C 449 -6.95 -17.02 10.06
CA ASP C 449 -7.14 -15.64 9.64
C ASP C 449 -8.01 -14.92 10.67
N LEU C 450 -7.95 -13.59 10.64
CA LEU C 450 -8.64 -12.80 11.65
C LEU C 450 -9.91 -12.20 11.07
N VAL C 451 -10.87 -11.98 11.98
CA VAL C 451 -12.14 -11.35 11.64
C VAL C 451 -11.86 -10.00 10.97
N GLY C 452 -12.27 -9.87 9.71
CA GLY C 452 -12.20 -8.59 9.00
C GLY C 452 -13.39 -7.73 9.32
N GLU C 453 -13.56 -6.66 8.55
CA GLU C 453 -14.52 -5.63 8.95
C GLU C 453 -15.94 -6.17 8.99
N ALA C 454 -16.45 -6.67 7.85
CA ALA C 454 -17.79 -7.22 7.83
C ALA C 454 -17.99 -8.25 8.93
N GLU C 455 -17.00 -9.12 9.12
CA GLU C 455 -17.11 -10.13 10.17
C GLU C 455 -17.18 -9.48 11.55
N ILE C 456 -16.41 -8.40 11.76
CA ILE C 456 -16.48 -7.63 13.00
C ILE C 456 -17.85 -6.99 13.14
N ALA C 457 -18.35 -6.39 12.05
CA ALA C 457 -19.65 -5.74 12.04
C ALA C 457 -20.76 -6.72 12.43
N SER C 458 -20.90 -7.82 11.67
CA SER C 458 -21.95 -8.79 11.96
C SER C 458 -21.88 -9.27 13.40
N LEU C 459 -20.66 -9.38 13.92
CA LEU C 459 -20.43 -9.99 15.22
C LEU C 459 -20.77 -9.06 16.39
N LYS C 460 -20.81 -7.75 16.16
CA LYS C 460 -21.36 -6.84 17.13
C LYS C 460 -22.85 -7.13 17.35
N SER C 461 -23.57 -7.34 16.23
CA SER C 461 -25.02 -7.52 16.24
C SER C 461 -25.43 -8.73 17.08
N GLN C 462 -24.86 -9.89 16.75
CA GLN C 462 -25.14 -11.08 17.53
C GLN C 462 -24.93 -10.83 19.01
N ILE C 463 -23.93 -10.02 19.35
CA ILE C 463 -23.68 -9.72 20.77
C ILE C 463 -24.73 -8.75 21.29
N ARG C 464 -25.07 -7.72 20.52
CA ARG C 464 -26.21 -6.86 20.87
C ARG C 464 -27.50 -7.67 21.00
N ALA C 465 -27.74 -8.61 20.06
CA ALA C 465 -28.94 -9.44 20.06
C ALA C 465 -28.91 -10.51 21.15
N SER C 466 -27.80 -10.67 21.84
CA SER C 466 -27.84 -11.52 23.02
C SER C 466 -28.55 -10.80 24.18
N GLY C 467 -28.76 -11.57 25.25
CA GLY C 467 -29.35 -11.12 26.50
C GLY C 467 -28.42 -10.33 27.35
N LEU C 468 -27.28 -9.93 26.80
CA LEU C 468 -26.28 -9.22 27.57
C LEU C 468 -26.58 -7.73 27.52
N THR C 469 -26.50 -7.12 28.69
CA THR C 469 -26.78 -5.70 28.88
C THR C 469 -25.51 -4.88 28.75
N VAL C 470 -25.69 -3.59 28.44
CA VAL C 470 -24.57 -2.66 28.38
C VAL C 470 -23.76 -2.74 29.67
N SER C 471 -24.44 -2.70 30.81
CA SER C 471 -23.75 -2.93 32.07
C SER C 471 -22.93 -4.22 32.03
N GLN C 472 -23.52 -5.30 31.51
CA GLN C 472 -22.84 -6.58 31.49
C GLN C 472 -21.67 -6.60 30.51
N LEU C 473 -21.88 -6.05 29.31
CA LEU C 473 -20.85 -6.08 28.30
C LEU C 473 -19.69 -5.19 28.67
N VAL C 474 -19.99 -3.91 28.97
CA VAL C 474 -18.94 -2.97 29.34
C VAL C 474 -18.17 -3.48 30.54
N SER C 475 -18.89 -3.95 31.56
CA SER C 475 -18.21 -4.38 32.79
C SER C 475 -17.29 -5.56 32.54
N THR C 476 -17.72 -6.53 31.72
CA THR C 476 -16.88 -7.70 31.48
C THR C 476 -15.63 -7.33 30.69
N ALA C 477 -15.81 -6.59 29.58
CA ALA C 477 -14.68 -6.03 28.83
C ALA C 477 -13.69 -5.33 29.75
N TRP C 478 -14.20 -4.43 30.60
CA TRP C 478 -13.30 -3.65 31.46
C TRP C 478 -12.59 -4.56 32.45
N ALA C 479 -13.28 -5.55 32.98
CA ALA C 479 -12.66 -6.49 33.92
C ALA C 479 -11.48 -7.24 33.28
N ALA C 480 -11.60 -7.58 32.00
CA ALA C 480 -10.49 -8.25 31.30
C ALA C 480 -9.38 -7.26 30.97
N ALA C 481 -9.70 -6.15 30.30
CA ALA C 481 -8.67 -5.23 29.88
C ALA C 481 -8.01 -4.55 31.07
N SER C 482 -8.79 -4.17 32.08
CA SER C 482 -8.21 -3.43 33.21
C SER C 482 -7.31 -4.29 34.08
N SER C 483 -7.03 -5.55 33.70
CA SER C 483 -6.16 -6.38 34.51
C SER C 483 -4.69 -6.12 34.24
N PHE C 484 -4.40 -5.33 33.19
CA PHE C 484 -3.05 -4.91 32.83
C PHE C 484 -2.52 -3.92 33.86
N ARG C 485 -1.25 -4.07 34.22
CA ARG C 485 -0.55 -3.05 34.99
C ARG C 485 0.73 -2.70 34.24
N GLY C 486 1.00 -1.40 34.10
CA GLY C 486 2.07 -0.93 33.26
C GLY C 486 3.41 -0.95 33.89
N SER C 487 3.46 -1.30 35.19
CA SER C 487 4.73 -1.45 35.88
C SER C 487 5.55 -2.57 35.23
N ASP C 488 5.12 -3.83 35.35
CA ASP C 488 5.82 -4.97 34.75
C ASP C 488 5.11 -5.50 33.50
N LYS C 489 4.10 -4.77 33.01
CA LYS C 489 3.45 -5.04 31.74
C LYS C 489 2.75 -6.40 31.71
N ARG C 490 2.38 -6.93 32.87
CA ARG C 490 1.58 -8.14 32.94
C ARG C 490 0.09 -7.80 32.82
N GLY C 491 -0.72 -8.83 32.58
CA GLY C 491 -2.15 -8.67 32.62
C GLY C 491 -2.73 -8.12 31.33
N GLY C 492 -4.03 -7.88 31.37
CA GLY C 492 -4.73 -7.41 30.18
C GLY C 492 -5.69 -8.47 29.65
N ALA C 493 -6.30 -8.13 28.51
CA ALA C 493 -7.41 -8.91 27.99
C ALA C 493 -6.96 -10.03 27.06
N ASN C 494 -5.81 -9.88 26.39
CA ASN C 494 -5.25 -10.99 25.61
C ASN C 494 -5.10 -12.22 26.49
N GLY C 495 -5.41 -13.38 25.92
CA GLY C 495 -5.43 -14.63 26.64
C GLY C 495 -6.79 -15.08 27.09
N GLY C 496 -7.79 -14.19 27.12
CA GLY C 496 -9.11 -14.52 27.60
C GLY C 496 -9.09 -15.11 28.99
N ARG C 497 -8.10 -14.75 29.80
CA ARG C 497 -7.97 -15.41 31.09
C ARG C 497 -9.06 -15.03 32.09
N ILE C 498 -10.03 -14.21 31.66
CA ILE C 498 -11.18 -13.88 32.50
C ILE C 498 -12.03 -15.11 32.81
N ARG C 499 -12.17 -16.02 31.83
CA ARG C 499 -12.93 -17.24 32.05
C ARG C 499 -12.12 -18.33 32.75
N LEU C 500 -10.83 -18.13 32.95
CA LEU C 500 -9.99 -19.08 33.68
C LEU C 500 -9.80 -18.64 35.12
N GLN C 501 -9.37 -19.60 35.94
CA GLN C 501 -8.87 -19.28 37.27
C GLN C 501 -7.62 -18.39 37.12
N PRO C 502 -7.32 -17.52 38.11
CA PRO C 502 -8.14 -17.07 39.27
C PRO C 502 -9.09 -15.96 38.90
N GLN C 503 -8.92 -15.39 37.70
CA GLN C 503 -9.61 -14.16 37.34
C GLN C 503 -11.12 -14.32 37.38
N VAL C 504 -11.61 -15.54 37.13
CA VAL C 504 -13.03 -15.77 37.03
C VAL C 504 -13.72 -15.79 38.40
N GLY C 505 -12.96 -15.91 39.49
CA GLY C 505 -13.51 -15.88 40.84
C GLY C 505 -12.97 -14.74 41.69
N TRP C 506 -12.54 -13.68 41.03
CA TRP C 506 -12.00 -12.50 41.70
C TRP C 506 -13.15 -11.63 42.16
N GLU C 507 -13.17 -11.29 43.46
CA GLU C 507 -14.32 -10.61 44.04
C GLU C 507 -14.76 -9.41 43.21
N VAL C 508 -13.79 -8.65 42.66
CA VAL C 508 -14.15 -7.48 41.86
C VAL C 508 -14.86 -7.90 40.59
N ASN C 509 -14.47 -9.04 40.02
CA ASN C 509 -15.09 -9.51 38.78
C ASN C 509 -16.50 -10.02 39.04
N ASP C 510 -16.83 -10.25 40.31
CA ASP C 510 -18.11 -10.73 40.82
C ASP C 510 -18.62 -11.89 39.98
N PRO C 511 -18.09 -13.08 40.21
CA PRO C 511 -18.65 -14.28 39.57
C PRO C 511 -20.11 -14.45 39.97
N ASP C 512 -20.31 -14.48 41.29
CA ASP C 512 -21.65 -14.54 41.88
C ASP C 512 -22.22 -13.39 41.10
N GLY C 513 -23.08 -13.72 40.17
CA GLY C 513 -23.63 -12.77 39.23
C GLY C 513 -23.44 -13.31 37.83
N ASP C 514 -23.58 -12.44 36.84
CA ASP C 514 -23.61 -12.91 35.46
C ASP C 514 -22.23 -13.05 34.84
N LEU C 515 -21.17 -13.21 35.63
CA LEU C 515 -19.87 -13.44 35.01
C LEU C 515 -19.89 -14.71 34.18
N ARG C 516 -20.26 -15.85 34.81
CA ARG C 516 -20.44 -17.08 34.06
C ARG C 516 -21.42 -16.91 32.91
N LYS C 517 -22.51 -16.17 33.14
CA LYS C 517 -23.56 -16.04 32.13
C LYS C 517 -23.02 -15.38 30.86
N VAL C 518 -22.35 -14.23 31.00
CA VAL C 518 -21.80 -13.55 29.84
C VAL C 518 -20.69 -14.37 29.22
N ILE C 519 -19.90 -15.05 30.07
CA ILE C 519 -18.92 -16.02 29.58
C ILE C 519 -19.60 -17.10 28.76
N ARG C 520 -20.50 -17.87 29.40
CA ARG C 520 -21.27 -18.91 28.70
C ARG C 520 -21.85 -18.38 27.39
N THR C 521 -22.50 -17.21 27.43
CA THR C 521 -23.13 -16.65 26.23
C THR C 521 -22.08 -16.36 25.17
N LEU C 522 -21.01 -15.67 25.52
CA LEU C 522 -20.04 -15.26 24.52
C LEU C 522 -19.35 -16.46 23.89
N GLU C 523 -19.11 -17.52 24.67
CA GLU C 523 -18.61 -18.78 24.12
C GLU C 523 -19.57 -19.32 23.07
N GLU C 524 -20.88 -19.29 23.37
CA GLU C 524 -21.90 -19.72 22.41
C GLU C 524 -21.78 -18.94 21.11
N ILE C 525 -21.63 -17.61 21.18
CA ILE C 525 -21.49 -16.87 19.94
C ILE C 525 -20.13 -17.12 19.29
N GLN C 526 -19.12 -17.51 20.07
CA GLN C 526 -17.89 -18.04 19.48
C GLN C 526 -18.17 -19.33 18.72
N GLU C 527 -18.59 -20.37 19.45
CA GLU C 527 -18.91 -21.67 18.87
C GLU C 527 -19.87 -21.53 17.70
N SER C 528 -20.73 -20.49 17.72
CA SER C 528 -21.67 -20.24 16.63
C SER C 528 -20.96 -19.71 15.41
N PHE C 529 -20.20 -18.63 15.59
CA PHE C 529 -19.58 -17.95 14.45
C PHE C 529 -18.56 -18.84 13.77
N ASN C 530 -17.80 -19.60 14.58
CA ASN C 530 -16.75 -20.47 14.08
C ASN C 530 -17.35 -21.64 13.31
N SER C 531 -18.14 -22.47 14.00
CA SER C 531 -18.81 -23.63 13.42
C SER C 531 -19.53 -23.32 12.11
N ALA C 532 -19.60 -22.04 11.71
CA ALA C 532 -20.25 -21.67 10.46
C ALA C 532 -19.45 -20.64 9.67
N ALA C 533 -18.17 -20.45 9.99
CA ALA C 533 -17.41 -19.27 9.58
C ALA C 533 -17.01 -19.26 8.10
N PRO C 534 -16.67 -18.06 7.56
CA PRO C 534 -16.22 -17.97 6.16
C PRO C 534 -14.76 -18.33 5.91
N GLY C 535 -14.52 -19.57 5.49
CA GLY C 535 -13.18 -20.02 5.14
C GLY C 535 -12.29 -20.33 6.33
N ASN C 536 -11.20 -19.57 6.45
CA ASN C 536 -10.24 -19.77 7.53
C ASN C 536 -10.45 -18.85 8.72
N ILE C 537 -11.30 -17.84 8.60
CA ILE C 537 -11.50 -16.90 9.69
C ILE C 537 -12.06 -17.64 10.90
N LYS C 538 -11.50 -17.35 12.06
CA LYS C 538 -12.07 -17.75 13.34
C LYS C 538 -11.87 -16.60 14.31
N VAL C 539 -12.40 -16.76 15.53
CA VAL C 539 -12.41 -15.69 16.52
C VAL C 539 -12.24 -16.30 17.90
N SER C 540 -11.53 -15.61 18.77
CA SER C 540 -11.30 -16.13 20.11
C SER C 540 -12.33 -15.58 21.10
N PHE C 541 -12.48 -16.29 22.21
CA PHE C 541 -13.19 -15.78 23.38
C PHE C 541 -12.65 -14.40 23.76
N ALA C 542 -11.38 -14.36 24.16
CA ALA C 542 -10.63 -13.14 24.47
C ALA C 542 -10.98 -11.95 23.59
N ASP C 543 -10.92 -12.12 22.25
CA ASP C 543 -11.28 -11.04 21.33
C ASP C 543 -12.75 -10.66 21.42
N LEU C 544 -13.61 -11.59 21.84
CA LEU C 544 -15.03 -11.26 21.93
C LEU C 544 -15.36 -10.51 23.22
N VAL C 545 -14.79 -10.93 24.35
CA VAL C 545 -14.92 -10.18 25.60
C VAL C 545 -14.69 -8.70 25.35
N VAL C 546 -13.70 -8.37 24.53
CA VAL C 546 -13.40 -6.98 24.21
C VAL C 546 -14.41 -6.44 23.20
N LEU C 547 -14.78 -7.22 22.18
CA LEU C 547 -15.67 -6.68 21.15
C LEU C 547 -17.08 -6.43 21.68
N GLY C 548 -17.54 -7.27 22.61
CA GLY C 548 -18.81 -7.05 23.28
C GLY C 548 -18.86 -5.67 23.91
N GLY C 549 -17.89 -5.38 24.80
CA GLY C 549 -17.83 -4.06 25.42
C GLY C 549 -17.86 -2.92 24.40
N CYS C 550 -17.21 -3.13 23.25
CA CYS C 550 -17.15 -2.09 22.23
C CYS C 550 -18.51 -1.82 21.61
N ALA C 551 -19.22 -2.87 21.19
CA ALA C 551 -20.53 -2.66 20.58
C ALA C 551 -21.50 -2.05 21.60
N ALA C 552 -21.45 -2.55 22.83
CA ALA C 552 -22.25 -2.00 23.91
C ALA C 552 -22.08 -0.49 24.01
N ILE C 553 -20.84 0.00 23.83
CA ILE C 553 -20.61 1.43 23.91
C ILE C 553 -21.22 2.11 22.71
N GLU C 554 -21.19 1.45 21.55
CA GLU C 554 -21.88 1.99 20.37
C GLU C 554 -23.38 2.07 20.61
N LYS C 555 -23.94 1.03 21.25
CA LYS C 555 -25.36 1.02 21.57
C LYS C 555 -25.70 2.17 22.53
N ALA C 556 -25.10 2.15 23.73
CA ALA C 556 -25.29 3.18 24.74
C ALA C 556 -25.01 4.59 24.22
N ALA C 557 -24.17 4.73 23.19
CA ALA C 557 -23.94 6.01 22.54
C ALA C 557 -25.12 6.42 21.69
N LYS C 558 -25.75 5.48 20.98
CA LYS C 558 -26.87 5.88 20.15
C LYS C 558 -28.09 6.18 21.01
N ALA C 559 -28.29 5.41 22.08
CA ALA C 559 -29.28 5.75 23.09
C ALA C 559 -29.15 7.20 23.55
N ALA C 560 -27.95 7.76 23.46
CA ALA C 560 -27.69 9.17 23.77
C ALA C 560 -27.61 10.02 22.51
N GLY C 561 -28.09 9.50 21.39
CA GLY C 561 -28.26 10.30 20.18
C GLY C 561 -27.01 10.58 19.37
N HIS C 562 -25.90 9.95 19.73
CA HIS C 562 -24.73 10.08 18.93
C HIS C 562 -24.48 8.66 18.42
N ASN C 563 -24.43 8.49 17.10
CA ASN C 563 -24.05 7.22 16.49
C ASN C 563 -22.57 7.28 16.09
N ILE C 564 -21.80 6.36 16.63
CA ILE C 564 -20.35 6.33 16.47
C ILE C 564 -19.90 4.88 16.36
N THR C 565 -18.62 4.69 16.05
CA THR C 565 -18.05 3.35 16.00
C THR C 565 -16.80 3.33 16.89
N VAL C 566 -16.79 2.41 17.84
CA VAL C 566 -15.63 2.21 18.73
C VAL C 566 -14.58 1.37 18.01
N PRO C 567 -13.34 1.82 17.92
CA PRO C 567 -12.27 1.00 17.32
C PRO C 567 -12.11 -0.35 18.01
N PHE C 568 -11.78 -1.35 17.21
CA PHE C 568 -11.44 -2.64 17.79
C PHE C 568 -10.38 -3.29 16.91
N THR C 569 -9.39 -3.91 17.56
CA THR C 569 -8.26 -4.50 16.84
C THR C 569 -8.23 -6.00 17.10
N PRO C 570 -8.48 -6.83 16.10
CA PRO C 570 -8.53 -8.28 16.33
C PRO C 570 -7.13 -8.81 16.58
N GLY C 571 -7.08 -10.03 17.13
CA GLY C 571 -5.79 -10.69 17.21
C GLY C 571 -5.48 -11.38 18.52
N ARG C 572 -6.29 -11.16 19.53
CA ARG C 572 -6.03 -11.86 20.77
C ARG C 572 -6.41 -13.32 20.62
N THR C 573 -5.85 -14.14 21.50
CA THR C 573 -5.95 -15.59 21.42
C THR C 573 -6.25 -16.11 22.82
N ASP C 574 -6.72 -17.37 22.92
CA ASP C 574 -7.19 -17.91 24.18
C ASP C 574 -6.16 -18.85 24.80
N ALA C 575 -5.66 -18.51 25.97
CA ALA C 575 -4.79 -19.43 26.70
C ALA C 575 -5.60 -20.47 27.49
N SER C 576 -5.00 -21.62 27.69
CA SER C 576 -5.59 -22.68 28.48
C SER C 576 -5.32 -22.43 29.95
N GLN C 577 -6.05 -23.15 30.81
CA GLN C 577 -5.77 -23.04 32.25
C GLN C 577 -4.37 -23.51 32.57
N GLU C 578 -3.88 -24.54 31.85
CA GLU C 578 -2.57 -25.12 32.11
C GLU C 578 -1.44 -24.16 31.72
N GLN C 579 -1.74 -23.15 30.91
CA GLN C 579 -0.81 -22.06 30.64
C GLN C 579 -1.05 -20.85 31.56
N THR C 580 -1.65 -21.04 32.73
CA THR C 580 -2.00 -19.92 33.60
C THR C 580 -1.60 -20.25 35.03
N ASP C 581 -0.40 -19.81 35.42
CA ASP C 581 0.09 -20.01 36.78
C ASP C 581 -0.81 -19.25 37.73
N VAL C 582 -1.75 -19.95 38.39
CA VAL C 582 -2.78 -19.29 39.17
C VAL C 582 -2.16 -18.50 40.33
N GLU C 583 -1.13 -19.06 40.95
CA GLU C 583 -0.49 -18.31 42.03
C GLU C 583 0.16 -17.05 41.49
N SER C 584 0.78 -17.13 40.30
CA SER C 584 1.41 -15.95 39.72
C SER C 584 0.38 -14.88 39.38
N PHE C 585 -0.82 -15.28 39.02
CA PHE C 585 -1.85 -14.30 38.71
C PHE C 585 -2.51 -13.71 39.95
N ALA C 586 -2.23 -14.28 41.13
CA ALA C 586 -2.88 -13.80 42.34
C ALA C 586 -2.55 -12.33 42.62
N VAL C 587 -1.33 -11.90 42.30
CA VAL C 587 -0.94 -10.52 42.58
C VAL C 587 -1.59 -9.53 41.64
N LEU C 588 -2.19 -9.97 40.54
CA LEU C 588 -2.93 -9.05 39.68
C LEU C 588 -4.37 -8.84 40.12
N GLU C 589 -4.77 -9.38 41.26
CA GLU C 589 -6.13 -9.13 41.73
C GLU C 589 -6.22 -7.73 42.29
N PRO C 590 -7.12 -6.89 41.77
CA PRO C 590 -7.40 -5.61 42.42
C PRO C 590 -7.98 -5.81 43.81
N LYS C 591 -7.35 -5.18 44.81
CA LYS C 591 -8.07 -4.90 46.04
C LYS C 591 -8.78 -3.55 45.98
N ALA C 592 -8.81 -2.94 44.79
CA ALA C 592 -9.39 -1.62 44.60
C ALA C 592 -9.53 -1.34 43.11
N ASP C 593 -10.70 -0.88 42.65
CA ASP C 593 -10.78 -0.34 41.30
C ASP C 593 -11.81 0.78 41.30
N GLY C 594 -11.34 2.02 41.44
CA GLY C 594 -12.25 3.15 41.44
C GLY C 594 -13.16 3.20 40.21
N PHE C 595 -12.68 2.68 39.09
CA PHE C 595 -13.48 2.75 37.87
C PHE C 595 -14.72 1.87 37.92
N ARG C 596 -14.79 0.95 38.88
CA ARG C 596 -15.95 0.10 39.12
C ARG C 596 -16.50 0.33 40.52
N ASN C 597 -16.14 1.47 41.11
CA ASN C 597 -16.47 1.81 42.49
C ASN C 597 -16.26 0.65 43.45
N TYR C 598 -15.27 -0.20 43.21
CA TYR C 598 -15.01 -1.34 44.07
C TYR C 598 -13.92 -0.95 45.06
N LEU C 599 -14.08 -1.42 46.31
CA LEU C 599 -13.05 -1.11 47.30
C LEU C 599 -12.98 -2.26 48.32
N GLY C 600 -12.16 -3.26 48.01
CA GLY C 600 -11.90 -4.32 48.96
C GLY C 600 -11.27 -3.83 50.24
N LYS C 601 -10.89 -4.75 51.11
CA LYS C 601 -10.18 -4.41 52.32
C LYS C 601 -8.68 -4.54 52.08
N GLY C 602 -7.91 -3.91 52.97
CA GLY C 602 -6.47 -4.07 52.99
C GLY C 602 -5.71 -3.08 52.14
N ASN C 603 -6.36 -2.07 51.58
CA ASN C 603 -5.62 -1.08 50.81
C ASN C 603 -4.86 -0.15 51.76
N PRO C 604 -3.66 0.27 51.39
CA PRO C 604 -2.85 1.08 52.30
C PRO C 604 -3.32 2.52 52.44
N LEU C 605 -4.13 3.02 51.51
CA LEU C 605 -4.50 4.43 51.51
C LEU C 605 -6.00 4.51 51.25
N PRO C 606 -6.62 5.64 51.57
CA PRO C 606 -8.05 5.81 51.29
C PRO C 606 -8.35 5.76 49.80
N ALA C 607 -9.64 5.55 49.51
CA ALA C 607 -10.08 5.17 48.18
C ALA C 607 -9.49 6.07 47.08
N GLU C 608 -9.53 7.39 47.27
CA GLU C 608 -9.16 8.27 46.17
C GLU C 608 -7.69 8.12 45.79
N TYR C 609 -6.82 7.82 46.76
CA TYR C 609 -5.45 7.50 46.42
C TYR C 609 -5.37 6.20 45.62
N MET C 610 -6.13 5.17 46.03
CA MET C 610 -6.08 3.95 45.27
C MET C 610 -6.62 4.14 43.86
N LEU C 611 -7.57 5.06 43.69
CA LEU C 611 -8.02 5.41 42.35
C LEU C 611 -6.85 5.92 41.50
N LEU C 612 -6.08 6.86 42.04
CA LEU C 612 -4.95 7.42 41.30
C LEU C 612 -3.92 6.35 40.99
N ASP C 613 -3.53 5.57 42.01
CA ASP C 613 -2.59 4.45 41.84
C ASP C 613 -3.04 3.51 40.73
N LYS C 614 -4.32 3.14 40.74
CA LYS C 614 -4.84 2.24 39.72
C LYS C 614 -4.82 2.90 38.35
N ALA C 615 -5.15 4.20 38.29
CA ALA C 615 -5.07 4.88 37.00
C ALA C 615 -3.63 4.97 36.49
N ASN C 616 -2.66 5.08 37.41
CA ASN C 616 -1.26 5.09 37.03
C ASN C 616 -0.84 3.71 36.51
N LEU C 617 -1.31 2.64 37.15
CA LEU C 617 -1.02 1.31 36.65
C LEU C 617 -1.63 1.07 35.27
N LEU C 618 -2.73 1.74 34.94
CA LEU C 618 -3.34 1.64 33.63
C LEU C 618 -2.71 2.59 32.60
N THR C 619 -1.66 3.31 33.00
CA THR C 619 -0.95 4.29 32.14
C THR C 619 -1.84 5.45 31.73
N LEU C 620 -2.87 5.76 32.52
CA LEU C 620 -3.83 6.78 32.12
C LEU C 620 -3.43 8.18 32.58
N SER C 621 -3.73 9.17 31.75
CA SER C 621 -3.57 10.55 32.15
C SER C 621 -4.68 10.93 33.13
N ALA C 622 -4.51 12.08 33.79
CA ALA C 622 -5.59 12.61 34.61
C ALA C 622 -6.85 12.89 33.78
N PRO C 623 -6.77 13.46 32.58
CA PRO C 623 -7.99 13.59 31.76
C PRO C 623 -8.53 12.26 31.24
N GLU C 624 -7.72 11.21 31.12
CA GLU C 624 -8.28 9.94 30.66
C GLU C 624 -9.01 9.24 31.79
N MET C 625 -8.43 9.23 32.99
CA MET C 625 -9.12 8.68 34.14
C MET C 625 -10.47 9.36 34.33
N THR C 626 -10.53 10.68 34.10
CA THR C 626 -11.75 11.44 34.37
C THR C 626 -12.86 11.10 33.38
N VAL C 627 -12.59 11.09 32.07
CA VAL C 627 -13.60 10.67 31.10
C VAL C 627 -14.02 9.23 31.34
N LEU C 628 -13.07 8.37 31.74
CA LEU C 628 -13.39 6.97 31.92
C LEU C 628 -14.31 6.76 33.11
N VAL C 629 -14.05 7.45 34.23
CA VAL C 629 -14.90 7.27 35.41
C VAL C 629 -16.30 7.79 35.11
N GLY C 630 -16.40 8.98 34.54
CA GLY C 630 -17.70 9.53 34.21
C GLY C 630 -18.50 8.61 33.31
N GLY C 631 -17.83 8.03 32.31
CA GLY C 631 -18.55 7.23 31.33
C GLY C 631 -18.95 5.87 31.87
N LEU C 632 -18.06 5.24 32.64
CA LEU C 632 -18.37 3.89 33.11
C LEU C 632 -19.45 3.90 34.17
N ARG C 633 -19.50 4.97 34.98
CA ARG C 633 -20.59 5.18 35.91
C ARG C 633 -21.95 5.04 35.21
N VAL C 634 -22.15 5.83 34.15
CA VAL C 634 -23.46 5.94 33.53
C VAL C 634 -23.71 4.76 32.61
N LEU C 635 -22.80 3.78 32.63
CA LEU C 635 -22.93 2.60 31.78
C LEU C 635 -23.24 1.34 32.55
N GLY C 636 -23.12 1.37 33.87
CA GLY C 636 -23.38 0.20 34.67
C GLY C 636 -22.13 -0.54 35.11
N ALA C 637 -20.96 0.06 34.91
CA ALA C 637 -19.71 -0.65 35.16
C ALA C 637 -19.55 -1.06 36.61
N ASN C 638 -20.44 -0.60 37.48
CA ASN C 638 -20.15 -0.59 38.90
C ASN C 638 -20.22 -1.97 39.54
N TYR C 639 -19.31 -2.21 40.47
CA TYR C 639 -19.30 -3.44 41.24
C TYR C 639 -20.64 -3.63 41.95
N LYS C 640 -21.28 -4.78 41.68
CA LYS C 640 -22.62 -5.12 42.15
C LYS C 640 -23.68 -4.11 41.68
N ARG C 641 -23.41 -3.44 40.56
CA ARG C 641 -24.33 -2.49 39.93
C ARG C 641 -24.84 -1.42 40.89
N LEU C 642 -24.10 -1.17 41.99
CA LEU C 642 -24.42 -0.17 43.00
C LEU C 642 -24.70 1.20 42.39
N PRO C 643 -25.55 2.02 43.02
CA PRO C 643 -25.93 3.31 42.40
C PRO C 643 -24.93 4.44 42.64
N LEU C 644 -23.93 4.24 43.51
CA LEU C 644 -22.97 5.29 43.83
C LEU C 644 -22.36 5.89 42.57
N GLY C 645 -22.35 7.22 42.51
CA GLY C 645 -21.80 7.91 41.38
C GLY C 645 -22.59 7.80 40.10
N VAL C 646 -23.69 7.06 40.08
CA VAL C 646 -24.48 6.96 38.85
C VAL C 646 -25.42 8.16 38.77
N PHE C 647 -24.86 9.30 38.39
CA PHE C 647 -25.60 10.58 38.39
C PHE C 647 -26.26 10.80 37.03
N THR C 648 -27.22 9.93 36.73
CA THR C 648 -27.94 10.07 35.48
C THR C 648 -29.35 9.55 35.66
N GLU C 649 -30.29 10.17 34.93
CA GLU C 649 -31.66 9.69 34.88
C GLU C 649 -31.80 8.54 33.91
N ALA C 650 -30.83 8.36 33.01
CA ALA C 650 -30.95 7.46 31.88
C ALA C 650 -30.44 6.05 32.19
N SER C 651 -31.00 5.09 31.46
CA SER C 651 -30.51 3.71 31.44
C SER C 651 -29.62 3.51 30.24
N GLU C 652 -28.40 3.02 30.49
CA GLU C 652 -27.44 2.64 29.46
C GLU C 652 -27.37 3.66 28.33
N SER C 653 -27.32 4.91 28.71
CA SER C 653 -27.06 5.99 27.78
C SER C 653 -25.69 6.55 28.10
N LEU C 654 -24.94 6.90 27.07
CA LEU C 654 -23.57 7.38 27.27
C LEU C 654 -23.58 8.90 27.11
N THR C 655 -23.85 9.60 28.21
CA THR C 655 -23.89 11.06 28.27
C THR C 655 -22.82 11.53 29.23
N ASN C 656 -22.74 12.85 29.39
CA ASN C 656 -21.90 13.45 30.40
C ASN C 656 -22.67 13.83 31.66
N ASP C 657 -23.84 13.21 31.90
CA ASP C 657 -24.64 13.52 33.08
C ASP C 657 -23.81 13.49 34.36
N PHE C 658 -22.87 12.54 34.45
CA PHE C 658 -22.04 12.43 35.65
C PHE C 658 -21.36 13.75 35.96
N PHE C 659 -20.92 14.45 34.92
CA PHE C 659 -20.18 15.69 35.13
C PHE C 659 -21.12 16.82 35.47
N VAL C 660 -22.21 16.96 34.70
CA VAL C 660 -23.19 18.01 34.96
C VAL C 660 -23.67 17.95 36.41
N ASN C 661 -24.21 16.80 36.80
CA ASN C 661 -24.75 16.72 38.15
C ASN C 661 -23.68 16.88 39.21
N LEU C 662 -22.45 16.44 38.93
CA LEU C 662 -21.39 16.60 39.93
C LEU C 662 -21.14 18.07 40.23
N LEU C 663 -21.34 18.95 39.25
CA LEU C 663 -21.19 20.39 39.36
C LEU C 663 -22.50 21.11 39.68
N ASP C 664 -23.53 20.37 40.08
CA ASP C 664 -24.86 20.91 40.39
C ASP C 664 -24.87 21.42 41.83
N MET C 665 -24.71 22.73 41.99
CA MET C 665 -24.83 23.39 43.28
C MET C 665 -26.22 23.26 43.88
N GLY C 666 -27.21 22.79 43.12
CA GLY C 666 -28.51 22.47 43.69
C GLY C 666 -28.51 21.29 44.63
N ILE C 667 -27.43 20.53 44.67
CA ILE C 667 -27.33 19.30 45.43
C ILE C 667 -26.43 19.56 46.64
N THR C 668 -26.86 19.10 47.81
CA THR C 668 -26.05 19.22 49.02
C THR C 668 -25.58 17.84 49.45
N TRP C 669 -24.28 17.72 49.72
CA TRP C 669 -23.67 16.44 50.05
C TRP C 669 -23.37 16.39 51.55
N GLU C 670 -23.56 15.22 52.15
CA GLU C 670 -23.06 14.93 53.49
C GLU C 670 -22.79 13.43 53.58
N PRO C 671 -21.94 13.01 54.52
CA PRO C 671 -21.75 11.57 54.71
C PRO C 671 -23.05 10.86 55.09
N SER C 672 -23.28 9.69 54.49
CA SER C 672 -24.37 8.83 54.91
C SER C 672 -24.28 8.59 56.42
N PRO C 673 -25.39 8.78 57.17
CA PRO C 673 -25.39 8.49 58.61
C PRO C 673 -24.72 7.16 58.92
N ALA C 674 -24.92 6.20 58.01
CA ALA C 674 -24.44 4.83 58.15
C ALA C 674 -22.94 4.68 58.41
N ASP C 675 -22.14 5.71 58.31
CA ASP C 675 -20.68 5.58 58.22
C ASP C 675 -20.29 4.44 57.28
N ASP C 676 -20.88 4.41 56.18
CA ASP C 676 -20.75 3.47 55.19
C ASP C 676 -19.61 3.74 54.28
N GLY C 677 -19.07 4.94 54.32
CA GLY C 677 -18.12 5.41 53.36
C GLY C 677 -18.84 5.90 52.13
N THR C 678 -20.03 6.34 52.31
CA THR C 678 -20.94 6.81 51.36
C THR C 678 -21.37 8.17 51.70
N TYR C 679 -21.85 8.87 50.74
CA TYR C 679 -22.41 10.20 50.88
C TYR C 679 -23.79 10.20 50.24
N GLN C 680 -24.70 11.03 50.77
CA GLN C 680 -25.96 11.32 50.10
C GLN C 680 -25.98 12.76 49.64
N GLY C 681 -26.61 13.00 48.49
CA GLY C 681 -26.76 14.34 47.96
C GLY C 681 -28.21 14.74 47.77
N LYS C 682 -28.72 15.58 48.67
CA LYS C 682 -30.14 15.96 48.71
C LYS C 682 -30.39 17.16 47.82
N ASP C 683 -31.55 17.19 47.17
CA ASP C 683 -31.99 18.36 46.42
C ASP C 683 -32.60 19.36 47.39
N GLY C 684 -33.20 20.43 46.84
CA GLY C 684 -33.79 21.45 47.70
C GLY C 684 -34.82 20.88 48.64
N SER C 685 -35.72 20.03 48.12
CA SER C 685 -36.79 19.43 48.90
C SER C 685 -36.26 18.64 50.10
N GLY C 686 -34.98 18.30 50.12
CA GLY C 686 -34.41 17.53 51.21
C GLY C 686 -34.40 16.04 50.98
N LYS C 687 -34.95 15.58 49.86
CA LYS C 687 -34.91 14.18 49.51
C LYS C 687 -33.54 13.84 48.94
N VAL C 688 -32.94 12.75 49.43
CA VAL C 688 -31.73 12.20 48.82
C VAL C 688 -31.99 11.98 47.34
N LYS C 689 -31.20 12.63 46.48
CA LYS C 689 -31.33 12.48 45.03
C LYS C 689 -30.18 11.68 44.43
N TRP C 690 -29.01 11.72 45.05
CA TRP C 690 -27.85 10.95 44.60
C TRP C 690 -27.13 10.38 45.81
N THR C 691 -26.34 9.32 45.57
CA THR C 691 -25.36 8.81 46.54
C THR C 691 -24.02 8.60 45.84
N GLY C 692 -22.95 8.59 46.63
CA GLY C 692 -21.63 8.48 46.07
C GLY C 692 -20.59 8.04 47.09
N SER C 693 -19.48 7.51 46.58
CA SER C 693 -18.34 7.15 47.39
C SER C 693 -17.35 8.32 47.43
N ARG C 694 -16.26 8.15 48.20
CA ARG C 694 -15.12 9.07 48.09
C ARG C 694 -14.61 9.17 46.66
N VAL C 695 -14.54 8.04 45.96
CA VAL C 695 -14.00 8.08 44.60
C VAL C 695 -14.88 8.97 43.72
N ASP C 696 -16.20 8.99 43.94
CA ASP C 696 -17.06 9.86 43.14
C ASP C 696 -16.95 11.32 43.54
N LEU C 697 -16.88 11.60 44.83
CA LEU C 697 -16.95 12.99 45.24
C LEU C 697 -15.61 13.69 45.09
N VAL C 698 -14.51 12.92 45.06
CA VAL C 698 -13.20 13.53 44.89
C VAL C 698 -13.14 14.34 43.62
N PHE C 699 -13.92 13.97 42.62
CA PHE C 699 -13.90 14.67 41.34
C PHE C 699 -14.59 16.03 41.45
N GLY C 700 -15.38 16.24 42.50
CA GLY C 700 -15.99 17.53 42.77
C GLY C 700 -15.33 18.34 43.85
N SER C 701 -14.44 17.71 44.63
CA SER C 701 -13.78 18.34 45.75
C SER C 701 -12.34 18.76 45.47
N ASN C 702 -11.59 18.00 44.67
CA ASN C 702 -10.19 18.27 44.40
C ASN C 702 -10.09 19.35 43.32
N SER C 703 -9.29 20.39 43.57
CA SER C 703 -9.31 21.56 42.72
C SER C 703 -8.89 21.26 41.29
N GLU C 704 -7.95 20.31 41.12
CA GLU C 704 -7.48 19.99 39.78
C GLU C 704 -8.42 19.03 39.06
N LEU C 705 -8.92 18.02 39.77
CA LEU C 705 -9.91 17.12 39.19
C LEU C 705 -11.18 17.87 38.80
N ARG C 706 -11.61 18.81 39.64
CA ARG C 706 -12.84 19.55 39.34
C ARG C 706 -12.68 20.41 38.08
N ALA C 707 -11.47 20.93 37.85
CA ALA C 707 -11.20 21.66 36.60
C ALA C 707 -11.48 20.80 35.36
N LEU C 708 -11.18 19.50 35.44
CA LEU C 708 -11.44 18.64 34.29
C LEU C 708 -12.92 18.34 34.15
N VAL C 709 -13.58 18.04 35.28
CA VAL C 709 -15.03 17.86 35.30
C VAL C 709 -15.73 19.01 34.59
N GLU C 710 -15.29 20.25 34.88
CA GLU C 710 -15.91 21.45 34.32
C GLU C 710 -15.66 21.60 32.83
N VAL C 711 -14.66 20.91 32.28
CA VAL C 711 -14.54 20.81 30.82
C VAL C 711 -15.64 19.93 30.25
N TYR C 712 -15.80 18.75 30.85
CA TYR C 712 -16.74 17.76 30.32
C TYR C 712 -18.17 18.01 30.75
N GLY C 713 -18.39 18.85 31.77
CA GLY C 713 -19.73 19.20 32.21
C GLY C 713 -20.36 20.37 31.49
N ALA C 714 -19.62 21.03 30.62
CA ALA C 714 -20.15 22.23 29.98
C ALA C 714 -21.16 21.85 28.90
N ASP C 715 -21.85 22.88 28.41
CA ASP C 715 -22.94 22.66 27.47
C ASP C 715 -22.42 22.15 26.14
N ASP C 716 -21.36 22.75 25.62
CA ASP C 716 -20.80 22.41 24.32
C ASP C 716 -19.90 21.16 24.35
N ALA C 717 -19.92 20.42 25.44
CA ALA C 717 -18.91 19.41 25.68
C ALA C 717 -19.32 18.00 25.30
N GLN C 718 -20.58 17.76 24.88
CA GLN C 718 -21.03 16.37 24.73
C GLN C 718 -20.29 15.62 23.65
N PRO C 719 -20.18 16.10 22.40
CA PRO C 719 -19.38 15.34 21.42
C PRO C 719 -17.97 15.04 21.94
N LYS C 720 -17.25 16.05 22.45
CA LYS C 720 -15.87 15.84 22.85
C LYS C 720 -15.76 14.76 23.92
N PHE C 721 -16.72 14.70 24.84
CA PHE C 721 -16.58 13.69 25.89
C PHE C 721 -16.77 12.28 25.34
N VAL C 722 -17.69 12.09 24.38
CA VAL C 722 -17.81 10.77 23.78
C VAL C 722 -16.52 10.40 23.08
N GLN C 723 -16.01 11.31 22.24
CA GLN C 723 -14.75 11.12 21.52
C GLN C 723 -13.63 10.71 22.48
N ASP C 724 -13.38 11.55 23.49
CA ASP C 724 -12.32 11.23 24.44
C ASP C 724 -12.62 9.96 25.20
N PHE C 725 -13.89 9.69 25.49
CA PHE C 725 -14.17 8.46 26.21
C PHE C 725 -13.81 7.25 25.37
N VAL C 726 -14.21 7.25 24.10
CA VAL C 726 -13.90 6.15 23.21
C VAL C 726 -12.39 5.98 23.08
N ALA C 727 -11.67 7.05 22.74
CA ALA C 727 -10.23 6.99 22.60
C ALA C 727 -9.56 6.43 23.84
N ALA C 728 -10.05 6.79 25.02
CA ALA C 728 -9.50 6.25 26.26
C ALA C 728 -9.98 4.85 26.54
N TRP C 729 -11.20 4.51 26.10
CA TRP C 729 -11.67 3.12 26.16
C TRP C 729 -10.79 2.24 25.29
N ASP C 730 -10.66 2.62 24.01
CA ASP C 730 -9.71 2.00 23.09
C ASP C 730 -8.36 1.73 23.75
N LYS C 731 -7.84 2.73 24.47
CA LYS C 731 -6.51 2.64 25.03
C LYS C 731 -6.44 1.56 26.11
N VAL C 732 -7.47 1.46 26.94
CA VAL C 732 -7.39 0.43 27.96
C VAL C 732 -7.57 -0.94 27.33
N MET C 733 -8.37 -1.03 26.26
CA MET C 733 -8.57 -2.30 25.56
C MET C 733 -7.26 -2.79 24.96
N ASN C 734 -6.37 -1.88 24.58
CA ASN C 734 -5.20 -2.25 23.79
C ASN C 734 -3.92 -2.25 24.60
N LEU C 735 -4.02 -2.18 25.93
CA LEU C 735 -2.84 -1.99 26.76
C LEU C 735 -1.80 -3.07 26.50
N ASP C 736 -2.21 -4.33 26.39
CA ASP C 736 -1.23 -5.41 26.32
C ASP C 736 -0.88 -5.81 24.88
N ARG C 737 -1.40 -5.09 23.88
CA ARG C 737 -1.34 -5.55 22.50
C ARG C 737 -0.03 -5.18 21.82
N PHE C 738 1.07 -5.53 22.47
CA PHE C 738 2.37 -5.27 21.88
C PHE C 738 2.56 -6.06 20.60
N ASP C 739 1.76 -7.13 20.42
CA ASP C 739 1.79 -8.01 19.25
C ASP C 739 1.44 -7.29 17.95
N VAL C 740 0.79 -6.13 18.03
CA VAL C 740 0.38 -5.39 16.83
C VAL C 740 1.07 -4.04 16.68
N ARG C 741 1.72 -3.49 17.71
CA ARG C 741 2.35 -2.16 17.55
C ARG C 741 3.85 -2.12 17.87
N GLY D 25 10.06 12.19 60.85
CA GLY D 25 9.33 12.05 59.61
C GLY D 25 9.14 10.62 59.12
N HIS D 26 8.28 10.46 58.11
CA HIS D 26 8.06 9.19 57.44
C HIS D 26 7.90 9.41 55.93
N MET D 27 8.43 8.48 55.14
CA MET D 27 8.29 8.57 53.69
C MET D 27 6.89 8.11 53.29
N LYS D 28 6.24 8.89 52.44
CA LYS D 28 4.88 8.64 52.02
C LYS D 28 4.83 8.00 50.63
N TYR D 29 3.68 7.44 50.30
CA TYR D 29 3.44 6.91 48.97
C TYR D 29 3.53 8.03 47.95
N PRO D 30 4.08 7.77 46.75
CA PRO D 30 4.14 8.82 45.72
C PRO D 30 2.79 9.46 45.44
N VAL D 31 1.70 8.69 45.50
CA VAL D 31 0.38 9.27 45.32
C VAL D 31 0.00 10.20 46.48
N GLU D 32 0.76 10.15 47.58
CA GLU D 32 0.54 11.02 48.72
C GLU D 32 1.72 11.95 48.95
N GLY D 33 2.49 12.21 47.88
CA GLY D 33 3.55 13.20 47.91
C GLY D 33 4.97 12.68 47.98
N GLY D 34 5.16 11.37 48.18
CA GLY D 34 6.50 10.84 48.34
C GLY D 34 7.35 11.08 47.10
N GLY D 35 8.66 11.21 47.33
CA GLY D 35 9.56 11.47 46.23
C GLY D 35 11.00 11.58 46.68
N ASN D 36 11.87 11.86 45.69
CA ASN D 36 13.30 11.97 45.95
C ASN D 36 13.64 13.21 46.76
N GLN D 37 12.81 14.26 46.70
CA GLN D 37 13.02 15.44 47.54
C GLN D 37 13.14 15.07 49.02
N ASP D 38 12.43 14.02 49.45
CA ASP D 38 12.43 13.69 50.89
C ASP D 38 13.78 13.17 51.35
N TRP D 39 14.52 12.47 50.48
CA TRP D 39 15.85 11.99 50.83
C TRP D 39 16.93 13.06 50.64
N TRP D 40 16.71 14.00 49.73
CA TRP D 40 17.69 15.03 49.40
C TRP D 40 16.97 16.37 49.33
N PRO D 41 16.75 16.99 50.50
CA PRO D 41 15.79 18.12 50.58
C PRO D 41 16.14 19.32 49.73
N ASN D 42 17.39 19.55 49.42
CA ASN D 42 17.74 20.73 48.67
C ASN D 42 17.96 20.48 47.19
N ARG D 43 17.66 19.28 46.70
CA ARG D 43 18.09 18.95 45.34
C ARG D 43 17.37 19.83 44.31
N LEU D 44 18.10 20.13 43.23
CA LEU D 44 17.46 20.76 42.08
C LEU D 44 16.21 19.99 41.72
N ASN D 45 15.16 20.71 41.38
CA ASN D 45 13.91 20.08 41.01
C ASN D 45 13.63 20.44 39.55
N LEU D 46 14.03 19.55 38.64
CA LEU D 46 13.77 19.76 37.22
C LEU D 46 12.28 19.82 36.89
N LYS D 47 11.40 19.59 37.85
CA LYS D 47 10.00 19.60 37.44
C LYS D 47 9.48 21.01 37.18
N VAL D 48 10.24 22.04 37.52
CA VAL D 48 9.88 23.38 37.07
C VAL D 48 10.14 23.58 35.60
N LEU D 49 10.80 22.63 34.92
CA LEU D 49 10.90 22.70 33.45
C LEU D 49 9.86 21.85 32.72
N HIS D 50 8.86 21.31 33.41
CA HIS D 50 7.71 20.74 32.70
C HIS D 50 6.42 21.04 33.43
N GLN D 51 6.18 22.30 33.73
CA GLN D 51 4.90 22.68 34.28
C GLN D 51 3.82 22.61 33.20
N ASN D 52 2.60 22.34 33.65
CA ASN D 52 1.43 22.31 32.79
C ASN D 52 1.67 21.39 31.58
N PRO D 53 2.07 20.14 31.82
CA PRO D 53 2.50 19.30 30.72
C PRO D 53 1.30 18.86 29.91
N ALA D 54 1.55 18.63 28.60
CA ALA D 54 0.45 18.39 27.68
C ALA D 54 -0.41 17.19 28.07
N VAL D 55 0.17 16.17 28.73
CA VAL D 55 -0.63 14.98 29.04
C VAL D 55 -1.69 15.30 30.09
N ALA D 56 -1.43 16.26 30.98
CA ALA D 56 -2.43 16.70 31.94
C ALA D 56 -3.47 17.63 31.31
N ASP D 57 -3.31 18.02 30.04
CA ASP D 57 -4.23 19.02 29.48
C ASP D 57 -5.36 18.29 28.77
N PRO D 58 -6.61 18.60 29.12
CA PRO D 58 -7.75 17.87 28.54
C PRO D 58 -8.09 18.24 27.10
N MET D 59 -7.61 19.35 26.57
CA MET D 59 -8.05 19.74 25.24
C MET D 59 -7.17 19.08 24.19
N GLY D 60 -7.59 19.20 22.93
CA GLY D 60 -6.80 18.64 21.84
C GLY D 60 -5.49 19.38 21.65
N ALA D 61 -4.60 18.79 20.84
CA ALA D 61 -3.39 19.51 20.48
C ALA D 61 -3.72 20.69 19.57
N ALA D 62 -4.77 20.56 18.76
CA ALA D 62 -5.17 21.62 17.87
C ALA D 62 -5.90 22.75 18.57
N PHE D 63 -6.05 22.69 19.90
CA PHE D 63 -6.93 23.62 20.59
C PHE D 63 -6.26 24.98 20.70
N ASP D 64 -6.92 26.01 20.21
CA ASP D 64 -6.36 27.35 20.19
C ASP D 64 -7.38 28.23 20.89
N TYR D 65 -7.12 28.58 22.16
CA TYR D 65 -8.11 29.34 22.92
C TYR D 65 -8.41 30.67 22.23
N ALA D 66 -7.37 31.35 21.73
CA ALA D 66 -7.58 32.62 21.05
C ALA D 66 -8.62 32.51 19.95
N ALA D 67 -8.53 31.45 19.15
CA ALA D 67 -9.53 31.28 18.09
C ALA D 67 -10.93 31.08 18.67
N GLU D 68 -11.02 30.41 19.82
CA GLU D 68 -12.33 30.16 20.39
C GLU D 68 -12.93 31.44 20.94
N VAL D 69 -12.18 32.15 21.80
CA VAL D 69 -12.67 33.37 22.43
C VAL D 69 -12.90 34.46 21.39
N ALA D 70 -12.15 34.46 20.29
CA ALA D 70 -12.43 35.51 19.29
C ALA D 70 -13.81 35.36 18.64
N THR D 71 -14.53 34.26 18.85
CA THR D 71 -15.87 34.09 18.30
C THR D 71 -16.95 34.25 19.35
N ILE D 72 -16.62 34.79 20.52
CA ILE D 72 -17.59 34.88 21.62
C ILE D 72 -18.47 36.10 21.41
N ASP D 73 -19.74 35.97 21.83
CA ASP D 73 -20.69 37.07 21.82
C ASP D 73 -20.52 37.80 23.16
N VAL D 74 -19.80 38.92 23.13
CA VAL D 74 -19.46 39.61 24.38
C VAL D 74 -20.70 40.21 25.02
N ASP D 75 -21.64 40.69 24.20
CA ASP D 75 -22.88 41.28 24.69
C ASP D 75 -23.74 40.26 25.43
N ALA D 76 -23.86 39.05 24.88
CA ALA D 76 -24.59 38.01 25.58
C ALA D 76 -23.86 37.59 26.85
N LEU D 77 -22.53 37.39 26.75
CA LEU D 77 -21.72 37.11 27.93
C LEU D 77 -21.92 38.16 29.02
N THR D 78 -22.06 39.42 28.64
CA THR D 78 -22.27 40.46 29.65
C THR D 78 -23.64 40.35 30.30
N ARG D 79 -24.69 40.10 29.51
CA ARG D 79 -26.02 39.97 30.09
C ARG D 79 -26.11 38.75 31.00
N ASP D 80 -25.52 37.64 30.60
CA ASP D 80 -25.53 36.48 31.49
C ASP D 80 -24.75 36.73 32.77
N ILE D 81 -23.67 37.50 32.72
CA ILE D 81 -22.98 37.85 33.95
C ILE D 81 -23.82 38.81 34.77
N GLU D 82 -24.36 39.85 34.12
CA GLU D 82 -25.36 40.70 34.74
C GLU D 82 -26.47 39.89 35.41
N GLU D 83 -26.91 38.81 34.78
CA GLU D 83 -27.97 38.03 35.39
C GLU D 83 -27.47 37.26 36.61
N VAL D 84 -26.25 36.73 36.54
CA VAL D 84 -25.71 36.04 37.71
C VAL D 84 -25.54 37.01 38.87
N MET D 85 -25.11 38.24 38.57
CA MET D 85 -24.81 39.21 39.63
C MET D 85 -26.04 39.61 40.42
N THR D 86 -27.24 39.48 39.84
CA THR D 86 -28.45 39.89 40.54
C THR D 86 -29.33 38.72 40.95
N THR D 87 -28.85 37.48 40.87
CA THR D 87 -29.67 36.34 41.24
C THR D 87 -29.01 35.69 42.44
N SER D 88 -29.45 36.11 43.62
CA SER D 88 -28.85 35.59 44.84
C SER D 88 -29.04 34.09 44.91
N GLN D 89 -28.04 33.41 45.41
CA GLN D 89 -28.11 31.97 45.59
C GLN D 89 -28.11 31.63 47.08
N PRO D 90 -28.95 30.68 47.50
CA PRO D 90 -29.13 30.47 48.94
C PRO D 90 -27.89 29.93 49.67
N TRP D 91 -26.94 29.28 48.99
CA TRP D 91 -25.74 28.84 49.70
C TRP D 91 -24.77 29.98 49.93
N TRP D 92 -24.96 31.12 49.26
CA TRP D 92 -24.20 32.32 49.54
C TRP D 92 -24.99 33.57 49.15
N PRO D 93 -25.98 33.96 49.97
CA PRO D 93 -26.88 35.05 49.57
C PRO D 93 -26.11 36.34 49.35
N ALA D 94 -26.66 37.17 48.46
CA ALA D 94 -25.95 38.31 47.90
C ALA D 94 -26.26 39.61 48.65
N ASP D 95 -25.26 40.17 49.33
CA ASP D 95 -25.36 41.51 49.92
C ASP D 95 -26.06 42.46 48.96
N TYR D 96 -27.07 43.18 49.48
CA TYR D 96 -27.81 44.18 48.70
C TYR D 96 -28.38 43.60 47.40
N GLY D 97 -28.62 42.28 47.36
CA GLY D 97 -29.05 41.58 46.16
C GLY D 97 -28.17 41.80 44.94
N HIS D 98 -26.86 41.90 45.13
CA HIS D 98 -25.96 42.22 44.02
C HIS D 98 -24.58 41.68 44.37
N TYR D 99 -24.13 40.68 43.61
CA TYR D 99 -22.78 40.11 43.76
C TYR D 99 -21.70 40.95 43.12
N GLY D 100 -22.06 42.05 42.45
CA GLY D 100 -21.12 42.94 41.81
C GLY D 100 -19.85 43.20 42.63
N PRO D 101 -20.01 43.73 43.85
CA PRO D 101 -18.82 44.09 44.63
C PRO D 101 -17.94 42.89 44.98
N LEU D 102 -18.55 41.74 45.28
CA LEU D 102 -17.79 40.51 45.51
C LEU D 102 -16.95 40.15 44.30
N PHE D 103 -17.53 40.32 43.10
CA PHE D 103 -16.79 40.00 41.89
C PHE D 103 -15.68 41.00 41.63
N ILE D 104 -15.86 42.26 42.01
CA ILE D 104 -14.76 43.21 41.92
C ILE D 104 -13.60 42.76 42.81
N ARG D 105 -13.90 42.42 44.06
CA ARG D 105 -12.86 41.95 44.95
C ARG D 105 -12.18 40.70 44.40
N MET D 106 -12.95 39.84 43.75
CA MET D 106 -12.39 38.60 43.21
C MET D 106 -11.40 38.91 42.08
N ALA D 107 -11.79 39.74 41.13
CA ALA D 107 -10.90 40.19 40.06
C ALA D 107 -9.69 40.92 40.65
N TOX D 108 -9.92 41.84 41.59
CA TOX D 108 -8.83 42.58 42.19
CB TOX D 108 -9.38 43.67 43.14
CG TOX D 108 -8.54 43.84 44.41
CD1 TOX D 108 -9.05 43.63 45.69
NE1 TOX D 108 -8.03 43.82 46.61
CE2 TOX D 108 -6.88 44.18 45.87
CD2 TOX D 108 -7.21 44.19 44.54
CE3 TOX D 108 -6.23 44.52 43.57
CZ3 TOX D 108 -4.93 44.83 43.95
CH2 TOX D 108 -4.55 44.83 45.30
CZ2 TOX D 108 -5.54 44.51 46.23
C TOX D 108 -7.88 41.58 42.85
O TOX D 108 -6.65 41.76 42.72
O2 TOX D 108 -9.47 43.26 48.59
O2 TOX D 108 -6.78 43.59 48.80
O1 TOX D 108 -8.12 43.70 48.12
N HIS D 109 -8.37 40.50 43.47
CA HIS D 109 -7.47 39.54 44.12
C HIS D 109 -6.80 38.61 43.11
N ALA D 110 -7.55 38.28 42.05
CA ALA D 110 -6.96 37.51 40.95
C ALA D 110 -5.71 38.20 40.41
N ALA D 111 -5.83 39.48 40.03
CA ALA D 111 -4.70 40.20 39.49
C ALA D 111 -3.71 40.62 40.57
N GLY D 112 -4.13 40.61 41.82
CA GLY D 112 -3.35 41.23 42.85
C GLY D 112 -2.26 40.40 43.45
N THR D 113 -2.02 39.19 42.96
CA THR D 113 -0.84 38.43 43.35
C THR D 113 0.39 38.80 42.52
N TYR D 114 0.20 39.65 41.51
CA TYR D 114 1.27 39.99 40.59
C TYR D 114 2.40 40.72 41.32
N ARG D 115 3.63 40.36 41.00
CA ARG D 115 4.76 41.10 41.54
C ARG D 115 5.76 41.38 40.43
N ILE D 116 6.37 42.56 40.46
CA ILE D 116 7.25 42.96 39.37
C ILE D 116 8.60 42.24 39.39
N HIS D 117 9.06 41.73 40.54
CA HIS D 117 10.44 41.26 40.60
C HIS D 117 10.67 40.09 39.66
N ASP D 118 9.72 39.15 39.61
CA ASP D 118 9.85 38.03 38.72
C ASP D 118 8.71 37.95 37.71
N GLY D 119 7.76 38.89 37.73
CA GLY D 119 6.63 38.90 36.82
C GLY D 119 5.57 37.86 37.09
N ARG D 120 5.70 37.11 38.19
CA ARG D 120 4.81 36.00 38.49
C ARG D 120 3.56 36.50 39.24
N GLY D 121 2.65 35.56 39.56
CA GLY D 121 1.36 35.98 40.10
C GLY D 121 0.56 36.69 39.00
N GLY D 122 -0.59 37.26 39.42
CA GLY D 122 -1.45 37.95 38.48
C GLY D 122 -2.56 37.07 37.95
N ALA D 123 -3.41 37.66 37.11
CA ALA D 123 -4.66 37.03 36.67
C ALA D 123 -4.54 36.20 35.40
N GLY D 124 -3.38 36.25 34.71
CA GLY D 124 -3.23 35.71 33.36
C GLY D 124 -3.48 34.22 33.21
N GLY D 125 -3.38 33.45 34.29
CA GLY D 125 -3.53 32.02 34.20
C GLY D 125 -4.67 31.44 35.03
N GLY D 126 -5.52 32.30 35.60
CA GLY D 126 -6.62 31.83 36.43
C GLY D 126 -6.18 31.09 37.66
N MET D 127 -4.96 31.37 38.13
CA MET D 127 -4.36 30.60 39.21
C MET D 127 -5.11 30.70 40.52
N GLN D 128 -6.08 31.60 40.64
CA GLN D 128 -6.87 31.66 41.87
C GLN D 128 -7.82 30.47 42.00
N ARG D 129 -8.06 29.74 40.91
CA ARG D 129 -8.92 28.57 41.08
C ARG D 129 -8.18 27.36 41.62
N PHE D 130 -6.87 27.44 41.86
CA PHE D 130 -6.04 26.30 42.26
C PHE D 130 -5.31 26.55 43.57
N ALA D 131 -4.63 25.53 44.07
CA ALA D 131 -3.78 25.69 45.24
C ALA D 131 -2.49 26.43 44.88
N PRO D 132 -1.90 27.19 45.80
CA PRO D 132 -2.35 27.54 47.16
C PRO D 132 -3.32 28.70 47.15
N LEU D 133 -3.40 29.43 46.05
CA LEU D 133 -4.11 30.70 46.04
C LEU D 133 -5.59 30.53 46.38
N ASN D 134 -6.18 29.38 46.07
CA ASN D 134 -7.60 29.26 46.35
C ASN D 134 -7.88 29.12 47.84
N SER D 135 -6.82 29.03 48.64
CA SER D 135 -6.90 28.77 50.07
C SER D 135 -6.13 29.80 50.89
N TRP D 136 -5.69 30.89 50.25
CA TRP D 136 -5.05 31.97 50.97
C TRP D 136 -6.05 32.63 51.93
N PRO D 137 -5.66 32.92 53.16
CA PRO D 137 -6.57 33.67 54.04
C PRO D 137 -7.22 34.85 53.35
N ASP D 138 -6.44 35.63 52.59
CA ASP D 138 -6.99 36.80 51.91
C ASP D 138 -7.98 36.46 50.80
N ASN D 139 -8.05 35.21 50.37
CA ASN D 139 -9.02 34.82 49.36
C ASN D 139 -10.19 34.08 49.97
N ALA D 140 -10.39 34.22 51.28
CA ALA D 140 -11.58 33.66 51.89
C ALA D 140 -12.81 34.20 51.19
N SER D 141 -13.76 33.30 50.94
CA SER D 141 -15.08 33.56 50.40
C SER D 141 -15.06 33.76 48.89
N LEU D 142 -13.89 33.94 48.26
CA LEU D 142 -13.84 33.94 46.81
C LEU D 142 -14.08 32.55 46.24
N ASP D 143 -14.04 31.52 47.08
CA ASP D 143 -14.44 30.18 46.64
C ASP D 143 -15.91 30.15 46.29
N LYS D 144 -16.75 30.81 47.10
CA LYS D 144 -18.16 30.97 46.73
C LYS D 144 -18.27 31.84 45.49
N ALA D 145 -17.45 32.87 45.42
CA ALA D 145 -17.58 33.83 44.32
C ALA D 145 -17.31 33.16 42.98
N ARG D 146 -16.25 32.36 42.90
CA ARG D 146 -15.99 31.62 41.67
C ARG D 146 -17.11 30.63 41.38
N ARG D 147 -17.63 29.99 42.44
CA ARG D 147 -18.67 28.98 42.23
C ARG D 147 -19.90 29.59 41.58
N LEU D 148 -20.25 30.81 41.98
CA LEU D 148 -21.41 31.47 41.40
C LEU D 148 -21.27 31.66 39.90
N LEU D 149 -20.05 31.65 39.36
CA LEU D 149 -19.86 31.90 37.94
C LEU D 149 -19.83 30.63 37.11
N TRP D 150 -19.96 29.46 37.75
CA TRP D 150 -20.04 28.22 36.99
C TRP D 150 -21.20 28.21 35.99
N PRO D 151 -22.39 28.73 36.30
CA PRO D 151 -23.40 28.92 35.25
C PRO D 151 -22.90 29.67 34.03
N VAL D 152 -22.00 30.64 34.18
CA VAL D 152 -21.54 31.38 33.00
C VAL D 152 -20.52 30.56 32.21
N LYS D 153 -19.56 29.95 32.91
CA LYS D 153 -18.63 29.01 32.27
C LYS D 153 -19.37 27.89 31.58
N LYS D 154 -20.41 27.36 32.24
CA LYS D 154 -21.18 26.25 31.70
C LYS D 154 -21.72 26.58 30.33
N LYS D 155 -22.23 27.81 30.17
CA LYS D 155 -22.91 28.18 28.93
C LYS D 155 -21.93 28.39 27.79
N TYR D 156 -20.77 28.99 28.07
CA TYR D 156 -19.85 29.38 27.00
C TYR D 156 -18.74 28.37 26.75
N GLY D 157 -18.44 27.56 27.76
CA GLY D 157 -17.63 26.37 27.54
C GLY D 157 -16.22 26.71 27.14
N LYS D 158 -15.76 26.08 26.05
CA LYS D 158 -14.39 26.24 25.59
C LYS D 158 -14.14 27.60 24.95
N LYS D 159 -15.18 28.41 24.77
CA LYS D 159 -15.00 29.74 24.24
C LYS D 159 -14.60 30.75 25.30
N LEU D 160 -14.63 30.39 26.58
CA LEU D 160 -14.34 31.34 27.64
C LEU D 160 -13.55 30.67 28.73
N SER D 161 -12.32 31.12 28.98
CA SER D 161 -11.52 30.56 30.07
C SER D 161 -11.97 31.09 31.43
N TRP D 162 -11.78 30.27 32.46
CA TRP D 162 -11.90 30.74 33.83
C TRP D 162 -11.04 31.99 34.06
N ALA D 163 -9.80 31.99 33.57
CA ALA D 163 -8.96 33.17 33.71
C ALA D 163 -9.65 34.42 33.18
N ASP D 164 -10.10 34.38 31.92
CA ASP D 164 -10.85 35.52 31.37
C ASP D 164 -12.11 35.80 32.19
N LEU D 165 -12.90 34.76 32.48
CA LEU D 165 -14.17 34.97 33.14
C LEU D 165 -13.99 35.68 34.48
N ILE D 166 -12.97 35.29 35.25
CA ILE D 166 -12.83 35.76 36.63
C ILE D 166 -12.64 37.29 36.67
N VAL D 167 -11.78 37.83 35.81
CA VAL D 167 -11.59 39.28 35.82
C VAL D 167 -12.60 40.00 34.95
N PHE D 168 -13.24 39.31 34.02
CA PHE D 168 -14.28 39.97 33.26
C PHE D 168 -15.51 40.20 34.13
N ALA D 169 -15.80 39.24 35.02
CA ALA D 169 -16.86 39.41 35.99
C ALA D 169 -16.68 40.72 36.76
N GLY D 170 -15.47 40.99 37.25
CA GLY D 170 -15.22 42.23 37.96
C GLY D 170 -15.39 43.46 37.08
N ASN D 171 -14.85 43.42 35.87
CA ASN D 171 -15.05 44.53 34.94
C ASN D 171 -16.55 44.76 34.68
N CYS D 172 -17.32 43.67 34.52
CA CYS D 172 -18.75 43.80 34.31
C CYS D 172 -19.44 44.33 35.56
N ALA D 173 -18.98 43.91 36.74
CA ALA D 173 -19.56 44.46 37.96
C ALA D 173 -19.41 45.96 37.98
N LEU D 174 -18.22 46.45 37.63
CA LEU D 174 -17.99 47.88 37.62
C LEU D 174 -18.97 48.59 36.69
N GLU D 175 -19.14 48.07 35.47
CA GLU D 175 -20.00 48.78 34.52
C GLU D 175 -21.45 48.64 34.94
N SER D 176 -21.83 47.46 35.42
CA SER D 176 -23.15 47.23 35.99
C SER D 176 -23.57 48.34 36.96
N MET D 177 -22.65 48.72 37.85
CA MET D 177 -22.97 49.64 38.95
C MET D 177 -22.60 51.08 38.65
N GLY D 178 -22.42 51.43 37.39
CA GLY D 178 -22.33 52.83 37.00
C GLY D 178 -20.96 53.30 36.58
N PHE D 179 -19.92 52.47 36.66
CA PHE D 179 -18.56 52.92 36.35
C PHE D 179 -18.14 52.43 34.97
N LYS D 180 -17.84 53.36 34.08
CA LYS D 180 -17.44 53.01 32.72
C LYS D 180 -15.95 52.73 32.69
N THR D 181 -15.59 51.50 32.33
CA THR D 181 -14.20 51.06 32.29
C THR D 181 -13.53 51.48 30.97
N PHE D 182 -12.21 51.35 30.94
CA PHE D 182 -11.42 51.80 29.80
C PHE D 182 -11.51 50.83 28.64
N GLY D 183 -11.66 49.55 28.94
CA GLY D 183 -11.70 48.51 27.93
C GLY D 183 -11.48 47.16 28.59
N PHE D 184 -11.31 46.15 27.75
CA PHE D 184 -11.06 44.80 28.24
C PHE D 184 -10.53 43.94 27.10
N GLY D 185 -9.54 43.11 27.43
CA GLY D 185 -8.97 42.16 26.48
C GLY D 185 -9.19 40.73 26.89
N PHE D 186 -9.72 39.93 25.98
CA PHE D 186 -9.80 38.50 26.26
C PHE D 186 -8.52 37.82 25.80
N GLY D 187 -8.33 36.59 26.26
CA GLY D 187 -7.25 35.79 25.73
C GLY D 187 -6.36 35.11 26.76
N ARG D 188 -6.71 35.16 28.04
CA ARG D 188 -5.91 34.46 29.04
C ARG D 188 -6.19 32.97 28.92
N VAL D 189 -5.15 32.16 28.73
CA VAL D 189 -5.31 30.74 28.45
C VAL D 189 -5.40 29.98 29.76
N ASP D 190 -6.44 29.17 29.91
CA ASP D 190 -6.58 28.36 31.11
C ASP D 190 -5.52 27.28 31.16
N GLN D 191 -5.06 27.01 32.36
CA GLN D 191 -4.13 25.94 32.63
C GLN D 191 -4.81 24.92 33.52
N TRP D 192 -4.08 23.85 33.82
CA TRP D 192 -4.66 22.65 34.39
C TRP D 192 -3.89 22.19 35.60
N GLU D 193 -2.79 22.86 35.93
CA GLU D 193 -1.96 22.51 37.03
C GLU D 193 -1.51 23.85 37.60
N PRO D 194 -1.58 24.02 38.93
CA PRO D 194 -1.11 25.27 39.54
C PRO D 194 0.33 25.57 39.17
N ASP D 195 0.57 26.80 38.74
CA ASP D 195 1.91 27.32 38.53
C ASP D 195 2.53 27.44 39.93
N GLU D 196 3.71 26.82 40.15
CA GLU D 196 4.34 26.89 41.47
C GLU D 196 5.23 28.12 41.55
N VAL D 197 5.11 28.82 42.67
CA VAL D 197 5.69 30.13 42.88
C VAL D 197 6.24 30.13 44.28
N TYR D 198 7.34 30.85 44.48
CA TYR D 198 7.83 31.11 45.82
C TYR D 198 7.06 32.29 46.40
N TRP D 199 6.19 32.02 47.38
CA TRP D 199 5.40 33.04 48.06
C TRP D 199 5.99 33.51 49.38
N GLY D 200 7.12 32.93 49.82
CA GLY D 200 7.75 33.28 51.07
C GLY D 200 8.20 32.07 51.88
N LYS D 201 9.12 32.24 52.84
CA LYS D 201 9.62 31.11 53.60
C LYS D 201 8.69 30.68 54.73
N GLU D 202 7.71 31.50 55.10
CA GLU D 202 6.91 31.25 56.29
C GLU D 202 6.06 29.99 56.11
N ALA D 203 6.12 29.10 57.10
CA ALA D 203 5.33 27.87 57.09
C ALA D 203 4.05 27.99 57.90
N THR D 204 3.69 29.21 58.34
CA THR D 204 2.44 29.48 59.02
C THR D 204 1.65 30.52 58.24
N TRP D 205 0.36 30.28 58.07
CA TRP D 205 -0.44 31.29 57.39
C TRP D 205 -0.39 32.61 58.16
N LEU D 206 -0.26 33.70 57.42
CA LEU D 206 -0.10 35.06 57.94
C LEU D 206 1.21 35.24 58.69
N GLY D 207 2.09 34.24 58.72
CA GLY D 207 3.43 34.45 59.24
C GLY D 207 4.18 35.54 58.50
N ASP D 208 5.14 36.15 59.21
CA ASP D 208 5.95 37.24 58.68
C ASP D 208 7.38 36.95 59.10
N GLU D 209 8.19 36.48 58.15
CA GLU D 209 9.62 36.32 58.30
C GLU D 209 10.35 36.97 57.14
N ARG D 210 9.85 38.11 56.67
CA ARG D 210 10.25 38.64 55.37
C ARG D 210 10.73 40.09 55.41
N TYR D 211 11.11 40.62 56.58
CA TYR D 211 11.71 41.96 56.66
C TYR D 211 13.09 41.94 57.29
N SER D 212 13.93 42.86 56.81
CA SER D 212 15.23 43.11 57.43
C SER D 212 15.53 44.61 57.32
N GLY D 213 16.65 45.02 57.92
CA GLY D 213 16.97 46.43 57.94
C GLY D 213 15.87 47.19 58.65
N LYS D 214 15.64 48.42 58.19
CA LYS D 214 14.46 49.21 58.60
C LYS D 214 13.36 48.91 57.59
N ARG D 215 12.54 47.89 57.89
CA ARG D 215 11.36 47.56 57.07
C ARG D 215 11.69 47.33 55.58
N ASP D 216 12.67 46.46 55.29
CA ASP D 216 12.97 46.07 53.91
C ASP D 216 12.29 44.74 53.60
N LEU D 217 11.39 44.75 52.63
CA LEU D 217 10.66 43.56 52.26
C LEU D 217 11.52 42.65 51.37
N GLU D 218 11.56 41.37 51.73
CA GLU D 218 12.34 40.38 50.99
C GLU D 218 11.94 40.35 49.51
N ASN D 219 12.92 40.56 48.63
CA ASN D 219 12.67 40.26 47.23
C ASN D 219 12.56 38.74 47.03
N PRO D 220 11.61 38.28 46.23
CA PRO D 220 10.75 38.99 45.27
C PRO D 220 9.35 39.26 45.75
N LEU D 221 9.10 39.18 47.05
CA LEU D 221 7.73 39.21 47.55
C LEU D 221 7.12 40.59 47.42
N ALA D 222 5.80 40.64 47.36
CA ALA D 222 5.09 41.90 47.23
C ALA D 222 3.91 42.00 48.20
N ALA D 223 3.92 41.19 49.27
CA ALA D 223 2.91 41.25 50.31
C ALA D 223 3.61 41.18 51.66
N VAL D 224 2.95 41.76 52.68
CA VAL D 224 3.60 41.93 53.99
C VAL D 224 3.54 40.68 54.87
N GLN D 225 2.67 39.73 54.57
CA GLN D 225 2.58 38.48 55.32
C GLN D 225 2.20 37.36 54.36
N MET D 226 2.38 36.13 54.82
CA MET D 226 2.12 34.95 54.00
C MET D 226 0.62 34.70 53.87
N GLY D 227 0.12 34.78 52.64
CA GLY D 227 -1.30 34.63 52.39
C GLY D 227 -2.08 35.92 52.26
N LEU D 228 -1.44 37.08 52.35
CA LEU D 228 -2.10 38.33 52.02
C LEU D 228 -1.81 38.73 50.58
N ILE D 229 -2.75 39.45 49.99
CA ILE D 229 -2.56 40.05 48.68
C ILE D 229 -1.50 41.14 48.73
N TYR D 230 -1.70 42.15 49.58
CA TYR D 230 -0.75 43.25 49.74
C TYR D 230 -0.45 43.53 51.21
N VAL D 231 -1.36 44.20 51.91
CA VAL D 231 -1.10 44.59 53.29
C VAL D 231 -2.11 44.01 54.26
N ASN D 232 -1.81 44.19 55.55
CA ASN D 232 -2.71 43.82 56.63
C ASN D 232 -3.78 44.89 56.76
N PRO D 233 -5.06 44.55 56.63
CA PRO D 233 -6.10 45.59 56.73
C PRO D 233 -6.25 46.15 58.13
N GLU D 234 -5.65 45.52 59.15
CA GLU D 234 -5.59 46.10 60.48
C GLU D 234 -4.29 46.81 60.75
N GLY D 235 -3.49 47.08 59.71
CA GLY D 235 -2.25 47.80 59.88
C GLY D 235 -1.09 46.84 60.08
N PRO D 236 0.13 47.38 60.09
CA PRO D 236 1.32 46.50 60.18
C PRO D 236 1.27 45.65 61.44
N ASN D 237 1.36 44.33 61.23
CA ASN D 237 1.36 43.33 62.28
C ASN D 237 0.11 43.41 63.15
N GLY D 238 -0.98 44.00 62.62
CA GLY D 238 -2.17 44.25 63.39
C GLY D 238 -2.19 45.53 64.22
N ASN D 239 -1.18 46.41 64.06
CA ASN D 239 -1.18 47.71 64.74
C ASN D 239 -1.92 48.72 63.86
N PRO D 240 -3.16 49.15 64.23
CA PRO D 240 -4.05 49.87 63.31
C PRO D 240 -3.66 51.34 63.12
N ASP D 241 -2.37 51.57 62.86
CA ASP D 241 -1.84 52.92 62.72
C ASP D 241 -1.88 53.32 61.25
N PRO D 242 -2.74 54.26 60.85
CA PRO D 242 -2.87 54.57 59.42
C PRO D 242 -1.59 55.10 58.79
N MET D 243 -0.79 55.86 59.53
CA MET D 243 0.42 56.42 58.94
C MET D 243 1.41 55.32 58.57
N ALA D 244 1.68 54.43 59.53
CA ALA D 244 2.59 53.31 59.29
C ALA D 244 2.06 52.37 58.23
N ALA D 245 0.75 52.10 58.23
CA ALA D 245 0.19 51.19 57.24
C ALA D 245 0.39 51.74 55.85
N ALA D 246 0.31 53.07 55.70
CA ALA D 246 0.55 53.70 54.42
C ALA D 246 1.93 53.36 53.88
N VAL D 247 2.91 53.14 54.75
CA VAL D 247 4.22 52.83 54.21
C VAL D 247 4.21 51.46 53.55
N ASP D 248 3.48 50.51 54.14
CA ASP D 248 3.35 49.18 53.54
C ASP D 248 2.49 49.20 52.28
N ILE D 249 1.38 49.94 52.29
CA ILE D 249 0.58 50.12 51.08
C ILE D 249 1.46 50.58 49.92
N ARG D 250 2.17 51.70 50.12
CA ARG D 250 2.98 52.27 49.04
C ARG D 250 3.98 51.25 48.49
N GLU D 251 4.65 50.50 49.38
CA GLU D 251 5.74 49.64 48.92
C GLU D 251 5.23 48.38 48.23
N THR D 252 4.24 47.71 48.83
CA THR D 252 3.69 46.53 48.16
C THR D 252 3.02 46.91 46.83
N PHE D 253 2.26 48.01 46.82
CA PHE D 253 1.63 48.39 45.56
C PHE D 253 2.65 48.78 44.51
N ARG D 254 3.79 49.36 44.93
CA ARG D 254 4.86 49.66 43.99
C ARG D 254 5.41 48.38 43.37
N ARG D 255 5.58 47.34 44.19
CA ARG D 255 6.04 46.04 43.73
C ARG D 255 5.00 45.32 42.93
N MET D 256 3.84 45.95 42.70
CA MET D 256 2.81 45.45 41.80
C MET D 256 2.51 46.47 40.72
N ALA D 257 3.47 47.37 40.47
CA ALA D 257 3.46 48.29 39.33
C ALA D 257 2.54 49.48 39.51
N MET D 258 2.14 49.83 40.73
CA MET D 258 1.24 50.95 40.98
C MET D 258 1.95 52.08 41.72
N ASN D 259 1.88 53.28 41.16
CA ASN D 259 2.49 54.43 41.82
C ASN D 259 1.46 55.05 42.76
N ASP D 260 1.75 56.26 43.28
CA ASP D 260 0.89 56.81 44.32
C ASP D 260 -0.51 57.14 43.79
N VAL D 261 -0.59 57.73 42.60
CA VAL D 261 -1.90 58.09 42.04
C VAL D 261 -2.70 56.84 41.70
N GLU D 262 -2.02 55.82 41.17
CA GLU D 262 -2.70 54.57 40.80
C GLU D 262 -3.19 53.82 42.02
N THR D 263 -2.34 53.71 43.05
CA THR D 263 -2.74 53.05 44.29
C THR D 263 -3.96 53.75 44.93
N ALA D 264 -3.90 55.07 45.07
CA ALA D 264 -5.03 55.80 45.67
C ALA D 264 -6.30 55.62 44.83
N ALA D 265 -6.19 55.78 43.51
CA ALA D 265 -7.31 55.46 42.62
C ALA D 265 -7.85 54.05 42.85
N LEU D 266 -6.97 53.07 43.00
CA LEU D 266 -7.43 51.69 43.16
C LEU D 266 -8.17 51.50 44.48
N ILE D 267 -7.61 51.98 45.60
CA ILE D 267 -8.25 51.70 46.88
C ILE D 267 -9.59 52.42 46.97
N VAL D 268 -9.65 53.64 46.44
CA VAL D 268 -10.87 54.43 46.58
C VAL D 268 -11.97 53.81 45.72
N GLY D 269 -11.66 53.54 44.46
CA GLY D 269 -12.65 52.97 43.56
C GLY D 269 -13.11 51.60 44.00
N GLY D 270 -12.24 50.84 44.66
CA GLY D 270 -12.63 49.50 45.09
C GLY D 270 -13.61 49.56 46.24
N HIS D 271 -13.27 50.31 47.28
CA HIS D 271 -14.08 50.42 48.49
C HIS D 271 -15.23 51.40 48.33
N THR D 272 -15.37 51.96 47.13
CA THR D 272 -16.64 52.53 46.73
C THR D 272 -17.74 51.48 46.73
N PHE D 273 -17.38 50.20 46.66
CA PHE D 273 -18.40 49.17 46.51
C PHE D 273 -18.33 48.18 47.66
N GLY D 274 -19.51 47.69 48.07
CA GLY D 274 -19.60 46.50 48.88
C GLY D 274 -19.39 46.73 50.36
N LYS D 275 -18.88 45.69 51.03
CA LYS D 275 -18.73 45.67 52.47
C LYS D 275 -17.79 44.53 52.83
N THR D 276 -17.13 44.66 53.99
CA THR D 276 -16.38 43.56 54.58
C THR D 276 -17.33 42.60 55.31
N HIS D 277 -16.82 41.52 55.84
CA HIS D 277 -17.61 40.52 56.54
C HIS D 277 -16.98 39.94 57.81
N GLY D 278 -17.62 40.21 58.94
CA GLY D 278 -17.17 39.76 60.25
C GLY D 278 -18.28 39.87 61.27
N ALA D 279 -19.35 39.11 61.01
CA ALA D 279 -20.53 39.07 61.83
C ALA D 279 -20.38 38.32 63.09
N GLY D 280 -19.39 37.49 63.19
CA GLY D 280 -19.24 36.64 64.36
C GLY D 280 -17.82 36.24 64.62
N PRO D 281 -17.61 35.43 65.64
CA PRO D 281 -16.25 35.01 66.00
C PRO D 281 -15.55 34.29 64.86
N ALA D 282 -14.26 34.61 64.72
CA ALA D 282 -13.42 33.99 63.70
C ALA D 282 -13.25 32.48 63.95
N ASP D 283 -13.08 32.09 65.22
CA ASP D 283 -12.81 30.66 65.46
C ASP D 283 -13.99 29.74 65.13
N LEU D 284 -15.09 30.23 64.55
CA LEU D 284 -16.16 29.36 64.10
C LEU D 284 -16.13 29.14 62.59
N VAL D 285 -15.03 29.50 61.94
CA VAL D 285 -14.91 29.37 60.49
C VAL D 285 -14.05 28.14 60.22
N GLY D 286 -14.51 27.29 59.31
CA GLY D 286 -13.90 25.99 59.11
C GLY D 286 -12.57 26.03 58.38
N PRO D 287 -12.10 24.86 57.95
CA PRO D 287 -10.85 24.79 57.19
C PRO D 287 -10.99 25.38 55.79
N GLU D 288 -9.86 25.91 55.30
CA GLU D 288 -9.78 26.51 53.98
C GLU D 288 -10.01 25.44 52.90
N PRO D 289 -10.37 25.84 51.66
CA PRO D 289 -10.81 24.85 50.66
C PRO D 289 -9.95 23.60 50.52
N GLU D 290 -8.64 23.74 50.34
CA GLU D 290 -7.78 22.57 50.16
C GLU D 290 -7.74 21.68 51.39
N ALA D 291 -8.23 22.13 52.54
CA ALA D 291 -8.25 21.31 53.74
C ALA D 291 -9.65 20.87 54.11
N ALA D 292 -10.66 21.24 53.31
CA ALA D 292 -12.05 20.95 53.64
C ALA D 292 -12.43 19.54 53.19
N PRO D 293 -13.37 18.90 53.89
CA PRO D 293 -13.80 17.55 53.51
C PRO D 293 -14.45 17.50 52.13
N LEU D 294 -14.54 16.26 51.61
CA LEU D 294 -15.00 16.03 50.24
C LEU D 294 -16.41 16.57 50.04
N GLU D 295 -17.28 16.40 51.05
CA GLU D 295 -18.67 16.79 50.88
C GLU D 295 -18.82 18.27 50.53
N GLN D 296 -17.86 19.12 50.89
CA GLN D 296 -17.99 20.55 50.61
C GLN D 296 -17.64 20.91 49.18
N MET D 297 -17.17 19.96 48.38
CA MET D 297 -17.12 20.10 46.93
C MET D 297 -16.31 21.33 46.53
N GLY D 298 -15.15 21.49 47.17
CA GLY D 298 -14.24 22.56 46.81
C GLY D 298 -14.45 23.86 47.55
N LEU D 299 -15.61 24.06 48.18
CA LEU D 299 -15.82 25.22 49.02
C LEU D 299 -15.13 25.02 50.37
N GLY D 300 -14.61 26.12 50.92
CA GLY D 300 -13.95 26.11 52.22
C GLY D 300 -14.57 27.12 53.17
N TRP D 301 -13.92 27.31 54.32
CA TRP D 301 -14.31 28.33 55.32
C TRP D 301 -15.77 28.20 55.75
N LYS D 302 -16.24 26.95 55.88
CA LYS D 302 -17.60 26.71 56.33
C LYS D 302 -17.76 27.20 57.77
N SER D 303 -18.79 28.01 58.01
CA SER D 303 -18.98 28.72 59.27
C SER D 303 -20.19 28.20 60.03
N SER D 304 -20.01 27.92 61.32
CA SER D 304 -21.09 27.53 62.22
C SER D 304 -21.72 28.71 62.94
N TYR D 305 -21.31 29.93 62.62
CA TYR D 305 -21.92 31.12 63.20
C TYR D 305 -23.22 31.44 62.48
N GLY D 306 -24.34 31.34 63.20
CA GLY D 306 -25.63 31.62 62.60
C GLY D 306 -25.90 30.75 61.39
N THR D 307 -26.39 31.38 60.33
CA THR D 307 -26.55 30.74 59.03
C THR D 307 -25.21 30.42 58.38
N GLY D 308 -24.10 30.94 58.90
CA GLY D 308 -22.83 30.85 58.24
C GLY D 308 -22.72 31.58 56.92
N THR D 309 -23.76 32.28 56.47
CA THR D 309 -23.71 33.04 55.23
C THR D 309 -24.45 34.37 55.42
N GLY D 310 -24.48 35.17 54.35
CA GLY D 310 -25.29 36.37 54.29
C GLY D 310 -25.16 37.28 55.49
N LYS D 311 -26.28 37.48 56.20
CA LYS D 311 -26.24 38.39 57.34
C LYS D 311 -25.18 37.98 58.33
N ASP D 312 -24.83 36.69 58.38
CA ASP D 312 -23.87 36.14 59.32
C ASP D 312 -22.50 35.89 58.70
N ALA D 313 -22.22 36.47 57.55
CA ALA D 313 -20.98 36.18 56.84
C ALA D 313 -19.75 36.51 57.68
N ILE D 314 -18.72 35.67 57.56
CA ILE D 314 -17.40 35.94 58.10
C ILE D 314 -16.38 35.66 57.01
N THR D 315 -15.76 36.71 56.50
CA THR D 315 -14.64 36.58 55.58
C THR D 315 -13.36 37.04 56.27
N SER D 316 -13.11 38.35 56.32
CA SER D 316 -11.92 38.86 56.98
C SER D 316 -12.09 38.95 58.48
N GLY D 317 -13.35 39.04 58.95
CA GLY D 317 -13.63 39.30 60.35
C GLY D 317 -13.76 40.76 60.69
N ILE D 318 -13.69 41.65 59.71
CA ILE D 318 -13.91 43.07 59.86
C ILE D 318 -15.34 43.37 59.38
N GLU D 319 -16.03 44.29 60.04
CA GLU D 319 -17.42 44.57 59.68
C GLU D 319 -17.51 46.03 59.34
N VAL D 320 -17.16 46.34 58.09
CA VAL D 320 -17.12 47.70 57.57
C VAL D 320 -18.00 47.75 56.34
N VAL D 321 -18.80 48.81 56.22
CA VAL D 321 -19.51 49.15 54.98
C VAL D 321 -19.11 50.58 54.67
N TRP D 322 -18.36 50.79 53.59
CA TRP D 322 -17.71 52.06 53.39
C TRP D 322 -18.71 53.16 53.04
N THR D 323 -19.59 52.93 52.08
CA THR D 323 -20.41 54.00 51.56
C THR D 323 -21.89 53.73 51.82
N ASN D 324 -22.70 54.77 51.67
CA ASN D 324 -24.13 54.61 51.85
C ASN D 324 -24.82 54.03 50.62
N THR D 325 -24.09 53.84 49.52
CA THR D 325 -24.61 53.24 48.30
C THR D 325 -23.66 52.14 47.83
N PRO D 326 -23.66 50.99 48.50
CA PRO D 326 -22.61 49.98 48.20
C PRO D 326 -22.63 49.44 46.78
N THR D 327 -23.71 49.62 46.01
CA THR D 327 -23.81 49.06 44.66
C THR D 327 -24.04 50.15 43.61
N LYS D 328 -23.49 51.34 43.86
CA LYS D 328 -23.55 52.43 42.90
C LYS D 328 -22.22 53.16 42.94
N TRP D 329 -21.74 53.57 41.77
CA TRP D 329 -20.52 54.35 41.69
C TRP D 329 -20.86 55.81 41.91
N ASP D 330 -20.10 56.47 42.76
CA ASP D 330 -20.25 57.89 43.11
C ASP D 330 -19.07 58.29 43.99
N ASN D 331 -19.10 59.52 44.52
CA ASN D 331 -18.00 60.06 45.30
C ASN D 331 -18.21 59.89 46.81
N SER D 332 -19.09 58.99 47.22
CA SER D 332 -19.40 58.85 48.64
C SER D 332 -18.18 58.43 49.47
N PHE D 333 -17.34 57.55 48.92
CA PHE D 333 -16.21 57.07 49.72
C PHE D 333 -15.38 58.23 50.26
N LEU D 334 -15.03 59.19 49.40
CA LEU D 334 -14.19 60.29 49.85
C LEU D 334 -15.00 61.33 50.61
N GLU D 335 -16.29 61.47 50.31
CA GLU D 335 -17.11 62.37 51.11
C GLU D 335 -17.19 61.89 52.55
N ILE D 336 -17.31 60.58 52.72
CA ILE D 336 -17.42 59.97 54.05
C ILE D 336 -16.08 60.02 54.75
N LEU D 337 -15.01 59.62 54.05
CA LEU D 337 -13.68 59.64 54.63
C LEU D 337 -13.36 61.01 55.24
N TYR D 338 -13.69 62.08 54.51
CA TYR D 338 -13.32 63.43 54.91
C TYR D 338 -14.40 64.16 55.68
N GLY D 339 -15.65 63.72 55.60
CA GLY D 339 -16.74 64.37 56.31
C GLY D 339 -17.05 63.89 57.72
N TYR D 340 -16.33 62.89 58.23
CA TYR D 340 -16.42 62.47 59.62
C TYR D 340 -15.02 62.50 60.23
N GLU D 341 -14.95 62.41 61.55
CA GLU D 341 -13.72 62.09 62.25
C GLU D 341 -13.82 60.66 62.78
N TRP D 342 -12.67 60.04 62.97
CA TRP D 342 -12.66 58.59 63.16
C TRP D 342 -11.97 58.22 64.47
N GLU D 343 -12.53 57.22 65.14
CA GLU D 343 -11.95 56.67 66.35
C GLU D 343 -11.91 55.16 66.23
N LEU D 344 -11.01 54.53 66.99
CA LEU D 344 -10.75 53.10 66.84
C LEU D 344 -11.76 52.25 67.60
N THR D 345 -12.22 51.17 66.97
CA THR D 345 -13.22 50.30 67.56
C THR D 345 -12.99 48.86 67.09
N LYS D 346 -13.79 47.93 67.60
CA LYS D 346 -13.66 46.51 67.26
C LYS D 346 -14.94 45.99 66.63
N SER D 347 -14.78 45.21 65.56
CA SER D 347 -15.89 44.56 64.87
C SER D 347 -16.45 43.46 65.76
N PRO D 348 -17.56 42.83 65.37
CA PRO D 348 -18.08 41.71 66.19
C PRO D 348 -17.11 40.56 66.33
N ALA D 349 -16.16 40.41 65.42
CA ALA D 349 -15.17 39.35 65.53
C ALA D 349 -13.94 39.80 66.33
N GLY D 350 -13.88 41.06 66.74
CA GLY D 350 -12.78 41.57 67.52
C GLY D 350 -11.69 42.24 66.73
N ALA D 351 -11.92 42.52 65.46
CA ALA D 351 -10.90 43.08 64.58
C ALA D 351 -10.92 44.60 64.63
N TRP D 352 -9.74 45.20 64.46
CA TRP D 352 -9.63 46.65 64.46
C TRP D 352 -10.32 47.24 63.23
N GLN D 353 -11.12 48.29 63.47
CA GLN D 353 -11.63 49.15 62.41
C GLN D 353 -11.81 50.54 63.02
N TYR D 354 -12.31 51.45 62.19
CA TYR D 354 -12.64 52.80 62.64
C TYR D 354 -14.12 53.06 62.40
N THR D 355 -14.68 53.92 63.26
CA THR D 355 -16.06 54.35 63.17
C THR D 355 -16.08 55.86 63.42
N ALA D 356 -17.17 56.49 63.00
CA ALA D 356 -17.25 57.94 63.12
C ALA D 356 -17.39 58.35 64.59
N LYS D 357 -16.70 59.43 64.97
CA LYS D 357 -16.72 59.93 66.34
C LYS D 357 -18.10 60.48 66.70
N ASP D 358 -18.42 60.46 68.00
CA ASP D 358 -19.56 61.19 68.53
C ASP D 358 -20.87 60.69 67.96
N GLY D 359 -20.96 59.40 67.61
CA GLY D 359 -22.19 58.86 67.07
C GLY D 359 -22.74 59.59 65.84
N ALA D 360 -21.90 60.39 65.18
CA ALA D 360 -22.28 61.03 63.93
C ALA D 360 -22.53 59.99 62.84
N GLY D 361 -23.33 60.39 61.84
CA GLY D 361 -23.72 59.49 60.77
C GLY D 361 -24.48 58.26 61.22
N ALA D 362 -25.10 58.30 62.40
CA ALA D 362 -25.80 57.12 62.88
C ALA D 362 -26.90 56.72 61.92
N GLY D 363 -27.00 55.41 61.68
CA GLY D 363 -28.04 54.85 60.85
C GLY D 363 -28.08 55.34 59.41
N THR D 364 -27.04 55.99 58.92
CA THR D 364 -27.09 56.46 57.55
C THR D 364 -26.56 55.44 56.54
N ILE D 365 -26.08 54.28 56.97
CA ILE D 365 -25.44 53.35 56.06
C ILE D 365 -26.24 52.05 55.99
N PRO D 366 -26.67 51.64 54.81
CA PRO D 366 -27.66 50.58 54.69
C PRO D 366 -27.05 49.21 54.92
N ASP D 367 -27.94 48.26 55.15
CA ASP D 367 -27.61 46.93 55.60
C ASP D 367 -27.78 45.91 54.48
N PRO D 368 -26.92 44.89 54.42
CA PRO D 368 -26.94 43.96 53.28
C PRO D 368 -28.24 43.20 53.11
N PHE D 369 -28.99 42.95 54.20
CA PHE D 369 -30.18 42.11 54.13
C PHE D 369 -31.36 42.77 54.83
N GLY D 370 -31.49 44.09 54.65
CA GLY D 370 -32.65 44.83 55.11
C GLY D 370 -32.63 45.24 56.56
N GLY D 371 -31.54 44.98 57.29
CA GLY D 371 -31.46 45.27 58.69
C GLY D 371 -31.56 46.76 59.02
N PRO D 372 -31.23 47.08 60.26
CA PRO D 372 -31.63 48.38 60.82
C PRO D 372 -30.70 49.56 60.58
N GLY D 373 -29.80 49.52 59.60
CA GLY D 373 -28.97 50.69 59.33
C GLY D 373 -27.85 50.95 60.33
N ARG D 374 -26.72 51.51 59.90
CA ARG D 374 -25.54 51.57 60.76
C ARG D 374 -24.75 52.84 60.47
N SER D 375 -23.66 53.02 61.18
CA SER D 375 -22.88 54.25 61.13
C SER D 375 -21.58 54.07 60.35
N PRO D 376 -20.94 55.18 59.95
CA PRO D 376 -19.79 55.08 59.05
C PRO D 376 -18.62 54.34 59.67
N THR D 377 -18.01 53.47 58.86
CA THR D 377 -16.79 52.78 59.24
C THR D 377 -15.83 52.76 58.06
N MET D 378 -14.53 52.77 58.39
CA MET D 378 -13.44 52.63 57.44
C MET D 378 -12.41 51.66 58.02
N LEU D 379 -11.52 51.16 57.18
CA LEU D 379 -10.41 50.37 57.69
C LEU D 379 -9.28 51.29 58.11
N ALA D 380 -8.40 50.77 58.98
CA ALA D 380 -7.18 51.51 59.28
C ALA D 380 -6.42 51.82 58.00
N THR D 381 -6.51 50.91 57.04
CA THR D 381 -5.83 51.10 55.77
C THR D 381 -6.52 52.14 54.90
N ASP D 382 -7.83 52.36 55.10
CA ASP D 382 -8.52 53.44 54.41
C ASP D 382 -8.12 54.79 54.98
N LEU D 383 -7.99 54.90 56.31
CA LEU D 383 -7.57 56.17 56.87
C LEU D 383 -6.20 56.60 56.35
N SER D 384 -5.36 55.64 55.93
CA SER D 384 -4.07 55.98 55.35
C SER D 384 -4.21 56.99 54.22
N LEU D 385 -5.28 56.88 53.43
CA LEU D 385 -5.43 57.76 52.26
C LEU D 385 -5.59 59.22 52.64
N ARG D 386 -6.01 59.49 53.89
CA ARG D 386 -6.16 60.86 54.34
C ARG D 386 -5.12 61.27 55.39
N VAL D 387 -4.46 60.31 56.04
CA VAL D 387 -3.46 60.59 57.07
C VAL D 387 -2.05 60.70 56.48
N ASP D 388 -1.73 59.87 55.50
CA ASP D 388 -0.46 60.00 54.80
C ASP D 388 -0.49 61.25 53.91
N PRO D 389 0.55 62.09 53.94
CA PRO D 389 0.46 63.40 53.26
C PRO D 389 0.46 63.31 51.74
N ILE D 390 1.14 62.33 51.15
CA ILE D 390 1.06 62.09 49.70
C ILE D 390 -0.36 61.67 49.32
N TYR D 391 -0.92 60.69 50.04
CA TYR D 391 -2.27 60.26 49.72
C TYR D 391 -3.30 61.35 50.01
N GLU D 392 -3.16 62.08 51.12
CA GLU D 392 -4.09 63.17 51.41
C GLU D 392 -4.10 64.18 50.28
N ARG D 393 -2.91 64.56 49.81
CA ARG D 393 -2.81 65.48 48.68
C ARG D 393 -3.55 64.96 47.45
N ILE D 394 -3.50 63.64 47.23
CA ILE D 394 -4.16 63.08 46.06
C ILE D 394 -5.67 62.95 46.29
N THR D 395 -6.07 62.40 47.43
CA THR D 395 -7.49 62.11 47.57
C THR D 395 -8.29 63.39 47.81
N ARG D 396 -7.69 64.41 48.46
CA ARG D 396 -8.40 65.65 48.70
C ARG D 396 -8.72 66.35 47.41
N ARG D 397 -7.77 66.34 46.47
CA ARG D 397 -8.03 66.81 45.12
C ARG D 397 -9.22 66.07 44.50
N TRP D 398 -9.36 64.76 44.75
CA TRP D 398 -10.53 64.08 44.20
C TRP D 398 -11.79 64.32 45.01
N LEU D 399 -11.69 64.69 46.29
CA LEU D 399 -12.86 65.19 46.98
C LEU D 399 -13.41 66.44 46.29
N GLU D 400 -12.52 67.34 45.87
CA GLU D 400 -12.93 68.58 45.23
C GLU D 400 -13.23 68.40 43.74
N HIS D 401 -12.67 67.37 43.11
CA HIS D 401 -12.75 67.18 41.65
C HIS D 401 -12.88 65.70 41.39
N PRO D 402 -14.08 65.14 41.60
CA PRO D 402 -14.26 63.68 41.52
C PRO D 402 -14.13 63.10 40.12
N GLU D 403 -14.28 63.91 39.06
CA GLU D 403 -14.09 63.39 37.72
C GLU D 403 -12.69 62.87 37.51
N GLU D 404 -11.70 63.49 38.17
CA GLU D 404 -10.31 63.05 38.09
C GLU D 404 -10.11 61.67 38.70
N LEU D 405 -10.95 61.32 39.68
CA LEU D 405 -10.89 59.97 40.24
C LEU D 405 -11.44 58.95 39.26
N ALA D 406 -12.53 59.26 38.57
CA ALA D 406 -13.06 58.36 37.55
C ALA D 406 -12.00 58.00 36.54
N ASP D 407 -11.22 58.99 36.13
CA ASP D 407 -10.28 58.77 35.05
C ASP D 407 -9.11 57.93 35.54
N GLU D 408 -8.50 58.28 36.68
CA GLU D 408 -7.36 57.50 37.14
C GLU D 408 -7.75 56.10 37.54
N PHE D 409 -8.92 55.93 38.18
CA PHE D 409 -9.36 54.58 38.50
C PHE D 409 -9.53 53.73 37.24
N ALA D 410 -10.10 54.32 36.18
CA ALA D 410 -10.27 53.57 34.94
C ALA D 410 -8.93 53.08 34.40
N LYS D 411 -7.96 53.98 34.29
CA LYS D 411 -6.65 53.60 33.77
C LYS D 411 -5.97 52.59 34.67
N ALA D 412 -6.08 52.78 35.99
CA ALA D 412 -5.35 51.92 36.93
C ALA D 412 -5.92 50.52 36.92
N TRP D 413 -7.25 50.42 36.92
CA TRP D 413 -7.89 49.11 36.93
C TRP D 413 -7.57 48.35 35.64
N TYR D 414 -7.48 49.08 34.51
CA TYR D 414 -7.16 48.42 33.24
C TYR D 414 -5.78 47.81 33.29
N LYS D 415 -4.82 48.59 33.80
CA LYS D 415 -3.45 48.12 33.95
C LYS D 415 -3.41 46.93 34.91
N LEU D 416 -4.17 47.02 36.00
CA LEU D 416 -4.15 45.98 37.02
C LEU D 416 -4.58 44.64 36.46
N ILE D 417 -5.75 44.59 35.81
CA ILE D 417 -6.25 43.30 35.35
C ILE D 417 -5.65 42.87 34.01
N HIS D 418 -4.75 43.67 33.42
CA HIS D 418 -4.04 43.30 32.20
C HIS D 418 -2.52 43.25 32.34
N ARG D 419 -1.96 43.49 33.52
CA ARG D 419 -0.53 43.78 33.63
C ARG D 419 0.31 42.63 33.08
N ASP D 420 -0.17 41.39 33.20
CA ASP D 420 0.60 40.22 32.85
C ASP D 420 0.13 39.61 31.52
N MET D 421 -0.50 40.39 30.65
CA MET D 421 -1.04 39.90 29.39
C MET D 421 -0.01 39.78 28.27
N GLY D 422 1.15 40.40 28.42
CA GLY D 422 2.17 40.34 27.42
C GLY D 422 1.94 41.38 26.35
N PRO D 423 2.58 41.22 25.18
CA PRO D 423 2.41 42.19 24.10
C PRO D 423 0.94 42.36 23.71
N VAL D 424 0.65 43.52 23.11
CA VAL D 424 -0.73 43.92 22.88
C VAL D 424 -1.40 43.02 21.85
N ALA D 425 -0.62 42.46 20.93
CA ALA D 425 -1.19 41.49 19.99
C ALA D 425 -2.00 40.41 20.69
N ARG D 426 -1.81 40.22 22.01
CA ARG D 426 -2.50 39.15 22.73
C ARG D 426 -3.90 39.55 23.18
N TYR D 427 -4.23 40.82 23.11
CA TYR D 427 -5.53 41.27 23.56
C TYR D 427 -6.57 41.01 22.47
N LEU D 428 -7.63 40.29 22.81
CA LEU D 428 -8.66 39.91 21.84
C LEU D 428 -10.00 40.56 22.15
N GLY D 429 -10.82 40.75 21.10
CA GLY D 429 -12.23 41.05 21.27
C GLY D 429 -12.60 42.50 21.02
N PRO D 430 -13.91 42.81 21.01
CA PRO D 430 -14.36 44.14 20.58
C PRO D 430 -14.25 45.22 21.65
N LEU D 431 -13.79 44.90 22.85
CA LEU D 431 -13.61 45.90 23.91
C LEU D 431 -12.15 46.31 24.10
N VAL D 432 -11.25 45.86 23.23
CA VAL D 432 -9.86 46.29 23.33
C VAL D 432 -9.77 47.73 22.84
N PRO D 433 -9.32 48.67 23.67
CA PRO D 433 -9.12 50.04 23.18
C PRO D 433 -7.90 50.11 22.28
N LYS D 434 -7.88 51.12 21.42
CA LYS D 434 -6.79 51.25 20.47
C LYS D 434 -5.56 51.96 21.04
N GLN D 435 -5.76 52.87 22.01
CA GLN D 435 -4.69 53.75 22.49
C GLN D 435 -3.44 53.00 22.97
N THR D 436 -2.27 53.58 22.69
CA THR D 436 -1.01 53.04 23.19
C THR D 436 -0.77 53.44 24.65
N LEU D 437 -0.19 52.53 25.43
CA LEU D 437 0.07 52.73 26.86
C LEU D 437 1.54 52.43 27.12
N LEU D 438 2.24 53.41 27.69
CA LEU D 438 3.67 53.24 27.98
C LEU D 438 3.95 51.96 28.74
N TRP D 439 3.12 51.62 29.71
CA TRP D 439 3.42 50.47 30.57
C TRP D 439 3.35 49.17 29.81
N GLN D 440 2.72 49.17 28.62
CA GLN D 440 2.68 48.02 27.74
C GLN D 440 3.97 47.80 26.95
N ASP D 441 5.01 48.60 27.18
CA ASP D 441 6.25 48.52 26.41
C ASP D 441 5.98 48.47 24.90
N PRO D 442 5.15 49.38 24.38
CA PRO D 442 4.68 49.25 23.01
C PRO D 442 5.83 49.20 21.99
N VAL D 443 5.59 48.50 20.89
CA VAL D 443 6.46 48.57 19.73
C VAL D 443 5.66 49.10 18.55
N PRO D 444 6.28 49.80 17.61
CA PRO D 444 5.53 50.37 16.49
C PRO D 444 4.91 49.32 15.59
N ALA D 445 3.87 49.73 14.90
CA ALA D 445 3.26 48.86 13.91
C ALA D 445 4.24 48.68 12.76
N VAL D 446 4.10 47.54 12.05
CA VAL D 446 4.86 47.38 10.81
C VAL D 446 4.37 48.43 9.84
N SER D 447 5.30 49.22 9.32
CA SER D 447 4.99 50.32 8.42
C SER D 447 5.36 50.05 6.95
N HIS D 448 6.09 48.97 6.67
CA HIS D 448 6.61 48.70 5.33
C HIS D 448 6.48 47.21 5.04
N ASP D 449 6.84 46.82 3.82
CA ASP D 449 6.87 45.40 3.49
C ASP D 449 8.04 44.71 4.20
N LEU D 450 7.81 43.47 4.63
CA LEU D 450 8.83 42.69 5.33
C LEU D 450 9.77 42.00 4.34
N VAL D 451 10.99 41.74 4.82
CA VAL D 451 11.98 41.02 4.03
C VAL D 451 11.51 39.61 3.69
N GLY D 452 11.67 39.22 2.44
CA GLY D 452 11.42 37.87 2.00
C GLY D 452 12.68 37.04 2.06
N GLU D 453 12.59 35.84 1.46
CA GLU D 453 13.70 34.90 1.49
C GLU D 453 14.98 35.52 0.92
N ALA D 454 14.88 36.13 -0.26
CA ALA D 454 16.06 36.65 -0.94
C ALA D 454 16.77 37.70 -0.09
N GLU D 455 16.01 38.62 0.51
CA GLU D 455 16.60 39.68 1.32
C GLU D 455 17.18 39.13 2.62
N ILE D 456 16.52 38.13 3.20
CA ILE D 456 17.06 37.46 4.38
C ILE D 456 18.38 36.78 4.04
N ALA D 457 18.45 36.11 2.88
CA ALA D 457 19.71 35.50 2.44
C ALA D 457 20.78 36.56 2.27
N SER D 458 20.45 37.65 1.58
CA SER D 458 21.46 38.65 1.31
C SER D 458 21.92 39.34 2.61
N LEU D 459 20.97 39.62 3.51
CA LEU D 459 21.31 40.31 4.75
C LEU D 459 22.16 39.41 5.65
N LYS D 460 21.87 38.11 5.68
CA LYS D 460 22.76 37.19 6.38
C LYS D 460 24.19 37.27 5.84
N SER D 461 24.36 37.25 4.51
CA SER D 461 25.71 37.36 3.95
C SER D 461 26.34 38.70 4.30
N GLN D 462 25.56 39.78 4.28
CA GLN D 462 26.14 41.06 4.65
C GLN D 462 26.55 41.07 6.11
N ILE D 463 25.78 40.44 7.00
CA ILE D 463 26.20 40.41 8.40
C ILE D 463 27.51 39.64 8.53
N ARG D 464 27.63 38.53 7.81
CA ARG D 464 28.83 37.71 7.92
C ARG D 464 30.06 38.44 7.37
N ALA D 465 29.88 39.40 6.47
CA ALA D 465 31.00 40.13 5.90
C ALA D 465 31.36 41.39 6.68
N SER D 466 30.64 41.67 7.77
CA SER D 466 30.71 42.97 8.42
C SER D 466 31.90 43.12 9.35
N GLY D 467 32.57 42.02 9.71
CA GLY D 467 33.63 42.06 10.66
C GLY D 467 33.21 41.62 12.06
N LEU D 468 31.93 41.58 12.35
CA LEU D 468 31.49 41.08 13.64
C LEU D 468 31.79 39.60 13.75
N THR D 469 32.40 39.21 14.87
CA THR D 469 32.69 37.80 15.14
C THR D 469 31.40 37.02 15.40
N VAL D 470 31.55 35.71 15.36
CA VAL D 470 30.44 34.82 15.72
C VAL D 470 30.01 35.07 17.17
N SER D 471 30.99 35.20 18.07
CA SER D 471 30.70 35.40 19.48
C SER D 471 29.92 36.69 19.72
N GLN D 472 30.34 37.78 19.07
CA GLN D 472 29.62 39.06 19.19
C GLN D 472 28.18 38.93 18.69
N LEU D 473 27.99 38.29 17.53
CA LEU D 473 26.65 38.19 16.96
C LEU D 473 25.74 37.30 17.80
N VAL D 474 26.25 36.15 18.24
CA VAL D 474 25.39 35.22 18.97
C VAL D 474 25.03 35.80 20.33
N SER D 475 26.00 36.41 21.01
CA SER D 475 25.74 36.90 22.36
C SER D 475 24.87 38.17 22.35
N THR D 476 25.00 39.01 21.31
CA THR D 476 24.10 40.14 21.18
C THR D 476 22.66 39.67 20.98
N ALA D 477 22.47 38.75 20.02
CA ALA D 477 21.14 38.19 19.79
C ALA D 477 20.59 37.51 21.03
N TRP D 478 21.43 36.75 21.76
CA TRP D 478 20.97 36.11 22.98
C TRP D 478 20.58 37.15 24.03
N ALA D 479 21.44 38.17 24.24
CA ALA D 479 21.12 39.19 25.23
C ALA D 479 19.77 39.85 24.94
N ALA D 480 19.48 40.12 23.66
CA ALA D 480 18.25 40.80 23.30
C ALA D 480 17.04 39.92 23.52
N ALA D 481 17.10 38.66 23.08
CA ALA D 481 15.91 37.80 23.15
C ALA D 481 15.71 37.21 24.55
N SER D 482 16.79 36.87 25.25
CA SER D 482 16.60 36.18 26.52
C SER D 482 16.11 37.11 27.62
N SER D 483 15.88 38.37 27.29
CA SER D 483 15.28 39.29 28.26
C SER D 483 13.79 39.03 28.43
N PHE D 484 13.19 38.15 27.62
CA PHE D 484 11.80 37.78 27.81
C PHE D 484 11.66 36.88 29.03
N ARG D 485 10.58 37.06 29.76
CA ARG D 485 10.24 36.20 30.87
C ARG D 485 8.79 35.78 30.69
N GLY D 486 8.53 34.47 30.77
CA GLY D 486 7.22 33.95 30.42
C GLY D 486 6.17 34.09 31.50
N SER D 487 6.58 34.57 32.68
CA SER D 487 5.66 34.88 33.77
C SER D 487 4.68 35.96 33.31
N ASP D 488 5.14 37.19 33.18
CA ASP D 488 4.26 38.26 32.70
C ASP D 488 4.44 38.52 31.22
N LYS D 489 5.32 37.75 30.56
CA LYS D 489 5.51 37.83 29.10
C LYS D 489 6.04 39.20 28.67
N ARG D 490 6.83 39.84 29.54
CA ARG D 490 7.56 41.06 29.24
C ARG D 490 8.94 40.72 28.69
N GLY D 491 9.56 41.68 28.01
CA GLY D 491 10.90 41.52 27.47
C GLY D 491 10.90 40.86 26.10
N GLY D 492 12.10 40.67 25.57
CA GLY D 492 12.29 39.96 24.32
C GLY D 492 12.99 40.81 23.27
N ALA D 493 13.19 40.22 22.10
CA ALA D 493 13.94 40.92 21.08
C ALA D 493 13.10 41.89 20.27
N ASN D 494 11.76 41.76 20.29
CA ASN D 494 10.96 42.75 19.55
C ASN D 494 11.01 44.09 20.27
N GLY D 495 11.13 45.17 19.52
CA GLY D 495 11.34 46.49 20.06
C GLY D 495 12.74 47.03 19.83
N GLY D 496 13.74 46.15 19.72
CA GLY D 496 15.09 46.63 19.52
C GLY D 496 15.61 47.41 20.71
N ARG D 497 15.15 47.06 21.90
CA ARG D 497 15.49 47.84 23.07
C ARG D 497 16.88 47.57 23.58
N ILE D 498 17.62 46.62 23.00
CA ILE D 498 18.95 46.38 23.55
C ILE D 498 19.86 47.59 23.33
N ARG D 499 19.52 48.47 22.38
CA ARG D 499 20.32 49.67 22.14
C ARG D 499 19.84 50.87 22.92
N LEU D 500 18.77 50.74 23.68
CA LEU D 500 18.22 51.83 24.47
C LEU D 500 18.52 51.61 25.95
N GLN D 501 18.32 52.67 26.73
CA GLN D 501 18.38 52.50 28.17
C GLN D 501 17.11 51.80 28.64
N PRO D 502 17.21 50.88 29.62
CA PRO D 502 18.41 50.48 30.35
C PRO D 502 19.18 49.28 29.81
N GLN D 503 18.68 48.51 28.82
CA GLN D 503 19.33 47.26 28.46
C GLN D 503 20.76 47.47 27.93
N VAL D 504 21.01 48.59 27.26
CA VAL D 504 22.33 48.80 26.67
C VAL D 504 23.42 48.90 27.72
N GLY D 505 23.08 49.17 28.99
CA GLY D 505 24.07 49.29 30.04
C GLY D 505 23.93 48.30 31.18
N TRP D 506 23.08 47.29 31.00
CA TRP D 506 23.03 46.18 31.93
C TRP D 506 24.38 45.46 31.99
N GLU D 507 24.80 45.08 33.20
CA GLU D 507 26.14 44.54 33.38
C GLU D 507 26.35 43.31 32.51
N VAL D 508 25.36 42.43 32.44
CA VAL D 508 25.52 41.17 31.70
C VAL D 508 25.56 41.41 30.20
N ASN D 509 24.91 42.46 29.71
CA ASN D 509 24.85 42.73 28.27
C ASN D 509 26.09 43.42 27.73
N ASP D 510 26.84 44.08 28.59
CA ASP D 510 27.80 45.07 28.14
C ASP D 510 28.89 45.15 29.19
N PRO D 511 29.59 44.03 29.46
CA PRO D 511 30.71 44.10 30.41
C PRO D 511 31.69 45.22 30.11
N ASP D 512 31.90 45.53 28.80
CA ASP D 512 33.11 46.23 28.36
C ASP D 512 32.93 47.03 27.09
N GLY D 513 31.74 47.58 26.85
CA GLY D 513 31.56 48.41 25.67
C GLY D 513 31.35 47.70 24.34
N ASP D 514 31.82 46.46 24.20
CA ASP D 514 31.74 45.71 22.95
C ASP D 514 30.37 45.77 22.24
N LEU D 515 29.29 45.79 23.03
CA LEU D 515 27.94 45.80 22.47
C LEU D 515 27.69 47.01 21.58
N ARG D 516 28.26 48.16 21.93
CA ARG D 516 28.02 49.35 21.12
C ARG D 516 28.68 49.24 19.76
N LYS D 517 29.80 48.53 19.66
CA LYS D 517 30.38 48.27 18.34
C LYS D 517 29.44 47.46 17.48
N VAL D 518 28.82 46.41 18.05
CA VAL D 518 27.84 45.60 17.34
C VAL D 518 26.64 46.45 16.92
N ILE D 519 26.09 47.23 17.86
CA ILE D 519 24.91 48.05 17.58
C ILE D 519 25.20 48.98 16.41
N ARG D 520 26.31 49.70 16.48
CA ARG D 520 26.72 50.59 15.41
C ARG D 520 26.75 49.87 14.06
N THR D 521 27.45 48.73 13.99
CA THR D 521 27.59 48.04 12.72
C THR D 521 26.23 47.59 12.18
N LEU D 522 25.37 47.01 13.04
CA LEU D 522 24.08 46.60 12.52
C LEU D 522 23.23 47.77 12.10
N GLU D 523 23.46 48.96 12.65
CA GLU D 523 22.68 50.10 12.19
C GLU D 523 23.13 50.52 10.80
N GLU D 524 24.44 50.51 10.55
CA GLU D 524 24.96 50.81 9.22
C GLU D 524 24.36 49.88 8.18
N ILE D 525 24.30 48.58 8.48
CA ILE D 525 23.74 47.60 7.56
C ILE D 525 22.26 47.88 7.32
N GLN D 526 21.51 48.19 8.39
CA GLN D 526 20.10 48.55 8.25
C GLN D 526 19.93 49.78 7.36
N GLU D 527 20.70 50.84 7.64
CA GLU D 527 20.68 52.04 6.82
C GLU D 527 20.95 51.72 5.36
N SER D 528 22.08 51.08 5.08
CA SER D 528 22.45 50.85 3.69
C SER D 528 21.48 49.88 3.01
N PHE D 529 21.01 48.86 3.74
CA PHE D 529 19.99 48.01 3.14
C PHE D 529 18.76 48.83 2.77
N ASN D 530 18.31 49.70 3.68
CA ASN D 530 17.05 50.38 3.50
C ASN D 530 17.10 51.43 2.39
N SER D 531 18.25 52.06 2.17
CA SER D 531 18.34 53.05 1.08
C SER D 531 18.45 52.40 -0.28
N ALA D 532 18.92 51.17 -0.36
CA ALA D 532 19.04 50.47 -1.64
C ALA D 532 17.85 49.58 -1.91
N ALA D 533 16.94 49.46 -0.96
CA ALA D 533 15.98 48.37 -0.95
C ALA D 533 15.11 48.36 -2.21
N PRO D 534 14.65 47.19 -2.63
CA PRO D 534 13.77 47.10 -3.79
C PRO D 534 12.34 47.40 -3.37
N GLY D 535 11.72 48.35 -4.08
CA GLY D 535 10.35 48.71 -3.74
C GLY D 535 10.26 49.20 -2.31
N ASN D 536 9.20 48.78 -1.62
CA ASN D 536 8.89 49.30 -0.29
C ASN D 536 9.27 48.32 0.82
N ILE D 537 10.29 47.50 0.60
CA ILE D 537 10.82 46.62 1.64
C ILE D 537 11.75 47.43 2.53
N LYS D 538 11.57 47.34 3.85
CA LYS D 538 12.49 47.93 4.82
C LYS D 538 12.73 46.94 5.94
N VAL D 539 13.88 47.04 6.59
CA VAL D 539 14.22 46.15 7.68
C VAL D 539 14.53 46.96 8.96
N SER D 540 14.06 46.45 10.09
CA SER D 540 14.23 47.08 11.38
C SER D 540 15.54 46.65 12.04
N PHE D 541 16.05 47.52 12.91
CA PHE D 541 17.21 47.16 13.72
C PHE D 541 16.92 45.93 14.58
N ALA D 542 15.71 45.89 15.15
CA ALA D 542 15.35 44.79 16.03
C ALA D 542 15.46 43.44 15.32
N ASP D 543 15.11 43.39 14.03
CA ASP D 543 15.19 42.13 13.30
C ASP D 543 16.64 41.75 13.00
N LEU D 544 17.48 42.73 12.69
CA LEU D 544 18.86 42.39 12.31
C LEU D 544 19.64 41.88 13.51
N VAL D 545 19.33 42.39 14.71
CA VAL D 545 19.91 41.86 15.93
C VAL D 545 19.73 40.35 15.97
N VAL D 546 18.48 39.91 15.86
CA VAL D 546 18.20 38.48 15.79
C VAL D 546 18.82 37.88 14.54
N LEU D 547 18.66 38.54 13.39
CA LEU D 547 19.17 37.95 12.16
C LEU D 547 20.67 37.72 12.26
N GLY D 548 21.40 38.65 12.88
CA GLY D 548 22.84 38.48 13.07
C GLY D 548 23.20 37.16 13.72
N GLY D 549 22.56 36.87 14.86
CA GLY D 549 22.86 35.63 15.57
C GLY D 549 22.54 34.40 14.74
N CYS D 550 21.42 34.41 14.05
CA CYS D 550 21.09 33.32 13.14
C CYS D 550 22.17 33.13 12.10
N ALA D 551 22.63 34.23 11.49
CA ALA D 551 23.70 34.17 10.50
C ALA D 551 25.01 33.68 11.10
N ALA D 552 25.28 34.01 12.37
CA ALA D 552 26.52 33.55 12.95
C ALA D 552 26.44 32.06 13.26
N ILE D 553 25.24 31.58 13.56
CA ILE D 553 25.11 30.17 13.87
C ILE D 553 25.17 29.35 12.59
N GLU D 554 24.73 29.90 11.44
CA GLU D 554 24.92 29.17 10.19
C GLU D 554 26.41 29.01 9.88
N LYS D 555 27.21 30.04 10.19
CA LYS D 555 28.64 29.98 9.91
C LYS D 555 29.36 29.05 10.88
N ALA D 556 29.01 29.09 12.15
CA ALA D 556 29.68 28.21 13.08
C ALA D 556 29.34 26.75 12.77
N ALA D 557 28.10 26.46 12.35
CA ALA D 557 27.75 25.11 11.95
C ALA D 557 28.55 24.68 10.72
N LYS D 558 28.63 25.56 9.72
CA LYS D 558 29.48 25.33 8.56
C LYS D 558 30.92 25.01 8.99
N ALA D 559 31.51 25.84 9.84
CA ALA D 559 32.86 25.58 10.34
C ALA D 559 33.00 24.19 10.96
N ALA D 560 31.90 23.54 11.32
CA ALA D 560 31.93 22.23 11.95
C ALA D 560 31.35 21.16 11.03
N GLY D 561 31.27 21.45 9.73
CA GLY D 561 30.86 20.45 8.76
C GLY D 561 29.39 20.12 8.78
N HIS D 562 28.53 21.09 9.06
CA HIS D 562 27.11 20.95 8.81
C HIS D 562 26.67 22.16 8.01
N ASN D 563 25.82 21.93 7.02
CA ASN D 563 25.24 22.94 6.21
C ASN D 563 23.81 23.01 6.67
N ILE D 564 23.48 24.04 7.42
CA ILE D 564 22.12 24.18 7.94
C ILE D 564 21.66 25.62 7.81
N THR D 565 20.36 25.76 7.72
CA THR D 565 19.71 27.06 7.66
C THR D 565 18.99 27.28 8.98
N VAL D 566 19.30 28.38 9.64
CA VAL D 566 18.65 28.77 10.89
C VAL D 566 17.36 29.52 10.55
N PRO D 567 16.21 29.08 11.05
CA PRO D 567 14.97 29.83 10.75
C PRO D 567 14.99 31.25 11.28
N PHE D 568 14.21 32.12 10.63
CA PHE D 568 14.10 33.51 11.06
C PHE D 568 12.73 34.06 10.68
N THR D 569 12.09 34.71 11.63
CA THR D 569 10.78 35.33 11.39
C THR D 569 10.89 36.84 11.48
N PRO D 570 10.75 37.55 10.37
CA PRO D 570 10.86 39.02 10.39
C PRO D 570 9.61 39.64 11.00
N GLY D 571 9.68 40.95 11.22
CA GLY D 571 8.52 41.70 11.69
C GLY D 571 8.67 42.35 13.05
N ARG D 572 9.77 42.15 13.77
CA ARG D 572 10.03 43.01 14.91
C ARG D 572 10.14 44.45 14.43
N THR D 573 9.80 45.40 15.31
CA THR D 573 9.92 46.83 15.03
C THR D 573 10.72 47.52 16.14
N ASP D 574 11.17 48.75 15.87
CA ASP D 574 12.09 49.47 16.74
C ASP D 574 11.34 50.47 17.63
N ALA D 575 11.29 50.19 18.93
CA ALA D 575 10.77 51.17 19.88
C ALA D 575 11.78 52.30 20.09
N SER D 576 11.26 53.46 20.47
CA SER D 576 12.12 54.59 20.81
C SER D 576 12.33 54.65 22.32
N GLN D 577 13.37 55.37 22.73
CA GLN D 577 13.58 55.58 24.16
C GLN D 577 12.34 56.14 24.84
N GLU D 578 11.66 57.09 24.18
CA GLU D 578 10.44 57.66 24.74
C GLU D 578 9.40 56.58 25.01
N GLN D 579 9.29 55.60 24.11
CA GLN D 579 8.38 54.46 24.29
C GLN D 579 8.94 53.38 25.21
N THR D 580 9.99 53.67 25.97
CA THR D 580 10.63 52.66 26.82
C THR D 580 10.78 53.20 28.25
N ASP D 581 9.90 52.74 29.14
CA ASP D 581 9.92 53.14 30.55
C ASP D 581 11.16 52.53 31.20
N VAL D 582 12.16 53.38 31.45
CA VAL D 582 13.46 52.88 31.90
C VAL D 582 13.33 52.16 33.23
N GLU D 583 12.51 52.69 34.14
CA GLU D 583 12.44 52.11 35.48
C GLU D 583 11.63 50.82 35.48
N SER D 584 10.56 50.77 34.70
CA SER D 584 9.81 49.53 34.60
C SER D 584 10.70 48.41 34.06
N PHE D 585 11.56 48.72 33.09
CA PHE D 585 12.44 47.71 32.56
C PHE D 585 13.50 47.24 33.55
N ALA D 586 13.64 47.93 34.70
CA ALA D 586 14.71 47.59 35.63
C ALA D 586 14.57 46.18 36.16
N VAL D 587 13.33 45.73 36.41
CA VAL D 587 13.12 44.38 36.92
C VAL D 587 13.51 43.30 35.92
N LEU D 588 13.58 43.62 34.63
CA LEU D 588 13.97 42.63 33.64
C LEU D 588 15.48 42.42 33.56
N GLU D 589 16.29 43.16 34.31
CA GLU D 589 17.72 42.93 34.24
C GLU D 589 18.10 41.61 34.89
N PRO D 590 18.76 40.70 34.19
CA PRO D 590 19.18 39.44 34.81
C PRO D 590 20.31 39.70 35.81
N LYS D 591 20.08 39.26 37.04
CA LYS D 591 21.13 39.14 38.05
C LYS D 591 21.80 37.77 37.98
N ALA D 592 21.34 36.91 37.09
CA ALA D 592 21.97 35.63 36.79
C ALA D 592 21.47 35.18 35.41
N ASP D 593 22.39 34.66 34.60
CA ASP D 593 22.08 34.04 33.30
C ASP D 593 23.12 32.92 33.08
N GLY D 594 22.77 31.71 33.53
CA GLY D 594 23.65 30.56 33.36
C GLY D 594 24.00 30.24 31.92
N PHE D 595 23.13 30.63 30.97
CA PHE D 595 23.41 30.42 29.56
C PHE D 595 24.60 31.24 29.08
N ARG D 596 24.93 32.30 29.81
CA ARG D 596 26.10 33.13 29.52
C ARG D 596 27.15 32.98 30.62
N ASN D 597 26.92 32.06 31.55
CA ASN D 597 27.81 31.88 32.69
C ASN D 597 28.00 33.18 33.45
N TYR D 598 26.90 33.90 33.64
CA TYR D 598 26.89 35.16 34.34
C TYR D 598 26.24 34.96 35.70
N LEU D 599 26.95 35.32 36.76
CA LEU D 599 26.36 35.28 38.09
C LEU D 599 26.69 36.60 38.79
N GLY D 600 25.69 37.48 38.92
CA GLY D 600 25.84 38.69 39.68
C GLY D 600 25.69 38.44 41.16
N LYS D 601 25.76 39.51 41.94
CA LYS D 601 25.54 39.40 43.38
C LYS D 601 24.05 39.45 43.69
N GLY D 602 23.66 38.81 44.80
CA GLY D 602 22.33 38.98 45.33
C GLY D 602 21.29 37.95 44.91
N ASN D 603 21.70 36.79 44.40
CA ASN D 603 20.68 35.84 43.98
C ASN D 603 20.20 35.00 45.17
N PRO D 604 18.93 34.60 45.18
CA PRO D 604 18.42 33.85 46.35
C PRO D 604 19.09 32.50 46.55
N LEU D 605 19.60 31.89 45.50
CA LEU D 605 20.06 30.50 45.64
C LEU D 605 21.36 30.34 44.86
N PRO D 606 22.09 29.22 45.02
CA PRO D 606 23.28 28.97 44.22
C PRO D 606 22.99 28.94 42.72
N ALA D 607 24.08 29.04 41.95
CA ALA D 607 23.99 29.32 40.52
C ALA D 607 23.13 28.31 39.75
N GLU D 608 23.22 27.01 40.09
CA GLU D 608 22.51 26.01 39.31
C GLU D 608 21.00 26.15 39.47
N TYR D 609 20.54 26.56 40.67
CA TYR D 609 19.12 26.86 40.87
C TYR D 609 18.70 28.06 40.04
N MET D 610 19.56 29.07 39.96
CA MET D 610 19.26 30.24 39.15
C MET D 610 19.22 29.90 37.68
N LEU D 611 20.01 28.90 37.26
CA LEU D 611 19.99 28.51 35.86
C LEU D 611 18.65 27.89 35.48
N LEU D 612 18.17 26.95 36.32
CA LEU D 612 16.84 26.40 36.15
C LEU D 612 15.76 27.48 36.19
N ASP D 613 15.85 28.42 37.13
CA ASP D 613 14.83 29.46 37.19
C ASP D 613 14.85 30.31 35.93
N LYS D 614 16.05 30.55 35.40
CA LYS D 614 16.20 31.28 34.14
C LYS D 614 15.58 30.48 32.98
N ALA D 615 15.87 29.18 32.93
CA ALA D 615 15.27 28.33 31.92
C ALA D 615 13.75 28.32 32.05
N ASN D 616 13.26 28.27 33.29
CA ASN D 616 11.82 28.28 33.49
C ASN D 616 11.21 29.58 32.99
N LEU D 617 11.89 30.71 33.23
CA LEU D 617 11.38 31.98 32.74
C LEU D 617 11.43 32.07 31.21
N LEU D 618 12.36 31.37 30.57
CA LEU D 618 12.40 31.34 29.12
C LEU D 618 11.43 30.32 28.52
N THR D 619 10.72 29.57 29.37
CA THR D 619 9.78 28.51 29.01
C THR D 619 10.50 27.31 28.39
N LEU D 620 11.75 27.07 28.76
CA LEU D 620 12.53 25.97 28.16
C LEU D 620 12.39 24.67 28.95
N SER D 621 12.40 23.56 28.22
CA SER D 621 12.46 22.25 28.84
C SER D 621 13.89 21.91 29.24
N ALA D 622 14.06 20.89 30.06
CA ALA D 622 15.42 20.44 30.34
C ALA D 622 16.22 20.10 29.09
N PRO D 623 15.71 19.37 28.10
CA PRO D 623 16.54 19.13 26.90
C PRO D 623 16.91 20.42 26.18
N GLU D 624 15.94 21.33 26.01
CA GLU D 624 16.21 22.63 25.37
C GLU D 624 17.27 23.41 26.14
N MET D 625 17.11 23.50 27.47
CA MET D 625 18.12 24.12 28.32
C MET D 625 19.48 23.46 28.10
N THR D 626 19.51 22.13 28.05
CA THR D 626 20.80 21.46 27.97
C THR D 626 21.52 21.76 26.64
N VAL D 627 20.79 21.78 25.52
CA VAL D 627 21.49 22.01 24.26
C VAL D 627 21.95 23.46 24.14
N LEU D 628 21.15 24.40 24.62
CA LEU D 628 21.53 25.81 24.52
C LEU D 628 22.80 26.10 25.32
N VAL D 629 22.93 25.52 26.52
CA VAL D 629 24.15 25.76 27.32
C VAL D 629 25.38 25.25 26.58
N GLY D 630 25.33 24.03 26.09
CA GLY D 630 26.51 23.47 25.44
C GLY D 630 26.82 24.18 24.13
N GLY D 631 25.77 24.52 23.37
CA GLY D 631 25.98 25.27 22.14
C GLY D 631 26.54 26.65 22.41
N LEU D 632 25.93 27.35 23.36
CA LEU D 632 26.34 28.72 23.64
C LEU D 632 27.78 28.77 24.14
N ARG D 633 28.22 27.75 24.89
CA ARG D 633 29.58 27.74 25.42
C ARG D 633 30.60 27.69 24.30
N VAL D 634 30.46 26.72 23.37
CA VAL D 634 31.40 26.62 22.26
C VAL D 634 31.21 27.73 21.23
N LEU D 635 30.08 28.46 21.28
CA LEU D 635 29.97 29.58 20.36
C LEU D 635 30.64 30.85 20.88
N GLY D 636 31.02 30.88 22.15
CA GLY D 636 31.66 32.05 22.72
C GLY D 636 30.73 33.08 23.29
N ALA D 637 29.52 32.68 23.69
CA ALA D 637 28.51 33.57 24.23
C ALA D 637 28.76 33.94 25.68
N ASN D 638 29.78 33.38 26.32
CA ASN D 638 30.03 33.62 27.73
C ASN D 638 30.23 35.10 28.01
N TYR D 639 29.60 35.55 29.09
CA TYR D 639 29.91 36.85 29.68
C TYR D 639 31.41 37.05 29.79
N LYS D 640 31.89 38.14 29.21
CA LYS D 640 33.31 38.48 29.22
C LYS D 640 34.18 37.46 28.51
N ARG D 641 33.59 36.51 27.78
CA ARG D 641 34.32 35.46 27.07
C ARG D 641 35.22 34.66 27.99
N LEU D 642 34.79 34.43 29.22
CA LEU D 642 35.58 33.62 30.11
C LEU D 642 35.70 32.19 29.55
N PRO D 643 36.78 31.48 29.87
CA PRO D 643 36.91 30.11 29.40
C PRO D 643 36.03 29.12 30.14
N LEU D 644 35.24 29.56 31.11
CA LEU D 644 34.51 28.62 31.96
C LEU D 644 33.49 27.86 31.12
N GLY D 645 33.60 26.54 31.15
CA GLY D 645 32.70 25.71 30.39
C GLY D 645 33.00 25.60 28.91
N VAL D 646 34.03 26.29 28.41
CA VAL D 646 34.29 26.31 26.97
C VAL D 646 35.14 25.09 26.62
N PHE D 647 34.56 23.90 26.79
CA PHE D 647 35.30 22.66 26.64
C PHE D 647 35.44 22.27 25.17
N THR D 648 36.14 23.11 24.41
CA THR D 648 36.41 22.74 23.03
C THR D 648 37.78 23.29 22.62
N GLU D 649 38.38 22.64 21.62
CA GLU D 649 39.59 23.13 20.99
C GLU D 649 39.28 24.07 19.83
N ALA D 650 38.05 24.03 19.33
CA ALA D 650 37.64 24.79 18.16
C ALA D 650 37.14 26.17 18.55
N SER D 651 37.33 27.13 17.65
CA SER D 651 36.80 28.47 17.80
C SER D 651 35.62 28.68 16.87
N GLU D 652 34.60 29.39 17.34
CA GLU D 652 33.42 29.74 16.54
C GLU D 652 32.94 28.54 15.72
N SER D 653 32.89 27.38 16.37
CA SER D 653 32.46 26.16 15.70
C SER D 653 31.36 25.48 16.50
N LEU D 654 30.26 25.16 15.82
CA LEU D 654 29.09 24.57 16.49
C LEU D 654 29.22 23.05 16.51
N THR D 655 29.86 22.55 17.55
CA THR D 655 30.06 21.12 17.77
C THR D 655 29.40 20.72 19.09
N ASN D 656 29.31 19.41 19.35
CA ASN D 656 28.83 18.92 20.64
C ASN D 656 29.95 18.73 21.65
N ASP D 657 31.06 19.46 21.48
CA ASP D 657 32.26 19.26 22.30
C ASP D 657 31.96 19.37 23.79
N PHE D 658 31.08 20.29 24.17
CA PHE D 658 30.80 20.52 25.58
C PHE D 658 30.37 19.23 26.26
N PHE D 659 29.60 18.38 25.57
CA PHE D 659 29.04 17.20 26.21
C PHE D 659 29.98 16.01 26.20
N VAL D 660 30.70 15.82 25.09
CA VAL D 660 31.74 14.79 25.03
C VAL D 660 32.75 15.00 26.15
N ASN D 661 33.25 16.23 26.28
CA ASN D 661 34.30 16.52 27.24
C ASN D 661 33.78 16.45 28.67
N LEU D 662 32.58 16.94 28.91
CA LEU D 662 31.98 16.83 30.24
C LEU D 662 31.96 15.37 30.74
N LEU D 663 31.85 14.40 29.82
CA LEU D 663 31.73 12.99 30.16
C LEU D 663 33.07 12.24 30.13
N ASP D 664 34.18 12.97 29.93
CA ASP D 664 35.54 12.43 29.83
C ASP D 664 36.08 12.08 31.22
N MET D 665 36.10 10.79 31.53
CA MET D 665 36.61 10.35 32.83
C MET D 665 38.12 10.54 32.94
N GLY D 666 38.77 11.00 31.88
CA GLY D 666 40.16 11.41 31.89
C GLY D 666 40.41 12.74 32.53
N ILE D 667 39.34 13.48 32.84
CA ILE D 667 39.46 14.75 33.55
C ILE D 667 39.07 14.53 35.00
N THR D 668 39.91 15.02 35.91
CA THR D 668 39.63 15.05 37.34
C THR D 668 39.32 16.48 37.76
N TRP D 669 38.22 16.67 38.47
CA TRP D 669 37.64 17.98 38.77
C TRP D 669 37.80 18.28 40.25
N GLU D 670 38.33 19.45 40.57
CA GLU D 670 38.37 19.90 41.96
C GLU D 670 38.04 21.38 42.04
N PRO D 671 37.43 21.81 43.13
CA PRO D 671 37.22 23.26 43.34
C PRO D 671 38.54 24.00 43.23
N SER D 672 38.53 25.16 42.58
CA SER D 672 39.76 25.89 42.39
C SER D 672 40.31 26.34 43.75
N PRO D 673 41.64 26.51 43.85
CA PRO D 673 42.23 26.86 45.15
C PRO D 673 41.76 28.21 45.71
N ALA D 674 41.40 29.18 44.87
CA ALA D 674 40.70 30.37 45.40
C ALA D 674 39.37 29.93 45.99
N ASP D 675 38.47 30.84 46.30
CA ASP D 675 37.08 30.42 46.42
C ASP D 675 36.37 31.14 45.30
N ASP D 676 36.61 30.63 44.14
CA ASP D 676 36.21 31.20 42.90
C ASP D 676 34.84 31.02 42.42
N GLY D 677 34.25 29.94 42.83
CA GLY D 677 32.99 29.51 42.28
C GLY D 677 33.35 28.83 40.96
N THR D 678 34.61 28.41 40.81
CA THR D 678 35.12 27.76 39.64
C THR D 678 35.78 26.51 40.02
N TYR D 679 35.97 25.69 39.03
CA TYR D 679 36.47 24.34 39.17
C TYR D 679 37.64 24.12 38.22
N GLN D 680 38.54 23.22 38.63
CA GLN D 680 39.71 22.86 37.84
C GLN D 680 39.59 21.43 37.38
N GLY D 681 39.64 21.23 36.07
CA GLY D 681 39.66 19.91 35.50
C GLY D 681 41.02 19.57 34.92
N LYS D 682 41.66 18.57 35.53
CA LYS D 682 43.02 18.18 35.18
C LYS D 682 43.00 16.86 34.41
N ASP D 683 43.96 16.69 33.49
CA ASP D 683 44.09 15.43 32.78
C ASP D 683 45.14 14.54 33.44
N GLY D 684 45.64 13.55 32.69
CA GLY D 684 46.49 12.53 33.30
C GLY D 684 47.79 13.08 33.83
N SER D 685 48.39 14.04 33.10
CA SER D 685 49.67 14.66 33.48
C SER D 685 49.55 15.56 34.69
N GLY D 686 48.34 15.76 35.24
CA GLY D 686 48.12 16.75 36.29
C GLY D 686 47.94 18.16 35.78
N LYS D 687 47.94 18.37 34.47
CA LYS D 687 47.80 19.69 33.87
C LYS D 687 46.34 20.12 33.89
N VAL D 688 46.10 21.39 34.25
CA VAL D 688 44.74 21.95 34.18
C VAL D 688 44.35 22.11 32.72
N LYS D 689 43.40 21.30 32.26
CA LYS D 689 42.94 21.33 30.88
C LYS D 689 41.68 22.16 30.67
N TRP D 690 40.75 22.14 31.62
CA TRP D 690 39.52 22.92 31.52
C TRP D 690 39.24 23.61 32.84
N THR D 691 38.43 24.68 32.78
CA THR D 691 37.85 25.29 33.98
C THR D 691 36.34 25.43 33.80
N GLY D 692 35.62 25.46 34.92
CA GLY D 692 34.18 25.47 34.84
C GLY D 692 33.55 26.01 36.09
N SER D 693 32.31 26.50 35.95
CA SER D 693 31.52 27.00 37.06
C SER D 693 30.62 25.89 37.63
N ARG D 694 29.91 26.21 38.70
CA ARG D 694 28.85 25.31 39.16
C ARG D 694 27.86 25.06 38.03
N VAL D 695 27.53 26.10 37.27
CA VAL D 695 26.56 25.92 36.20
C VAL D 695 27.07 24.92 35.17
N ASP D 696 28.38 24.90 34.92
CA ASP D 696 28.91 23.95 33.95
C ASP D 696 28.89 22.53 34.50
N LEU D 697 29.34 22.34 35.75
CA LEU D 697 29.53 20.99 36.25
C LEU D 697 28.22 20.31 36.68
N VAL D 698 27.16 21.09 36.94
CA VAL D 698 25.90 20.48 37.32
C VAL D 698 25.39 19.56 36.21
N PHE D 699 25.75 19.85 34.95
CA PHE D 699 25.34 19.01 33.84
C PHE D 699 26.03 17.65 33.88
N GLY D 700 27.26 17.59 34.38
CA GLY D 700 27.98 16.36 34.63
C GLY D 700 27.71 15.68 35.96
N SER D 701 27.12 16.40 36.92
CA SER D 701 26.89 15.89 38.26
C SER D 701 25.45 15.46 38.54
N ASN D 702 24.46 16.15 38.00
CA ASN D 702 23.07 15.87 38.32
C ASN D 702 22.58 14.70 37.47
N SER D 703 22.00 13.69 38.11
CA SER D 703 21.78 12.43 37.40
C SER D 703 20.73 12.57 36.29
N GLU D 704 19.77 13.47 36.42
CA GLU D 704 18.88 13.68 35.30
C GLU D 704 19.57 14.48 34.19
N LEU D 705 20.35 15.49 34.57
CA LEU D 705 20.99 16.31 33.56
C LEU D 705 22.07 15.53 32.82
N ARG D 706 22.84 14.69 33.55
CA ARG D 706 23.90 13.92 32.90
C ARG D 706 23.33 12.91 31.91
N ALA D 707 22.17 12.34 32.23
CA ALA D 707 21.45 11.53 31.26
C ALA D 707 21.29 12.28 29.94
N LEU D 708 20.84 13.54 30.02
CA LEU D 708 20.68 14.38 28.83
C LEU D 708 22.02 14.62 28.13
N VAL D 709 23.08 14.89 28.91
CA VAL D 709 24.40 15.09 28.32
C VAL D 709 24.86 13.85 27.57
N GLU D 710 24.48 12.67 28.06
CA GLU D 710 24.90 11.40 27.45
C GLU D 710 24.22 11.17 26.09
N VAL D 711 23.02 11.74 25.89
CA VAL D 711 22.40 11.74 24.58
C VAL D 711 23.22 12.56 23.60
N TYR D 712 23.55 13.79 23.97
CA TYR D 712 24.20 14.75 23.10
C TYR D 712 25.71 14.57 23.01
N GLY D 713 26.29 13.77 23.88
CA GLY D 713 27.70 13.43 23.77
C GLY D 713 28.00 12.09 23.12
N ALA D 714 26.98 11.35 22.65
CA ALA D 714 27.25 10.09 21.98
C ALA D 714 27.98 10.34 20.65
N ASP D 715 28.62 9.27 20.14
CA ASP D 715 29.30 9.35 18.86
C ASP D 715 28.34 9.72 17.74
N ASP D 716 27.12 9.17 17.77
CA ASP D 716 26.15 9.37 16.70
C ASP D 716 25.36 10.66 16.84
N ALA D 717 25.72 11.53 17.80
CA ALA D 717 24.82 12.56 18.27
C ALA D 717 25.00 13.93 17.60
N GLN D 718 26.09 14.19 16.87
CA GLN D 718 26.36 15.58 16.50
C GLN D 718 25.30 16.19 15.59
N PRO D 719 24.77 15.52 14.55
CA PRO D 719 23.68 16.15 13.77
C PRO D 719 22.44 16.43 14.60
N LYS D 720 22.05 15.53 15.50
CA LYS D 720 20.91 15.81 16.37
C LYS D 720 21.21 17.01 17.26
N PHE D 721 22.46 17.18 17.65
CA PHE D 721 22.78 18.28 18.54
C PHE D 721 22.59 19.60 17.82
N VAL D 722 23.15 19.73 16.62
CA VAL D 722 22.97 20.94 15.82
C VAL D 722 21.48 21.17 15.58
N GLN D 723 20.75 20.11 15.27
CA GLN D 723 19.33 20.25 14.96
C GLN D 723 18.55 20.78 16.16
N ASP D 724 18.67 20.13 17.32
CA ASP D 724 17.92 20.57 18.50
C ASP D 724 18.39 21.94 19.02
N PHE D 725 19.67 22.26 18.84
CA PHE D 725 20.14 23.54 19.27
C PHE D 725 19.51 24.64 18.44
N VAL D 726 19.50 24.47 17.11
CA VAL D 726 18.87 25.43 16.23
C VAL D 726 17.39 25.61 16.58
N ALA D 727 16.71 24.51 16.90
CA ALA D 727 15.31 24.61 17.27
C ALA D 727 15.13 25.37 18.60
N ALA D 728 16.00 25.13 19.58
CA ALA D 728 15.90 25.84 20.86
C ALA D 728 16.26 27.32 20.70
N TRP D 729 17.27 27.63 19.89
CA TRP D 729 17.64 29.01 19.61
C TRP D 729 16.48 29.73 18.94
N ASP D 730 15.86 29.08 17.96
CA ASP D 730 14.74 29.68 17.25
C ASP D 730 13.58 29.95 18.20
N LYS D 731 13.35 29.01 19.12
CA LYS D 731 12.32 29.21 20.15
C LYS D 731 12.59 30.48 20.96
N VAL D 732 13.83 30.68 21.39
CA VAL D 732 14.13 31.82 22.27
C VAL D 732 14.02 33.14 21.49
N MET D 733 14.50 33.16 20.25
CA MET D 733 14.32 34.32 19.38
C MET D 733 12.85 34.68 19.19
N ASN D 734 11.93 33.72 19.30
CA ASN D 734 10.54 33.98 18.93
C ASN D 734 9.63 34.15 20.14
N LEU D 735 10.17 34.12 21.35
CA LEU D 735 9.37 34.01 22.57
C LEU D 735 8.30 35.11 22.67
N ASP D 736 8.63 36.35 22.31
CA ASP D 736 7.69 37.47 22.44
C ASP D 736 6.85 37.71 21.18
N ARG D 737 6.98 36.86 20.16
CA ARG D 737 6.41 37.11 18.83
C ARG D 737 4.94 36.66 18.71
N PHE D 738 4.14 37.16 19.66
CA PHE D 738 2.70 36.94 19.60
C PHE D 738 2.06 37.64 18.41
N ASP D 739 2.77 38.59 17.77
CA ASP D 739 2.22 39.23 16.59
C ASP D 739 2.03 38.25 15.42
N VAL D 740 2.68 37.09 15.46
CA VAL D 740 2.56 36.13 14.37
C VAL D 740 1.93 34.80 14.84
N ARG D 741 1.36 34.77 16.05
CA ARG D 741 0.71 33.56 16.61
C ARG D 741 -0.75 33.76 16.99
CHA HEM E . -27.72 -9.16 -63.92
CHB HEM E . -24.31 -5.76 -64.68
CHC HEM E . -21.55 -9.10 -66.86
CHD HEM E . -24.91 -12.46 -66.19
C1A HEM E . -27.01 -7.97 -63.85
C2A HEM E . -27.34 -6.78 -63.08
C3A HEM E . -26.40 -5.85 -63.32
C4A HEM E . -25.43 -6.40 -64.22
CMA HEM E . -26.38 -4.44 -62.71
CAA HEM E . -28.54 -6.51 -62.17
CBA HEM E . -28.68 -7.51 -61.04
CGA HEM E . -30.02 -7.27 -60.39
O1A HEM E . -30.36 -6.09 -60.10
O2A HEM E . -30.76 -8.27 -60.17
C1B HEM E . -23.30 -6.36 -65.40
C2B HEM E . -22.18 -5.69 -66.01
C3B HEM E . -21.40 -6.63 -66.60
C4B HEM E . -22.03 -7.91 -66.39
CMB HEM E . -21.94 -4.16 -65.92
CAB HEM E . -20.09 -6.50 -67.42
CBB HEM E . -19.73 -5.37 -68.04
C1C HEM E . -22.18 -10.30 -66.83
C2C HEM E . -21.60 -11.54 -67.27
C3C HEM E . -22.53 -12.51 -67.08
C4C HEM E . -23.73 -11.86 -66.53
CMC HEM E . -20.17 -11.65 -67.81
CAC HEM E . -22.45 -14.03 -67.40
CBC HEM E . -21.47 -14.58 -68.13
C1D HEM E . -26.00 -11.83 -65.61
C2D HEM E . -27.33 -12.38 -65.49
C3D HEM E . -28.12 -11.50 -64.86
C4D HEM E . -27.30 -10.32 -64.57
CMD HEM E . -27.76 -13.78 -66.00
CAD HEM E . -29.62 -11.72 -64.56
CBD HEM E . -29.82 -12.33 -63.16
CGD HEM E . -31.28 -12.47 -62.77
O1D HEM E . -31.60 -12.27 -61.57
O2D HEM E . -32.15 -12.77 -63.63
NA HEM E . -25.83 -7.70 -64.53
NB HEM E . -23.19 -7.72 -65.66
NC HEM E . -23.47 -10.51 -66.38
ND HEM E . -26.02 -10.56 -65.03
FE HEM E . -24.71 -9.03 -65.58
NA NA F . -33.29 -14.95 -74.53
C1 GOL G . -18.00 -30.61 -48.82
O1 GOL G . -16.99 -31.54 -48.65
C2 GOL G . -18.20 -29.82 -47.47
O2 GOL G . -18.60 -28.49 -47.72
C3 GOL G . -19.36 -30.59 -46.72
O3 GOL G . -18.86 -31.63 -45.97
CHA HEM H . 11.61 -1.75 -8.92
CHB HEM H . 7.16 -0.25 -8.31
CHC HEM H . 6.08 -4.30 -6.05
CHD HEM H . 10.46 -5.96 -7.04
C1A HEM H . 10.46 -1.06 -9.01
C2A HEM H . 10.33 0.11 -9.71
C3A HEM H . 9.11 0.54 -9.53
C4A HEM H . 8.45 -0.37 -8.73
CMA HEM H . 8.55 1.80 -10.09
CAA HEM H . 11.40 0.83 -10.49
CBA HEM H . 11.46 0.61 -11.98
CGA HEM H . 12.69 1.21 -12.58
O1A HEM H . 12.71 2.36 -12.97
O2A HEM H . 13.71 0.58 -12.72
C1B HEM H . 6.51 -1.22 -7.60
C2B HEM H . 5.20 -1.06 -7.15
C3B HEM H . 4.86 -2.16 -6.51
C4B HEM H . 6.02 -3.03 -6.59
CMB HEM H . 4.31 0.12 -7.31
CAB HEM H . 3.59 -2.43 -5.88
CBB HEM H . 3.17 -1.63 -4.95
C1C HEM H . 7.13 -5.19 -6.24
C2C HEM H . 7.13 -6.56 -6.06
C3C HEM H . 8.38 -7.02 -6.36
C4C HEM H . 9.15 -5.90 -6.71
CMC HEM H . 6.00 -7.44 -5.63
CAC HEM H . 8.86 -8.41 -6.32
CBC HEM H . 8.69 -9.26 -5.35
C1D HEM H . 11.10 -4.88 -7.58
C2D HEM H . 12.50 -4.94 -7.90
C3D HEM H . 12.83 -3.81 -8.44
C4D HEM H . 11.63 -3.01 -8.42
CMD HEM H . 13.48 -6.07 -7.74
CAD HEM H . 14.26 -3.52 -8.86
CBD HEM H . 14.68 -3.62 -10.31
CGD HEM H . 16.17 -3.39 -10.53
O1D HEM H . 16.59 -3.03 -11.61
O2D HEM H . 17.00 -3.56 -9.66
NA HEM H . 9.28 -1.35 -8.40
NB HEM H . 6.94 -2.38 -7.24
NC HEM H . 8.35 -4.82 -6.65
ND HEM H . 10.59 -3.68 -7.89
FE HEM H . 8.84 -3.09 -7.60
NA NA I . 19.02 -5.41 1.52
C1 GOL J . 11.97 -24.56 -27.92
O1 GOL J . 13.34 -24.41 -28.19
C2 GOL J . 11.72 -23.84 -26.59
O2 GOL J . 11.47 -22.49 -26.76
C3 GOL J . 10.62 -24.67 -25.90
O3 GOL J . 11.29 -25.71 -25.25
CHA HEM K . 28.40 -9.40 45.81
CHB HEM K . 24.87 -10.05 49.11
CHC HEM K . 22.35 -12.48 45.76
CHD HEM K . 25.76 -11.72 42.41
C1A HEM K . 27.66 -9.30 46.96
C2A HEM K . 27.97 -8.48 48.12
C3A HEM K . 27.00 -8.67 49.03
C4A HEM K . 26.03 -9.61 48.48
CMA HEM K . 26.96 -8.00 50.40
CAA HEM K . 29.19 -7.57 48.36
CBA HEM K . 29.21 -6.25 47.61
CGA HEM K . 30.60 -5.64 47.80
O1A HEM K . 31.04 -5.36 48.96
O2A HEM K . 31.29 -5.42 46.76
C1B HEM K . 23.91 -10.85 48.52
C2B HEM K . 22.80 -11.52 49.16
C3B HEM K . 22.10 -12.18 48.21
C4B HEM K . 22.78 -11.95 46.95
CMB HEM K . 22.49 -11.45 50.68
CAB HEM K . 20.84 -13.09 48.25
CBB HEM K . 20.34 -13.63 49.39
C1C HEM K . 23.01 -12.44 44.56
C2C HEM K . 22.47 -12.90 43.30
C3C HEM K . 23.39 -12.68 42.35
C4C HEM K . 24.56 -12.09 43.00
CMC HEM K . 21.05 -13.50 43.18
CAC HEM K . 23.33 -13.01 40.84
CBC HEM K . 22.53 -13.98 40.37
C1D HEM K . 26.81 -11.11 43.08
C2D HEM K . 28.16 -10.94 42.56
C3D HEM K . 28.88 -10.30 43.50
C4D HEM K . 28.02 -10.04 44.64
CMD HEM K . 28.67 -11.40 41.17
CAD HEM K . 30.36 -9.88 43.40
CBD HEM K . 30.49 -8.51 42.78
CGD HEM K . 31.96 -8.14 42.66
O1D HEM K . 32.32 -6.95 42.90
O2D HEM K . 32.78 -9.04 42.32
NA HEM K . 26.47 -9.96 47.22
NB HEM K . 23.87 -11.14 47.17
NC HEM K . 24.28 -11.95 44.33
ND HEM K . 26.77 -10.55 44.35
FE HEM K . 25.43 -11.06 45.87
NA NA L . 34.52 -19.66 40.47
C1 GOL M . 19.68 6.46 25.72
O1 GOL M . 20.69 7.48 25.92
C2 GOL M . 18.96 6.70 24.41
O2 GOL M . 19.79 7.25 23.38
C3 GOL M . 18.40 5.29 24.16
O3 GOL M . 18.21 5.09 22.80
CHA HEM N . -13.20 44.04 50.57
CHB HEM N . -8.78 45.12 52.32
CHC HEM N . -7.67 47.27 48.16
CHD HEM N . -11.99 46.04 46.36
C1A HEM N . -12.09 44.13 51.37
C2A HEM N . -11.94 43.50 52.67
C3A HEM N . -10.73 43.81 53.16
C4A HEM N . -10.05 44.63 52.18
CMA HEM N . -10.16 43.38 54.54
CAA HEM N . -13.04 42.67 53.38
CBA HEM N . -12.98 41.18 53.13
CGA HEM N . -14.25 40.62 53.73
O1A HEM N . -14.25 40.33 54.96
O2A HEM N . -15.26 40.49 52.97
C1B HEM N . -8.13 45.85 51.38
C2B HEM N . -6.88 46.56 51.56
C3B HEM N . -6.56 47.14 50.40
C4B HEM N . -7.62 46.84 49.45
CMB HEM N . -6.08 46.55 52.89
CAB HEM N . -5.35 48.04 50.04
CBB HEM N . -4.63 48.72 50.94
C1C HEM N . -8.71 47.05 47.29
C2C HEM N . -8.70 47.34 45.87
C3C HEM N . -9.90 46.98 45.36
C4C HEM N . -10.69 46.47 46.47
CMC HEM N . -7.46 47.95 45.15
CAC HEM N . -10.45 47.08 43.90
CBC HEM N . -9.84 47.76 42.92
C1D HEM N . -12.72 45.47 47.37
C2D HEM N . -14.13 45.20 47.32
C3D HEM N . -14.49 44.63 48.47
C4D HEM N . -13.30 44.54 49.31
CMD HEM N . -15.09 45.49 46.13
CAD HEM N . -15.95 44.21 48.77
CBD HEM N . -16.11 42.71 49.01
CGD HEM N . -17.61 42.39 48.97
O1D HEM N . -18.04 41.24 49.28
O2D HEM N . -18.40 43.30 48.59
NA HEM N . -10.91 44.81 51.10
NB HEM N . -8.57 46.05 50.09
NC HEM N . -9.96 46.52 47.63
ND HEM N . -12.23 45.07 48.60
FE HEM N . -10.45 45.72 49.39
NA NA O . -20.75 54.18 46.46
C1 GOL P . -11.62 27.47 28.43
O1 GOL P . -11.39 27.42 27.06
C2 GOL P . -11.30 26.12 28.98
O2 GOL P . -11.74 26.10 30.29
C3 GOL P . -12.00 25.04 28.18
O3 GOL P . -13.34 24.83 28.56
#